data_8HLC
#
_entry.id   8HLC
#
_cell.length_a   1.00
_cell.length_b   1.00
_cell.length_c   1.00
_cell.angle_alpha   90.00
_cell.angle_beta   90.00
_cell.angle_gamma   90.00
#
_symmetry.space_group_name_H-M   'P 1'
#
loop_
_entity.id
_entity.type
_entity.pdbx_description
1 polymer 'Spike glycoprotein'
2 polymer 'heavy chain of 3711'
3 polymer 'light chain of 3711'
4 branched 2-acetamido-2-deoxy-beta-D-glucopyranose-(1-4)-2-acetamido-2-deoxy-beta-D-glucopyranose
5 branched 2-acetamido-2-deoxy-beta-D-glucopyranose-(1-4)-2-acetamido-2-deoxy-beta-D-glucopyranose-(1-4)-2-acetamido-2-deoxy-beta-D-glucopyranose
6 non-polymer 2-acetamido-2-deoxy-beta-D-glucopyranose
7 non-polymer 'LINOLEIC ACID'
#
loop_
_entity_poly.entity_id
_entity_poly.type
_entity_poly.pdbx_seq_one_letter_code
_entity_poly.pdbx_strand_id
1 'polypeptide(L)'
;MFVFLVLLPLVSSQCVNLTTRTQLPPAYTNSFTRGVYYPDKVFRSSVLHSTQDLFLPFFSNVTWFHAIHVSGTNGTKRFD
NPVLPFNDGVYFASTEKSNIIRGWIFGTTLDSKTQSLLIVNNATNVVIKVCEFQFCNDPFLGVYYHKNNKSWMESEFRVY
SSANNCTFEYVSQPFLMDLEGKQGNFKNLREFVFKNIDGYFKIYSKHTPINLVRDLPQGFSALEPLVDLPIGINITRFQT
LLALHRSYLTPGDSSSGWTAGAAAYYVGYLQPRTFLLKYNENGTITDAVDCALDPLSETKCTLKSFTVEKGIYQTSNFRV
QPTESIVRFPNITNLCPFGEVFNATRFASVYAWNRKRISNCVADYSVLYNSASFSTFKCYGVSPTKLNDLCFTNVYADSF
VIRGDEVRQIAPGQTGKIADYNYKLPDDFTGCVIAWNSNNLDSKVGGNYNYLYRLFRKSNLKPFERDISTEIYQAGSTPC
NGVEGFNCYFPLQSYGFQPTNGVGYQPYRVVVLSFELLHAPATVCGPKKSTNLVKNKCVNFNFNGLTGTGVLTESNKKFL
PFQQFGRDIADTTDAVRDPQTLEILDITPCSFGGVSVITPGTNTSNQVAVLYQDVNCTEVPVAIHADQLTPTWRVYSTGS
NVFQTRAGCLIGAEHVNNSYECDIPIGAGICASYQTQTNSPRRARSVASQSIIAYTMSLGAENSVAYSNNSIAIPTNFTI
SVTTEILPVSMTKTSVDCTMYICGDSTECSNLLLQYGSFCTQLNRALTGIAVEQDKNTQEVFAQVKQIYKTPPIKDFGGF
NFSQILPDPSKPSKRSFIEDLLFNKVTLADAGFIKQYGDCLGDIAARDLICAQKFNGLTVLPPLLTDEMIAQYTSALLAG
TITSGWTFGAGAALQIPFAMQMAYRFNGIGVTQNVLYENQKLIANQFNSAIGKIQDSLSSTASALGKLQDVVNQNAQALN
TLVKQLSSNFGAISSVLNDILSRLDPPEAEVQIDRLITGRLQSLQTYVTQQLIRAAEIRASANLAATKMSECVLGQSKRV
DFCGKGYHLMSFPQSAPHGVVFLHVTYVPAQEKNFTTAPAICHDGKAHFPREGVFVSNGTHWFVTQRNFYEPQIITTDNT
FVSGNCDVVIGIVNNTVYDPLQPELDSFKEELDKYFKNHTSPDVDLGDISGINASVVNIQKEIDRLNEVAKNLNESLIDL
QELGKYEQYIKWPWYIWLGFIAGLIAIVMVTIMLCCMTSCCSCLKGCCSCGSCCKFDEDDSEPVLKGVKLHYTLEDYKDD
DDK
;
A,B,C
2 'polypeptide(L)'
;MGWSCIILFLVATATGVHSEVQLVESGGGLVKPGRSLRLSCAASGFTFSDYYMSWIRQAPGKGLEWVSYISSSGSTIYYA
DSVRGRFTISRDNAKNSLYLQMNTLRAEDTAVYYCARGGWELRSLAGGYYGMDVWGQGTTVTVSSASTKGPSVFPLAPSS
KSTSGGTAALGCLVKDYFPEPVTVSWNSGALTSGVHTFPAVLQSSGLYSLSSVVTVPSSSLGTQTYICNVNHKPSNTKVD
KKVEPKSCDKTHTCPPCPAPELLGGPS
;
H,I,J
3 'polypeptide(L)'
;MGWSCIILFLVATATGVHGDIVMTQTPFTLSASVGDRVTITCRASQGIRNDLGWYQQKPGKAPKCLIYAASSLLSGVPSR
FSGSGSGTEFTLTISSLQPEDFATYYCLQHNSYPWTFGQGTKLEIKRTVAAPSVFIFPPSDEQLKSGTASVVCLLNNFYP
REAKVQWKVDNALQSGNSQESVTEQDSKDSTYSLSSTLTLSKADYEKHKVYACEVTHQGLSSPVTKSFNRGECKLGRHGP
TCLLQLIMVTNKAIASQ
;
L,M,N
#
loop_
_chem_comp.id
_chem_comp.type
_chem_comp.name
_chem_comp.formula
EIC non-polymer 'LINOLEIC ACID' 'C18 H32 O2'
NAG D-saccharide, beta linking 2-acetamido-2-deoxy-beta-D-glucopyranose 'C8 H15 N O6'
#
# COMPACT_ATOMS: atom_id res chain seq x y z
N GLN A 14 45.00 35.12 -24.84
CA GLN A 14 43.56 34.88 -24.81
C GLN A 14 43.03 35.28 -23.43
N CYS A 15 43.88 35.17 -22.42
CA CYS A 15 43.55 35.55 -21.06
C CYS A 15 44.39 36.75 -20.67
N VAL A 16 43.75 37.73 -20.04
CA VAL A 16 44.46 38.86 -19.45
C VAL A 16 43.73 39.25 -18.17
N ASN A 17 44.39 39.07 -17.03
CA ASN A 17 43.79 39.52 -15.79
C ASN A 17 44.27 40.92 -15.46
N LEU A 18 43.32 41.85 -15.55
CA LEU A 18 43.58 43.28 -15.48
C LEU A 18 43.24 43.85 -14.11
N THR A 19 43.18 42.98 -13.10
CA THR A 19 42.73 43.39 -11.78
C THR A 19 43.75 44.31 -11.11
N THR A 20 43.24 45.05 -10.12
CA THR A 20 44.06 45.94 -9.30
C THR A 20 43.88 45.52 -7.85
N ARG A 21 44.99 45.35 -7.14
CA ARG A 21 44.96 44.86 -5.76
C ARG A 21 44.57 45.99 -4.82
N THR A 22 43.27 46.29 -4.82
CA THR A 22 42.66 47.35 -4.02
C THR A 22 41.41 46.80 -3.32
N GLN A 23 41.54 45.58 -2.81
CA GLN A 23 40.43 44.90 -2.17
C GLN A 23 39.07 45.55 -2.42
N LEU A 24 38.44 45.93 -1.29
CA LEU A 24 37.14 46.64 -1.25
C LEU A 24 36.18 46.29 -0.09
N PRO A 25 35.89 47.24 0.81
CA PRO A 25 34.94 46.99 1.90
C PRO A 25 33.61 46.52 1.32
N PRO A 26 33.09 45.38 1.77
CA PRO A 26 31.86 44.85 1.18
C PRO A 26 30.62 45.60 1.65
N ALA A 27 29.97 46.27 0.71
CA ALA A 27 28.77 47.02 1.03
C ALA A 27 27.56 46.10 1.15
N TYR A 28 26.48 46.63 1.69
CA TYR A 28 25.23 45.91 1.81
C TYR A 28 24.08 46.88 1.57
N THR A 29 22.95 46.35 1.16
CA THR A 29 21.75 47.15 1.01
C THR A 29 20.53 46.27 1.22
N ASN A 30 19.37 46.91 1.35
CA ASN A 30 18.14 46.25 1.72
C ASN A 30 17.31 45.93 0.48
N SER A 31 17.08 44.65 0.24
CA SER A 31 16.04 44.21 -0.69
C SER A 31 14.77 44.09 0.13
N PHE A 32 13.92 45.12 0.05
CA PHE A 32 12.75 45.22 0.90
C PHE A 32 11.73 44.12 0.60
N THR A 33 11.09 44.19 -0.57
CA THR A 33 10.21 43.11 -1.07
C THR A 33 10.56 42.91 -2.55
N ARG A 34 11.59 42.12 -2.81
CA ARG A 34 12.03 41.87 -4.18
C ARG A 34 12.19 40.37 -4.39
N GLY A 35 12.09 39.95 -5.65
CA GLY A 35 12.38 38.59 -6.01
C GLY A 35 11.27 37.60 -5.75
N VAL A 36 10.10 37.86 -6.34
CA VAL A 36 8.94 36.98 -6.22
C VAL A 36 8.57 36.52 -7.62
N TYR A 37 8.64 35.21 -7.83
CA TYR A 37 8.38 34.58 -9.12
C TYR A 37 7.12 33.74 -9.02
N TYR A 38 6.68 33.25 -10.17
CA TYR A 38 5.57 32.31 -10.20
C TYR A 38 6.14 30.92 -9.95
N PRO A 39 5.88 30.29 -8.80
CA PRO A 39 6.48 28.97 -8.55
C PRO A 39 5.67 27.81 -9.12
N ASP A 40 5.10 28.02 -10.31
CA ASP A 40 4.24 27.09 -11.05
C ASP A 40 3.83 27.75 -12.37
N LYS A 41 3.06 27.01 -13.17
CA LYS A 41 2.53 27.51 -14.42
C LYS A 41 1.01 27.57 -14.34
N VAL A 42 0.48 27.64 -13.12
CA VAL A 42 -0.96 27.67 -12.91
C VAL A 42 -1.45 29.11 -13.01
N PHE A 43 -2.68 29.27 -13.48
CA PHE A 43 -3.32 30.57 -13.55
C PHE A 43 -4.30 30.71 -12.38
N ARG A 44 -4.37 31.91 -11.80
CA ARG A 44 -5.27 32.14 -10.68
C ARG A 44 -5.66 33.61 -10.59
N SER A 45 -6.88 33.86 -10.14
CA SER A 45 -7.37 35.23 -9.99
C SER A 45 -8.08 35.41 -8.65
N SER A 46 -8.06 36.64 -8.15
CA SER A 46 -8.72 36.99 -6.89
C SER A 46 -8.61 35.91 -5.82
N VAL A 47 -7.39 35.59 -5.41
CA VAL A 47 -7.16 34.57 -4.39
C VAL A 47 -5.95 34.92 -3.53
N LEU A 48 -5.70 34.11 -2.50
CA LEU A 48 -4.58 34.31 -1.60
C LEU A 48 -3.89 32.97 -1.35
N HIS A 49 -3.14 32.51 -2.35
CA HIS A 49 -2.44 31.23 -2.29
C HIS A 49 -1.17 31.23 -1.44
N SER A 50 -0.89 30.10 -0.81
CA SER A 50 0.30 29.92 0.02
C SER A 50 1.27 28.98 -0.68
N THR A 51 2.51 28.89 -0.21
CA THR A 51 3.47 28.00 -0.87
C THR A 51 4.79 28.00 -0.13
N GLN A 52 5.25 26.83 0.27
CA GLN A 52 6.61 26.64 0.77
C GLN A 52 7.51 26.32 -0.40
N ASP A 53 8.63 27.03 -0.49
CA ASP A 53 9.51 26.97 -1.66
C ASP A 53 10.88 27.47 -1.23
N LEU A 54 11.73 27.75 -2.21
CA LEU A 54 12.97 28.48 -1.98
C LEU A 54 12.76 29.89 -2.51
N PHE A 55 12.76 30.86 -1.60
CA PHE A 55 12.46 32.24 -1.92
C PHE A 55 13.56 33.12 -1.34
N LEU A 56 13.57 34.38 -1.77
CA LEU A 56 14.38 35.39 -1.13
C LEU A 56 13.56 36.03 -0.01
N PRO A 57 13.99 35.93 1.24
CA PRO A 57 13.22 36.51 2.34
C PRO A 57 13.20 38.03 2.27
N PHE A 58 12.15 38.60 2.85
CA PHE A 58 11.88 40.02 2.75
C PHE A 58 12.73 40.80 3.75
N PHE A 59 13.08 42.02 3.36
CA PHE A 59 13.95 42.93 4.14
C PHE A 59 15.28 42.26 4.46
N SER A 60 15.92 41.73 3.43
CA SER A 60 17.15 40.97 3.58
C SER A 60 18.35 41.83 3.19
N ASN A 61 19.52 41.23 3.26
CA ASN A 61 20.78 41.95 3.19
C ASN A 61 21.48 41.53 1.89
N VAL A 62 21.16 42.21 0.80
CA VAL A 62 21.77 41.87 -0.47
C VAL A 62 23.09 42.62 -0.58
N THR A 63 24.04 42.02 -1.27
CA THR A 63 25.37 42.58 -1.43
C THR A 63 25.42 43.39 -2.71
N TRP A 64 26.01 44.58 -2.62
CA TRP A 64 26.02 45.60 -3.65
C TRP A 64 27.41 45.64 -4.27
N PHE A 65 27.52 45.27 -5.54
CA PHE A 65 28.78 45.34 -6.26
C PHE A 65 28.68 46.49 -7.24
N HIS A 66 29.67 47.36 -7.22
CA HIS A 66 29.67 48.59 -7.99
C HIS A 66 30.84 48.55 -8.97
N ALA A 67 30.56 48.91 -10.23
CA ALA A 67 31.57 48.85 -11.28
C ALA A 67 32.30 50.17 -11.49
N ILE A 68 32.15 51.13 -10.58
CA ILE A 68 32.84 52.41 -10.71
C ILE A 68 34.28 52.32 -10.22
N HIS A 69 34.67 51.22 -9.58
CA HIS A 69 35.96 51.15 -8.92
C HIS A 69 37.14 50.95 -9.88
N VAL A 70 37.34 51.93 -10.75
CA VAL A 70 38.57 52.05 -11.54
C VAL A 70 39.20 53.42 -11.41
N SER A 71 38.61 54.33 -10.62
CA SER A 71 38.95 55.73 -10.60
C SER A 71 40.30 55.98 -9.95
N GLY A 72 40.71 57.25 -9.97
CA GLY A 72 41.99 57.65 -9.41
C GLY A 72 41.86 58.45 -8.13
N ASP A 80 36.72 44.14 -10.87
CA ASP A 80 36.17 44.25 -9.53
C ASP A 80 35.12 43.18 -9.26
N ASN A 81 35.04 42.17 -10.13
CA ASN A 81 34.05 41.15 -9.85
C ASN A 81 34.71 39.89 -9.26
N PRO A 82 34.23 39.42 -8.13
CA PRO A 82 34.80 38.20 -7.55
C PRO A 82 34.02 36.95 -7.92
N VAL A 83 34.55 35.78 -7.56
CA VAL A 83 33.76 34.56 -7.62
C VAL A 83 32.96 34.44 -6.33
N LEU A 84 31.66 34.20 -6.46
CA LEU A 84 30.77 34.25 -5.32
C LEU A 84 30.13 32.89 -5.09
N PRO A 85 29.72 32.59 -3.85
CA PRO A 85 29.04 31.32 -3.59
C PRO A 85 27.66 31.24 -4.22
N PHE A 86 27.22 29.99 -4.37
CA PHE A 86 25.94 29.61 -4.97
C PHE A 86 25.28 28.61 -4.04
N ASN A 87 25.06 29.06 -2.79
CA ASN A 87 24.60 28.24 -1.68
C ASN A 87 23.37 27.40 -2.02
N ASP A 88 22.27 28.05 -2.39
CA ASP A 88 21.06 27.34 -2.75
C ASP A 88 20.37 27.90 -3.97
N GLY A 89 20.91 28.95 -4.57
CA GLY A 89 20.22 29.68 -5.63
C GLY A 89 20.40 31.13 -5.23
N VAL A 90 20.36 32.01 -6.24
CA VAL A 90 20.62 33.41 -6.00
C VAL A 90 19.62 34.30 -6.72
N TYR A 91 19.51 35.52 -6.24
CA TYR A 91 18.80 36.62 -6.86
C TYR A 91 19.83 37.64 -7.35
N PHE A 92 19.68 38.09 -8.58
CA PHE A 92 20.66 38.92 -9.27
C PHE A 92 19.95 40.11 -9.87
N ALA A 93 20.48 41.31 -9.66
CA ALA A 93 19.84 42.50 -10.19
C ALA A 93 20.87 43.45 -10.79
N SER A 94 20.57 43.97 -11.97
CA SER A 94 21.50 44.86 -12.69
C SER A 94 20.78 46.14 -13.07
N THR A 95 21.40 47.27 -12.78
CA THR A 95 20.83 48.56 -13.14
C THR A 95 21.38 48.89 -14.52
N GLU A 96 22.41 49.74 -14.57
CA GLU A 96 23.05 50.08 -15.84
C GLU A 96 22.10 50.72 -16.85
N LYS A 97 22.68 51.45 -17.81
CA LYS A 97 21.91 52.13 -18.84
C LYS A 97 22.13 51.54 -20.23
N SER A 98 23.31 50.99 -20.49
CA SER A 98 23.60 50.41 -21.80
C SER A 98 23.36 48.89 -21.81
N ASN A 99 24.45 48.13 -21.77
CA ASN A 99 24.37 46.67 -21.77
C ASN A 99 25.68 46.09 -21.27
N ILE A 100 26.37 46.84 -20.42
CA ILE A 100 27.64 46.40 -19.89
C ILE A 100 27.55 45.11 -19.09
N ILE A 101 26.36 44.52 -19.00
CA ILE A 101 26.25 43.27 -18.26
C ILE A 101 25.97 42.16 -19.25
N ARG A 102 26.94 41.28 -19.44
CA ARG A 102 26.76 40.06 -20.21
C ARG A 102 26.44 38.92 -19.26
N GLY A 103 26.51 37.69 -19.74
CA GLY A 103 26.13 36.54 -18.95
C GLY A 103 27.00 36.15 -17.77
N TRP A 104 26.89 34.90 -17.35
CA TRP A 104 27.50 34.40 -16.13
C TRP A 104 28.15 33.05 -16.41
N ILE A 105 28.99 32.61 -15.48
CA ILE A 105 29.57 31.27 -15.52
C ILE A 105 29.34 30.62 -14.17
N PHE A 106 28.96 29.34 -14.19
CA PHE A 106 28.59 28.58 -13.00
C PHE A 106 29.35 27.27 -12.97
N GLY A 107 29.72 26.83 -11.77
CA GLY A 107 30.40 25.55 -11.67
C GLY A 107 30.72 25.25 -10.23
N THR A 108 31.72 24.40 -10.03
CA THR A 108 32.20 24.09 -8.69
C THR A 108 33.69 24.22 -8.53
N THR A 109 34.46 24.25 -9.62
CA THR A 109 35.89 24.50 -9.51
C THR A 109 36.41 25.48 -10.54
N LEU A 110 35.64 25.79 -11.60
CA LEU A 110 35.95 26.83 -12.60
C LEU A 110 37.28 26.55 -13.29
N ASP A 111 37.43 25.30 -13.73
CA ASP A 111 38.71 24.71 -14.09
C ASP A 111 38.39 23.58 -15.07
N SER A 112 39.43 22.91 -15.55
CA SER A 112 39.26 21.60 -16.16
C SER A 112 39.04 20.57 -15.05
N LYS A 113 38.91 19.30 -15.44
CA LYS A 113 38.54 18.11 -14.66
C LYS A 113 37.10 18.14 -14.15
N THR A 114 36.35 19.21 -14.40
CA THR A 114 34.94 19.28 -14.05
C THR A 114 34.23 20.13 -15.10
N GLN A 115 32.99 19.78 -15.39
CA GLN A 115 32.17 20.55 -16.31
C GLN A 115 31.73 21.86 -15.69
N SER A 116 31.30 22.78 -16.55
CA SER A 116 30.86 24.10 -16.12
C SER A 116 29.88 24.66 -17.15
N LEU A 117 29.13 25.66 -16.72
CA LEU A 117 28.06 26.28 -17.50
C LEU A 117 28.42 27.72 -17.82
N LEU A 118 28.10 28.14 -19.03
CA LEU A 118 28.46 29.45 -19.56
C LEU A 118 27.26 30.02 -20.29
N ILE A 119 26.78 31.19 -19.84
CA ILE A 119 25.68 31.91 -20.49
C ILE A 119 26.22 33.25 -20.93
N VAL A 120 26.38 33.47 -22.23
CA VAL A 120 26.88 34.76 -22.71
C VAL A 120 25.98 35.35 -23.78
N ASN A 121 25.96 36.68 -23.83
CA ASN A 121 25.15 37.42 -24.77
C ASN A 121 26.01 38.09 -25.83
N ASN A 122 26.29 37.39 -26.93
CA ASN A 122 27.08 38.01 -27.98
C ASN A 122 26.23 39.07 -28.66
N ALA A 123 26.30 39.17 -29.98
CA ALA A 123 25.51 40.16 -30.69
C ALA A 123 24.36 39.53 -31.46
N THR A 124 23.14 39.87 -31.10
CA THR A 124 21.98 39.34 -31.79
C THR A 124 21.71 37.88 -31.45
N ASN A 125 22.24 37.41 -30.33
CA ASN A 125 22.04 36.04 -29.91
C ASN A 125 22.49 35.72 -28.50
N VAL A 126 21.91 34.68 -27.92
CA VAL A 126 22.26 34.24 -26.58
C VAL A 126 22.69 32.79 -26.66
N VAL A 127 23.94 32.53 -26.29
CA VAL A 127 24.45 31.17 -26.33
C VAL A 127 24.69 30.67 -24.91
N ILE A 128 24.55 29.35 -24.76
CA ILE A 128 24.61 28.64 -23.48
C ILE A 128 25.35 27.34 -23.73
N LYS A 129 26.40 27.07 -22.94
CA LYS A 129 27.21 25.88 -23.15
C LYS A 129 27.53 25.21 -21.81
N VAL A 130 27.54 23.87 -21.82
CA VAL A 130 28.07 23.08 -20.72
C VAL A 130 29.22 22.28 -21.28
N CYS A 131 30.39 22.39 -20.66
CA CYS A 131 31.58 21.82 -21.27
C CYS A 131 32.63 21.64 -20.18
N GLU A 132 33.88 21.44 -20.57
CA GLU A 132 35.00 21.42 -19.63
C GLU A 132 35.90 22.59 -19.99
N PHE A 133 35.57 23.76 -19.44
CA PHE A 133 36.22 25.01 -19.78
C PHE A 133 37.45 25.24 -18.92
N GLN A 134 38.28 26.20 -19.35
CA GLN A 134 39.49 26.62 -18.65
C GLN A 134 39.48 28.16 -18.57
N PHE A 135 38.44 28.68 -17.92
CA PHE A 135 38.20 30.12 -17.77
C PHE A 135 39.42 30.87 -17.23
N CYS A 136 39.56 32.12 -17.66
CA CYS A 136 40.57 32.99 -17.10
C CYS A 136 40.20 33.39 -15.68
N ASN A 137 41.16 33.99 -14.97
CA ASN A 137 40.85 34.51 -13.64
C ASN A 137 39.99 35.74 -13.69
N ASP A 138 40.10 36.55 -14.74
CA ASP A 138 39.24 37.72 -14.94
C ASP A 138 38.62 37.64 -16.33
N PRO A 139 37.59 36.80 -16.51
CA PRO A 139 37.00 36.65 -17.84
C PRO A 139 36.11 37.85 -18.16
N PHE A 140 36.26 38.36 -19.37
CA PHE A 140 35.49 39.52 -19.77
C PHE A 140 35.33 39.50 -21.28
N LEU A 141 34.34 40.24 -21.74
CA LEU A 141 34.20 40.58 -23.14
C LEU A 141 34.88 41.92 -23.37
N GLY A 142 35.56 42.05 -24.49
CA GLY A 142 36.21 43.30 -24.84
C GLY A 142 35.67 43.81 -26.16
N VAL A 143 34.95 44.93 -26.10
CA VAL A 143 34.26 45.46 -27.27
C VAL A 143 34.78 46.86 -27.60
N TYR A 144 35.32 47.04 -28.79
CA TYR A 144 35.84 48.35 -29.17
C TYR A 144 35.70 48.69 -30.64
N TYR A 145 34.73 49.54 -30.94
CA TYR A 145 34.45 50.01 -32.30
C TYR A 145 33.05 50.61 -32.40
N HIS A 146 32.32 50.55 -31.29
CA HIS A 146 30.96 51.09 -31.25
C HIS A 146 30.94 52.50 -31.81
N LYS A 147 32.12 53.11 -31.89
CA LYS A 147 32.25 54.47 -32.42
C LYS A 147 33.04 54.47 -33.72
N ASN A 148 34.31 54.10 -33.62
CA ASN A 148 35.19 54.06 -34.79
C ASN A 148 34.50 53.44 -36.01
N ASN A 149 34.39 54.22 -37.07
CA ASN A 149 33.75 53.77 -38.29
C ASN A 149 32.31 53.35 -38.02
N LYS A 150 31.91 53.41 -36.77
CA LYS A 150 30.56 53.05 -36.37
C LYS A 150 30.10 51.78 -37.07
N SER A 151 31.08 50.97 -37.51
CA SER A 151 30.77 49.73 -38.21
C SER A 151 31.63 48.58 -37.68
N TRP A 152 31.09 47.37 -37.75
CA TRP A 152 31.80 46.19 -37.28
C TRP A 152 31.76 46.05 -35.77
N MET A 153 32.32 47.03 -35.07
CA MET A 153 32.35 47.00 -33.61
C MET A 153 32.84 45.63 -33.15
N GLU A 154 33.95 45.19 -33.72
CA GLU A 154 34.53 43.89 -33.39
C GLU A 154 34.57 43.63 -31.89
N SER A 155 34.37 42.38 -31.50
CA SER A 155 34.39 41.99 -30.10
C SER A 155 35.61 41.15 -29.80
N GLU A 156 35.69 40.65 -28.57
CA GLU A 156 36.82 39.83 -28.14
C GLU A 156 36.46 39.11 -26.84
N PHE A 157 36.17 37.82 -26.96
CA PHE A 157 35.80 37.02 -25.81
C PHE A 157 37.04 36.49 -25.11
N ARG A 158 37.47 37.15 -24.04
CA ARG A 158 38.59 36.67 -23.24
C ARG A 158 38.10 35.83 -22.06
N VAL A 159 37.26 34.84 -22.35
CA VAL A 159 36.56 34.12 -21.29
C VAL A 159 37.38 32.93 -20.83
N TYR A 160 37.64 31.99 -21.73
CA TYR A 160 38.33 30.75 -21.43
C TYR A 160 39.53 30.60 -22.35
N SER A 161 40.29 29.53 -22.12
CA SER A 161 41.43 29.19 -22.95
C SER A 161 41.35 27.80 -23.57
N SER A 162 40.41 26.96 -23.12
CA SER A 162 40.14 25.68 -23.76
C SER A 162 38.68 25.32 -23.52
N ALA A 163 38.05 24.73 -24.53
CA ALA A 163 36.66 24.29 -24.40
C ALA A 163 36.49 23.00 -25.21
N ASN A 164 36.49 21.87 -24.53
CA ASN A 164 36.25 20.61 -25.21
C ASN A 164 35.48 19.69 -24.26
N ASN A 165 34.93 18.61 -24.86
CA ASN A 165 34.01 17.66 -24.22
C ASN A 165 32.71 18.34 -23.82
N CYS A 166 32.16 19.14 -24.72
CA CYS A 166 30.89 19.80 -24.48
C CYS A 166 29.74 18.80 -24.60
N THR A 167 28.70 19.02 -23.80
CA THR A 167 27.51 18.17 -23.86
C THR A 167 26.28 18.92 -24.35
N PHE A 168 25.92 20.03 -23.72
CA PHE A 168 24.74 20.80 -24.11
C PHE A 168 25.16 22.04 -24.88
N GLU A 169 24.30 22.45 -25.82
CA GLU A 169 24.53 23.60 -26.67
C GLU A 169 23.19 24.29 -26.90
N TYR A 170 23.15 25.60 -26.73
CA TYR A 170 21.90 26.31 -26.96
C TYR A 170 22.16 27.70 -27.53
N VAL A 171 21.57 27.98 -28.68
CA VAL A 171 21.65 29.30 -29.30
C VAL A 171 20.23 29.76 -29.58
N SER A 172 19.80 30.82 -28.91
CA SER A 172 18.42 31.27 -29.07
C SER A 172 18.38 32.79 -29.12
N GLN A 173 17.17 33.32 -29.28
CA GLN A 173 16.96 34.76 -29.27
C GLN A 173 17.42 35.36 -27.94
N PRO A 174 18.08 36.52 -27.96
CA PRO A 174 18.82 36.98 -26.78
C PRO A 174 17.93 37.34 -25.60
N PHE A 175 18.57 37.64 -24.49
CA PHE A 175 17.88 37.93 -23.25
C PHE A 175 17.32 39.35 -23.26
N LEU A 176 16.96 39.87 -22.10
CA LEU A 176 16.26 41.14 -22.03
C LEU A 176 17.16 42.30 -22.43
N MET A 177 17.31 42.50 -23.74
CA MET A 177 18.18 43.53 -24.28
C MET A 177 17.51 44.27 -25.42
N ASP A 178 16.20 44.50 -25.29
CA ASP A 178 15.43 45.38 -26.16
C ASP A 178 15.79 46.86 -25.97
N LEU A 179 14.99 47.73 -26.60
CA LEU A 179 15.09 49.20 -26.55
C LEU A 179 16.35 49.68 -27.26
N ASN A 185 16.22 60.19 -19.64
CA ASN A 185 17.12 59.09 -19.30
C ASN A 185 16.40 58.07 -18.42
N PHE A 186 16.85 56.83 -18.48
CA PHE A 186 16.29 55.76 -17.68
C PHE A 186 17.29 54.62 -17.58
N LYS A 187 17.47 54.11 -16.38
CA LYS A 187 18.26 52.90 -16.16
C LYS A 187 17.30 51.73 -16.33
N ASN A 188 17.84 50.58 -16.67
CA ASN A 188 17.03 49.39 -16.93
C ASN A 188 17.30 48.35 -15.87
N LEU A 189 16.39 48.24 -14.90
CA LEU A 189 16.53 47.22 -13.88
C LEU A 189 16.19 45.87 -14.48
N ARG A 190 17.17 44.97 -14.53
CA ARG A 190 16.92 43.58 -14.90
C ARG A 190 17.11 42.69 -13.70
N GLU A 191 16.12 41.83 -13.46
CA GLU A 191 16.10 40.94 -12.30
C GLU A 191 16.10 39.50 -12.77
N PHE A 192 16.97 38.70 -12.15
CA PHE A 192 17.10 37.27 -12.43
C PHE A 192 17.07 36.50 -11.13
N VAL A 193 16.59 35.26 -11.19
CA VAL A 193 16.66 34.32 -10.09
C VAL A 193 17.13 32.99 -10.67
N PHE A 194 18.22 32.46 -10.13
CA PHE A 194 18.77 31.18 -10.54
C PHE A 194 18.60 30.18 -9.40
N LYS A 195 18.24 28.94 -9.75
CA LYS A 195 18.33 27.85 -8.80
C LYS A 195 18.58 26.54 -9.51
N ASN A 196 19.42 25.70 -8.92
CA ASN A 196 19.85 24.43 -9.50
C ASN A 196 19.21 23.31 -8.70
N ILE A 197 18.29 22.58 -9.32
CA ILE A 197 17.53 21.55 -8.60
C ILE A 197 17.47 20.27 -9.41
N ASP A 198 17.88 19.18 -8.76
CA ASP A 198 17.82 17.83 -9.31
C ASP A 198 18.25 17.69 -10.76
N GLY A 199 19.35 18.34 -11.11
CA GLY A 199 19.88 18.25 -12.45
C GLY A 199 19.26 19.20 -13.46
N TYR A 200 18.47 20.18 -13.02
CA TYR A 200 18.01 21.24 -13.90
C TYR A 200 18.51 22.58 -13.39
N PHE A 201 18.56 23.54 -14.32
CA PHE A 201 18.86 24.93 -14.02
C PHE A 201 17.61 25.76 -14.31
N LYS A 202 17.20 26.58 -13.35
CA LYS A 202 15.98 27.38 -13.48
C LYS A 202 16.34 28.86 -13.43
N ILE A 203 15.94 29.59 -14.47
CA ILE A 203 16.17 31.04 -14.56
C ILE A 203 14.83 31.73 -14.77
N TYR A 204 14.50 32.64 -13.85
CA TYR A 204 13.36 33.55 -13.93
C TYR A 204 13.87 34.98 -14.08
N SER A 205 13.10 35.83 -14.78
CA SER A 205 13.60 37.16 -15.06
C SER A 205 12.47 38.16 -15.31
N LYS A 206 12.82 39.43 -15.15
CA LYS A 206 11.94 40.56 -15.43
C LYS A 206 12.79 41.77 -15.79
N HIS A 207 12.21 42.68 -16.58
CA HIS A 207 12.86 43.90 -17.03
C HIS A 207 11.94 45.07 -16.74
N THR A 208 12.48 46.13 -16.13
CA THR A 208 11.69 47.30 -15.75
C THR A 208 12.48 48.57 -16.01
N PRO A 209 11.89 49.57 -16.68
CA PRO A 209 12.57 50.85 -16.88
C PRO A 209 12.55 51.73 -15.64
N ILE A 210 13.55 51.56 -14.75
CA ILE A 210 13.58 52.26 -13.47
C ILE A 210 13.95 53.72 -13.73
N ASN A 211 13.63 54.61 -12.77
CA ASN A 211 13.97 56.02 -12.87
C ASN A 211 14.84 56.47 -11.71
N LEU A 212 14.61 55.90 -10.52
CA LEU A 212 15.37 56.30 -9.34
C LEU A 212 16.76 55.68 -9.38
N VAL A 213 17.77 56.48 -9.06
CA VAL A 213 19.16 56.08 -9.23
C VAL A 213 19.60 55.38 -7.95
N ARG A 214 20.75 54.69 -8.00
CA ARG A 214 21.58 54.20 -6.90
C ARG A 214 21.02 52.94 -6.23
N ASP A 215 19.78 52.56 -6.51
CA ASP A 215 19.22 51.41 -5.82
C ASP A 215 18.05 50.79 -6.60
N LEU A 216 17.75 49.54 -6.26
CA LEU A 216 16.55 48.84 -6.71
C LEU A 216 15.29 49.46 -6.09
N PRO A 217 14.19 49.52 -6.85
CA PRO A 217 13.08 50.37 -6.42
C PRO A 217 12.20 49.76 -5.35
N GLN A 218 11.10 50.45 -5.02
CA GLN A 218 10.18 50.00 -3.99
C GLN A 218 8.85 49.51 -4.57
N GLY A 219 8.82 49.11 -5.83
CA GLY A 219 7.61 48.59 -6.43
C GLY A 219 7.39 47.12 -6.15
N PHE A 220 6.60 46.47 -6.98
CA PHE A 220 6.39 45.02 -6.87
C PHE A 220 6.18 44.47 -8.27
N SER A 221 7.09 43.57 -8.68
CA SER A 221 7.06 43.00 -10.01
C SER A 221 7.11 41.48 -9.91
N ALA A 222 6.32 40.82 -10.75
CA ALA A 222 6.44 39.37 -10.92
C ALA A 222 7.69 39.04 -11.71
N LEU A 223 8.10 37.78 -11.66
CA LEU A 223 9.25 37.30 -12.42
C LEU A 223 8.77 36.15 -13.29
N GLU A 224 8.41 36.44 -14.54
CA GLU A 224 7.96 35.38 -15.42
C GLU A 224 9.18 34.53 -15.72
N PRO A 225 8.99 33.23 -15.85
CA PRO A 225 10.14 32.34 -16.08
C PRO A 225 10.67 32.39 -17.50
N LEU A 226 12.00 32.41 -17.62
CA LEU A 226 12.61 32.27 -18.94
C LEU A 226 12.89 30.83 -19.29
N VAL A 227 13.77 30.17 -18.55
CA VAL A 227 14.31 28.90 -19.06
C VAL A 227 14.48 27.87 -17.97
N ASP A 228 14.47 26.61 -18.40
CA ASP A 228 14.67 25.42 -17.60
C ASP A 228 15.65 24.54 -18.37
N LEU A 229 16.91 24.66 -18.08
CA LEU A 229 17.91 23.96 -18.86
C LEU A 229 18.18 22.58 -18.28
N PRO A 230 18.20 21.54 -19.13
CA PRO A 230 18.59 20.19 -18.67
C PRO A 230 20.09 19.98 -18.57
N ILE A 231 20.70 20.33 -17.43
CA ILE A 231 22.16 20.42 -17.34
C ILE A 231 22.74 19.23 -16.60
N GLY A 232 22.42 19.10 -15.32
CA GLY A 232 22.91 17.99 -14.54
C GLY A 232 24.36 18.06 -14.09
N ILE A 233 24.84 19.25 -13.71
CA ILE A 233 26.16 19.37 -13.12
C ILE A 233 26.04 19.94 -11.71
N ASN A 234 27.13 19.82 -10.97
CA ASN A 234 27.20 20.23 -9.57
C ASN A 234 27.73 21.66 -9.50
N ILE A 235 26.97 22.56 -8.88
CA ILE A 235 27.28 23.98 -8.85
C ILE A 235 27.47 24.40 -7.40
N THR A 236 28.59 25.05 -7.12
CA THR A 236 28.87 25.64 -5.81
C THR A 236 29.26 27.10 -5.92
N ARG A 237 29.93 27.51 -7.00
CA ARG A 237 30.39 28.88 -7.18
C ARG A 237 29.95 29.41 -8.54
N PHE A 238 30.06 30.72 -8.70
CA PHE A 238 29.73 31.37 -9.95
C PHE A 238 30.43 32.72 -10.04
N GLN A 239 30.33 33.33 -11.22
CA GLN A 239 30.97 34.61 -11.50
C GLN A 239 30.25 35.26 -12.69
N THR A 240 30.34 36.59 -12.76
CA THR A 240 29.67 37.36 -13.79
C THR A 240 30.67 37.97 -14.76
N LEU A 241 30.25 38.12 -16.01
CA LEU A 241 31.14 38.55 -17.09
C LEU A 241 30.70 39.91 -17.62
N LEU A 242 31.64 40.86 -17.62
CA LEU A 242 31.36 42.24 -17.95
C LEU A 242 31.94 42.59 -19.32
N ALA A 243 31.28 43.48 -20.02
CA ALA A 243 31.74 43.98 -21.31
C ALA A 243 32.50 45.28 -21.09
N LEU A 244 33.78 45.31 -21.46
CA LEU A 244 34.63 46.46 -21.27
C LEU A 244 35.01 47.08 -22.61
N HIS A 245 35.08 48.40 -22.63
CA HIS A 245 35.54 49.12 -23.83
C HIS A 245 36.78 49.94 -23.52
N GLY A 257 43.69 48.63 -23.53
CA GLY A 257 42.98 49.69 -22.85
C GLY A 257 41.51 49.38 -22.69
N TRP A 258 41.10 49.00 -21.47
CA TRP A 258 39.74 48.59 -21.20
C TRP A 258 39.14 49.46 -20.10
N THR A 259 38.07 50.17 -20.42
CA THR A 259 37.35 50.97 -19.45
C THR A 259 36.02 50.29 -19.11
N ALA A 260 35.51 50.55 -17.90
CA ALA A 260 34.49 49.69 -17.32
C ALA A 260 33.12 50.32 -17.14
N GLY A 261 32.99 51.65 -17.14
CA GLY A 261 31.68 52.22 -16.88
C GLY A 261 31.38 52.32 -15.40
N ALA A 262 30.11 52.60 -15.08
CA ALA A 262 29.69 52.83 -13.69
C ALA A 262 28.33 52.21 -13.41
N ALA A 263 28.11 50.98 -13.89
CA ALA A 263 26.90 50.27 -13.51
C ALA A 263 27.09 49.55 -12.19
N ALA A 264 26.09 48.77 -11.81
CA ALA A 264 26.13 48.07 -10.54
C ALA A 264 25.26 46.82 -10.64
N TYR A 265 25.50 45.88 -9.73
CA TYR A 265 24.63 44.72 -9.61
C TYR A 265 24.52 44.33 -8.15
N TYR A 266 23.58 43.44 -7.88
CA TYR A 266 23.16 43.10 -6.53
C TYR A 266 22.94 41.60 -6.47
N VAL A 267 23.42 40.99 -5.38
CA VAL A 267 23.37 39.54 -5.22
C VAL A 267 22.75 39.22 -3.87
N GLY A 268 21.69 38.42 -3.86
CA GLY A 268 21.10 37.94 -2.63
C GLY A 268 20.89 36.45 -2.72
N TYR A 269 20.72 35.82 -1.56
CA TYR A 269 20.72 34.37 -1.49
C TYR A 269 19.35 33.85 -1.06
N LEU A 270 19.00 32.66 -1.53
CA LEU A 270 17.69 32.08 -1.28
C LEU A 270 17.71 31.19 -0.05
N GLN A 271 16.56 31.14 0.62
CA GLN A 271 16.30 30.29 1.78
C GLN A 271 14.96 29.60 1.58
N PRO A 272 14.76 28.43 2.20
CA PRO A 272 13.42 27.81 2.17
C PRO A 272 12.40 28.61 2.99
N ARG A 273 11.44 29.21 2.31
CA ARG A 273 10.48 30.11 2.92
C ARG A 273 9.07 29.76 2.48
N THR A 274 8.12 30.12 3.35
CA THR A 274 6.70 29.99 3.08
C THR A 274 6.14 31.36 2.78
N PHE A 275 5.49 31.51 1.62
CA PHE A 275 4.97 32.80 1.17
C PHE A 275 3.46 32.73 1.01
N LEU A 276 2.80 33.86 1.29
CA LEU A 276 1.36 34.03 1.15
C LEU A 276 1.29 34.97 -0.05
N LEU A 277 0.64 34.56 -1.12
CA LEU A 277 0.62 35.36 -2.34
C LEU A 277 -0.81 35.54 -2.84
N LYS A 278 -1.21 36.78 -3.09
CA LYS A 278 -2.52 37.10 -3.64
C LYS A 278 -2.18 37.42 -5.09
N TYR A 279 -3.08 37.24 -6.06
CA TYR A 279 -2.62 37.53 -7.41
C TYR A 279 -3.13 38.87 -7.93
N ASN A 280 -4.36 38.87 -8.42
CA ASN A 280 -5.03 40.04 -8.95
C ASN A 280 -6.39 39.61 -9.49
N GLU A 281 -7.18 40.57 -9.95
CA GLU A 281 -8.49 40.26 -10.51
C GLU A 281 -8.33 39.67 -11.90
N ASN A 282 -7.08 39.50 -12.31
CA ASN A 282 -6.77 38.94 -13.63
C ASN A 282 -5.34 38.41 -13.67
N GLY A 283 -5.03 37.45 -12.82
CA GLY A 283 -3.70 36.89 -12.78
C GLY A 283 -2.75 38.01 -12.41
N THR A 284 -1.45 37.78 -12.54
CA THR A 284 -0.47 38.80 -12.19
C THR A 284 -0.49 38.96 -10.68
N ILE A 285 0.65 38.73 -10.05
CA ILE A 285 0.69 38.82 -8.59
C ILE A 285 0.97 40.24 -8.07
N THR A 286 0.03 40.77 -7.28
CA THR A 286 0.16 42.09 -6.69
C THR A 286 1.00 42.09 -5.41
N ASP A 287 0.80 41.12 -4.53
CA ASP A 287 1.51 41.17 -3.25
C ASP A 287 1.65 39.78 -2.66
N ALA A 288 2.59 39.68 -1.72
CA ALA A 288 2.93 38.46 -1.00
C ALA A 288 3.57 38.84 0.33
N VAL A 289 3.49 37.94 1.30
CA VAL A 289 4.03 38.20 2.62
C VAL A 289 4.77 36.95 3.12
N ASP A 290 5.81 37.15 3.90
CA ASP A 290 6.60 36.02 4.36
C ASP A 290 6.50 35.78 5.86
N CYS A 291 5.75 34.73 6.21
CA CYS A 291 5.50 34.36 7.60
C CYS A 291 6.71 34.43 8.52
N ALA A 292 7.62 33.47 8.39
CA ALA A 292 8.79 33.39 9.25
C ALA A 292 9.35 34.73 9.71
N LEU A 293 9.21 35.76 8.87
CA LEU A 293 9.71 37.08 9.22
C LEU A 293 8.70 37.90 10.00
N ASP A 294 9.05 38.26 11.24
CA ASP A 294 8.19 39.06 12.11
C ASP A 294 7.14 38.23 12.86
N PRO A 295 6.45 38.84 13.81
CA PRO A 295 5.42 38.16 14.58
C PRO A 295 4.03 38.58 14.11
N LEU A 296 3.99 39.65 13.32
CA LEU A 296 2.75 40.19 12.78
C LEU A 296 2.38 39.43 11.51
N SER A 297 3.36 39.28 10.63
CA SER A 297 3.17 38.55 9.37
C SER A 297 2.71 37.12 9.63
N GLU A 298 3.17 36.52 10.72
CA GLU A 298 2.65 35.22 11.11
C GLU A 298 1.14 35.25 11.26
N THR A 299 0.62 36.30 11.90
CA THR A 299 -0.81 36.41 12.08
C THR A 299 -1.52 36.75 10.77
N LYS A 300 -0.96 37.65 9.98
CA LYS A 300 -1.52 37.94 8.66
C LYS A 300 -1.66 36.68 7.85
N CYS A 301 -0.67 35.80 7.97
CA CYS A 301 -0.63 34.56 7.19
C CYS A 301 -1.64 33.55 7.70
N THR A 302 -1.65 33.33 9.00
CA THR A 302 -2.58 32.36 9.59
C THR A 302 -4.02 32.84 9.46
N LEU A 303 -4.24 34.15 9.34
CA LEU A 303 -5.56 34.69 9.07
C LEU A 303 -5.94 34.60 7.61
N LYS A 304 -4.97 34.40 6.73
CA LYS A 304 -5.18 34.45 5.28
C LYS A 304 -5.85 35.76 4.89
N SER A 305 -5.25 36.85 5.34
CA SER A 305 -5.70 38.19 5.00
C SER A 305 -4.55 39.15 5.17
N PHE A 306 -4.62 40.26 4.45
CA PHE A 306 -3.58 41.28 4.52
C PHE A 306 -3.85 42.33 5.58
N THR A 307 -5.03 42.32 6.18
CA THR A 307 -5.41 43.28 7.20
C THR A 307 -5.65 42.55 8.52
N VAL A 308 -5.17 43.12 9.61
CA VAL A 308 -5.39 42.58 10.93
C VAL A 308 -6.17 43.59 11.76
N GLU A 309 -7.18 43.11 12.46
CA GLU A 309 -8.04 43.96 13.27
C GLU A 309 -7.50 44.01 14.70
N LYS A 310 -7.81 45.11 15.38
CA LYS A 310 -7.32 45.36 16.74
C LYS A 310 -7.55 44.14 17.63
N GLY A 311 -6.55 43.78 18.41
CA GLY A 311 -6.72 42.67 19.33
C GLY A 311 -5.38 42.05 19.70
N ILE A 312 -5.48 40.84 20.24
CA ILE A 312 -4.33 40.04 20.62
C ILE A 312 -4.52 38.64 20.04
N TYR A 313 -3.48 38.10 19.44
CA TYR A 313 -3.57 36.84 18.70
C TYR A 313 -2.47 35.89 19.15
N GLN A 314 -2.79 34.61 19.23
CA GLN A 314 -1.79 33.60 19.55
C GLN A 314 -1.00 33.24 18.30
N THR A 315 0.32 33.14 18.44
CA THR A 315 1.18 32.72 17.34
C THR A 315 1.87 31.41 17.74
N SER A 316 2.80 30.93 16.94
CA SER A 316 3.45 29.66 17.23
C SER A 316 4.37 29.79 18.43
N ASN A 317 4.63 28.66 19.07
CA ASN A 317 5.53 28.62 20.22
C ASN A 317 6.91 29.12 19.83
N PHE A 318 7.71 29.46 20.83
CA PHE A 318 9.04 30.00 20.57
C PHE A 318 9.96 28.87 20.11
N ARG A 319 10.48 28.99 18.90
CA ARG A 319 11.33 27.97 18.30
C ARG A 319 12.80 28.35 18.38
N VAL A 320 13.64 27.35 18.58
CA VAL A 320 15.09 27.50 18.52
C VAL A 320 15.61 26.53 17.48
N GLN A 321 16.51 27.02 16.63
CA GLN A 321 17.07 26.21 15.57
C GLN A 321 18.36 25.53 16.01
N PRO A 322 18.62 24.31 15.55
CA PRO A 322 19.86 23.63 15.91
C PRO A 322 21.07 24.27 15.23
N THR A 323 22.17 24.32 15.97
CA THR A 323 23.38 25.00 15.53
C THR A 323 24.41 24.06 14.93
N GLU A 324 24.45 22.82 15.42
CA GLU A 324 25.45 21.85 15.01
C GLU A 324 24.80 20.51 14.70
N SER A 325 25.63 19.60 14.19
CA SER A 325 25.25 18.22 13.95
C SER A 325 26.34 17.32 14.50
N ILE A 326 25.95 16.31 15.27
CA ILE A 326 26.92 15.39 15.86
C ILE A 326 26.53 13.96 15.56
N VAL A 327 27.54 13.10 15.47
CA VAL A 327 27.38 11.67 15.27
C VAL A 327 28.20 10.97 16.33
N ARG A 328 27.62 9.94 16.95
CA ARG A 328 28.31 9.17 17.99
C ARG A 328 28.09 7.69 17.74
N PHE A 329 29.08 7.04 17.17
CA PHE A 329 29.10 5.61 16.96
C PHE A 329 30.14 4.98 17.87
N PRO A 330 30.03 3.69 18.16
CA PRO A 330 31.03 3.02 18.99
C PRO A 330 32.39 2.95 18.30
N ASN A 331 33.40 2.61 19.11
CA ASN A 331 34.77 2.48 18.63
C ASN A 331 34.95 1.14 17.94
N ILE A 332 34.78 1.10 16.63
CA ILE A 332 34.94 -0.11 15.85
C ILE A 332 35.97 0.15 14.77
N THR A 333 36.92 -0.76 14.61
CA THR A 333 38.01 -0.60 13.66
C THR A 333 38.01 -1.60 12.53
N ASN A 334 37.74 -2.87 12.81
CA ASN A 334 37.80 -3.90 11.78
C ASN A 334 36.69 -3.73 10.76
N LEU A 335 36.85 -4.42 9.63
CA LEU A 335 35.82 -4.50 8.60
C LEU A 335 35.16 -5.85 8.69
N CYS A 336 33.88 -5.91 8.31
CA CYS A 336 33.13 -7.15 8.47
C CYS A 336 33.63 -8.21 7.48
N PRO A 337 33.48 -9.48 7.83
CA PRO A 337 34.00 -10.54 6.96
C PRO A 337 33.23 -10.67 5.65
N PHE A 338 33.37 -9.68 4.79
CA PHE A 338 32.72 -9.71 3.48
C PHE A 338 33.32 -10.77 2.57
N GLY A 339 34.56 -11.16 2.80
CA GLY A 339 35.23 -12.08 1.93
C GLY A 339 35.21 -13.52 2.38
N GLU A 340 34.69 -13.79 3.58
CA GLU A 340 34.52 -15.18 3.99
C GLU A 340 33.06 -15.54 4.14
N VAL A 341 32.16 -14.65 3.73
CA VAL A 341 30.74 -14.94 3.64
C VAL A 341 30.28 -14.98 2.20
N PHE A 342 30.65 -13.97 1.41
CA PHE A 342 30.28 -13.90 0.01
C PHE A 342 31.31 -14.56 -0.89
N ASN A 343 32.54 -14.76 -0.41
CA ASN A 343 33.60 -15.31 -1.25
C ASN A 343 34.09 -16.65 -0.72
N ALA A 344 33.24 -17.35 0.03
CA ALA A 344 33.62 -18.65 0.59
C ALA A 344 33.77 -19.67 -0.53
N THR A 345 34.40 -20.80 -0.20
CA THR A 345 34.70 -21.80 -1.21
C THR A 345 33.67 -22.91 -1.28
N ARG A 346 32.90 -23.13 -0.21
CA ARG A 346 31.88 -24.17 -0.16
C ARG A 346 30.71 -23.68 0.66
N PHE A 347 29.53 -23.76 0.08
CA PHE A 347 28.30 -23.37 0.75
C PHE A 347 27.58 -24.61 1.26
N ALA A 348 26.59 -24.40 2.11
CA ALA A 348 25.87 -25.50 2.71
C ALA A 348 24.70 -25.93 1.83
N SER A 349 24.17 -27.10 2.13
CA SER A 349 22.93 -27.54 1.50
C SER A 349 21.76 -26.80 2.12
N VAL A 350 20.71 -26.61 1.35
CA VAL A 350 19.59 -25.81 1.83
C VAL A 350 18.87 -26.49 2.99
N TYR A 351 18.88 -27.81 3.06
CA TYR A 351 18.22 -28.48 4.17
C TYR A 351 19.01 -28.36 5.46
N ALA A 352 20.31 -28.09 5.37
CA ALA A 352 21.18 -27.93 6.53
C ALA A 352 21.92 -26.60 6.44
N TRP A 353 21.17 -25.53 6.16
CA TRP A 353 21.74 -24.22 5.90
C TRP A 353 22.65 -23.78 7.03
N ASN A 354 23.56 -22.87 6.72
CA ASN A 354 24.53 -22.43 7.71
C ASN A 354 24.13 -21.07 8.27
N ARG A 355 24.40 -20.87 9.56
CA ARG A 355 24.12 -19.61 10.24
C ARG A 355 25.38 -19.13 10.94
N LYS A 356 25.76 -17.89 10.69
CA LYS A 356 27.00 -17.33 11.21
C LYS A 356 26.72 -16.05 11.96
N ARG A 357 27.43 -15.83 13.06
CA ARG A 357 27.28 -14.64 13.87
C ARG A 357 28.26 -13.56 13.44
N ILE A 358 27.79 -12.32 13.38
CA ILE A 358 28.64 -11.21 12.95
C ILE A 358 28.59 -10.13 14.01
N SER A 359 29.76 -9.63 14.41
CA SER A 359 29.84 -8.65 15.48
C SER A 359 31.16 -7.91 15.42
N ASN A 360 31.15 -6.67 15.90
CA ASN A 360 32.34 -5.86 16.10
C ASN A 360 33.08 -5.55 14.80
N CYS A 361 32.37 -5.07 13.79
CA CYS A 361 33.01 -4.72 12.53
C CYS A 361 32.21 -3.67 11.82
N VAL A 362 32.91 -2.84 11.04
CA VAL A 362 32.29 -1.80 10.24
C VAL A 362 31.72 -2.42 8.97
N ALA A 363 30.46 -2.13 8.67
CA ALA A 363 29.75 -2.75 7.54
C ALA A 363 29.80 -1.87 6.30
N ASP A 364 31.01 -1.65 5.79
CA ASP A 364 31.22 -0.86 4.58
C ASP A 364 31.13 -1.77 3.36
N TYR A 365 29.93 -1.91 2.81
CA TYR A 365 29.69 -2.89 1.75
C TYR A 365 30.17 -2.43 0.39
N SER A 366 30.64 -1.19 0.25
CA SER A 366 31.15 -0.73 -1.03
C SER A 366 32.32 -1.55 -1.53
N VAL A 367 33.04 -2.24 -0.64
CA VAL A 367 34.13 -3.10 -1.07
C VAL A 367 33.64 -4.27 -1.91
N LEU A 368 32.34 -4.53 -1.94
CA LEU A 368 31.80 -5.58 -2.77
C LEU A 368 31.51 -5.12 -4.19
N TYR A 369 31.90 -3.90 -4.55
CA TYR A 369 31.51 -3.37 -5.85
C TYR A 369 32.39 -3.89 -6.98
N ASN A 370 33.63 -4.27 -6.68
CA ASN A 370 34.55 -4.73 -7.72
C ASN A 370 34.43 -6.23 -7.97
N SER A 371 34.17 -7.02 -6.93
CA SER A 371 34.37 -8.45 -7.04
C SER A 371 33.06 -9.23 -6.98
N ALA A 372 31.94 -8.54 -6.91
CA ALA A 372 30.66 -9.22 -6.71
C ALA A 372 29.58 -8.53 -7.52
N SER A 373 28.66 -9.35 -8.05
CA SER A 373 27.50 -8.83 -8.76
C SER A 373 26.31 -9.71 -8.41
N PHE A 374 25.35 -9.15 -7.71
CA PHE A 374 24.21 -9.87 -7.19
C PHE A 374 23.01 -9.67 -8.10
N SER A 375 22.32 -10.76 -8.41
CA SER A 375 21.13 -10.71 -9.22
C SER A 375 19.88 -10.43 -8.41
N THR A 376 19.89 -10.71 -7.11
CA THR A 376 18.77 -10.40 -6.24
C THR A 376 19.31 -9.74 -4.98
N PHE A 377 18.73 -8.59 -4.62
CA PHE A 377 19.07 -7.94 -3.36
C PHE A 377 17.84 -7.18 -2.88
N LYS A 378 17.23 -7.64 -1.79
CA LYS A 378 16.02 -7.00 -1.28
C LYS A 378 16.04 -6.97 0.24
N CYS A 379 15.86 -5.78 0.83
CA CYS A 379 15.71 -5.64 2.27
C CYS A 379 14.28 -5.35 2.69
N TYR A 380 13.92 -5.89 3.84
CA TYR A 380 12.60 -5.74 4.47
C TYR A 380 12.80 -5.07 5.82
N GLY A 381 11.99 -4.04 6.08
CA GLY A 381 12.02 -3.34 7.34
C GLY A 381 12.97 -2.18 7.38
N VAL A 382 13.66 -1.89 6.28
CA VAL A 382 14.67 -0.84 6.24
C VAL A 382 14.86 -0.45 4.79
N SER A 383 15.35 0.74 4.56
CA SER A 383 15.58 1.20 3.20
C SER A 383 17.04 1.01 2.81
N PRO A 384 17.31 0.60 1.58
CA PRO A 384 18.71 0.39 1.17
C PRO A 384 19.53 1.66 1.22
N THR A 385 18.92 2.82 1.01
CA THR A 385 19.65 4.07 1.06
C THR A 385 19.95 4.53 2.47
N LYS A 386 19.43 3.85 3.48
CA LYS A 386 19.68 4.22 4.87
C LYS A 386 20.68 3.32 5.55
N LEU A 387 21.13 2.25 4.89
CA LEU A 387 21.99 1.25 5.51
C LEU A 387 23.33 1.80 5.94
N ASN A 388 23.77 2.91 5.35
CA ASN A 388 25.07 3.46 5.65
C ASN A 388 25.06 4.35 6.89
N ASP A 389 23.90 4.77 7.36
CA ASP A 389 23.79 5.63 8.52
C ASP A 389 23.47 4.87 9.80
N LEU A 390 23.04 3.62 9.70
CA LEU A 390 22.46 2.90 10.80
C LEU A 390 23.52 2.14 11.58
N CYS A 391 23.05 1.37 12.55
CA CYS A 391 23.88 0.51 13.38
C CYS A 391 23.01 -0.67 13.80
N PHE A 392 23.53 -1.89 13.64
CA PHE A 392 22.72 -3.09 13.58
C PHE A 392 22.96 -3.97 14.80
N THR A 393 21.88 -4.57 15.29
CA THR A 393 21.90 -5.41 16.47
C THR A 393 21.63 -6.86 16.11
N ASN A 394 22.42 -7.76 16.68
CA ASN A 394 22.22 -9.21 16.57
C ASN A 394 22.23 -9.66 15.11
N VAL A 395 23.37 -9.48 14.45
CA VAL A 395 23.48 -9.72 13.03
C VAL A 395 23.87 -11.17 12.78
N TYR A 396 23.05 -11.87 12.00
CA TYR A 396 23.32 -13.23 11.59
C TYR A 396 23.24 -13.34 10.08
N ALA A 397 24.04 -14.24 9.52
CA ALA A 397 24.09 -14.48 8.09
C ALA A 397 23.83 -15.96 7.83
N ASP A 398 22.76 -16.27 7.12
CA ASP A 398 22.43 -17.64 6.74
C ASP A 398 22.79 -17.85 5.28
N SER A 399 23.50 -18.92 5.00
CA SER A 399 24.00 -19.17 3.64
C SER A 399 23.62 -20.57 3.19
N PHE A 400 23.27 -20.69 1.91
CA PHE A 400 23.01 -21.97 1.29
C PHE A 400 23.02 -21.81 -0.22
N VAL A 401 22.72 -22.90 -0.93
CA VAL A 401 22.70 -22.94 -2.39
C VAL A 401 21.42 -23.62 -2.83
N ILE A 402 20.69 -23.00 -3.77
CA ILE A 402 19.46 -23.58 -4.28
C ILE A 402 19.45 -23.50 -5.80
N ARG A 403 18.36 -23.96 -6.38
CA ARG A 403 18.14 -23.86 -7.80
C ARG A 403 17.84 -22.42 -8.19
N GLY A 404 17.91 -22.12 -9.48
CA GLY A 404 17.64 -20.76 -9.92
C GLY A 404 16.18 -20.40 -9.85
N ASP A 405 15.29 -21.39 -9.98
CA ASP A 405 13.86 -21.12 -9.99
C ASP A 405 13.31 -20.87 -8.60
N GLU A 406 14.02 -21.29 -7.57
CA GLU A 406 13.51 -21.25 -6.21
C GLU A 406 13.95 -20.02 -5.44
N VAL A 407 14.70 -19.10 -6.06
CA VAL A 407 15.12 -17.91 -5.36
C VAL A 407 13.92 -17.04 -5.02
N ARG A 408 12.84 -17.14 -5.79
CA ARG A 408 11.63 -16.41 -5.46
C ARG A 408 10.99 -16.91 -4.18
N GLN A 409 11.32 -18.12 -3.73
CA GLN A 409 10.73 -18.66 -2.52
C GLN A 409 11.41 -18.20 -1.25
N ILE A 410 12.51 -17.46 -1.35
CA ILE A 410 13.13 -16.90 -0.16
C ILE A 410 12.53 -15.53 0.08
N ALA A 411 11.37 -15.51 0.74
CA ALA A 411 10.65 -14.29 1.02
C ALA A 411 9.57 -14.62 2.05
N PRO A 412 9.13 -13.65 2.82
CA PRO A 412 8.07 -13.93 3.80
C PRO A 412 6.77 -14.28 3.12
N GLY A 413 6.13 -15.32 3.61
CA GLY A 413 4.81 -15.71 3.13
C GLY A 413 4.79 -16.42 1.80
N GLN A 414 5.70 -17.34 1.57
CA GLN A 414 5.79 -18.05 0.30
C GLN A 414 5.51 -19.53 0.50
N THR A 415 5.10 -20.19 -0.58
CA THR A 415 4.85 -21.62 -0.58
C THR A 415 5.72 -22.29 -1.63
N GLY A 416 5.86 -23.60 -1.51
CA GLY A 416 6.81 -24.36 -2.29
C GLY A 416 7.67 -25.21 -1.39
N LYS A 417 8.41 -26.12 -2.02
CA LYS A 417 9.13 -27.11 -1.21
C LYS A 417 10.28 -26.48 -0.44
N ILE A 418 10.91 -25.44 -0.96
CA ILE A 418 12.00 -24.81 -0.23
C ILE A 418 11.46 -24.07 0.99
N ALA A 419 10.36 -23.35 0.82
CA ALA A 419 9.77 -22.60 1.91
C ALA A 419 8.97 -23.47 2.87
N ASP A 420 8.52 -24.64 2.44
CA ASP A 420 7.78 -25.55 3.30
C ASP A 420 8.65 -26.51 4.07
N TYR A 421 9.68 -27.08 3.46
CA TYR A 421 10.42 -28.16 4.08
C TYR A 421 11.87 -27.83 4.39
N ASN A 422 12.43 -26.75 3.85
CA ASN A 422 13.85 -26.51 3.98
C ASN A 422 14.18 -25.23 4.73
N TYR A 423 13.63 -24.09 4.31
CA TYR A 423 14.01 -22.80 4.89
C TYR A 423 12.82 -21.87 4.87
N LYS A 424 12.40 -21.42 6.05
CA LYS A 424 11.22 -20.58 6.19
C LYS A 424 11.61 -19.24 6.78
N LEU A 425 11.10 -18.16 6.20
CA LEU A 425 11.35 -16.83 6.72
C LEU A 425 10.18 -16.35 7.55
N PRO A 426 10.42 -15.65 8.66
CA PRO A 426 9.32 -15.13 9.46
C PRO A 426 8.58 -14.02 8.72
N ASP A 427 7.32 -13.83 9.11
CA ASP A 427 6.52 -12.80 8.47
C ASP A 427 6.90 -11.41 8.97
N ASP A 428 7.42 -11.32 10.20
CA ASP A 428 7.95 -10.08 10.76
C ASP A 428 9.45 -9.98 10.52
N PHE A 429 9.86 -10.08 9.27
CA PHE A 429 11.27 -10.20 8.95
C PHE A 429 11.91 -8.82 8.79
N THR A 430 13.10 -8.65 9.34
CA THR A 430 13.90 -7.45 9.18
C THR A 430 15.30 -7.85 8.73
N GLY A 431 15.71 -7.39 7.56
CA GLY A 431 17.00 -7.76 7.02
C GLY A 431 16.90 -7.91 5.52
N CYS A 432 17.98 -8.34 4.91
CA CYS A 432 18.01 -8.46 3.45
C CYS A 432 18.30 -9.88 2.97
N VAL A 433 17.87 -10.14 1.75
CA VAL A 433 18.10 -11.39 1.03
C VAL A 433 18.94 -11.06 -0.20
N ILE A 434 20.06 -11.76 -0.37
CA ILE A 434 21.00 -11.53 -1.45
C ILE A 434 21.22 -12.86 -2.15
N ALA A 435 21.24 -12.85 -3.47
CA ALA A 435 21.39 -14.08 -4.24
C ALA A 435 22.11 -13.78 -5.54
N TRP A 436 23.00 -14.70 -5.93
CA TRP A 436 23.73 -14.54 -7.18
C TRP A 436 24.01 -15.90 -7.82
N ASN A 437 24.11 -15.89 -9.14
CA ASN A 437 24.36 -17.11 -9.90
C ASN A 437 25.78 -17.60 -9.68
N SER A 438 25.93 -18.90 -9.46
CA SER A 438 27.24 -19.50 -9.25
C SER A 438 27.36 -20.76 -10.09
N ASN A 439 27.01 -20.66 -11.36
CA ASN A 439 27.16 -21.80 -12.27
C ASN A 439 28.62 -22.11 -12.53
N ASN A 440 29.51 -21.16 -12.27
CA ASN A 440 30.92 -21.33 -12.56
C ASN A 440 31.68 -22.02 -11.43
N LEU A 441 31.04 -22.27 -10.29
CA LEU A 441 31.70 -22.88 -9.16
C LEU A 441 31.03 -24.13 -8.64
N ASP A 442 29.72 -24.31 -8.87
CA ASP A 442 28.99 -25.40 -8.25
C ASP A 442 28.48 -26.42 -9.26
N SER A 443 29.01 -26.44 -10.47
CA SER A 443 28.59 -27.42 -11.46
C SER A 443 29.81 -28.09 -12.09
N LYS A 444 29.71 -29.40 -12.27
CA LYS A 444 30.72 -30.17 -13.00
C LYS A 444 30.10 -30.71 -14.27
N VAL A 445 30.96 -31.14 -15.19
CA VAL A 445 30.49 -31.63 -16.48
C VAL A 445 29.79 -32.98 -16.36
N GLY A 446 30.07 -33.74 -15.31
CA GLY A 446 29.34 -34.98 -15.11
C GLY A 446 28.11 -34.78 -14.22
N GLY A 447 28.09 -33.67 -13.49
CA GLY A 447 27.01 -33.39 -12.56
C GLY A 447 27.60 -33.14 -11.19
N ASN A 448 26.87 -32.37 -10.39
CA ASN A 448 27.28 -32.06 -9.02
C ASN A 448 26.18 -32.48 -8.08
N TYR A 449 26.36 -33.62 -7.42
CA TYR A 449 25.36 -34.18 -6.53
C TYR A 449 25.74 -33.99 -5.06
N ASN A 450 26.46 -32.91 -4.76
CA ASN A 450 26.82 -32.60 -3.38
C ASN A 450 25.74 -31.83 -2.65
N TYR A 451 24.91 -31.08 -3.37
CA TYR A 451 23.89 -30.25 -2.76
C TYR A 451 22.56 -30.99 -2.72
N LEU A 452 21.98 -31.09 -1.53
CA LEU A 452 20.75 -31.84 -1.33
C LEU A 452 19.62 -30.92 -0.88
N TYR A 453 18.42 -31.45 -0.90
CA TYR A 453 17.25 -30.75 -0.39
C TYR A 453 16.23 -31.76 0.09
N ARG A 454 15.39 -31.35 1.03
CA ARG A 454 14.35 -32.22 1.55
C ARG A 454 13.12 -32.14 0.68
N LEU A 455 12.58 -33.29 0.31
CA LEU A 455 11.44 -33.35 -0.60
C LEU A 455 10.14 -33.78 0.09
N PHE A 456 10.22 -34.50 1.20
CA PHE A 456 9.04 -34.97 1.91
C PHE A 456 9.14 -34.57 3.38
N ARG A 457 7.99 -34.18 3.95
CA ARG A 457 7.91 -33.89 5.37
C ARG A 457 6.45 -33.96 5.79
N LYS A 458 6.24 -34.27 7.07
CA LYS A 458 4.88 -34.41 7.60
C LYS A 458 4.21 -33.07 7.86
N SER A 459 4.98 -32.00 8.05
CA SER A 459 4.40 -30.69 8.28
C SER A 459 5.40 -29.64 7.83
N ASN A 460 4.89 -28.43 7.60
CA ASN A 460 5.75 -27.33 7.24
C ASN A 460 6.67 -26.97 8.40
N LEU A 461 7.76 -26.28 8.07
CA LEU A 461 8.70 -25.83 9.07
C LEU A 461 8.20 -24.58 9.77
N LYS A 462 8.75 -24.32 10.94
CA LYS A 462 8.57 -23.04 11.60
C LYS A 462 9.63 -22.06 11.14
N PRO A 463 9.40 -20.77 11.27
CA PRO A 463 10.41 -19.80 10.84
C PRO A 463 11.76 -20.02 11.50
N PHE A 464 12.80 -20.05 10.66
CA PHE A 464 14.20 -20.20 11.11
C PHE A 464 14.41 -21.50 11.86
N GLU A 465 13.72 -22.56 11.45
CA GLU A 465 13.91 -23.89 12.00
C GLU A 465 14.64 -24.76 10.99
N ARG A 466 15.45 -25.69 11.50
CA ARG A 466 16.32 -26.51 10.66
C ARG A 466 16.12 -27.98 10.99
N ASP A 467 15.85 -28.79 9.97
CA ASP A 467 15.59 -30.22 10.13
C ASP A 467 16.64 -31.00 9.35
N ILE A 468 17.47 -31.75 10.06
CA ILE A 468 18.54 -32.50 9.41
C ILE A 468 18.36 -34.00 9.61
N SER A 469 17.15 -34.40 9.98
CA SER A 469 16.84 -35.81 10.16
C SER A 469 16.76 -36.53 8.83
N THR A 470 17.01 -37.84 8.86
CA THR A 470 17.01 -38.66 7.64
C THR A 470 16.24 -39.96 7.88
N GLU A 471 15.10 -39.88 8.55
CA GLU A 471 14.25 -41.04 8.71
C GLU A 471 13.45 -41.28 7.45
N ILE A 472 13.06 -42.53 7.23
CA ILE A 472 12.30 -42.89 6.03
C ILE A 472 10.90 -42.31 6.13
N TYR A 473 10.47 -41.61 5.09
CA TYR A 473 9.17 -40.97 5.09
C TYR A 473 8.11 -41.96 4.63
N GLN A 474 7.11 -42.18 5.48
CA GLN A 474 6.01 -43.09 5.17
C GLN A 474 4.91 -42.31 4.47
N ALA A 475 4.74 -42.55 3.18
CA ALA A 475 3.73 -41.85 2.40
C ALA A 475 2.45 -42.66 2.25
N GLY A 476 2.51 -43.96 2.49
CA GLY A 476 1.36 -44.82 2.29
C GLY A 476 0.63 -45.13 3.58
N SER A 477 0.12 -46.36 3.69
CA SER A 477 -0.64 -46.80 4.85
C SER A 477 0.02 -47.99 5.52
N THR A 478 1.35 -48.05 5.54
CA THR A 478 2.07 -49.17 6.14
C THR A 478 3.36 -48.70 6.79
N PRO A 479 3.70 -49.21 7.96
CA PRO A 479 5.02 -48.94 8.54
C PRO A 479 6.12 -49.44 7.62
N CYS A 480 7.18 -48.64 7.52
CA CYS A 480 8.32 -48.97 6.66
C CYS A 480 9.51 -49.58 7.40
N ASN A 481 9.52 -49.51 8.72
CA ASN A 481 10.59 -50.12 9.50
C ASN A 481 11.97 -49.66 9.06
N GLY A 482 12.05 -48.50 8.42
CA GLY A 482 13.31 -47.99 7.91
C GLY A 482 14.00 -48.86 6.90
N VAL A 483 13.29 -49.33 5.87
CA VAL A 483 13.91 -50.13 4.81
C VAL A 483 13.76 -49.50 3.44
N GLU A 484 12.98 -48.43 3.31
CA GLU A 484 12.84 -47.70 2.06
C GLU A 484 12.32 -48.60 0.94
N GLY A 485 11.10 -49.10 1.11
CA GLY A 485 10.49 -49.95 0.09
C GLY A 485 9.55 -49.19 -0.82
N PHE A 486 8.34 -49.70 -0.97
CA PHE A 486 7.33 -49.09 -1.83
C PHE A 486 6.44 -48.20 -0.97
N ASN A 487 6.17 -46.98 -1.43
CA ASN A 487 5.41 -45.98 -0.69
C ASN A 487 6.12 -45.57 0.60
N CYS A 488 7.42 -45.80 0.66
CA CYS A 488 8.27 -45.27 1.73
C CYS A 488 9.55 -44.76 1.11
N TYR A 489 9.79 -43.46 1.21
CA TYR A 489 10.85 -42.81 0.46
C TYR A 489 11.96 -42.31 1.38
N PHE A 490 13.13 -42.12 0.81
CA PHE A 490 14.16 -41.38 1.48
C PHE A 490 13.85 -39.89 1.38
N PRO A 491 13.95 -39.13 2.46
CA PRO A 491 13.43 -37.76 2.45
C PRO A 491 14.25 -36.80 1.61
N LEU A 492 15.56 -37.01 1.52
CA LEU A 492 16.44 -36.07 0.84
C LEU A 492 16.70 -36.49 -0.59
N GLN A 493 16.73 -35.53 -1.48
CA GLN A 493 17.11 -35.75 -2.87
C GLN A 493 18.22 -34.79 -3.22
N SER A 494 18.77 -34.94 -4.41
CA SER A 494 19.98 -34.22 -4.80
C SER A 494 19.74 -33.36 -6.03
N TYR A 495 20.29 -32.16 -6.02
CA TYR A 495 20.32 -31.31 -7.20
C TYR A 495 21.36 -31.86 -8.17
N GLY A 496 21.01 -31.90 -9.45
CA GLY A 496 22.01 -32.23 -10.45
C GLY A 496 22.44 -31.03 -11.24
N PHE A 497 23.60 -30.48 -10.93
CA PHE A 497 24.05 -29.21 -11.50
C PHE A 497 25.09 -29.47 -12.58
N GLN A 498 24.68 -29.29 -13.83
CA GLN A 498 25.59 -29.38 -14.96
C GLN A 498 25.67 -28.04 -15.66
N PRO A 499 26.83 -27.67 -16.20
CA PRO A 499 26.99 -26.32 -16.76
C PRO A 499 26.16 -26.06 -18.01
N THR A 500 25.47 -27.06 -18.53
CA THR A 500 24.63 -26.91 -19.71
C THR A 500 23.16 -26.98 -19.34
N ASN A 501 22.81 -26.53 -18.15
CA ASN A 501 21.42 -26.45 -17.72
C ASN A 501 20.82 -25.12 -18.15
N GLY A 502 19.50 -25.08 -18.23
CA GLY A 502 18.82 -23.82 -18.36
C GLY A 502 19.08 -22.95 -17.16
N VAL A 503 18.88 -21.64 -17.34
CA VAL A 503 19.18 -20.71 -16.25
C VAL A 503 18.32 -21.03 -15.04
N GLY A 504 17.13 -21.57 -15.24
CA GLY A 504 16.27 -21.91 -14.12
C GLY A 504 16.72 -23.14 -13.36
N TYR A 505 17.70 -23.87 -13.89
CA TYR A 505 18.21 -25.06 -13.23
C TYR A 505 19.66 -24.91 -12.79
N GLN A 506 20.24 -23.73 -12.92
CA GLN A 506 21.61 -23.49 -12.52
C GLN A 506 21.66 -23.10 -11.05
N PRO A 507 22.77 -23.36 -10.36
CA PRO A 507 22.81 -23.10 -8.93
C PRO A 507 22.97 -21.63 -8.61
N TYR A 508 22.32 -21.22 -7.52
CA TYR A 508 22.41 -19.86 -7.01
C TYR A 508 22.82 -19.91 -5.56
N ARG A 509 23.74 -19.04 -5.17
CA ARG A 509 24.16 -18.90 -3.79
C ARG A 509 23.34 -17.81 -3.14
N VAL A 510 22.83 -18.10 -1.94
CA VAL A 510 21.90 -17.22 -1.23
C VAL A 510 22.45 -16.94 0.16
N VAL A 511 22.48 -15.66 0.52
CA VAL A 511 22.84 -15.18 1.84
C VAL A 511 21.70 -14.32 2.37
N VAL A 512 21.24 -14.62 3.58
CA VAL A 512 20.16 -13.91 4.23
C VAL A 512 20.73 -13.26 5.49
N LEU A 513 20.77 -11.93 5.50
CA LEU A 513 21.24 -11.17 6.65
C LEU A 513 20.05 -10.74 7.48
N SER A 514 20.11 -11.01 8.78
CA SER A 514 19.03 -10.71 9.71
C SER A 514 19.57 -9.94 10.90
N PHE A 515 18.88 -8.87 11.29
CA PHE A 515 19.33 -7.98 12.35
C PHE A 515 18.13 -7.27 12.96
N GLU A 516 18.37 -6.49 14.00
CA GLU A 516 17.38 -5.60 14.60
C GLU A 516 17.93 -4.18 14.62
N LEU A 517 17.03 -3.21 14.74
CA LEU A 517 17.36 -1.80 14.57
C LEU A 517 16.81 -0.97 15.73
N LEU A 518 17.70 -0.22 16.39
CA LEU A 518 17.35 0.92 17.24
C LEU A 518 16.62 0.55 18.53
N HIS A 519 16.95 -0.57 19.15
CA HIS A 519 16.37 -0.87 20.46
C HIS A 519 17.38 -1.29 21.50
N ALA A 520 18.48 -1.93 21.12
CA ALA A 520 19.41 -2.50 22.08
C ALA A 520 20.82 -2.05 21.70
N PRO A 521 21.83 -2.36 22.52
CA PRO A 521 23.21 -2.03 22.12
C PRO A 521 23.62 -2.75 20.85
N ALA A 522 24.27 -2.02 19.95
CA ALA A 522 24.67 -2.56 18.66
C ALA A 522 26.18 -2.51 18.53
N THR A 523 26.73 -3.35 17.66
CA THR A 523 28.17 -3.43 17.49
C THR A 523 28.63 -3.46 16.04
N VAL A 524 27.73 -3.32 15.07
CA VAL A 524 28.16 -3.40 13.68
C VAL A 524 28.40 -2.00 13.12
N CYS A 525 27.34 -1.19 13.06
CA CYS A 525 27.46 0.17 12.54
C CYS A 525 27.88 0.18 11.09
N GLY A 526 27.96 1.37 10.50
CA GLY A 526 28.36 1.51 9.11
C GLY A 526 29.71 2.18 8.96
N PRO A 527 29.86 3.00 7.92
CA PRO A 527 31.12 3.69 7.66
C PRO A 527 31.13 5.12 8.21
N LYS A 528 30.00 5.57 8.73
CA LYS A 528 29.88 6.91 9.29
C LYS A 528 31.01 7.20 10.28
N LYS A 529 31.38 8.47 10.38
CA LYS A 529 32.44 8.88 11.29
C LYS A 529 31.89 9.74 12.42
N SER A 530 32.43 9.52 13.62
CA SER A 530 31.97 10.23 14.80
C SER A 530 32.57 11.62 14.99
N THR A 531 31.94 12.38 15.87
CA THR A 531 32.34 13.73 16.19
C THR A 531 32.49 13.84 17.70
N ASN A 532 32.66 15.05 18.21
CA ASN A 532 32.72 15.25 19.65
C ASN A 532 31.33 15.49 20.21
N LEU A 533 31.25 15.47 21.54
CA LEU A 533 30.00 15.61 22.26
C LEU A 533 29.83 17.06 22.68
N VAL A 534 28.81 17.72 22.14
CA VAL A 534 28.46 19.09 22.50
C VAL A 534 27.24 19.05 23.40
N LYS A 535 27.40 19.51 24.63
CA LYS A 535 26.33 19.50 25.61
C LYS A 535 25.84 20.92 25.84
N ASN A 536 24.61 21.03 26.36
CA ASN A 536 23.99 22.29 26.74
C ASN A 536 23.71 23.19 25.53
N LYS A 537 23.48 22.61 24.36
CA LYS A 537 23.17 23.38 23.16
C LYS A 537 22.17 22.61 22.33
N CYS A 538 21.52 23.32 21.41
CA CYS A 538 20.58 22.68 20.50
C CYS A 538 21.34 22.12 19.30
N VAL A 539 21.33 20.79 19.16
CA VAL A 539 22.07 20.13 18.10
C VAL A 539 21.19 19.06 17.46
N ASN A 540 21.46 18.77 16.20
CA ASN A 540 21.03 17.51 15.62
C ASN A 540 21.98 16.41 16.05
N PHE A 541 21.45 15.26 16.41
CA PHE A 541 22.30 14.18 16.88
C PHE A 541 21.97 12.89 16.15
N ASN A 542 22.98 12.02 16.08
CA ASN A 542 22.85 10.68 15.54
C ASN A 542 23.56 9.74 16.50
N PHE A 543 22.79 9.07 17.35
CA PHE A 543 23.32 8.12 18.33
C PHE A 543 23.02 6.71 17.87
N ASN A 544 24.05 5.98 17.43
CA ASN A 544 23.91 4.60 17.00
C ASN A 544 22.86 4.43 15.91
N GLY A 545 22.70 5.43 15.06
CA GLY A 545 21.71 5.38 14.01
C GLY A 545 20.42 6.09 14.32
N LEU A 546 20.13 6.37 15.58
CA LEU A 546 18.93 7.07 15.99
C LEU A 546 19.15 8.57 15.87
N THR A 547 18.40 9.22 14.99
CA THR A 547 18.57 10.63 14.71
C THR A 547 17.58 11.46 15.52
N GLY A 548 17.90 12.72 15.70
CA GLY A 548 16.99 13.61 16.40
C GLY A 548 17.54 15.00 16.54
N THR A 549 16.81 15.81 17.30
CA THR A 549 17.18 17.20 17.58
C THR A 549 16.89 17.50 19.03
N GLY A 550 17.78 18.24 19.67
CA GLY A 550 17.50 18.66 21.03
C GLY A 550 18.76 19.09 21.77
N VAL A 551 18.62 19.17 23.08
CA VAL A 551 19.68 19.59 23.99
C VAL A 551 20.08 18.38 24.81
N LEU A 552 21.39 18.13 24.91
CA LEU A 552 21.92 17.00 25.65
C LEU A 552 22.52 17.49 26.96
N THR A 553 22.15 16.84 28.06
CA THR A 553 22.65 17.23 29.36
C THR A 553 23.05 15.98 30.14
N GLU A 554 23.90 16.17 31.14
CA GLU A 554 24.33 15.06 31.97
C GLU A 554 23.17 14.54 32.81
N SER A 555 23.13 13.23 33.02
CA SER A 555 21.96 12.59 33.58
C SER A 555 22.29 11.91 34.90
N ASN A 556 21.24 11.60 35.66
CA ASN A 556 21.35 10.83 36.89
C ASN A 556 20.73 9.45 36.78
N LYS A 557 20.01 9.16 35.70
CA LYS A 557 19.50 7.82 35.47
C LYS A 557 20.68 6.87 35.33
N LYS A 558 20.43 5.60 35.64
CA LYS A 558 21.49 4.60 35.65
C LYS A 558 20.98 3.34 35.01
N PHE A 559 21.48 3.04 33.82
CA PHE A 559 20.96 1.95 33.00
C PHE A 559 21.53 0.62 33.44
N LEU A 560 20.75 -0.44 33.24
CA LEU A 560 21.28 -1.78 33.36
C LEU A 560 22.18 -2.06 32.16
N PRO A 561 23.10 -3.02 32.26
CA PRO A 561 24.08 -3.22 31.19
C PRO A 561 23.46 -3.58 29.84
N PHE A 562 22.25 -4.12 29.80
CA PHE A 562 21.62 -4.49 28.55
C PHE A 562 20.74 -3.41 27.96
N GLN A 563 20.86 -2.17 28.43
CA GLN A 563 20.01 -1.07 27.99
C GLN A 563 20.85 0.00 27.31
N GLN A 564 20.27 0.61 26.28
CA GLN A 564 20.95 1.67 25.54
C GLN A 564 20.12 2.94 25.44
N PHE A 565 18.80 2.84 25.30
CA PHE A 565 17.92 3.98 25.17
C PHE A 565 16.93 4.01 26.32
N GLY A 566 16.43 5.19 26.62
CA GLY A 566 15.38 5.37 27.62
C GLY A 566 14.22 6.13 27.04
N ARG A 567 13.01 5.70 27.40
CA ARG A 567 11.79 6.27 26.82
C ARG A 567 10.86 6.76 27.92
N ASP A 568 10.13 7.82 27.61
CA ASP A 568 9.14 8.38 28.52
C ASP A 568 7.76 7.81 28.23
N ILE A 569 6.73 8.41 28.82
CA ILE A 569 5.39 7.87 28.69
C ILE A 569 4.83 8.06 27.29
N ALA A 570 5.20 9.15 26.61
CA ALA A 570 4.81 9.34 25.22
C ALA A 570 5.67 8.52 24.26
N ASP A 571 6.55 7.66 24.78
CA ASP A 571 7.38 6.74 24.00
C ASP A 571 8.44 7.44 23.18
N THR A 572 8.76 8.69 23.48
CA THR A 572 9.87 9.36 22.84
C THR A 572 11.15 9.08 23.61
N THR A 573 12.26 9.02 22.88
CA THR A 573 13.55 8.77 23.50
C THR A 573 14.00 10.01 24.25
N ASP A 574 14.14 9.90 25.56
CA ASP A 574 14.55 11.02 26.38
C ASP A 574 15.87 10.80 27.10
N ALA A 575 16.45 9.61 27.02
CA ALA A 575 17.78 9.36 27.57
C ALA A 575 18.52 8.43 26.63
N VAL A 576 19.85 8.53 26.65
CA VAL A 576 20.67 7.70 25.77
C VAL A 576 22.01 7.47 26.44
N ARG A 577 22.59 6.30 26.21
CA ARG A 577 23.93 6.02 26.69
C ARG A 577 24.94 6.30 25.58
N ASP A 578 25.91 7.15 25.87
CA ASP A 578 26.90 7.49 24.86
C ASP A 578 27.75 6.27 24.54
N PRO A 579 27.88 5.88 23.28
CA PRO A 579 28.52 4.61 22.95
C PRO A 579 30.03 4.60 23.09
N GLN A 580 30.67 5.74 23.34
CA GLN A 580 32.10 5.78 23.50
C GLN A 580 32.55 6.07 24.93
N THR A 581 31.85 6.95 25.64
CA THR A 581 32.20 7.25 27.03
C THR A 581 31.33 6.50 28.03
N LEU A 582 30.27 5.83 27.57
CA LEU A 582 29.40 5.01 28.41
C LEU A 582 28.73 5.84 29.50
N GLU A 583 28.45 7.10 29.21
CA GLU A 583 27.76 7.97 30.14
C GLU A 583 26.35 8.22 29.66
N ILE A 584 25.44 8.38 30.61
CA ILE A 584 24.03 8.58 30.30
C ILE A 584 23.77 10.06 30.10
N LEU A 585 22.96 10.38 29.10
CA LEU A 585 22.61 11.75 28.76
C LEU A 585 21.11 11.87 28.64
N ASP A 586 20.58 13.02 29.05
CA ASP A 586 19.19 13.36 28.85
C ASP A 586 19.03 14.24 27.63
N ILE A 587 17.96 13.98 26.88
CA ILE A 587 17.64 14.70 25.66
C ILE A 587 16.38 15.50 25.91
N THR A 588 16.49 16.83 25.86
CA THR A 588 15.36 17.70 26.10
C THR A 588 15.03 18.47 24.83
N PRO A 589 13.75 18.62 24.50
CA PRO A 589 13.39 19.34 23.29
C PRO A 589 13.86 20.79 23.31
N CYS A 590 13.74 21.46 22.17
CA CYS A 590 14.35 22.77 22.03
C CYS A 590 13.35 23.91 22.01
N SER A 591 12.13 23.67 21.54
CA SER A 591 11.10 24.70 21.46
C SER A 591 10.22 24.65 22.69
N PHE A 592 9.83 25.83 23.19
CA PHE A 592 9.14 25.93 24.47
C PHE A 592 8.63 27.34 24.67
N GLY A 593 7.39 27.48 25.12
CA GLY A 593 6.86 28.78 25.49
C GLY A 593 5.94 29.39 24.45
N GLY A 594 4.81 29.90 24.92
CA GLY A 594 3.83 30.50 24.04
C GLY A 594 4.13 31.96 23.75
N VAL A 595 3.58 32.45 22.65
CA VAL A 595 3.82 33.81 22.17
C VAL A 595 2.51 34.38 21.65
N SER A 596 2.22 35.62 22.03
CA SER A 596 1.06 36.33 21.51
C SER A 596 1.48 37.70 21.00
N VAL A 597 0.76 38.20 20.02
CA VAL A 597 1.06 39.48 19.41
C VAL A 597 -0.15 40.40 19.60
N ILE A 598 0.12 41.61 20.08
CA ILE A 598 -0.88 42.61 20.37
C ILE A 598 -0.79 43.69 19.32
N THR A 599 -1.85 43.87 18.54
CA THR A 599 -1.87 44.90 17.52
C THR A 599 -3.04 45.84 17.72
N PRO A 600 -2.83 47.14 17.47
CA PRO A 600 -3.94 48.09 17.42
C PRO A 600 -4.69 48.09 16.10
N GLY A 601 -4.46 47.10 15.25
CA GLY A 601 -5.05 47.06 13.93
C GLY A 601 -4.11 47.62 12.89
N THR A 602 -3.94 46.89 11.79
CA THR A 602 -3.01 47.33 10.76
C THR A 602 -3.63 48.38 9.87
N ASN A 603 -4.87 48.78 10.15
CA ASN A 603 -5.49 49.88 9.43
C ASN A 603 -5.25 51.19 10.15
N THR A 604 -4.47 51.15 11.23
CA THR A 604 -4.12 52.32 12.03
C THR A 604 -2.62 52.45 12.20
N SER A 605 -1.91 51.34 12.33
CA SER A 605 -0.46 51.33 12.46
C SER A 605 0.05 49.90 12.37
N ASN A 606 1.32 49.75 12.04
CA ASN A 606 1.97 48.45 12.08
C ASN A 606 2.91 48.31 13.27
N GLN A 607 2.73 49.15 14.29
CA GLN A 607 3.36 48.92 15.58
C GLN A 607 2.68 47.75 16.25
N VAL A 608 3.46 46.90 16.91
CA VAL A 608 2.93 45.76 17.63
C VAL A 608 3.69 45.62 18.95
N ALA A 609 3.07 44.89 19.87
CA ALA A 609 3.76 44.45 21.08
C ALA A 609 3.73 42.93 21.11
N VAL A 610 4.67 42.32 21.80
CA VAL A 610 4.77 40.87 21.83
C VAL A 610 4.81 40.41 23.27
N LEU A 611 3.98 39.43 23.61
CA LEU A 611 3.91 38.87 24.94
C LEU A 611 4.48 37.46 24.92
N TYR A 612 5.60 37.27 25.60
CA TYR A 612 6.21 35.97 25.78
C TYR A 612 5.70 35.40 27.09
N GLN A 613 4.82 34.42 26.99
CA GLN A 613 4.05 33.97 28.13
C GLN A 613 4.83 33.05 29.07
N ASP A 614 6.13 32.87 28.84
CA ASP A 614 6.90 31.96 29.67
C ASP A 614 8.29 32.50 30.00
N VAL A 615 8.46 33.80 29.90
CA VAL A 615 9.75 34.42 30.19
C VAL A 615 9.66 35.36 31.39
N ASN A 616 10.73 35.40 32.18
CA ASN A 616 10.78 36.25 33.36
C ASN A 616 12.07 37.05 33.37
N CYS A 617 11.98 38.31 32.97
CA CYS A 617 13.16 39.17 32.91
C CYS A 617 13.27 40.16 34.06
N THR A 618 14.35 40.03 34.83
CA THR A 618 14.57 40.94 35.96
C THR A 618 16.05 41.10 36.26
N TRP A 633 17.80 36.21 26.94
CA TRP A 633 16.45 35.73 27.10
C TRP A 633 15.97 34.99 25.86
N ARG A 634 14.91 34.20 26.01
CA ARG A 634 14.32 33.49 24.89
C ARG A 634 13.27 34.37 24.23
N VAL A 635 13.73 35.45 23.60
CA VAL A 635 12.87 36.41 22.93
C VAL A 635 13.39 36.61 21.51
N TYR A 636 12.51 37.09 20.63
CA TYR A 636 12.89 37.40 19.26
C TYR A 636 13.66 38.70 19.17
N SER A 637 13.28 39.70 19.95
CA SER A 637 13.91 41.01 19.96
C SER A 637 13.86 41.56 21.37
N THR A 638 14.61 42.62 21.63
CA THR A 638 14.63 43.20 22.97
C THR A 638 14.19 44.65 23.01
N GLY A 639 14.39 45.41 21.93
CA GLY A 639 13.92 46.79 21.81
C GLY A 639 14.04 47.61 23.08
N SER A 640 12.97 48.33 23.41
CA SER A 640 12.86 49.02 24.69
C SER A 640 11.46 48.76 25.22
N ASN A 641 11.18 49.33 26.39
CA ASN A 641 9.91 49.08 27.08
C ASN A 641 9.72 47.58 27.32
N VAL A 642 10.58 46.99 28.13
CA VAL A 642 10.36 45.64 28.62
C VAL A 642 9.61 45.72 29.94
N PHE A 643 8.48 45.03 30.03
CA PHE A 643 7.60 45.13 31.19
C PHE A 643 7.17 43.73 31.59
N GLN A 644 7.43 43.35 32.83
CA GLN A 644 7.15 42.01 33.31
C GLN A 644 5.74 41.95 33.90
N THR A 645 5.03 40.87 33.62
CA THR A 645 3.67 40.65 34.07
C THR A 645 3.51 39.22 34.54
N ARG A 646 2.48 38.99 35.36
CA ARG A 646 2.15 37.63 35.75
C ARG A 646 1.59 36.82 34.59
N ALA A 647 1.46 37.43 33.41
CA ALA A 647 1.12 36.72 32.20
C ALA A 647 2.30 36.55 31.26
N GLY A 648 3.46 37.10 31.60
CA GLY A 648 4.64 36.95 30.80
C GLY A 648 5.36 38.26 30.61
N CYS A 649 6.38 38.24 29.77
CA CYS A 649 7.17 39.43 29.48
C CYS A 649 6.59 40.13 28.27
N LEU A 650 6.21 41.39 28.42
CA LEU A 650 5.62 42.17 27.35
C LEU A 650 6.69 43.12 26.81
N ILE A 651 6.89 43.10 25.50
CA ILE A 651 7.94 43.86 24.84
C ILE A 651 7.32 44.70 23.75
N GLY A 652 7.51 46.01 23.85
CA GLY A 652 6.99 46.95 22.87
C GLY A 652 5.92 47.87 23.38
N ALA A 653 5.56 47.79 24.66
CA ALA A 653 4.51 48.63 25.23
C ALA A 653 5.03 49.29 26.50
N GLU A 654 4.65 50.55 26.68
CA GLU A 654 5.13 51.34 27.81
C GLU A 654 4.18 51.23 28.98
N HIS A 655 4.73 51.00 30.17
CA HIS A 655 3.93 50.84 31.37
C HIS A 655 3.61 52.20 31.98
N VAL A 656 2.33 52.42 32.27
CA VAL A 656 1.86 53.65 32.87
C VAL A 656 1.28 53.36 34.24
N ASN A 657 1.07 54.42 35.01
CA ASN A 657 0.53 54.27 36.36
C ASN A 657 -0.96 54.54 36.48
N ASN A 658 -1.60 54.98 35.40
CA ASN A 658 -3.02 55.24 35.45
C ASN A 658 -3.80 53.92 35.42
N SER A 659 -5.11 54.05 35.24
CA SER A 659 -5.98 52.89 35.13
C SER A 659 -7.23 53.30 34.39
N TYR A 660 -7.59 52.52 33.37
CA TYR A 660 -8.75 52.81 32.55
C TYR A 660 -9.57 51.53 32.42
N GLU A 661 -10.64 51.59 31.64
CA GLU A 661 -11.36 50.39 31.26
C GLU A 661 -10.53 49.57 30.30
N CYS A 662 -10.71 48.26 30.34
CA CYS A 662 -9.91 47.38 29.50
C CYS A 662 -10.18 47.65 28.03
N ASP A 663 -9.11 47.70 27.24
CA ASP A 663 -9.23 47.88 25.80
C ASP A 663 -8.84 46.62 25.06
N ILE A 664 -7.64 46.11 25.29
CA ILE A 664 -7.17 44.84 24.79
C ILE A 664 -6.72 44.04 25.99
N PRO A 665 -7.38 42.93 26.33
CA PRO A 665 -7.02 42.21 27.55
C PRO A 665 -5.76 41.39 27.36
N ILE A 666 -4.70 41.76 28.07
CA ILE A 666 -3.48 40.96 28.13
C ILE A 666 -3.64 39.80 29.09
N GLY A 667 -4.19 40.05 30.27
CA GLY A 667 -4.40 38.98 31.22
C GLY A 667 -3.83 39.30 32.58
N ALA A 668 -4.22 38.51 33.58
CA ALA A 668 -3.75 38.68 34.96
C ALA A 668 -3.97 40.09 35.46
N GLY A 669 -5.01 40.76 34.98
CA GLY A 669 -5.36 42.09 35.42
C GLY A 669 -4.79 43.21 34.58
N ILE A 670 -4.06 42.88 33.52
CA ILE A 670 -3.36 43.88 32.71
C ILE A 670 -4.03 43.99 31.35
N CYS A 671 -4.23 45.22 30.90
CA CYS A 671 -4.78 45.52 29.59
C CYS A 671 -3.82 46.44 28.85
N ALA A 672 -4.07 46.61 27.55
CA ALA A 672 -3.21 47.44 26.72
C ALA A 672 -4.06 48.26 25.76
N SER A 673 -3.52 49.39 25.32
CA SER A 673 -4.27 50.27 24.44
C SER A 673 -3.33 51.18 23.67
N TYR A 674 -3.81 51.65 22.53
CA TYR A 674 -3.05 52.54 21.64
C TYR A 674 -3.34 53.98 22.00
N GLN A 675 -2.62 54.51 22.98
CA GLN A 675 -2.81 55.88 23.43
C GLN A 675 -1.59 56.74 23.11
N THR A 676 -1.34 57.74 23.95
CA THR A 676 -0.22 58.65 23.77
C THR A 676 0.62 58.74 25.03
N GLN A 690 1.97 58.71 18.98
CA GLN A 690 1.17 57.60 19.47
C GLN A 690 2.07 56.40 19.75
N SER A 691 1.62 55.56 20.67
CA SER A 691 2.35 54.39 21.11
C SER A 691 1.39 53.43 21.79
N ILE A 692 1.91 52.29 22.22
CA ILE A 692 1.12 51.26 22.90
C ILE A 692 1.47 51.30 24.37
N ILE A 693 0.45 51.38 25.22
CA ILE A 693 0.62 51.46 26.65
C ILE A 693 -0.04 50.25 27.30
N ALA A 694 0.48 49.87 28.45
CA ALA A 694 -0.03 48.75 29.22
C ALA A 694 -0.30 49.21 30.64
N TYR A 695 -1.44 48.84 31.18
CA TYR A 695 -1.86 49.33 32.49
C TYR A 695 -2.63 48.25 33.22
N THR A 696 -2.92 48.52 34.49
CA THR A 696 -3.80 47.68 35.29
C THR A 696 -5.22 48.20 35.17
N MET A 697 -6.14 47.32 34.81
CA MET A 697 -7.51 47.74 34.58
C MET A 697 -8.16 48.16 35.90
N SER A 698 -9.04 49.15 35.80
CA SER A 698 -9.78 49.64 36.95
C SER A 698 -11.13 48.96 37.03
N LEU A 699 -11.56 48.64 38.24
CA LEU A 699 -12.82 47.97 38.45
C LEU A 699 -14.00 48.93 38.43
N GLY A 700 -13.77 50.18 38.78
CA GLY A 700 -14.82 51.17 38.83
C GLY A 700 -14.51 52.26 39.83
N ALA A 701 -15.36 53.27 39.81
CA ALA A 701 -15.20 54.40 40.70
C ALA A 701 -15.46 54.00 42.14
N GLU A 702 -14.69 54.57 43.06
CA GLU A 702 -14.84 54.27 44.47
C GLU A 702 -15.97 55.10 45.06
N ASN A 703 -16.65 54.50 46.04
CA ASN A 703 -17.84 55.13 46.60
C ASN A 703 -17.95 54.70 48.06
N SER A 704 -18.63 55.54 48.83
CA SER A 704 -18.83 55.28 50.26
C SER A 704 -20.24 55.71 50.62
N VAL A 705 -20.90 54.90 51.44
CA VAL A 705 -22.26 55.16 51.87
C VAL A 705 -22.20 55.76 53.27
N ALA A 706 -22.96 56.83 53.48
CA ALA A 706 -22.97 57.53 54.76
C ALA A 706 -23.88 56.80 55.74
N TYR A 707 -23.44 55.62 56.17
CA TYR A 707 -24.23 54.79 57.04
C TYR A 707 -24.14 55.26 58.48
N SER A 708 -25.30 55.42 59.11
CA SER A 708 -25.39 55.63 60.54
C SER A 708 -26.60 54.85 61.04
N ASN A 709 -26.75 54.75 62.36
CA ASN A 709 -27.80 53.93 62.93
C ASN A 709 -29.15 54.63 62.99
N ASN A 710 -29.22 55.92 62.66
CA ASN A 710 -30.52 56.58 62.57
C ASN A 710 -30.61 57.53 61.39
N SER A 711 -30.10 57.15 60.24
CA SER A 711 -30.14 58.02 59.07
C SER A 711 -30.69 57.24 57.90
N ILE A 712 -31.57 57.88 57.13
CA ILE A 712 -32.18 57.25 55.97
C ILE A 712 -32.15 58.25 54.83
N ALA A 713 -32.16 57.74 53.60
CA ALA A 713 -32.19 58.58 52.41
C ALA A 713 -33.42 58.23 51.60
N ILE A 714 -34.24 59.23 51.29
CA ILE A 714 -35.50 59.01 50.60
C ILE A 714 -35.46 59.78 49.28
N PRO A 715 -35.88 59.18 48.18
CA PRO A 715 -35.90 59.91 46.91
C PRO A 715 -37.01 60.94 46.88
N THR A 716 -36.79 62.01 46.13
CA THR A 716 -37.78 63.05 45.98
C THR A 716 -38.26 63.24 44.55
N ASN A 717 -37.59 62.64 43.56
CA ASN A 717 -38.01 62.71 42.18
C ASN A 717 -37.75 61.34 41.55
N PHE A 718 -38.05 61.21 40.27
CA PHE A 718 -37.81 59.95 39.59
C PHE A 718 -37.45 60.23 38.13
N THR A 719 -37.03 59.18 37.45
CA THR A 719 -36.78 59.20 36.03
C THR A 719 -37.39 57.96 35.41
N ILE A 720 -37.94 58.12 34.21
CA ILE A 720 -38.47 57.01 33.44
C ILE A 720 -37.40 56.63 32.42
N SER A 721 -36.86 55.42 32.55
CA SER A 721 -35.76 54.98 31.72
C SER A 721 -36.24 53.92 30.74
N VAL A 722 -35.71 53.95 29.53
CA VAL A 722 -36.01 52.97 28.51
C VAL A 722 -34.70 52.37 28.02
N THR A 723 -34.58 51.05 28.08
CA THR A 723 -33.35 50.38 27.70
C THR A 723 -33.65 49.28 26.71
N THR A 724 -32.66 48.90 25.92
CA THR A 724 -32.82 47.85 24.94
C THR A 724 -32.10 46.58 25.38
N GLU A 725 -32.65 45.45 24.94
CA GLU A 725 -32.01 44.16 25.16
C GLU A 725 -32.20 43.31 23.91
N ILE A 726 -31.10 42.80 23.37
CA ILE A 726 -31.11 42.08 22.10
C ILE A 726 -30.90 40.60 22.37
N LEU A 727 -31.67 39.75 21.69
CA LEU A 727 -31.57 38.32 21.90
C LEU A 727 -31.69 37.57 20.59
N PRO A 728 -30.75 36.68 20.28
CA PRO A 728 -30.87 35.85 19.08
C PRO A 728 -31.92 34.76 19.26
N VAL A 729 -32.67 34.50 18.20
CA VAL A 729 -33.76 33.52 18.26
C VAL A 729 -33.59 32.39 17.26
N SER A 730 -32.98 32.61 16.11
CA SER A 730 -32.81 31.54 15.12
C SER A 730 -31.44 31.67 14.48
N MET A 731 -31.07 30.63 13.74
CA MET A 731 -29.92 30.68 12.87
C MET A 731 -30.31 30.11 11.52
N THR A 732 -29.37 30.12 10.58
CA THR A 732 -29.68 29.69 9.22
C THR A 732 -29.87 28.19 9.15
N LYS A 733 -30.90 27.77 8.42
CA LYS A 733 -31.17 26.36 8.17
C LYS A 733 -30.45 25.94 6.91
N THR A 734 -29.61 24.92 7.02
CA THR A 734 -28.82 24.46 5.89
C THR A 734 -29.07 22.99 5.64
N SER A 735 -28.71 22.56 4.44
CA SER A 735 -28.78 21.16 4.06
C SER A 735 -27.59 20.86 3.15
N VAL A 736 -27.19 19.59 3.13
CA VAL A 736 -25.99 19.17 2.43
C VAL A 736 -26.31 17.92 1.62
N ASP A 737 -25.87 17.91 0.36
CA ASP A 737 -25.89 16.72 -0.47
C ASP A 737 -24.51 16.07 -0.41
N CYS A 738 -24.41 14.93 0.29
CA CYS A 738 -23.14 14.23 0.39
C CYS A 738 -22.53 13.93 -0.97
N THR A 739 -23.30 13.29 -1.84
CA THR A 739 -22.72 12.83 -3.09
C THR A 739 -22.13 13.98 -3.87
N MET A 740 -22.81 15.13 -3.87
CA MET A 740 -22.33 16.26 -4.66
C MET A 740 -21.11 16.91 -4.01
N TYR A 741 -20.99 16.81 -2.69
CA TYR A 741 -19.84 17.43 -2.03
C TYR A 741 -18.62 16.54 -2.12
N ILE A 742 -18.79 15.25 -1.88
CA ILE A 742 -17.66 14.32 -1.84
C ILE A 742 -17.20 13.96 -3.24
N CYS A 743 -18.13 13.69 -4.15
CA CYS A 743 -17.76 13.16 -5.45
C CYS A 743 -17.95 14.14 -6.60
N GLY A 744 -19.00 14.94 -6.59
CA GLY A 744 -19.30 15.72 -7.78
C GLY A 744 -20.06 14.86 -8.77
N ASP A 745 -19.77 15.05 -10.06
CA ASP A 745 -20.37 14.25 -11.11
C ASP A 745 -19.54 13.02 -11.45
N SER A 746 -18.64 12.59 -10.56
CA SER A 746 -17.89 11.37 -10.74
C SER A 746 -18.76 10.16 -10.46
N THR A 747 -18.82 9.23 -11.41
CA THR A 747 -19.61 8.03 -11.22
C THR A 747 -18.82 6.94 -10.51
N GLU A 748 -17.51 6.89 -10.75
CA GLU A 748 -16.65 5.97 -10.03
C GLU A 748 -16.63 6.29 -8.54
N CYS A 749 -16.46 7.57 -8.20
CA CYS A 749 -16.51 7.96 -6.80
C CYS A 749 -17.86 7.65 -6.18
N SER A 750 -18.94 7.91 -6.91
CA SER A 750 -20.26 7.70 -6.34
C SER A 750 -20.54 6.23 -6.12
N ASN A 751 -19.99 5.36 -6.96
CA ASN A 751 -20.11 3.93 -6.71
C ASN A 751 -19.24 3.48 -5.55
N LEU A 752 -18.08 4.10 -5.39
CA LEU A 752 -17.23 3.76 -4.24
C LEU A 752 -17.83 4.25 -2.94
N LEU A 753 -18.67 5.28 -3.00
CA LEU A 753 -19.22 5.87 -1.79
C LEU A 753 -20.34 5.05 -1.18
N LEU A 754 -20.86 4.04 -1.90
CA LEU A 754 -22.02 3.31 -1.42
C LEU A 754 -21.72 2.48 -0.18
N GLN A 755 -20.48 2.46 0.29
CA GLN A 755 -20.15 1.82 1.56
C GLN A 755 -20.25 2.80 2.72
N TYR A 756 -20.67 4.03 2.45
CA TYR A 756 -20.77 5.05 3.48
C TYR A 756 -22.09 5.79 3.38
N GLY A 757 -23.18 5.09 3.06
CA GLY A 757 -24.47 5.75 2.93
C GLY A 757 -25.14 5.99 4.27
N SER A 758 -24.90 5.11 5.23
CA SER A 758 -25.45 5.31 6.57
C SER A 758 -24.95 6.62 7.17
N PHE A 759 -23.70 6.97 6.90
CA PHE A 759 -23.12 8.18 7.48
C PHE A 759 -23.78 9.43 6.91
N CYS A 760 -24.15 9.40 5.64
CA CYS A 760 -24.82 10.56 5.06
C CYS A 760 -26.28 10.65 5.48
N THR A 761 -26.97 9.52 5.59
CA THR A 761 -28.32 9.60 6.15
C THR A 761 -28.27 10.16 7.57
N GLN A 762 -27.23 9.80 8.32
CA GLN A 762 -27.09 10.31 9.68
C GLN A 762 -26.84 11.82 9.70
N LEU A 763 -25.92 12.28 8.85
CA LEU A 763 -25.66 13.71 8.77
C LEU A 763 -26.93 14.49 8.44
N ASN A 764 -27.68 14.02 7.43
CA ASN A 764 -28.86 14.76 7.03
C ASN A 764 -29.95 14.70 8.09
N ARG A 765 -30.05 13.59 8.81
CA ARG A 765 -30.98 13.53 9.94
C ARG A 765 -30.66 14.63 10.95
N ALA A 766 -29.39 14.76 11.32
CA ALA A 766 -29.01 15.79 12.28
C ALA A 766 -29.35 17.18 11.75
N LEU A 767 -29.03 17.44 10.49
CA LEU A 767 -29.28 18.79 9.96
C LEU A 767 -30.76 19.10 9.90
N THR A 768 -31.60 18.13 9.56
CA THR A 768 -33.03 18.39 9.54
C THR A 768 -33.59 18.61 10.94
N GLY A 769 -33.06 17.91 11.93
CA GLY A 769 -33.46 18.21 13.30
C GLY A 769 -33.21 19.66 13.65
N ILE A 770 -32.01 20.16 13.35
CA ILE A 770 -31.71 21.56 13.59
C ILE A 770 -32.68 22.46 12.84
N ALA A 771 -32.97 22.11 11.58
CA ALA A 771 -33.78 22.97 10.74
C ALA A 771 -35.20 23.12 11.27
N VAL A 772 -35.79 22.04 11.77
CA VAL A 772 -37.15 22.19 12.29
C VAL A 772 -37.12 22.85 13.67
N GLU A 773 -36.03 22.64 14.43
CA GLU A 773 -35.93 23.31 15.71
C GLU A 773 -35.92 24.82 15.55
N GLN A 774 -35.33 25.34 14.48
CA GLN A 774 -35.29 26.80 14.30
C GLN A 774 -36.70 27.39 14.18
N ASP A 775 -37.55 26.76 13.37
CA ASP A 775 -38.92 27.24 13.24
C ASP A 775 -39.67 27.10 14.55
N LYS A 776 -39.42 26.01 15.29
CA LYS A 776 -40.07 25.89 16.59
C LYS A 776 -39.66 27.01 17.52
N ASN A 777 -38.38 27.39 17.50
CA ASN A 777 -37.89 28.50 18.30
C ASN A 777 -38.67 29.77 18.01
N THR A 778 -38.72 30.15 16.72
CA THR A 778 -39.41 31.38 16.37
C THR A 778 -40.87 31.34 16.81
N GLN A 779 -41.50 30.17 16.71
CA GLN A 779 -42.89 30.06 17.11
C GLN A 779 -43.07 30.25 18.62
N GLU A 780 -42.17 29.68 19.43
CA GLU A 780 -42.33 29.89 20.86
C GLU A 780 -42.14 31.34 21.23
N VAL A 781 -41.24 32.05 20.56
CA VAL A 781 -41.01 33.42 20.95
C VAL A 781 -42.14 34.33 20.51
N PHE A 782 -42.53 34.27 19.24
CA PHE A 782 -43.40 35.32 18.70
C PHE A 782 -44.87 34.96 18.65
N ALA A 783 -45.23 33.68 18.64
CA ALA A 783 -46.61 33.27 18.45
C ALA A 783 -47.32 32.98 19.76
N GLN A 784 -47.01 33.76 20.80
CA GLN A 784 -47.60 33.52 22.11
C GLN A 784 -49.12 33.65 22.08
N VAL A 785 -49.63 34.72 21.47
CA VAL A 785 -51.06 34.98 21.41
C VAL A 785 -51.55 34.70 20.00
N LYS A 786 -52.77 34.15 19.91
CA LYS A 786 -53.36 33.83 18.62
C LYS A 786 -54.59 34.67 18.33
N GLN A 787 -54.57 35.93 18.72
CA GLN A 787 -55.53 36.92 18.29
C GLN A 787 -54.75 38.14 17.81
N ILE A 788 -55.03 38.56 16.59
CA ILE A 788 -54.29 39.65 15.99
C ILE A 788 -55.01 40.94 16.33
N TYR A 789 -54.63 41.54 17.45
CA TYR A 789 -55.24 42.78 17.89
C TYR A 789 -54.74 43.94 17.05
N LYS A 790 -55.62 44.89 16.76
CA LYS A 790 -55.25 46.14 16.13
C LYS A 790 -55.46 47.28 17.11
N THR A 791 -54.65 48.32 16.93
CA THR A 791 -54.84 49.48 17.78
C THR A 791 -55.80 50.46 17.11
N PRO A 792 -56.74 51.02 17.86
CA PRO A 792 -57.77 51.85 17.26
C PRO A 792 -57.17 53.15 16.74
N PRO A 793 -57.90 53.88 15.90
CA PRO A 793 -57.46 55.23 15.53
C PRO A 793 -57.55 56.24 16.66
N ILE A 794 -58.01 55.82 17.83
CA ILE A 794 -58.05 56.65 19.02
C ILE A 794 -56.65 56.66 19.61
N LYS A 795 -55.83 57.61 19.19
CA LYS A 795 -54.47 57.71 19.72
C LYS A 795 -54.45 58.64 20.91
N ASP A 796 -55.34 58.38 21.87
CA ASP A 796 -55.43 59.15 23.10
C ASP A 796 -54.96 58.26 24.24
N PHE A 797 -53.66 58.24 24.48
CA PHE A 797 -53.05 57.39 25.48
C PHE A 797 -52.54 58.17 26.67
N GLY A 798 -53.21 59.25 27.03
CA GLY A 798 -52.82 60.04 28.17
C GLY A 798 -51.62 60.93 27.98
N GLY A 799 -51.19 61.13 26.74
CA GLY A 799 -50.02 61.92 26.44
C GLY A 799 -48.82 61.13 26.01
N PHE A 800 -48.86 59.81 26.13
CA PHE A 800 -47.76 58.96 25.70
C PHE A 800 -47.81 58.78 24.20
N ASN A 801 -46.65 58.83 23.55
CA ASN A 801 -46.54 58.77 22.11
C ASN A 801 -45.87 57.46 21.72
N PHE A 802 -46.64 56.59 21.06
CA PHE A 802 -46.14 55.28 20.66
C PHE A 802 -45.95 55.21 19.15
N SER A 803 -45.71 56.35 18.51
CA SER A 803 -45.68 56.40 17.06
C SER A 803 -44.44 55.77 16.45
N GLN A 804 -43.32 55.70 17.17
CA GLN A 804 -42.11 55.14 16.61
C GLN A 804 -42.04 53.64 16.76
N ILE A 805 -42.92 53.02 17.54
CA ILE A 805 -42.93 51.57 17.71
C ILE A 805 -44.21 50.95 17.17
N LEU A 806 -45.10 51.73 16.64
CA LEU A 806 -46.31 51.19 16.05
C LEU A 806 -46.17 51.09 14.54
N PRO A 807 -46.88 50.16 13.90
CA PRO A 807 -46.70 49.93 12.47
C PRO A 807 -46.84 51.16 11.59
N ASP A 808 -46.07 51.21 10.52
CA ASP A 808 -46.12 52.29 9.55
C ASP A 808 -46.87 51.84 8.31
N PRO A 809 -48.11 52.27 8.08
CA PRO A 809 -48.84 51.83 6.89
C PRO A 809 -48.29 52.41 5.59
N SER A 810 -47.27 53.27 5.65
CA SER A 810 -46.72 53.90 4.46
C SER A 810 -45.61 53.06 3.83
N LYS A 811 -45.31 51.91 4.40
CA LYS A 811 -44.25 51.04 3.89
C LYS A 811 -44.88 49.91 3.08
N PRO A 812 -44.11 49.20 2.26
CA PRO A 812 -44.62 47.96 1.67
C PRO A 812 -44.95 46.95 2.75
N SER A 813 -44.00 46.72 3.65
CA SER A 813 -44.27 46.00 4.88
C SER A 813 -44.97 46.93 5.86
N LYS A 814 -45.36 46.41 7.01
CA LYS A 814 -45.97 47.23 8.05
C LYS A 814 -45.05 47.27 9.25
N ARG A 815 -43.77 47.50 8.99
CA ARG A 815 -42.79 47.57 10.06
C ARG A 815 -42.75 48.95 10.67
N SER A 816 -42.36 49.01 11.94
CA SER A 816 -42.27 50.26 12.67
C SER A 816 -41.10 51.09 12.15
N PHE A 817 -40.92 52.25 12.78
CA PHE A 817 -39.72 53.03 12.52
C PHE A 817 -38.49 52.36 13.13
N ILE A 818 -38.59 51.95 14.39
CA ILE A 818 -37.47 51.31 15.06
C ILE A 818 -37.14 49.98 14.41
N GLU A 819 -38.16 49.25 13.95
CA GLU A 819 -37.91 47.97 13.30
C GLU A 819 -37.17 48.16 11.98
N ASP A 820 -37.48 49.25 11.27
CA ASP A 820 -36.72 49.56 10.05
C ASP A 820 -35.29 49.93 10.38
N LEU A 821 -35.07 50.73 11.40
CA LEU A 821 -33.69 51.06 11.78
C LEU A 821 -32.92 49.80 12.16
N LEU A 822 -33.58 48.85 12.82
CA LEU A 822 -32.91 47.61 13.19
C LEU A 822 -32.63 46.75 11.97
N PHE A 823 -33.54 46.76 11.00
CA PHE A 823 -33.42 45.89 9.84
C PHE A 823 -32.23 46.24 8.97
N ASN A 824 -31.78 47.48 9.00
CA ASN A 824 -30.68 47.93 8.16
C ASN A 824 -29.33 47.87 8.84
N LYS A 825 -29.26 47.39 10.08
CA LYS A 825 -28.00 47.27 10.79
C LYS A 825 -27.50 45.84 10.83
N VAL A 826 -28.20 44.90 10.19
CA VAL A 826 -27.78 43.52 10.10
C VAL A 826 -27.76 43.14 8.63
N THR A 827 -26.57 42.91 8.09
CA THR A 827 -26.40 42.57 6.68
C THR A 827 -26.37 41.05 6.54
N LEU A 828 -27.40 40.50 5.89
CA LEU A 828 -27.44 39.06 5.64
C LEU A 828 -26.52 38.69 4.48
N ALA A 829 -26.57 37.42 4.11
CA ALA A 829 -25.79 36.94 2.96
C ALA A 829 -26.69 36.49 1.82
N ASP A 830 -27.97 36.27 2.09
CA ASP A 830 -28.93 35.81 1.09
C ASP A 830 -30.07 36.80 0.99
N ALA A 831 -30.02 37.68 -0.01
CA ALA A 831 -31.14 38.57 -0.31
C ALA A 831 -32.14 37.81 -1.17
N GLY A 832 -32.98 37.03 -0.52
CA GLY A 832 -33.83 36.08 -1.20
C GLY A 832 -33.22 34.69 -1.19
N PHE A 833 -33.97 33.74 -1.74
CA PHE A 833 -33.52 32.35 -1.75
C PHE A 833 -33.72 31.69 -3.11
N ILE A 834 -33.81 32.45 -4.18
CA ILE A 834 -33.90 31.90 -5.54
C ILE A 834 -32.73 32.45 -6.34
N LYS A 835 -31.66 31.67 -6.44
CA LYS A 835 -30.52 31.99 -7.28
C LYS A 835 -30.48 30.96 -8.40
N GLN A 836 -30.84 31.39 -9.60
CA GLN A 836 -31.05 30.47 -10.70
C GLN A 836 -29.72 30.00 -11.29
N TYR A 837 -29.77 28.85 -11.97
CA TYR A 837 -28.59 28.31 -12.60
C TYR A 837 -28.03 29.26 -13.65
N GLY A 838 -28.88 29.77 -14.53
CA GLY A 838 -28.42 30.69 -15.56
C GLY A 838 -27.87 31.99 -15.03
N ASP A 839 -28.11 32.30 -13.75
CA ASP A 839 -27.70 33.59 -13.21
C ASP A 839 -26.22 33.62 -12.86
N CYS A 840 -25.67 32.51 -12.38
CA CYS A 840 -24.22 32.36 -12.29
C CYS A 840 -23.78 31.20 -13.17
N LEU A 841 -23.57 31.51 -14.45
CA LEU A 841 -23.10 30.53 -15.42
C LEU A 841 -21.90 31.13 -16.14
N GLY A 842 -20.72 30.60 -15.84
CA GLY A 842 -19.47 31.14 -16.35
C GLY A 842 -18.47 31.30 -15.23
N ASP A 843 -17.81 32.46 -15.22
CA ASP A 843 -16.87 32.76 -14.14
C ASP A 843 -17.53 33.50 -12.98
N ILE A 844 -18.83 33.76 -13.09
CA ILE A 844 -19.57 34.30 -11.95
C ILE A 844 -19.54 33.31 -10.79
N ALA A 845 -19.48 32.01 -11.10
CA ALA A 845 -19.23 31.00 -10.08
C ALA A 845 -17.80 31.13 -9.59
N ALA A 846 -17.58 30.73 -8.33
CA ALA A 846 -16.26 30.80 -7.68
C ALA A 846 -15.76 32.24 -7.61
N ARG A 847 -16.67 33.18 -7.77
CA ARG A 847 -16.40 34.59 -7.47
C ARG A 847 -17.56 35.12 -6.65
N ASP A 848 -18.71 34.46 -6.78
CA ASP A 848 -19.83 34.63 -5.87
C ASP A 848 -19.82 33.45 -4.91
N LEU A 849 -19.71 33.73 -3.62
CA LEU A 849 -19.54 32.65 -2.66
C LEU A 849 -20.76 31.75 -2.60
N ILE A 850 -21.94 32.28 -2.90
CA ILE A 850 -23.15 31.48 -2.76
C ILE A 850 -23.24 30.46 -3.89
N CYS A 851 -22.84 30.83 -5.11
CA CYS A 851 -22.81 29.84 -6.18
C CYS A 851 -21.69 28.82 -5.97
N ALA A 852 -20.58 29.25 -5.37
CA ALA A 852 -19.54 28.29 -4.99
C ALA A 852 -20.07 27.28 -4.00
N GLN A 853 -20.89 27.73 -3.05
CA GLN A 853 -21.47 26.80 -2.08
C GLN A 853 -22.50 25.90 -2.75
N LYS A 854 -23.29 26.46 -3.67
CA LYS A 854 -24.35 25.69 -4.29
C LYS A 854 -23.83 24.63 -5.25
N PHE A 855 -22.77 24.92 -5.97
CA PHE A 855 -22.20 23.93 -6.88
C PHE A 855 -21.56 22.77 -6.14
N ASN A 856 -21.39 22.87 -4.83
CA ASN A 856 -20.81 21.79 -4.03
C ASN A 856 -21.82 21.14 -3.12
N GLY A 857 -23.11 21.41 -3.32
CA GLY A 857 -24.16 20.70 -2.60
C GLY A 857 -24.59 21.31 -1.29
N LEU A 858 -24.30 22.57 -1.04
CA LEU A 858 -24.62 23.22 0.23
C LEU A 858 -25.75 24.22 0.01
N THR A 859 -26.92 23.90 0.57
CA THR A 859 -28.14 24.66 0.34
C THR A 859 -28.57 25.36 1.62
N VAL A 860 -29.20 26.52 1.47
CA VAL A 860 -29.78 27.25 2.59
C VAL A 860 -31.29 27.34 2.36
N LEU A 861 -32.05 26.88 3.34
CA LEU A 861 -33.51 26.84 3.18
C LEU A 861 -34.15 28.06 3.83
N PRO A 862 -35.27 28.53 3.31
CA PRO A 862 -35.89 29.74 3.83
C PRO A 862 -36.69 29.46 5.09
N PRO A 863 -36.82 30.43 5.99
CA PRO A 863 -37.60 30.22 7.20
C PRO A 863 -39.09 30.12 6.90
N LEU A 864 -39.82 29.47 7.81
CA LEU A 864 -41.25 29.27 7.60
C LEU A 864 -42.04 30.55 7.71
N LEU A 865 -41.74 31.39 8.69
CA LEU A 865 -42.42 32.66 8.87
C LEU A 865 -41.62 33.75 8.20
N THR A 866 -42.25 34.46 7.28
CA THR A 866 -41.62 35.59 6.65
C THR A 866 -41.45 36.72 7.66
N ASP A 867 -40.70 37.75 7.26
CA ASP A 867 -40.48 38.88 8.17
C ASP A 867 -41.75 39.69 8.39
N GLU A 868 -42.64 39.71 7.40
CA GLU A 868 -43.90 40.42 7.57
C GLU A 868 -44.80 39.73 8.58
N MET A 869 -44.77 38.40 8.63
CA MET A 869 -45.57 37.70 9.62
C MET A 869 -45.06 37.97 11.03
N ILE A 870 -43.74 38.03 11.20
CA ILE A 870 -43.18 38.33 12.51
C ILE A 870 -43.50 39.76 12.90
N ALA A 871 -43.47 40.68 11.94
CA ALA A 871 -43.87 42.05 12.23
C ALA A 871 -45.33 42.12 12.63
N GLN A 872 -46.20 41.32 12.00
CA GLN A 872 -47.59 41.27 12.40
C GLN A 872 -47.75 40.77 13.82
N TYR A 873 -46.99 39.75 14.19
CA TYR A 873 -47.07 39.23 15.55
C TYR A 873 -46.66 40.28 16.57
N THR A 874 -45.54 40.97 16.35
CA THR A 874 -45.12 41.98 17.31
C THR A 874 -46.10 43.13 17.34
N SER A 875 -46.72 43.46 16.21
CA SER A 875 -47.73 44.51 16.21
C SER A 875 -48.93 44.11 17.05
N ALA A 876 -49.37 42.86 16.95
CA ALA A 876 -50.49 42.41 17.78
C ALA A 876 -50.12 42.45 19.25
N LEU A 877 -48.90 42.05 19.60
CA LEU A 877 -48.48 42.12 20.99
C LEU A 877 -48.50 43.55 21.53
N LEU A 878 -47.98 44.48 20.74
CA LEU A 878 -47.97 45.88 21.16
C LEU A 878 -49.38 46.43 21.33
N ALA A 879 -50.25 46.18 20.35
CA ALA A 879 -51.61 46.68 20.45
C ALA A 879 -52.31 46.13 21.67
N GLY A 880 -52.17 44.82 21.91
CA GLY A 880 -52.78 44.24 23.10
C GLY A 880 -52.24 44.85 24.38
N THR A 881 -50.94 45.08 24.43
CA THR A 881 -50.36 45.52 25.70
C THR A 881 -50.64 46.98 25.98
N ILE A 882 -50.89 47.80 24.94
CA ILE A 882 -51.19 49.20 25.23
C ILE A 882 -52.67 49.47 25.32
N THR A 883 -53.54 48.56 24.86
CA THR A 883 -54.95 48.79 25.05
C THR A 883 -55.59 47.88 26.10
N SER A 884 -54.86 46.92 26.65
CA SER A 884 -55.45 45.97 27.58
C SER A 884 -54.59 45.72 28.81
N GLY A 885 -53.41 46.30 28.89
CA GLY A 885 -52.56 46.02 30.02
C GLY A 885 -52.03 44.61 30.00
N TRP A 886 -52.21 43.89 31.10
CA TRP A 886 -51.74 42.52 31.20
C TRP A 886 -52.86 41.50 31.18
N THR A 887 -54.06 41.89 30.72
CA THR A 887 -55.19 40.97 30.79
C THR A 887 -55.28 40.10 29.56
N PHE A 888 -54.74 40.53 28.43
CA PHE A 888 -54.82 39.72 27.23
C PHE A 888 -53.90 38.52 27.28
N GLY A 889 -52.97 38.48 28.22
CA GLY A 889 -52.13 37.32 28.40
C GLY A 889 -52.70 36.26 29.32
N ALA A 890 -53.82 36.55 29.98
CA ALA A 890 -54.43 35.62 30.91
C ALA A 890 -55.82 35.19 30.50
N GLY A 891 -56.33 35.69 29.38
CA GLY A 891 -57.68 35.39 28.95
C GLY A 891 -58.12 36.30 27.83
N ALA A 892 -59.29 36.90 27.96
CA ALA A 892 -59.79 37.85 26.98
C ALA A 892 -59.29 39.24 27.30
N ALA A 893 -58.99 40.01 26.26
CA ALA A 893 -58.48 41.36 26.46
C ALA A 893 -59.59 42.25 27.02
N LEU A 894 -59.30 42.91 28.14
CA LEU A 894 -60.23 43.82 28.80
C LEU A 894 -59.64 45.22 28.73
N GLN A 895 -60.31 46.11 28.01
CA GLN A 895 -59.78 47.45 27.80
C GLN A 895 -59.68 48.21 29.12
N ILE A 896 -58.80 49.21 29.13
CA ILE A 896 -58.60 50.07 30.29
C ILE A 896 -57.83 51.29 29.82
N PRO A 897 -58.18 52.50 30.27
CA PRO A 897 -57.43 53.68 29.86
C PRO A 897 -55.96 53.56 30.23
N PHE A 898 -55.10 54.13 29.39
CA PHE A 898 -53.67 53.89 29.55
C PHE A 898 -53.14 54.51 30.83
N ALA A 899 -53.66 55.67 31.23
CA ALA A 899 -53.18 56.29 32.46
C ALA A 899 -53.55 55.46 33.67
N MET A 900 -54.72 54.83 33.68
CA MET A 900 -55.08 53.99 34.80
C MET A 900 -54.27 52.71 34.83
N GLN A 901 -53.90 52.19 33.66
CA GLN A 901 -53.00 51.05 33.62
C GLN A 901 -51.62 51.42 34.16
N MET A 902 -51.15 52.61 33.81
CA MET A 902 -49.87 53.07 34.34
C MET A 902 -49.94 53.27 35.85
N ALA A 903 -51.10 53.69 36.37
CA ALA A 903 -51.25 53.80 37.81
C ALA A 903 -51.22 52.43 38.48
N TYR A 904 -51.86 51.43 37.88
CA TYR A 904 -51.73 50.06 38.37
C TYR A 904 -50.28 49.64 38.42
N ARG A 905 -49.52 49.95 37.38
CA ARG A 905 -48.13 49.52 37.35
C ARG A 905 -47.28 50.30 38.34
N PHE A 906 -47.65 51.54 38.65
CA PHE A 906 -46.97 52.25 39.73
C PHE A 906 -47.27 51.63 41.08
N ASN A 907 -48.51 51.19 41.29
CA ASN A 907 -48.83 50.44 42.50
C ASN A 907 -47.97 49.20 42.63
N GLY A 908 -47.69 48.53 41.52
CA GLY A 908 -46.94 47.29 41.56
C GLY A 908 -45.51 47.41 42.03
N ILE A 909 -44.94 48.62 42.05
CA ILE A 909 -43.56 48.80 42.50
C ILE A 909 -43.49 49.53 43.83
N GLY A 910 -44.62 49.78 44.48
CA GLY A 910 -44.61 50.38 45.80
C GLY A 910 -44.75 51.88 45.82
N VAL A 911 -45.41 52.46 44.82
CA VAL A 911 -45.66 53.90 44.76
C VAL A 911 -47.16 54.10 44.59
N THR A 912 -47.72 55.03 45.34
CA THR A 912 -49.17 55.24 45.29
C THR A 912 -49.58 55.84 43.95
N GLN A 913 -50.87 55.72 43.63
CA GLN A 913 -51.33 56.14 42.31
C GLN A 913 -51.33 57.65 42.15
N ASN A 914 -51.59 58.38 43.23
CA ASN A 914 -51.60 59.83 43.11
C ASN A 914 -50.25 60.37 42.66
N VAL A 915 -49.17 59.62 42.87
CA VAL A 915 -47.87 60.05 42.38
C VAL A 915 -47.86 60.06 40.86
N LEU A 916 -48.57 59.11 40.24
CA LEU A 916 -48.71 59.14 38.79
C LEU A 916 -49.68 60.22 38.35
N TYR A 917 -50.86 60.24 38.94
CA TYR A 917 -51.90 61.15 38.45
C TYR A 917 -51.51 62.61 38.62
N GLU A 918 -50.67 62.91 39.61
CA GLU A 918 -50.28 64.30 39.83
C GLU A 918 -49.07 64.69 39.01
N ASN A 919 -48.34 63.73 38.46
CA ASN A 919 -47.17 63.98 37.63
C ASN A 919 -47.33 63.42 36.23
N GLN A 920 -48.53 63.43 35.67
CA GLN A 920 -48.77 62.67 34.44
C GLN A 920 -48.05 63.29 33.25
N LYS A 921 -48.06 64.62 33.15
CA LYS A 921 -47.40 65.27 32.02
C LYS A 921 -45.90 65.08 32.06
N LEU A 922 -45.30 65.19 33.25
CA LEU A 922 -43.86 64.99 33.38
C LEU A 922 -43.48 63.56 32.99
N ILE A 923 -44.28 62.59 33.40
CA ILE A 923 -43.98 61.20 33.09
C ILE A 923 -44.13 60.93 31.60
N ALA A 924 -45.18 61.46 30.98
CA ALA A 924 -45.34 61.29 29.55
C ALA A 924 -44.19 61.92 28.78
N ASN A 925 -43.74 63.10 29.21
CA ASN A 925 -42.62 63.76 28.53
C ASN A 925 -41.34 62.97 28.68
N GLN A 926 -41.08 62.44 29.89
CA GLN A 926 -39.88 61.64 30.08
C GLN A 926 -39.90 60.39 29.23
N PHE A 927 -41.06 59.74 29.12
CA PHE A 927 -41.16 58.55 28.27
C PHE A 927 -40.91 58.90 26.82
N ASN A 928 -41.53 59.96 26.32
CA ASN A 928 -41.34 60.34 24.92
C ASN A 928 -39.88 60.70 24.63
N SER A 929 -39.23 61.40 25.56
CA SER A 929 -37.83 61.74 25.38
C SER A 929 -36.95 60.49 25.36
N ALA A 930 -37.25 59.52 26.22
CA ALA A 930 -36.43 58.31 26.25
C ALA A 930 -36.58 57.50 24.97
N ILE A 931 -37.80 57.43 24.43
CA ILE A 931 -37.99 56.73 23.17
C ILE A 931 -37.25 57.44 22.05
N GLY A 932 -37.32 58.78 22.03
CA GLY A 932 -36.55 59.52 21.04
C GLY A 932 -35.06 59.25 21.14
N LYS A 933 -34.56 59.12 22.36
CA LYS A 933 -33.15 58.83 22.57
C LYS A 933 -32.75 57.49 21.95
N ILE A 934 -33.63 56.51 22.03
CA ILE A 934 -33.37 55.18 21.48
C ILE A 934 -33.18 55.28 19.98
N GLN A 935 -34.22 55.74 19.28
CA GLN A 935 -34.16 55.87 17.83
C GLN A 935 -32.88 56.61 17.47
N ASP A 936 -32.67 57.75 18.11
CA ASP A 936 -31.46 58.55 17.88
C ASP A 936 -30.25 57.64 17.90
N SER A 937 -29.88 57.17 19.10
CA SER A 937 -28.73 56.30 19.29
C SER A 937 -28.59 55.26 18.18
N LEU A 938 -29.68 54.56 17.90
CA LEU A 938 -29.66 53.53 16.86
C LEU A 938 -29.24 54.13 15.53
N SER A 939 -30.16 54.87 14.91
CA SER A 939 -29.90 55.50 13.61
C SER A 939 -28.51 56.13 13.55
N SER A 940 -27.94 56.38 14.73
CA SER A 940 -26.61 56.97 14.81
C SER A 940 -25.56 55.87 14.65
N THR A 941 -25.28 55.18 15.75
CA THR A 941 -24.29 54.09 15.75
C THR A 941 -23.87 53.75 17.18
N ALA A 944 -24.68 48.95 18.42
CA ALA A 944 -24.99 48.14 17.25
C ALA A 944 -25.57 46.79 17.67
N LEU A 945 -25.98 46.00 16.68
CA LEU A 945 -26.52 44.67 16.93
C LEU A 945 -25.45 43.62 16.71
N GLY A 946 -24.40 43.64 17.52
CA GLY A 946 -23.31 42.70 17.32
C GLY A 946 -23.71 41.27 17.57
N LYS A 947 -24.57 41.05 18.56
CA LYS A 947 -24.95 39.68 18.92
C LYS A 947 -25.78 39.02 17.84
N LEU A 948 -26.49 39.81 17.03
CA LEU A 948 -27.25 39.27 15.92
C LEU A 948 -26.43 39.13 14.66
N GLN A 949 -25.37 39.93 14.50
CA GLN A 949 -24.51 39.80 13.34
C GLN A 949 -23.53 38.66 13.49
N ASP A 950 -23.14 38.34 14.73
CA ASP A 950 -22.22 37.23 14.93
C ASP A 950 -22.80 35.90 14.48
N VAL A 951 -24.12 35.72 14.60
CA VAL A 951 -24.73 34.48 14.16
C VAL A 951 -24.59 34.32 12.65
N VAL A 952 -24.95 35.37 11.91
CA VAL A 952 -24.81 35.34 10.45
C VAL A 952 -23.36 35.11 10.06
N ASN A 953 -22.43 35.82 10.71
CA ASN A 953 -21.04 35.68 10.38
C ASN A 953 -20.54 34.26 10.61
N GLN A 954 -20.95 33.66 11.73
CA GLN A 954 -20.48 32.32 12.05
C GLN A 954 -21.00 31.30 11.05
N ASN A 955 -22.28 31.39 10.68
CA ASN A 955 -22.80 30.42 9.73
C ASN A 955 -22.13 30.57 8.36
N ALA A 956 -21.95 31.80 7.91
CA ALA A 956 -21.28 32.02 6.62
C ALA A 956 -19.87 31.50 6.64
N GLN A 957 -19.13 31.75 7.73
CA GLN A 957 -17.76 31.29 7.81
C GLN A 957 -17.68 29.78 7.83
N ALA A 958 -18.63 29.12 8.49
CA ALA A 958 -18.61 27.66 8.50
C ALA A 958 -18.81 27.10 7.11
N LEU A 959 -19.78 27.64 6.36
CA LEU A 959 -19.99 27.14 5.01
C LEU A 959 -18.78 27.39 4.12
N ASN A 960 -18.17 28.58 4.23
CA ASN A 960 -17.03 28.87 3.38
C ASN A 960 -15.83 28.01 3.75
N THR A 961 -15.66 27.69 5.02
CA THR A 961 -14.58 26.79 5.42
C THR A 961 -14.81 25.40 4.83
N LEU A 962 -16.06 24.94 4.82
CA LEU A 962 -16.36 23.69 4.14
C LEU A 962 -15.91 23.73 2.69
N VAL A 963 -16.18 24.84 2.01
CA VAL A 963 -15.85 24.90 0.59
C VAL A 963 -14.33 24.89 0.38
N LYS A 964 -13.59 25.66 1.16
CA LYS A 964 -12.13 25.65 0.96
C LYS A 964 -11.50 24.33 1.41
N GLN A 965 -12.15 23.58 2.28
CA GLN A 965 -11.49 22.32 2.63
C GLN A 965 -11.56 21.29 1.55
N LEU A 966 -12.01 21.61 0.34
CA LEU A 966 -11.98 20.70 -0.78
C LEU A 966 -10.65 20.74 -1.51
N SER A 967 -9.66 21.43 -0.97
CA SER A 967 -8.35 21.57 -1.57
C SER A 967 -7.30 20.75 -0.84
N SER A 968 -7.73 19.86 0.03
CA SER A 968 -6.82 19.06 0.82
C SER A 968 -6.63 17.70 0.15
N ASN A 969 -5.38 17.24 0.16
CA ASN A 969 -5.07 15.93 -0.41
C ASN A 969 -5.44 14.80 0.52
N PHE A 970 -5.38 15.04 1.83
CA PHE A 970 -5.60 14.01 2.84
C PHE A 970 -4.65 12.84 2.69
N GLY A 971 -3.48 13.08 2.11
CA GLY A 971 -2.52 12.02 1.90
C GLY A 971 -2.59 11.34 0.55
N ALA A 972 -3.36 11.88 -0.37
CA ALA A 972 -3.46 11.33 -1.72
C ALA A 972 -2.48 12.08 -2.62
N ILE A 973 -2.46 11.73 -3.91
CA ILE A 973 -1.54 12.37 -4.84
C ILE A 973 -2.05 13.71 -5.34
N SER A 974 -3.35 13.96 -5.27
CA SER A 974 -3.94 15.21 -5.69
C SER A 974 -5.28 15.34 -5.00
N SER A 975 -5.87 16.53 -5.10
CA SER A 975 -7.16 16.79 -4.50
C SER A 975 -8.27 16.88 -5.53
N VAL A 976 -7.98 16.55 -6.79
CA VAL A 976 -8.97 16.58 -7.86
C VAL A 976 -9.25 15.16 -8.28
N LEU A 977 -10.53 14.80 -8.37
CA LEU A 977 -10.87 13.44 -8.78
C LEU A 977 -10.54 13.21 -10.25
N ASN A 978 -10.50 14.27 -11.05
CA ASN A 978 -10.28 14.08 -12.48
C ASN A 978 -8.81 13.95 -12.82
N ASP A 979 -7.92 14.41 -11.94
CA ASP A 979 -6.49 14.12 -12.13
C ASP A 979 -6.16 12.72 -11.67
N ILE A 980 -6.92 12.17 -10.74
CA ILE A 980 -6.68 10.79 -10.33
C ILE A 980 -7.29 9.83 -11.35
N LEU A 981 -8.53 10.08 -11.74
CA LEU A 981 -9.23 9.12 -12.61
C LEU A 981 -8.64 9.11 -14.00
N SER A 982 -7.95 10.16 -14.38
CA SER A 982 -7.16 10.21 -15.60
C SER A 982 -5.68 10.27 -15.25
N ARG A 983 -4.88 9.36 -15.80
CA ARG A 983 -3.54 8.94 -15.37
C ARG A 983 -3.51 7.79 -14.37
N LEU A 984 -4.65 7.27 -13.94
CA LEU A 984 -4.64 6.08 -13.10
C LEU A 984 -5.82 5.20 -13.45
N ASP A 985 -5.62 3.89 -13.36
CA ASP A 985 -6.64 2.92 -13.71
C ASP A 985 -7.37 2.43 -12.47
N PRO A 986 -8.56 1.85 -12.62
CA PRO A 986 -9.49 1.71 -11.49
C PRO A 986 -8.86 1.15 -10.22
N PRO A 987 -8.27 -0.04 -10.24
CA PRO A 987 -7.90 -0.68 -8.97
C PRO A 987 -6.87 0.10 -8.17
N GLU A 988 -6.02 0.87 -8.83
CA GLU A 988 -4.99 1.63 -8.13
C GLU A 988 -5.33 3.11 -8.03
N ALA A 989 -6.41 3.55 -8.67
CA ALA A 989 -6.99 4.84 -8.36
C ALA A 989 -7.94 4.77 -7.18
N GLU A 990 -8.45 3.57 -6.87
CA GLU A 990 -9.38 3.40 -5.77
C GLU A 990 -8.75 3.74 -4.43
N VAL A 991 -7.44 3.52 -4.28
CA VAL A 991 -6.80 3.85 -3.01
C VAL A 991 -6.82 5.36 -2.78
N GLN A 992 -6.49 6.13 -3.82
CA GLN A 992 -6.51 7.58 -3.71
C GLN A 992 -7.93 8.09 -3.49
N ILE A 993 -8.88 7.55 -4.23
CA ILE A 993 -10.26 7.99 -4.06
C ILE A 993 -10.76 7.65 -2.67
N ASP A 994 -10.28 6.54 -2.10
CA ASP A 994 -10.66 6.20 -0.74
C ASP A 994 -10.12 7.21 0.26
N ARG A 995 -8.87 7.62 0.07
CA ARG A 995 -8.31 8.65 0.95
C ARG A 995 -9.14 9.93 0.88
N LEU A 996 -9.47 10.37 -0.33
CA LEU A 996 -10.27 11.59 -0.49
C LEU A 996 -11.64 11.44 0.16
N ILE A 997 -12.27 10.30 -0.02
CA ILE A 997 -13.61 10.07 0.53
C ILE A 997 -13.56 10.15 2.04
N THR A 998 -12.58 9.50 2.66
CA THR A 998 -12.48 9.54 4.11
C THR A 998 -12.29 10.96 4.62
N GLY A 999 -11.36 11.70 3.99
CA GLY A 999 -11.13 13.07 4.42
C GLY A 999 -12.38 13.93 4.33
N ARG A 1000 -13.07 13.89 3.19
CA ARG A 1000 -14.23 14.75 3.01
C ARG A 1000 -15.39 14.34 3.90
N LEU A 1001 -15.55 13.05 4.16
CA LEU A 1001 -16.56 12.62 5.11
C LEU A 1001 -16.30 13.19 6.49
N GLN A 1002 -15.05 13.16 6.95
CA GLN A 1002 -14.78 13.68 8.28
C GLN A 1002 -14.94 15.20 8.32
N SER A 1003 -14.69 15.88 7.19
CA SER A 1003 -14.98 17.31 7.13
C SER A 1003 -16.46 17.59 7.34
N LEU A 1004 -17.31 16.85 6.63
CA LEU A 1004 -18.76 17.01 6.83
C LEU A 1004 -19.16 16.71 8.26
N GLN A 1005 -18.55 15.68 8.86
CA GLN A 1005 -18.89 15.31 10.23
C GLN A 1005 -18.55 16.42 11.20
N THR A 1006 -17.37 17.03 11.04
CA THR A 1006 -16.99 18.13 11.90
C THR A 1006 -17.98 19.29 11.79
N TYR A 1007 -18.36 19.62 10.56
CA TYR A 1007 -19.33 20.69 10.37
C TYR A 1007 -20.63 20.40 11.11
N VAL A 1008 -21.16 19.20 10.94
CA VAL A 1008 -22.45 18.89 11.54
C VAL A 1008 -22.37 18.92 13.06
N THR A 1009 -21.27 18.43 13.63
CA THR A 1009 -21.12 18.46 15.08
C THR A 1009 -21.12 19.88 15.62
N GLN A 1010 -20.31 20.75 14.99
CA GLN A 1010 -20.27 22.12 15.49
C GLN A 1010 -21.61 22.83 15.28
N GLN A 1011 -22.34 22.49 14.23
CA GLN A 1011 -23.67 23.06 14.04
C GLN A 1011 -24.61 22.62 15.15
N LEU A 1012 -24.53 21.36 15.58
CA LEU A 1012 -25.37 20.90 16.67
C LEU A 1012 -25.07 21.66 17.95
N ILE A 1013 -23.79 21.85 18.24
CA ILE A 1013 -23.43 22.59 19.45
C ILE A 1013 -23.95 24.02 19.39
N ARG A 1014 -23.78 24.68 18.26
CA ARG A 1014 -24.28 26.05 18.15
C ARG A 1014 -25.79 26.11 18.25
N ALA A 1015 -26.48 25.10 17.72
CA ALA A 1015 -27.94 25.09 17.78
C ALA A 1015 -28.42 24.94 19.22
N ALA A 1016 -27.69 24.18 20.03
CA ALA A 1016 -28.04 24.09 21.44
C ALA A 1016 -27.97 25.46 22.12
N GLU A 1017 -26.93 26.23 21.82
CA GLU A 1017 -26.79 27.56 22.40
C GLU A 1017 -27.91 28.49 21.95
N ILE A 1018 -28.23 28.47 20.65
CA ILE A 1018 -29.32 29.30 20.16
C ILE A 1018 -30.65 28.87 20.77
N ARG A 1019 -30.82 27.58 21.03
CA ARG A 1019 -32.03 27.10 21.69
C ARG A 1019 -32.16 27.68 23.08
N ALA A 1020 -31.07 27.69 23.84
CA ALA A 1020 -31.11 28.31 25.17
C ALA A 1020 -31.46 29.79 25.07
N SER A 1021 -30.88 30.51 24.11
CA SER A 1021 -31.19 31.92 23.95
C SER A 1021 -32.66 32.15 23.60
N ALA A 1022 -33.21 31.30 22.74
CA ALA A 1022 -34.61 31.45 22.36
C ALA A 1022 -35.54 31.12 23.52
N ASN A 1023 -35.18 30.17 24.36
CA ASN A 1023 -35.98 29.90 25.54
C ASN A 1023 -35.98 31.08 26.49
N LEU A 1024 -34.82 31.71 26.68
CA LEU A 1024 -34.76 32.91 27.50
C LEU A 1024 -35.63 34.02 26.91
N ALA A 1025 -35.61 34.17 25.58
CA ALA A 1025 -36.41 35.21 24.96
C ALA A 1025 -37.90 34.95 25.11
N ALA A 1026 -38.31 33.68 25.05
CA ALA A 1026 -39.72 33.36 25.26
C ALA A 1026 -40.15 33.65 26.69
N THR A 1027 -39.30 33.32 27.65
CA THR A 1027 -39.60 33.65 29.04
C THR A 1027 -39.71 35.14 29.24
N LYS A 1028 -38.80 35.91 28.65
CA LYS A 1028 -38.88 37.37 28.78
C LYS A 1028 -40.13 37.91 28.11
N MET A 1029 -40.55 37.31 27.00
CA MET A 1029 -41.78 37.77 26.36
C MET A 1029 -42.99 37.52 27.24
N SER A 1030 -43.04 36.37 27.92
CA SER A 1030 -44.22 36.11 28.73
C SER A 1030 -44.20 36.90 30.03
N GLU A 1031 -43.02 37.17 30.58
CA GLU A 1031 -42.96 37.74 31.93
C GLU A 1031 -42.72 39.24 31.95
N CYS A 1032 -42.10 39.82 30.94
CA CYS A 1032 -41.89 41.25 30.92
C CYS A 1032 -42.89 41.97 30.03
N VAL A 1033 -43.33 41.37 28.94
CA VAL A 1033 -44.25 42.01 28.01
C VAL A 1033 -45.70 41.71 28.36
N LEU A 1034 -46.01 40.48 28.70
CA LEU A 1034 -47.37 40.08 29.04
C LEU A 1034 -47.68 40.25 30.52
N GLY A 1035 -46.78 40.85 31.28
CA GLY A 1035 -47.02 41.08 32.69
C GLY A 1035 -46.05 42.10 33.23
N GLN A 1036 -45.97 42.17 34.55
CA GLN A 1036 -45.01 43.02 35.23
C GLN A 1036 -44.20 42.16 36.18
N SER A 1037 -42.87 42.27 36.10
CA SER A 1037 -41.98 41.37 36.80
C SER A 1037 -41.45 41.97 38.08
N LYS A 1038 -41.37 41.15 39.13
CA LYS A 1038 -40.74 41.54 40.38
C LYS A 1038 -39.31 41.04 40.48
N ARG A 1039 -38.85 40.26 39.51
CA ARG A 1039 -37.50 39.74 39.52
C ARG A 1039 -36.51 40.84 39.20
N VAL A 1040 -35.50 40.98 40.03
CA VAL A 1040 -34.56 42.08 39.93
C VAL A 1040 -33.68 41.90 38.70
N ASP A 1041 -33.54 42.96 37.92
CA ASP A 1041 -32.67 43.00 36.73
C ASP A 1041 -33.06 41.99 35.68
N PHE A 1042 -34.29 41.48 35.72
CA PHE A 1042 -34.72 40.57 34.67
C PHE A 1042 -35.24 41.32 33.46
N CYS A 1043 -35.90 42.44 33.68
CA CYS A 1043 -36.47 43.23 32.60
C CYS A 1043 -35.91 44.65 32.68
N GLY A 1044 -34.60 44.77 32.80
CA GLY A 1044 -33.93 46.05 32.80
C GLY A 1044 -33.44 46.43 34.18
N LYS A 1045 -32.75 47.56 34.23
CA LYS A 1045 -32.21 48.09 35.47
C LYS A 1045 -33.17 49.13 36.04
N GLY A 1046 -33.59 48.93 37.28
CA GLY A 1046 -34.61 49.74 37.91
C GLY A 1046 -35.79 48.89 38.31
N TYR A 1047 -36.89 49.57 38.59
CA TYR A 1047 -38.14 48.87 38.88
C TYR A 1047 -38.95 48.76 37.60
N HIS A 1048 -39.22 47.53 37.18
CA HIS A 1048 -39.83 47.30 35.88
C HIS A 1048 -41.25 47.84 35.85
N LEU A 1049 -41.55 48.65 34.85
CA LEU A 1049 -42.90 49.12 34.59
C LEU A 1049 -43.54 48.37 33.44
N MET A 1050 -42.92 48.36 32.26
CA MET A 1050 -43.48 47.62 31.14
C MET A 1050 -42.39 47.33 30.12
N SER A 1051 -42.78 46.66 29.03
CA SER A 1051 -41.84 46.30 27.99
C SER A 1051 -42.55 46.21 26.65
N PHE A 1052 -41.81 46.49 25.59
CA PHE A 1052 -42.34 46.44 24.24
C PHE A 1052 -41.40 45.62 23.37
N PRO A 1053 -41.92 44.69 22.57
CA PRO A 1053 -41.07 43.91 21.67
C PRO A 1053 -40.97 44.52 20.28
N GLN A 1054 -39.81 44.33 19.67
CA GLN A 1054 -39.56 44.68 18.29
C GLN A 1054 -38.82 43.54 17.64
N SER A 1055 -39.13 43.26 16.38
CA SER A 1055 -38.49 42.16 15.69
C SER A 1055 -37.22 42.64 14.99
N ALA A 1056 -36.22 41.78 14.94
CA ALA A 1056 -34.96 42.09 14.30
C ALA A 1056 -34.53 40.87 13.50
N PRO A 1057 -33.62 41.03 12.54
CA PRO A 1057 -33.17 39.86 11.76
C PRO A 1057 -32.63 38.75 12.63
N HIS A 1058 -33.32 37.62 12.66
CA HIS A 1058 -32.95 36.45 13.45
C HIS A 1058 -33.01 36.70 14.94
N GLY A 1059 -33.79 37.67 15.41
CA GLY A 1059 -33.81 37.90 16.83
C GLY A 1059 -34.90 38.87 17.24
N VAL A 1060 -34.86 39.23 18.52
CA VAL A 1060 -35.86 40.12 19.11
C VAL A 1060 -35.14 41.18 19.93
N VAL A 1061 -35.75 42.35 19.99
CA VAL A 1061 -35.28 43.47 20.81
C VAL A 1061 -36.38 43.83 21.78
N PHE A 1062 -36.04 43.99 23.04
CA PHE A 1062 -36.99 44.41 24.06
C PHE A 1062 -36.65 45.83 24.49
N LEU A 1063 -37.66 46.69 24.52
CA LEU A 1063 -37.54 48.02 25.11
C LEU A 1063 -38.19 47.95 26.49
N HIS A 1064 -37.37 48.01 27.53
CA HIS A 1064 -37.80 47.91 28.90
C HIS A 1064 -37.97 49.31 29.48
N VAL A 1065 -39.17 49.62 29.93
CA VAL A 1065 -39.47 50.88 30.60
C VAL A 1065 -39.46 50.62 32.10
N THR A 1066 -38.56 51.29 32.80
CA THR A 1066 -38.35 51.11 34.24
C THR A 1066 -38.37 52.46 34.94
N TYR A 1067 -38.53 52.40 36.26
CA TYR A 1067 -38.64 53.55 37.12
C TYR A 1067 -37.39 53.65 37.99
N VAL A 1068 -36.69 54.78 37.92
CA VAL A 1068 -35.42 54.95 38.62
C VAL A 1068 -35.55 56.12 39.58
N PRO A 1069 -35.38 55.93 40.88
CA PRO A 1069 -35.48 57.05 41.81
C PRO A 1069 -34.35 58.05 41.62
N ALA A 1070 -34.58 59.28 42.06
CA ALA A 1070 -33.61 60.34 41.83
C ALA A 1070 -33.79 61.43 42.87
N GLN A 1071 -32.72 62.21 43.06
CA GLN A 1071 -32.69 63.36 43.95
C GLN A 1071 -33.06 62.98 45.38
N GLU A 1072 -32.26 62.11 45.99
CA GLU A 1072 -32.53 61.66 47.33
C GLU A 1072 -32.16 62.73 48.34
N LYS A 1073 -32.64 62.55 49.56
CA LYS A 1073 -32.44 63.52 50.63
C LYS A 1073 -32.29 62.78 51.95
N ASN A 1074 -31.49 63.35 52.84
CA ASN A 1074 -31.19 62.74 54.13
C ASN A 1074 -32.24 63.10 55.16
N PHE A 1075 -32.57 62.13 56.01
CA PHE A 1075 -33.52 62.33 57.10
C PHE A 1075 -33.07 61.51 58.29
N THR A 1076 -33.50 61.94 59.46
CA THR A 1076 -33.40 61.15 60.67
C THR A 1076 -34.61 60.23 60.73
N THR A 1077 -34.42 59.03 61.26
CA THR A 1077 -35.46 58.02 61.25
C THR A 1077 -35.51 57.33 62.60
N ALA A 1078 -36.57 56.54 62.80
CA ALA A 1078 -36.78 55.82 64.05
C ALA A 1078 -37.61 54.59 63.75
N PRO A 1079 -37.41 53.51 64.50
CA PRO A 1079 -38.20 52.30 64.26
C PRO A 1079 -39.64 52.41 64.76
N ALA A 1080 -39.87 53.10 65.86
CA ALA A 1080 -41.21 53.19 66.43
C ALA A 1080 -41.37 54.52 67.15
N ILE A 1081 -42.62 54.86 67.46
CA ILE A 1081 -42.97 56.08 68.14
C ILE A 1081 -43.70 55.71 69.43
N CYS A 1082 -43.33 56.36 70.53
CA CYS A 1082 -43.91 56.09 71.83
C CYS A 1082 -44.82 57.26 72.21
N HIS A 1083 -46.09 56.99 72.43
CA HIS A 1083 -47.04 58.05 72.74
C HIS A 1083 -47.63 57.98 74.13
N ASP A 1084 -48.26 56.87 74.49
CA ASP A 1084 -48.88 56.73 75.80
C ASP A 1084 -48.40 55.45 76.49
N GLY A 1085 -47.10 55.23 76.50
CA GLY A 1085 -46.59 53.97 77.00
C GLY A 1085 -46.90 52.85 76.03
N LYS A 1086 -47.17 53.22 74.79
CA LYS A 1086 -47.45 52.25 73.73
C LYS A 1086 -46.54 52.55 72.54
N ALA A 1087 -46.16 51.51 71.82
CA ALA A 1087 -45.28 51.63 70.67
C ALA A 1087 -46.12 51.58 69.40
N HIS A 1088 -45.88 52.53 68.50
CA HIS A 1088 -46.62 52.63 67.26
C HIS A 1088 -45.69 52.41 66.08
N PHE A 1089 -46.07 51.50 65.19
CA PHE A 1089 -45.30 51.19 64.01
C PHE A 1089 -46.05 51.63 62.77
N PRO A 1090 -45.35 52.07 61.72
CA PRO A 1090 -46.06 52.54 60.53
C PRO A 1090 -46.69 51.37 59.80
N ARG A 1091 -47.80 51.64 59.12
CA ARG A 1091 -48.49 50.58 58.41
C ARG A 1091 -47.79 50.25 57.10
N GLU A 1092 -47.59 51.22 56.23
CA GLU A 1092 -46.91 50.97 54.97
C GLU A 1092 -45.90 52.06 54.65
N GLY A 1093 -45.13 52.46 55.63
CA GLY A 1093 -44.20 53.56 55.41
C GLY A 1093 -43.03 53.50 56.33
N VAL A 1094 -42.46 54.67 56.60
CA VAL A 1094 -41.30 54.82 57.45
C VAL A 1094 -41.39 56.17 58.13
N PHE A 1095 -40.93 56.23 59.38
CA PHE A 1095 -40.94 57.46 60.16
C PHE A 1095 -39.70 58.28 59.84
N VAL A 1096 -39.90 59.53 59.43
CA VAL A 1096 -38.80 60.44 59.15
C VAL A 1096 -38.99 61.71 59.95
N SER A 1097 -37.95 62.54 59.97
CA SER A 1097 -37.99 63.80 60.69
C SER A 1097 -37.20 64.84 59.93
N ASN A 1098 -37.82 65.99 59.68
CA ASN A 1098 -37.16 67.07 58.96
C ASN A 1098 -36.19 67.84 59.85
N GLY A 1099 -35.95 67.35 61.06
CA GLY A 1099 -35.08 68.00 62.01
C GLY A 1099 -35.78 68.34 63.31
N THR A 1100 -37.04 68.76 63.23
CA THR A 1100 -37.82 69.10 64.41
C THR A 1100 -39.14 68.35 64.52
N HIS A 1101 -39.83 68.09 63.42
CA HIS A 1101 -41.11 67.40 63.43
C HIS A 1101 -40.96 66.02 62.82
N TRP A 1102 -41.89 65.14 63.18
CA TRP A 1102 -41.88 63.75 62.71
C TRP A 1102 -43.06 63.52 61.78
N PHE A 1103 -42.78 62.83 60.67
CA PHE A 1103 -43.79 62.46 59.70
C PHE A 1103 -43.66 60.99 59.37
N VAL A 1104 -44.64 60.45 58.66
CA VAL A 1104 -44.58 59.11 58.11
C VAL A 1104 -44.72 59.22 56.60
N THR A 1105 -43.83 58.58 55.87
CA THR A 1105 -43.83 58.66 54.41
C THR A 1105 -43.82 57.26 53.83
N GLN A 1106 -43.92 57.18 52.51
CA GLN A 1106 -43.74 55.94 51.80
C GLN A 1106 -42.27 55.80 51.42
N ARG A 1107 -41.83 54.56 51.23
CA ARG A 1107 -40.40 54.29 51.20
C ARG A 1107 -39.74 54.78 49.91
N ASN A 1108 -40.47 54.81 48.80
CA ASN A 1108 -39.87 55.04 47.50
C ASN A 1108 -40.09 56.45 46.96
N PHE A 1109 -40.76 57.31 47.70
CA PHE A 1109 -41.05 58.65 47.23
C PHE A 1109 -41.38 59.51 48.45
N TYR A 1110 -40.71 60.64 48.59
CA TYR A 1110 -40.87 61.47 49.76
C TYR A 1110 -42.20 62.20 49.70
N GLU A 1111 -43.13 61.82 50.56
CA GLU A 1111 -44.44 62.45 50.63
C GLU A 1111 -44.90 62.45 52.08
N PRO A 1112 -44.43 63.41 52.87
CA PRO A 1112 -44.60 63.32 54.31
C PRO A 1112 -46.04 63.60 54.74
N GLN A 1113 -46.45 62.92 55.80
CA GLN A 1113 -47.80 63.04 56.32
C GLN A 1113 -47.76 63.03 57.84
N ILE A 1114 -48.81 63.53 58.44
CA ILE A 1114 -48.90 63.62 59.90
C ILE A 1114 -49.19 62.24 60.46
N ILE A 1115 -48.50 61.89 61.54
CA ILE A 1115 -48.67 60.59 62.16
C ILE A 1115 -50.01 60.58 62.90
N THR A 1116 -50.91 59.70 62.47
CA THR A 1116 -52.20 59.55 63.13
C THR A 1116 -52.39 58.10 63.54
N THR A 1117 -53.59 57.75 64.00
CA THR A 1117 -53.91 56.38 64.33
C THR A 1117 -54.39 55.58 63.13
N ASP A 1118 -54.48 56.22 61.96
CA ASP A 1118 -54.80 55.54 60.71
C ASP A 1118 -53.56 55.23 59.90
N ASN A 1119 -52.43 55.84 60.24
CA ASN A 1119 -51.16 55.56 59.59
C ASN A 1119 -50.39 54.46 60.29
N THR A 1120 -50.65 54.22 61.57
CA THR A 1120 -49.83 53.38 62.40
C THR A 1120 -50.68 52.27 63.00
N PHE A 1121 -50.01 51.35 63.69
CA PHE A 1121 -50.69 50.36 64.50
C PHE A 1121 -49.90 50.16 65.77
N VAL A 1122 -50.57 49.73 66.81
CA VAL A 1122 -49.99 49.63 68.14
C VAL A 1122 -49.63 48.18 68.43
N SER A 1123 -48.52 48.00 69.14
CA SER A 1123 -48.14 46.66 69.59
C SER A 1123 -47.16 46.81 70.74
N GLY A 1124 -47.58 46.42 71.94
CA GLY A 1124 -46.70 46.40 73.08
C GLY A 1124 -46.52 47.76 73.72
N ASN A 1125 -45.53 47.83 74.61
CA ASN A 1125 -45.20 49.05 75.32
C ASN A 1125 -43.82 49.52 74.88
N CYS A 1126 -43.34 50.57 75.53
CA CYS A 1126 -42.17 51.30 75.05
C CYS A 1126 -40.86 50.83 75.68
N ASP A 1127 -40.76 49.56 76.06
CA ASP A 1127 -39.59 49.08 76.78
C ASP A 1127 -38.72 48.12 76.00
N VAL A 1128 -39.16 47.64 74.83
CA VAL A 1128 -38.45 46.60 74.12
C VAL A 1128 -37.77 47.10 72.85
N VAL A 1129 -38.40 47.98 72.10
CA VAL A 1129 -37.82 48.50 70.87
C VAL A 1129 -36.59 49.33 71.21
N ILE A 1130 -35.56 49.23 70.37
CA ILE A 1130 -34.26 49.79 70.71
C ILE A 1130 -34.20 51.29 70.50
N GLY A 1131 -34.51 51.76 69.30
CA GLY A 1131 -34.37 53.18 69.03
C GLY A 1131 -35.67 53.95 69.04
N ILE A 1132 -36.59 53.56 69.91
CA ILE A 1132 -37.89 54.21 69.97
C ILE A 1132 -37.73 55.65 70.41
N VAL A 1133 -38.59 56.53 69.88
CA VAL A 1133 -38.55 57.95 70.22
C VAL A 1133 -39.94 58.40 70.67
N ASN A 1134 -39.96 59.53 71.38
CA ASN A 1134 -41.18 60.08 71.95
C ASN A 1134 -41.76 61.10 70.98
N ASN A 1135 -43.05 60.94 70.67
CA ASN A 1135 -43.74 61.92 69.85
C ASN A 1135 -45.24 61.70 70.01
N THR A 1136 -46.02 62.61 69.44
CA THR A 1136 -47.46 62.61 69.57
C THR A 1136 -48.10 61.92 68.36
N VAL A 1137 -49.15 61.14 68.62
CA VAL A 1137 -49.89 60.45 67.57
C VAL A 1137 -51.30 61.01 67.58
N TYR A 1138 -51.62 61.78 66.54
CA TYR A 1138 -52.87 62.54 66.50
C TYR A 1138 -54.06 61.63 66.24
N ASP A 1139 -55.03 61.64 67.14
CA ASP A 1139 -56.26 60.87 66.98
C ASP A 1139 -57.30 61.73 66.29
N PRO A 1140 -57.79 61.34 65.11
CA PRO A 1140 -58.74 62.18 64.39
C PRO A 1140 -60.20 61.97 64.77
N LEU A 1141 -60.51 61.84 66.06
CA LEU A 1141 -61.90 61.64 66.46
C LEU A 1141 -62.32 62.63 67.53
N GLN A 1142 -61.43 62.91 68.48
CA GLN A 1142 -61.72 63.84 69.55
C GLN A 1142 -62.17 65.18 68.98
N PRO A 1143 -61.42 65.68 68.01
CA PRO A 1143 -61.76 66.96 67.36
C PRO A 1143 -63.21 66.91 66.90
N GLU A 1144 -63.68 65.72 66.54
CA GLU A 1144 -65.04 65.52 66.08
C GLU A 1144 -65.98 65.48 67.29
N LEU A 1145 -65.40 65.57 68.48
CA LEU A 1145 -66.17 65.55 69.71
C LEU A 1145 -65.84 66.77 70.56
N ASP A 1146 -65.20 67.76 69.93
CA ASP A 1146 -64.83 68.99 70.63
C ASP A 1146 -65.16 70.23 69.78
N GLN B 14 28.50 -46.15 30.29
CA GLN B 14 28.38 -44.70 30.18
C GLN B 14 27.01 -44.28 30.68
N CYS B 15 26.04 -45.17 30.54
CA CYS B 15 24.69 -44.94 31.00
C CYS B 15 24.39 -45.89 32.14
N VAL B 16 23.77 -45.37 33.19
CA VAL B 16 23.27 -46.20 34.27
C VAL B 16 21.96 -45.58 34.78
N ASN B 17 20.86 -46.28 34.58
CA ASN B 17 19.61 -45.78 35.14
C ASN B 17 19.36 -46.38 36.50
N LEU B 18 19.44 -45.52 37.51
CA LEU B 18 19.45 -45.89 38.91
C LEU B 18 18.09 -45.67 39.55
N THR B 19 17.04 -45.60 38.73
CA THR B 19 15.73 -45.25 39.23
C THR B 19 15.13 -46.37 40.09
N THR B 20 14.16 -45.99 40.90
CA THR B 20 13.42 -46.90 41.76
C THR B 20 11.95 -46.76 41.41
N ARG B 21 11.28 -47.89 41.17
CA ARG B 21 9.89 -47.89 40.74
C ARG B 21 8.98 -47.65 41.94
N THR B 22 8.94 -46.38 42.35
CA THR B 22 8.15 -45.90 43.48
C THR B 22 7.36 -44.65 43.07
N GLN B 23 6.81 -44.71 41.87
CA GLN B 23 6.09 -43.59 41.30
C GLN B 23 6.30 -42.26 42.05
N LEU B 24 5.16 -41.73 42.54
CA LEU B 24 5.10 -40.50 43.35
C LEU B 24 3.86 -39.57 43.13
N PRO B 25 3.00 -39.41 44.15
CA PRO B 25 1.86 -38.50 44.01
C PRO B 25 2.34 -37.10 43.64
N PRO B 26 1.82 -36.52 42.56
CA PRO B 26 2.34 -35.22 42.10
C PRO B 26 1.84 -34.08 42.98
N ALA B 27 2.77 -33.42 43.67
CA ALA B 27 2.43 -32.31 44.53
C ALA B 27 2.20 -31.05 43.72
N TYR B 28 1.64 -30.04 44.37
CA TYR B 28 1.43 -28.73 43.76
C TYR B 28 1.65 -27.67 44.81
N THR B 29 1.99 -26.47 44.35
CA THR B 29 2.11 -25.33 45.25
C THR B 29 1.80 -24.05 44.49
N ASN B 30 1.65 -22.97 45.23
CA ASN B 30 1.19 -21.70 44.69
C ASN B 30 2.38 -20.79 44.39
N SER B 31 2.55 -20.44 43.12
CA SER B 31 3.41 -19.33 42.74
C SER B 31 2.52 -18.09 42.76
N PHE B 32 2.61 -17.33 43.85
CA PHE B 32 1.71 -16.21 44.09
C PHE B 32 1.91 -15.09 43.06
N THR B 33 3.05 -14.40 43.14
CA THR B 33 3.46 -13.42 42.12
C THR B 33 4.94 -13.67 41.84
N ARG B 34 5.22 -14.61 40.95
CA ARG B 34 6.60 -14.96 40.61
C ARG B 34 6.75 -14.98 39.10
N GLY B 35 7.98 -14.78 38.64
CA GLY B 35 8.30 -14.95 37.24
C GLY B 35 7.93 -13.76 36.37
N VAL B 36 8.48 -12.60 36.70
CA VAL B 36 8.27 -11.38 35.92
C VAL B 36 9.63 -10.90 35.43
N TYR B 37 9.79 -10.85 34.12
CA TYR B 37 11.04 -10.47 33.47
C TYR B 37 10.85 -9.16 32.74
N TYR B 38 11.95 -8.61 32.25
CA TYR B 38 11.87 -7.43 31.41
C TYR B 38 11.60 -7.90 29.98
N PRO B 39 10.40 -7.64 29.41
CA PRO B 39 10.13 -8.15 28.07
C PRO B 39 10.61 -7.22 26.96
N ASP B 40 11.78 -6.60 27.16
CA ASP B 40 12.45 -5.64 26.28
C ASP B 40 13.76 -5.21 26.92
N LYS B 41 14.49 -4.34 26.22
CA LYS B 41 15.73 -3.80 26.71
C LYS B 41 15.59 -2.29 26.91
N VAL B 42 14.34 -1.83 27.07
CA VAL B 42 14.06 -0.41 27.24
C VAL B 42 14.21 -0.04 28.70
N PHE B 43 14.63 1.21 28.94
CA PHE B 43 14.72 1.74 30.29
C PHE B 43 13.51 2.63 30.56
N ARG B 44 12.98 2.58 31.77
CA ARG B 44 11.83 3.39 32.13
C ARG B 44 11.78 3.67 33.62
N SER B 45 11.28 4.83 34.00
CA SER B 45 11.18 5.20 35.41
C SER B 45 9.82 5.82 35.70
N SER B 46 9.37 5.67 36.95
CA SER B 46 8.10 6.23 37.40
C SER B 46 6.98 6.17 36.36
N VAL B 47 6.62 4.95 35.96
CA VAL B 47 5.57 4.75 34.96
C VAL B 47 4.79 3.47 35.23
N LEU B 48 3.73 3.24 34.45
CA LEU B 48 2.90 2.05 34.59
C LEU B 48 2.63 1.47 33.21
N HIS B 49 3.64 0.82 32.65
CA HIS B 49 3.56 0.23 31.31
C HIS B 49 2.77 -1.08 31.24
N SER B 50 2.10 -1.30 30.11
CA SER B 50 1.32 -2.51 29.87
C SER B 50 2.03 -3.37 28.82
N THR B 51 1.61 -4.62 28.65
CA THR B 51 2.29 -5.46 27.65
C THR B 51 1.60 -6.82 27.58
N GLN B 52 1.18 -7.20 26.37
CA GLN B 52 0.73 -8.57 26.10
C GLN B 52 1.93 -9.38 25.66
N ASP B 53 2.11 -10.55 26.26
CA ASP B 53 3.31 -11.35 26.08
C ASP B 53 2.97 -12.78 26.49
N LEU B 54 4.00 -13.60 26.65
CA LEU B 54 3.88 -14.90 27.28
C LEU B 54 4.44 -14.79 28.68
N PHE B 55 3.58 -14.90 29.68
CA PHE B 55 3.94 -14.71 31.07
C PHE B 55 3.45 -15.91 31.88
N LEU B 56 3.95 -15.99 33.12
CA LEU B 56 3.38 -16.92 34.09
C LEU B 56 2.26 -16.22 34.82
N PRO B 57 1.02 -16.70 34.73
CA PRO B 57 -0.08 -16.03 35.43
C PRO B 57 0.05 -16.13 36.95
N PHE B 58 -0.56 -15.16 37.62
CA PHE B 58 -0.40 -15.02 39.06
C PHE B 58 -1.33 -15.97 39.79
N PHE B 59 -0.87 -16.41 40.98
CA PHE B 59 -1.56 -17.39 41.83
C PHE B 59 -1.86 -18.67 41.07
N SER B 60 -0.82 -19.21 40.44
CA SER B 60 -0.94 -20.38 39.58
C SER B 60 -0.45 -21.62 40.32
N ASN B 61 -0.50 -22.75 39.63
CA ASN B 61 -0.33 -24.06 40.24
C ASN B 61 0.98 -24.65 39.71
N VAL B 62 2.07 -24.33 40.37
CA VAL B 62 3.36 -24.85 39.93
C VAL B 62 3.57 -26.21 40.57
N THR B 63 4.28 -27.07 39.85
CA THR B 63 4.52 -28.44 40.30
C THR B 63 5.84 -28.48 41.05
N TRP B 64 5.83 -29.17 42.18
CA TRP B 64 6.91 -29.21 43.16
C TRP B 64 7.59 -30.57 43.06
N PHE B 65 8.85 -30.58 42.64
CA PHE B 65 9.63 -31.80 42.57
C PHE B 65 10.66 -31.76 43.69
N HIS B 66 10.70 -32.82 44.48
CA HIS B 66 11.55 -32.87 45.66
C HIS B 66 12.57 -33.98 45.49
N ALA B 67 13.83 -33.67 45.82
CA ALA B 67 14.93 -34.61 45.63
C ALA B 67 15.23 -35.44 46.87
N ILE B 68 14.36 -35.41 47.89
CA ILE B 68 14.57 -36.21 49.09
C ILE B 68 14.15 -37.65 48.90
N HIS B 69 13.48 -37.98 47.79
CA HIS B 69 12.87 -39.31 47.64
C HIS B 69 13.89 -40.40 47.31
N VAL B 70 14.81 -40.64 48.24
CA VAL B 70 15.66 -41.82 48.21
C VAL B 70 15.62 -42.58 49.54
N SER B 71 14.84 -42.10 50.52
CA SER B 71 14.90 -42.56 51.89
C SER B 71 14.33 -43.96 52.05
N GLY B 72 14.41 -44.48 53.27
CA GLY B 72 13.94 -45.81 53.59
C GLY B 72 12.69 -45.81 54.45
N ASP B 80 14.56 -39.38 40.53
CA ASP B 80 13.20 -38.90 40.73
C ASP B 80 12.83 -37.78 39.77
N ASN B 81 13.65 -37.58 38.73
CA ASN B 81 13.29 -36.53 37.81
C ASN B 81 12.68 -37.10 36.53
N PRO B 82 11.50 -36.64 36.14
CA PRO B 82 10.89 -37.14 34.90
C PRO B 82 11.17 -36.25 33.71
N VAL B 83 10.79 -36.69 32.52
CA VAL B 83 10.75 -35.80 31.37
C VAL B 83 9.42 -35.06 31.36
N LEU B 84 9.48 -33.75 31.23
CA LEU B 84 8.31 -32.92 31.40
C LEU B 84 7.98 -32.19 30.10
N PRO B 85 6.73 -31.82 29.89
CA PRO B 85 6.38 -31.06 28.70
C PRO B 85 6.93 -29.64 28.70
N PHE B 86 7.01 -29.09 27.50
CA PHE B 86 7.53 -27.76 27.19
C PHE B 86 6.51 -27.07 26.30
N ASN B 87 5.28 -26.94 26.82
CA ASN B 87 4.11 -26.47 26.07
C ASN B 87 4.36 -25.17 25.34
N ASP B 88 4.70 -24.11 26.06
CA ASP B 88 4.97 -22.83 25.44
C ASP B 88 6.18 -22.11 26.02
N GLY B 89 6.86 -22.71 26.98
CA GLY B 89 7.91 -22.03 27.72
C GLY B 89 7.58 -22.34 29.16
N VAL B 90 8.62 -22.33 30.00
CA VAL B 90 8.45 -22.72 31.40
C VAL B 90 9.17 -21.75 32.32
N TYR B 91 8.74 -21.78 33.58
CA TYR B 91 9.37 -21.13 34.71
C TYR B 91 9.94 -22.21 35.62
N PHE B 92 11.20 -22.03 36.03
CA PHE B 92 11.96 -23.04 36.75
C PHE B 92 12.57 -22.40 37.97
N ALA B 93 12.44 -23.05 39.13
CA ALA B 93 13.00 -22.47 40.34
C ALA B 93 13.68 -23.54 41.17
N SER B 94 14.88 -23.23 41.67
CA SER B 94 15.67 -24.19 42.45
C SER B 94 16.07 -23.56 43.78
N THR B 95 15.86 -24.29 44.86
CA THR B 95 16.25 -23.80 46.17
C THR B 95 17.68 -24.31 46.41
N GLU B 96 17.81 -25.40 47.15
CA GLU B 96 19.12 -26.00 47.40
C GLU B 96 20.11 -25.06 48.07
N LYS B 97 21.12 -25.65 48.70
CA LYS B 97 22.15 -24.89 49.42
C LYS B 97 23.52 -24.98 48.76
N SER B 98 23.80 -26.09 48.09
CA SER B 98 25.11 -26.27 47.44
C SER B 98 25.05 -25.92 45.95
N ASN B 99 25.02 -26.93 45.10
CA ASN B 99 24.95 -26.73 43.65
C ASN B 99 24.49 -28.01 42.98
N ILE B 100 23.71 -28.80 43.71
CA ILE B 100 23.23 -30.06 43.19
C ILE B 100 22.37 -29.90 41.93
N ILE B 101 22.20 -28.67 41.45
CA ILE B 101 21.39 -28.51 40.25
C ILE B 101 22.32 -28.08 39.13
N ARG B 102 22.51 -28.96 38.17
CA ARG B 102 23.23 -28.64 36.93
C ARG B 102 22.21 -28.28 35.86
N GLY B 103 22.63 -28.23 34.61
CA GLY B 103 21.78 -27.78 33.53
C GLY B 103 20.62 -28.69 33.12
N TRP B 104 20.15 -28.49 31.90
CA TRP B 104 18.93 -29.11 31.40
C TRP B 104 19.20 -29.65 30.00
N ILE B 105 18.28 -30.49 29.52
CA ILE B 105 18.30 -30.95 28.13
C ILE B 105 16.91 -30.74 27.55
N PHE B 106 16.85 -30.26 26.30
CA PHE B 106 15.63 -29.89 25.63
C PHE B 106 15.57 -30.54 24.27
N GLY B 107 14.37 -30.93 23.84
CA GLY B 107 14.23 -31.50 22.53
C GLY B 107 12.81 -31.88 22.25
N THR B 108 12.62 -32.81 21.33
CA THR B 108 11.30 -33.33 21.02
C THR B 108 11.21 -34.85 21.05
N THR B 109 12.34 -35.55 20.96
CA THR B 109 12.31 -37.00 21.09
C THR B 109 13.41 -37.55 21.98
N LEU B 110 14.44 -36.76 22.32
CA LEU B 110 15.50 -37.08 23.28
C LEU B 110 16.24 -38.36 22.86
N ASP B 111 16.63 -38.39 21.60
CA ASP B 111 17.02 -39.58 20.89
C ASP B 111 17.93 -39.13 19.75
N SER B 112 18.44 -40.08 18.97
CA SER B 112 18.98 -39.77 17.65
C SER B 112 17.82 -39.52 16.69
N LYS B 113 18.15 -39.27 15.43
CA LYS B 113 17.29 -38.85 14.31
C LYS B 113 16.72 -37.45 14.48
N THR B 114 16.98 -36.77 15.59
CA THR B 114 16.56 -35.39 15.80
C THR B 114 17.61 -34.71 16.66
N GLN B 115 17.83 -33.43 16.42
CA GLN B 115 18.75 -32.63 17.20
C GLN B 115 18.16 -32.32 18.57
N SER B 116 19.03 -31.93 19.50
CA SER B 116 18.65 -31.62 20.85
C SER B 116 19.65 -30.64 21.46
N LEU B 117 19.23 -29.99 22.54
CA LEU B 117 19.98 -28.95 23.21
C LEU B 117 20.38 -29.41 24.61
N LEU B 118 21.60 -29.06 25.00
CA LEU B 118 22.20 -29.49 26.25
C LEU B 118 22.90 -28.31 26.90
N ILE B 119 22.47 -27.96 28.11
CA ILE B 119 23.10 -26.89 28.90
C ILE B 119 23.62 -27.52 30.18
N VAL B 120 24.93 -27.62 30.32
CA VAL B 120 25.49 -28.20 31.54
C VAL B 120 26.54 -27.30 32.18
N ASN B 121 26.64 -27.39 33.50
CA ASN B 121 27.59 -26.59 34.26
C ASN B 121 28.72 -27.44 34.81
N ASN B 122 29.79 -27.61 34.05
CA ASN B 122 30.90 -28.40 34.56
C ASN B 122 31.58 -27.60 35.67
N ALA B 123 32.91 -27.61 35.69
CA ALA B 123 33.61 -26.87 36.73
C ALA B 123 34.32 -25.64 36.16
N THR B 124 33.91 -24.47 36.63
CA THR B 124 34.51 -23.23 36.16
C THR B 124 34.10 -22.86 34.75
N ASN B 125 32.99 -23.41 34.28
CA ASN B 125 32.50 -23.11 32.94
C ASN B 125 31.09 -23.61 32.65
N VAL B 126 30.45 -22.98 31.68
CA VAL B 126 29.11 -23.35 31.27
C VAL B 126 29.15 -23.67 29.79
N VAL B 127 28.82 -24.91 29.44
CA VAL B 127 28.84 -25.29 28.04
C VAL B 127 27.41 -25.57 27.58
N ILE B 128 27.18 -25.33 26.28
CA ILE B 128 25.89 -25.40 25.62
C ILE B 128 26.11 -26.01 24.23
N LYS B 129 25.37 -27.07 23.92
CA LYS B 129 25.56 -27.78 22.67
C LYS B 129 24.22 -28.11 22.01
N VAL B 130 24.16 -28.01 20.70
CA VAL B 130 23.06 -28.52 19.90
C VAL B 130 23.64 -29.57 18.98
N CYS B 131 23.07 -30.78 19.02
CA CYS B 131 23.72 -31.89 18.33
C CYS B 131 22.67 -32.97 18.10
N GLU B 132 23.12 -34.17 17.78
CA GLU B 132 22.23 -35.34 17.70
C GLU B 132 22.68 -36.31 18.78
N PHE B 133 22.16 -36.12 19.99
CA PHE B 133 22.59 -36.84 21.16
C PHE B 133 21.80 -38.14 21.32
N GLN B 134 22.32 -39.01 22.19
CA GLN B 134 21.69 -40.29 22.55
C GLN B 134 21.68 -40.41 24.07
N PHE B 135 21.00 -39.45 24.71
CA PHE B 135 20.90 -39.34 26.17
C PHE B 135 20.45 -40.63 26.82
N CYS B 136 20.95 -40.86 28.05
CA CYS B 136 20.48 -41.97 28.86
C CYS B 136 19.06 -41.70 29.35
N ASN B 137 18.42 -42.75 29.88
CA ASN B 137 17.10 -42.56 30.47
C ASN B 137 17.16 -41.79 31.78
N ASP B 138 18.25 -41.92 32.53
CA ASP B 138 18.47 -41.14 33.75
C ASP B 138 19.82 -40.44 33.66
N PRO B 139 19.91 -39.35 32.91
CA PRO B 139 21.20 -38.67 32.77
C PRO B 139 21.53 -37.88 34.02
N PHE B 140 22.77 -38.01 34.48
CA PHE B 140 23.18 -37.31 35.68
C PHE B 140 24.68 -37.07 35.62
N LEU B 141 25.12 -36.12 36.41
CA LEU B 141 26.52 -35.95 36.70
C LEU B 141 26.85 -36.71 37.98
N GLY B 142 28.00 -37.35 38.00
CA GLY B 142 28.44 -38.07 39.18
C GLY B 142 29.75 -37.52 39.68
N VAL B 143 29.71 -36.89 40.86
CA VAL B 143 30.87 -36.20 41.40
C VAL B 143 31.27 -36.80 42.74
N TYR B 144 32.50 -37.30 42.82
CA TYR B 144 32.96 -37.91 44.07
C TYR B 144 34.44 -37.72 44.36
N TYR B 145 34.73 -36.81 45.29
CA TYR B 145 36.08 -36.50 45.72
C TYR B 145 36.14 -35.15 46.43
N HIS B 146 34.99 -34.48 46.48
CA HIS B 146 34.91 -33.17 47.13
C HIS B 146 35.54 -33.23 48.52
N LYS B 147 35.71 -34.45 49.02
CA LYS B 147 36.29 -34.66 50.34
C LYS B 147 37.63 -35.38 50.22
N ASN B 148 37.58 -36.63 49.75
CA ASN B 148 38.78 -37.44 49.58
C ASN B 148 39.94 -36.63 48.98
N ASN B 149 41.03 -36.54 49.74
CA ASN B 149 42.20 -35.80 49.29
C ASN B 149 41.85 -34.34 49.00
N LYS B 150 40.56 -34.02 49.14
CA LYS B 150 40.10 -32.66 48.91
C LYS B 150 40.73 -32.07 47.65
N SER B 151 41.18 -32.95 46.76
CA SER B 151 41.79 -32.51 45.51
C SER B 151 41.26 -33.30 44.32
N TRP B 152 41.25 -32.66 43.16
CA TRP B 152 40.77 -33.29 41.94
C TRP B 152 39.25 -33.31 41.86
N MET B 153 38.61 -33.99 42.82
CA MET B 153 37.16 -34.09 42.85
C MET B 153 36.67 -34.48 41.47
N GLU B 154 37.28 -35.53 40.90
CA GLU B 154 36.92 -36.01 39.58
C GLU B 154 35.42 -36.11 39.37
N SER B 155 34.97 -35.83 38.16
CA SER B 155 33.55 -35.89 37.83
C SER B 155 33.26 -37.05 36.89
N GLU B 156 32.02 -37.16 36.44
CA GLU B 156 31.61 -38.22 35.54
C GLU B 156 30.27 -37.89 34.91
N PHE B 157 30.32 -37.47 33.64
CA PHE B 157 29.10 -37.09 32.92
C PHE B 157 28.45 -38.33 32.32
N ARG B 158 27.43 -38.86 32.98
CA ARG B 158 26.66 -39.98 32.44
C ARG B 158 25.44 -39.49 31.69
N VAL B 159 25.64 -38.56 30.77
CA VAL B 159 24.52 -37.86 30.15
C VAL B 159 24.05 -38.60 28.91
N TYR B 160 24.92 -38.72 27.92
CA TYR B 160 24.59 -39.34 26.63
C TYR B 160 25.56 -40.47 26.35
N SER B 161 25.33 -41.14 25.23
CA SER B 161 26.19 -42.20 24.77
C SER B 161 26.74 -41.98 23.37
N SER B 162 26.22 -41.01 22.62
CA SER B 162 26.78 -40.60 21.34
C SER B 162 26.46 -39.13 21.12
N ALA B 163 27.41 -38.39 20.54
CA ALA B 163 27.19 -36.98 20.23
C ALA B 163 27.93 -36.67 18.94
N ASN B 164 27.21 -36.60 17.83
CA ASN B 164 27.81 -36.23 16.57
C ASN B 164 26.81 -35.43 15.76
N ASN B 165 27.32 -34.78 14.71
CA ASN B 165 26.60 -33.81 13.86
C ASN B 165 26.16 -32.58 14.66
N CYS B 166 27.07 -32.07 15.48
CA CYS B 166 26.79 -30.87 16.25
C CYS B 166 26.82 -29.64 15.34
N THR B 167 25.98 -28.66 15.68
CA THR B 167 25.95 -27.40 14.93
C THR B 167 26.41 -26.21 15.77
N PHE B 168 25.82 -25.98 16.93
CA PHE B 168 26.18 -24.85 17.78
C PHE B 168 27.02 -25.33 18.95
N GLU B 169 27.94 -24.46 19.38
CA GLU B 169 28.85 -24.73 20.47
C GLU B 169 29.04 -23.45 21.26
N TYR B 170 28.93 -23.52 22.59
CA TYR B 170 29.12 -22.32 23.39
C TYR B 170 29.76 -22.67 24.72
N VAL B 171 30.90 -22.05 25.02
CA VAL B 171 31.57 -22.21 26.30
C VAL B 171 31.82 -20.82 26.86
N SER B 172 31.18 -20.50 27.98
CA SER B 172 31.28 -19.16 28.53
C SER B 172 31.40 -19.25 30.05
N GLN B 173 31.52 -18.08 30.69
CA GLN B 173 31.57 -17.99 32.14
C GLN B 173 30.30 -18.56 32.74
N PRO B 174 30.39 -19.31 33.84
CA PRO B 174 29.26 -20.14 34.28
C PRO B 174 28.07 -19.35 34.76
N PHE B 175 27.00 -20.07 35.05
CA PHE B 175 25.73 -19.47 35.44
C PHE B 175 25.79 -19.03 36.90
N LEU B 176 24.62 -18.78 37.50
CA LEU B 176 24.58 -18.19 38.83
C LEU B 176 25.07 -19.17 39.89
N MET B 177 26.39 -19.26 40.02
CA MET B 177 27.02 -20.18 40.95
C MET B 177 28.17 -19.51 41.70
N ASP B 178 27.98 -18.24 42.05
CA ASP B 178 28.84 -17.50 42.95
C ASP B 178 28.74 -17.99 44.40
N LEU B 179 29.37 -17.24 45.32
CA LEU B 179 29.39 -17.46 46.78
C LEU B 179 30.18 -18.71 47.12
N ASN B 185 23.03 -19.85 57.89
CA ASN B 185 22.68 -20.66 56.73
C ASN B 185 21.72 -19.91 55.81
N PHE B 186 21.76 -20.25 54.53
CA PHE B 186 20.87 -19.65 53.55
C PHE B 186 20.78 -20.56 52.33
N LYS B 187 19.57 -20.75 51.85
CA LYS B 187 19.33 -21.45 50.60
C LYS B 187 19.40 -20.39 49.50
N ASN B 188 19.73 -20.82 48.29
CA ASN B 188 19.90 -19.89 47.18
C ASN B 188 18.80 -20.13 46.16
N LEU B 189 17.78 -19.27 46.17
CA LEU B 189 16.72 -19.38 45.18
C LEU B 189 17.24 -18.89 43.83
N ARG B 190 17.30 -19.79 42.86
CA ARG B 190 17.61 -19.41 41.48
C ARG B 190 16.37 -19.59 40.62
N GLU B 191 16.05 -18.56 39.86
CA GLU B 191 14.85 -18.52 39.03
C GLU B 191 15.26 -18.37 37.57
N PHE B 192 14.65 -19.20 36.72
CA PHE B 192 14.88 -19.20 35.28
C PHE B 192 13.53 -19.17 34.57
N VAL B 193 13.53 -18.59 33.38
CA VAL B 193 12.39 -18.65 32.47
C VAL B 193 12.93 -18.97 31.08
N PHE B 194 12.43 -20.04 30.49
CA PHE B 194 12.80 -20.46 29.14
C PHE B 194 11.62 -20.27 28.21
N LYS B 195 11.90 -19.78 27.00
CA LYS B 195 10.90 -19.83 25.94
C LYS B 195 11.58 -19.94 24.59
N ASN B 196 10.97 -20.74 23.70
CA ASN B 196 11.53 -21.03 22.38
C ASN B 196 10.64 -20.34 21.36
N ILE B 197 11.18 -19.33 20.68
CA ILE B 197 10.38 -18.54 19.75
C ILE B 197 11.14 -18.33 18.44
N ASP B 198 10.53 -18.78 17.33
CA ASP B 198 10.93 -18.51 15.95
C ASP B 198 12.38 -18.88 15.66
N GLY B 199 12.84 -19.95 16.29
CA GLY B 199 14.20 -20.39 16.11
C GLY B 199 15.21 -19.81 17.06
N TYR B 200 14.78 -19.13 18.12
CA TYR B 200 15.69 -18.71 19.18
C TYR B 200 15.27 -19.34 20.50
N PHE B 201 16.24 -19.43 21.41
CA PHE B 201 16.02 -19.85 22.78
C PHE B 201 16.27 -18.66 23.70
N LYS B 202 15.33 -18.37 24.60
CA LYS B 202 15.43 -17.22 25.48
C LYS B 202 15.47 -17.69 26.92
N ILE B 203 16.52 -17.31 27.65
CA ILE B 203 16.68 -17.65 29.07
C ILE B 203 16.85 -16.37 29.87
N TYR B 204 15.96 -16.16 30.84
CA TYR B 204 16.03 -15.09 31.83
C TYR B 204 16.26 -15.71 33.20
N SER B 205 16.96 -14.98 34.08
CA SER B 205 17.32 -15.57 35.37
C SER B 205 17.57 -14.52 36.44
N LYS B 206 17.48 -14.98 37.69
CA LYS B 206 17.77 -14.18 38.87
C LYS B 206 18.21 -15.10 39.99
N HIS B 207 19.01 -14.57 40.91
CA HIS B 207 19.54 -15.29 42.06
C HIS B 207 19.27 -14.49 43.32
N THR B 208 18.73 -15.15 44.35
CA THR B 208 18.36 -14.48 45.58
C THR B 208 18.73 -15.35 46.79
N PRO B 209 19.41 -14.80 47.79
CA PRO B 209 19.68 -15.58 49.01
C PRO B 209 18.48 -15.70 49.94
N ILE B 210 17.64 -16.72 49.72
CA ILE B 210 16.40 -16.88 50.46
C ILE B 210 16.73 -17.36 51.88
N ASN B 211 15.80 -17.16 52.82
CA ASN B 211 15.98 -17.61 54.19
C ASN B 211 14.87 -18.56 54.61
N LEU B 212 13.66 -18.35 54.12
CA LEU B 212 12.53 -19.21 54.48
C LEU B 212 12.61 -20.54 53.75
N VAL B 213 12.37 -21.62 54.48
CA VAL B 213 12.60 -22.96 53.97
C VAL B 213 11.31 -23.42 53.28
N ARG B 214 11.39 -24.49 52.49
CA ARG B 214 10.30 -25.33 51.97
C ARG B 214 9.56 -24.72 50.80
N ASP B 215 9.76 -23.43 50.51
CA ASP B 215 8.99 -22.81 49.44
C ASP B 215 9.69 -21.56 48.89
N LEU B 216 9.28 -21.16 47.68
CA LEU B 216 9.65 -19.90 47.07
C LEU B 216 9.00 -18.74 47.81
N PRO B 217 9.70 -17.59 47.94
CA PRO B 217 9.26 -16.58 48.90
C PRO B 217 8.11 -15.71 48.40
N GLN B 218 7.75 -14.70 49.20
CA GLN B 218 6.67 -13.79 48.86
C GLN B 218 7.16 -12.41 48.47
N GLY B 219 8.41 -12.28 48.02
CA GLY B 219 8.92 -10.99 47.59
C GLY B 219 8.57 -10.68 46.15
N PHE B 220 9.33 -9.79 45.53
CA PHE B 220 9.14 -9.46 44.13
C PHE B 220 10.51 -9.14 43.53
N SER B 221 10.92 -9.94 42.54
CA SER B 221 12.23 -9.80 41.92
C SER B 221 12.07 -9.73 40.42
N ALA B 222 12.84 -8.85 39.78
CA ALA B 222 12.94 -8.84 38.34
C ALA B 222 13.79 -10.01 37.87
N LEU B 223 13.69 -10.32 36.58
CA LEU B 223 14.48 -11.39 35.97
C LEU B 223 15.29 -10.78 34.83
N GLU B 224 16.52 -10.38 35.10
CA GLU B 224 17.33 -9.80 34.06
C GLU B 224 17.59 -10.93 33.09
N PRO B 225 17.72 -10.63 31.80
CA PRO B 225 17.97 -11.67 30.81
C PRO B 225 19.41 -12.13 30.76
N LEU B 226 19.60 -13.46 30.67
CA LEU B 226 20.93 -13.98 30.43
C LEU B 226 21.24 -14.12 28.95
N VAL B 227 20.51 -14.98 28.24
CA VAL B 227 20.99 -15.39 26.93
C VAL B 227 19.86 -15.53 25.91
N ASP B 228 20.25 -15.39 24.66
CA ASP B 228 19.41 -15.54 23.48
C ASP B 228 20.18 -16.41 22.49
N LEU B 229 19.95 -17.69 22.52
CA LEU B 229 20.75 -18.58 21.71
C LEU B 229 20.13 -18.76 20.33
N PRO B 230 20.92 -18.66 19.26
CA PRO B 230 20.43 -18.96 17.90
C PRO B 230 20.40 -20.44 17.57
N ILE B 231 19.31 -21.13 17.91
CA ILE B 231 19.28 -22.59 17.88
C ILE B 231 18.52 -23.12 16.67
N GLY B 232 17.22 -22.85 16.62
CA GLY B 232 16.42 -23.29 15.51
C GLY B 232 16.04 -24.76 15.47
N ILE B 233 15.73 -25.35 16.63
CA ILE B 233 15.22 -26.71 16.66
C ILE B 233 13.83 -26.71 17.30
N ASN B 234 13.13 -27.82 17.12
CA ASN B 234 11.77 -28.00 17.58
C ASN B 234 11.78 -28.65 18.95
N ILE B 235 11.17 -28.00 19.94
CA ILE B 235 11.21 -28.43 21.32
C ILE B 235 9.80 -28.72 21.79
N THR B 236 9.60 -29.90 22.35
CA THR B 236 8.34 -30.31 22.96
C THR B 236 8.52 -30.80 24.38
N ARG B 237 9.65 -31.45 24.69
CA ARG B 237 9.91 -32.00 26.01
C ARG B 237 11.27 -31.55 26.52
N PHE B 238 11.48 -31.76 27.81
CA PHE B 238 12.75 -31.41 28.44
C PHE B 238 12.94 -32.22 29.71
N GLN B 239 14.13 -32.10 30.29
CA GLN B 239 14.49 -32.83 31.50
C GLN B 239 15.67 -32.11 32.16
N THR B 240 15.81 -32.31 33.46
CA THR B 240 16.83 -31.64 34.26
C THR B 240 17.88 -32.65 34.75
N LEU B 241 19.11 -32.18 34.89
CA LEU B 241 20.25 -33.04 35.18
C LEU B 241 20.81 -32.69 36.55
N LEU B 242 20.91 -33.70 37.41
CA LEU B 242 21.29 -33.51 38.80
C LEU B 242 22.68 -34.06 39.05
N ALA B 243 23.41 -33.42 39.97
CA ALA B 243 24.74 -33.87 40.37
C ALA B 243 24.61 -34.74 41.61
N LEU B 244 25.04 -35.99 41.51
CA LEU B 244 24.94 -36.95 42.60
C LEU B 244 26.32 -37.31 43.13
N HIS B 245 26.40 -37.49 44.44
CA HIS B 245 27.64 -37.94 45.07
C HIS B 245 27.44 -39.26 45.80
N GLY B 257 27.72 -46.03 43.91
CA GLY B 257 27.05 -45.45 45.05
C GLY B 257 26.80 -43.96 44.87
N TRP B 258 25.56 -43.60 44.58
CA TRP B 258 25.21 -42.21 44.30
C TRP B 258 24.12 -41.74 45.24
N THR B 259 24.41 -40.72 46.04
CA THR B 259 23.44 -40.12 46.92
C THR B 259 23.01 -38.76 46.37
N ALA B 260 21.79 -38.34 46.73
CA ALA B 260 21.13 -37.28 45.99
C ALA B 260 20.91 -35.97 46.73
N GLY B 261 20.96 -35.96 48.06
CA GLY B 261 20.67 -34.72 48.76
C GLY B 261 19.18 -34.50 48.94
N ALA B 262 18.81 -33.28 49.34
CA ALA B 262 17.42 -32.96 49.66
C ALA B 262 17.04 -31.56 49.16
N ALA B 263 17.46 -31.21 47.94
CA ALA B 263 16.99 -29.96 47.36
C ALA B 263 15.65 -30.17 46.68
N ALA B 264 15.19 -29.13 45.99
CA ALA B 264 13.89 -29.17 45.34
C ALA B 264 13.89 -28.21 44.17
N TYR B 265 12.96 -28.41 43.25
CA TYR B 265 12.75 -27.46 42.17
C TYR B 265 11.27 -27.39 41.84
N TYR B 266 10.91 -26.38 41.05
CA TYR B 266 9.53 -26.01 40.80
C TYR B 266 9.39 -25.68 39.33
N VAL B 267 8.31 -26.17 38.72
CA VAL B 267 8.08 -26.00 37.29
C VAL B 267 6.69 -25.43 37.09
N GLY B 268 6.59 -24.30 36.38
CA GLY B 268 5.32 -23.74 36.00
C GLY B 268 5.33 -23.40 34.51
N TYR B 269 4.14 -23.24 33.96
CA TYR B 269 4.02 -23.12 32.51
C TYR B 269 3.50 -21.75 32.14
N LEU B 270 3.90 -21.28 30.96
CA LEU B 270 3.55 -19.94 30.50
C LEU B 270 2.29 -19.94 29.66
N GLN B 271 1.56 -18.83 29.73
CA GLN B 271 0.36 -18.55 28.96
C GLN B 271 0.46 -17.16 28.37
N PRO B 272 -0.22 -16.89 27.25
CA PRO B 272 -0.29 -15.51 26.75
C PRO B 272 -1.12 -14.61 27.66
N ARG B 273 -0.45 -13.66 28.31
CA ARG B 273 -1.08 -12.82 29.31
C ARG B 273 -0.73 -11.36 29.07
N THR B 274 -1.62 -10.48 29.53
CA THR B 274 -1.41 -9.05 29.52
C THR B 274 -1.09 -8.59 30.92
N PHE B 275 0.04 -7.89 31.08
CA PHE B 275 0.52 -7.46 32.39
C PHE B 275 0.60 -5.94 32.44
N LEU B 276 0.34 -5.40 33.63
CA LEU B 276 0.43 -3.97 33.92
C LEU B 276 1.65 -3.92 34.81
N LEU B 277 2.68 -3.17 34.42
CA LEU B 277 3.92 -3.16 35.18
C LEU B 277 4.37 -1.73 35.44
N LYS B 278 4.64 -1.42 36.71
CA LYS B 278 5.15 -0.12 37.14
C LYS B 278 6.63 -0.40 37.39
N TYR B 279 7.54 0.56 37.20
CA TYR B 279 8.94 0.15 37.40
C TYR B 279 9.48 0.56 38.76
N ASN B 280 9.91 1.82 38.84
CA ASN B 280 10.46 2.42 40.05
C ASN B 280 10.91 3.83 39.71
N GLU B 281 11.38 4.56 40.71
CA GLU B 281 11.86 5.91 40.49
C GLU B 281 13.24 5.88 39.83
N ASN B 282 13.69 4.67 39.54
CA ASN B 282 14.99 4.47 38.92
C ASN B 282 15.09 3.10 38.26
N GLY B 283 14.20 2.84 37.31
CA GLY B 283 14.21 1.55 36.64
C GLY B 283 13.94 0.49 37.69
N THR B 284 14.11 -0.77 37.35
CA THR B 284 13.86 -1.85 38.30
C THR B 284 12.36 -1.92 38.51
N ILE B 285 11.77 -3.07 38.21
CA ILE B 285 10.32 -3.19 38.37
C ILE B 285 9.88 -3.61 39.76
N THR B 286 9.06 -2.77 40.40
CA THR B 286 8.54 -3.04 41.73
C THR B 286 7.31 -3.93 41.72
N ASP B 287 6.37 -3.71 40.79
CA ASP B 287 5.14 -4.48 40.83
C ASP B 287 4.49 -4.54 39.46
N ALA B 288 3.59 -5.51 39.32
CA ALA B 288 2.83 -5.79 38.11
C ALA B 288 1.56 -6.52 38.49
N VAL B 289 0.52 -6.36 37.68
CA VAL B 289 -0.75 -6.97 37.97
C VAL B 289 -1.20 -7.85 36.83
N ASP B 290 -1.85 -8.96 37.16
CA ASP B 290 -2.33 -9.87 36.15
C ASP B 290 -3.81 -9.66 35.94
N CYS B 291 -4.19 -9.13 34.78
CA CYS B 291 -5.60 -8.96 34.47
C CYS B 291 -6.12 -10.37 34.27
N ALA B 292 -7.35 -10.52 33.81
CA ALA B 292 -7.89 -11.86 33.59
C ALA B 292 -7.68 -12.75 34.82
N LEU B 293 -7.36 -12.13 35.95
CA LEU B 293 -7.16 -12.84 37.20
C LEU B 293 -8.01 -12.12 38.22
N ASP B 294 -9.33 -12.33 38.12
CA ASP B 294 -10.36 -11.71 38.98
C ASP B 294 -10.92 -10.50 38.26
N PRO B 295 -12.18 -10.17 38.55
CA PRO B 295 -12.83 -9.02 37.93
C PRO B 295 -12.27 -7.70 38.50
N LEU B 296 -11.59 -7.80 39.63
CA LEU B 296 -10.99 -6.64 40.28
C LEU B 296 -9.79 -6.15 39.49
N SER B 297 -8.85 -7.06 39.23
CA SER B 297 -7.65 -6.75 38.49
C SER B 297 -7.97 -6.18 37.11
N GLU B 298 -9.06 -6.66 36.50
CA GLU B 298 -9.53 -6.05 35.26
C GLU B 298 -9.75 -4.55 35.44
N THR B 299 -10.36 -4.16 36.55
CA THR B 299 -10.60 -2.74 36.78
C THR B 299 -9.31 -2.00 37.13
N LYS B 300 -8.46 -2.60 37.96
CA LYS B 300 -7.16 -2.00 38.24
C LYS B 300 -6.39 -1.71 36.96
N CYS B 301 -6.51 -2.64 36.01
CA CYS B 301 -5.80 -2.54 34.75
C CYS B 301 -6.38 -1.48 33.84
N THR B 302 -7.69 -1.51 33.68
CA THR B 302 -8.35 -0.53 32.81
C THR B 302 -8.28 0.87 33.40
N LEU B 303 -8.11 0.98 34.72
CA LEU B 303 -7.88 2.27 35.36
C LEU B 303 -6.44 2.73 35.25
N LYS B 304 -5.52 1.82 34.93
CA LYS B 304 -4.09 2.09 34.95
C LYS B 304 -3.68 2.66 36.30
N SER B 305 -4.06 1.95 37.35
CA SER B 305 -3.68 2.33 38.71
C SER B 305 -3.77 1.09 39.58
N PHE B 306 -3.01 1.11 40.66
CA PHE B 306 -2.99 -0.02 41.59
C PHE B 306 -4.01 0.12 42.70
N THR B 307 -4.68 1.26 42.81
CA THR B 307 -5.68 1.50 43.83
C THR B 307 -7.02 1.74 43.17
N VAL B 308 -8.07 1.17 43.74
CA VAL B 308 -9.42 1.37 43.25
C VAL B 308 -10.23 2.02 44.36
N GLU B 309 -11.01 3.04 44.00
CA GLU B 309 -11.82 3.78 44.94
C GLU B 309 -13.22 3.17 45.00
N LYS B 310 -13.87 3.35 46.15
CA LYS B 310 -15.19 2.78 46.40
C LYS B 310 -16.14 3.07 45.24
N GLY B 311 -16.89 2.06 44.82
CA GLY B 311 -17.86 2.27 43.77
C GLY B 311 -18.19 0.98 43.05
N ILE B 312 -18.78 1.15 41.87
CA ILE B 312 -19.14 0.05 40.99
C ILE B 312 -18.63 0.40 39.60
N TYR B 313 -18.00 -0.58 38.94
CA TYR B 313 -17.33 -0.35 37.68
C TYR B 313 -17.76 -1.39 36.66
N GLN B 314 -17.90 -0.97 35.40
CA GLN B 314 -18.22 -1.90 34.33
C GLN B 314 -16.96 -2.59 33.86
N THR B 315 -17.03 -3.90 33.66
CA THR B 315 -15.91 -4.67 33.13
C THR B 315 -16.34 -5.28 31.78
N SER B 316 -15.51 -6.13 31.19
CA SER B 316 -15.82 -6.68 29.88
C SER B 316 -16.98 -7.66 29.98
N ASN B 317 -17.65 -7.86 28.85
CA ASN B 317 -18.75 -8.80 28.78
C ASN B 317 -18.29 -10.20 29.16
N PHE B 318 -19.22 -11.08 29.45
CA PHE B 318 -18.89 -12.43 29.87
C PHE B 318 -18.43 -13.24 28.66
N ARG B 319 -17.19 -13.70 28.69
CA ARG B 319 -16.60 -14.43 27.58
C ARG B 319 -16.61 -15.93 27.85
N VAL B 320 -16.80 -16.69 26.78
CA VAL B 320 -16.68 -18.14 26.81
C VAL B 320 -15.65 -18.54 25.76
N GLN B 321 -14.75 -19.44 26.14
CA GLN B 321 -13.69 -19.87 25.25
C GLN B 321 -14.09 -21.13 24.48
N PRO B 322 -13.67 -21.26 23.23
CA PRO B 322 -13.99 -22.46 22.46
C PRO B 322 -13.25 -23.68 22.97
N THR B 323 -13.94 -24.82 22.96
CA THR B 323 -13.41 -26.05 23.52
C THR B 323 -12.81 -26.98 22.47
N GLU B 324 -13.34 -26.94 21.25
CA GLU B 324 -12.93 -27.84 20.18
C GLU B 324 -12.69 -27.07 18.90
N SER B 325 -12.19 -27.78 17.90
CA SER B 325 -12.01 -27.28 16.55
C SER B 325 -12.55 -28.32 15.58
N ILE B 326 -13.38 -27.89 14.63
CA ILE B 326 -13.96 -28.81 13.67
C ILE B 326 -13.73 -28.29 12.26
N VAL B 327 -13.63 -29.22 11.32
CA VAL B 327 -13.50 -28.93 9.90
C VAL B 327 -14.55 -29.73 9.16
N ARG B 328 -15.24 -29.11 8.21
CA ARG B 328 -16.28 -29.78 7.44
C ARG B 328 -16.09 -29.43 5.96
N PHE B 329 -15.50 -30.35 5.22
CA PHE B 329 -15.34 -30.22 3.78
C PHE B 329 -16.23 -31.25 3.10
N PRO B 330 -16.57 -31.05 1.83
CA PRO B 330 -17.39 -32.04 1.12
C PRO B 330 -16.65 -33.35 0.91
N ASN B 331 -17.41 -34.36 0.51
CA ASN B 331 -16.88 -35.70 0.26
C ASN B 331 -16.25 -35.73 -1.13
N ILE B 332 -14.94 -35.50 -1.20
CA ILE B 332 -14.19 -35.52 -2.45
C ILE B 332 -13.06 -36.52 -2.31
N THR B 333 -12.90 -37.37 -3.31
CA THR B 333 -11.90 -38.43 -3.26
C THR B 333 -10.81 -38.30 -4.31
N ASN B 334 -11.15 -37.94 -5.55
CA ASN B 334 -10.16 -37.86 -6.61
C ASN B 334 -9.18 -36.72 -6.38
N LEU B 335 -8.07 -36.77 -7.11
CA LEU B 335 -7.10 -35.69 -7.15
C LEU B 335 -7.28 -34.92 -8.44
N CYS B 336 -6.96 -33.64 -8.40
CA CYS B 336 -7.19 -32.79 -9.57
C CYS B 336 -6.23 -33.16 -10.69
N PRO B 337 -6.62 -32.92 -11.94
CA PRO B 337 -5.77 -33.31 -13.07
C PRO B 337 -4.52 -32.46 -13.19
N PHE B 338 -3.60 -32.65 -12.24
CA PHE B 338 -2.33 -31.93 -12.26
C PHE B 338 -1.44 -32.39 -13.39
N GLY B 339 -1.64 -33.61 -13.87
CA GLY B 339 -0.76 -34.15 -14.88
C GLY B 339 -1.28 -34.05 -16.30
N GLU B 340 -2.50 -33.56 -16.48
CA GLU B 340 -2.98 -33.30 -17.84
C GLU B 340 -3.22 -31.82 -18.06
N VAL B 341 -2.80 -30.98 -17.12
CA VAL B 341 -2.80 -29.54 -17.29
C VAL B 341 -1.37 -29.00 -17.34
N PHE B 342 -0.53 -29.43 -16.40
CA PHE B 342 0.86 -29.00 -16.35
C PHE B 342 1.78 -29.92 -17.13
N ASN B 343 1.35 -31.14 -17.41
CA ASN B 343 2.20 -32.13 -18.07
C ASN B 343 1.65 -32.52 -19.43
N ALA B 344 0.84 -31.67 -20.04
CA ALA B 344 0.25 -31.95 -21.34
C ALA B 344 1.33 -31.97 -22.41
N THR B 345 0.98 -32.52 -23.57
CA THR B 345 1.96 -32.69 -24.64
C THR B 345 1.93 -31.56 -25.65
N ARG B 346 0.83 -30.84 -25.77
CA ARG B 346 0.70 -29.75 -26.72
C ARG B 346 -0.15 -28.66 -26.11
N PHE B 347 0.36 -27.44 -26.10
CA PHE B 347 -0.35 -26.29 -25.58
C PHE B 347 -0.93 -25.49 -26.74
N ALA B 348 -1.83 -24.56 -26.42
CA ALA B 348 -2.50 -23.78 -27.44
C ALA B 348 -1.69 -22.54 -27.80
N SER B 349 -2.06 -21.93 -28.91
CA SER B 349 -1.50 -20.64 -29.27
C SER B 349 -2.14 -19.56 -28.41
N VAL B 350 -1.40 -18.48 -28.17
CA VAL B 350 -1.91 -17.47 -27.25
C VAL B 350 -3.12 -16.74 -27.82
N TYR B 351 -3.24 -16.65 -29.14
CA TYR B 351 -4.41 -15.99 -29.71
C TYR B 351 -5.66 -16.86 -29.61
N ALA B 352 -5.50 -18.17 -29.46
CA ALA B 352 -6.61 -19.10 -29.34
C ALA B 352 -6.43 -19.94 -28.07
N TRP B 353 -6.15 -19.27 -26.96
CA TRP B 353 -5.81 -19.93 -25.71
C TRP B 353 -6.89 -20.92 -25.30
N ASN B 354 -6.50 -21.89 -24.47
CA ASN B 354 -7.43 -22.94 -24.09
C ASN B 354 -7.96 -22.69 -22.69
N ARG B 355 -9.22 -23.02 -22.46
CA ARG B 355 -9.86 -22.88 -21.15
C ARG B 355 -10.48 -24.21 -20.76
N LYS B 356 -10.17 -24.69 -19.56
CA LYS B 356 -10.60 -25.99 -19.10
C LYS B 356 -11.32 -25.84 -17.76
N ARG B 357 -12.38 -26.62 -17.58
CA ARG B 357 -13.15 -26.61 -16.35
C ARG B 357 -12.63 -27.65 -15.37
N ILE B 358 -12.54 -27.29 -14.10
CA ILE B 358 -12.03 -28.19 -13.07
C ILE B 358 -13.05 -28.29 -11.96
N SER B 359 -13.38 -29.52 -11.55
CA SER B 359 -14.40 -29.72 -10.54
C SER B 359 -14.25 -31.10 -9.92
N ASN B 360 -14.68 -31.21 -8.66
CA ASN B 360 -14.79 -32.47 -7.94
C ASN B 360 -13.45 -33.17 -7.74
N CYS B 361 -12.46 -32.45 -7.24
CA CYS B 361 -11.16 -33.07 -7.00
C CYS B 361 -10.43 -32.32 -5.90
N VAL B 362 -9.60 -33.04 -5.16
CA VAL B 362 -8.79 -32.47 -4.11
C VAL B 362 -7.57 -31.79 -4.73
N ALA B 363 -7.32 -30.55 -4.34
CA ALA B 363 -6.25 -29.75 -4.94
C ALA B 363 -4.98 -29.80 -4.10
N ASP B 364 -4.39 -31.00 -4.01
CA ASP B 364 -3.15 -31.22 -3.29
C ASP B 364 -1.97 -30.99 -4.23
N TYR B 365 -1.48 -29.75 -4.28
CA TYR B 365 -0.47 -29.39 -5.27
C TYR B 365 0.93 -29.83 -4.91
N SER B 366 1.13 -30.41 -3.72
CA SER B 366 2.45 -30.88 -3.35
C SER B 366 2.97 -31.96 -4.28
N VAL B 367 2.09 -32.66 -5.00
CA VAL B 367 2.54 -33.66 -5.96
C VAL B 367 3.32 -33.04 -7.11
N LEU B 368 3.26 -31.72 -7.25
CA LEU B 368 4.03 -31.05 -8.29
C LEU B 368 5.45 -30.74 -7.86
N TYR B 369 5.88 -31.20 -6.69
CA TYR B 369 7.18 -30.80 -6.17
C TYR B 369 8.32 -31.58 -6.81
N ASN B 370 8.06 -32.80 -7.28
CA ASN B 370 9.13 -33.62 -7.85
C ASN B 370 9.31 -33.37 -9.34
N SER B 371 8.23 -33.10 -10.07
CA SER B 371 8.29 -33.17 -11.52
C SER B 371 8.14 -31.81 -12.19
N ALA B 372 8.05 -30.75 -11.39
CA ALA B 372 7.77 -29.44 -11.97
C ALA B 372 8.55 -28.37 -11.22
N SER B 373 9.00 -27.37 -11.96
CA SER B 373 9.68 -26.22 -11.38
C SER B 373 9.25 -24.99 -12.15
N PHE B 374 8.52 -24.10 -11.48
CA PHE B 374 7.93 -22.93 -12.10
C PHE B 374 8.79 -21.71 -11.82
N SER B 375 9.02 -20.92 -12.86
CA SER B 375 9.79 -19.70 -12.75
C SER B 375 8.94 -18.51 -12.33
N THR B 376 7.62 -18.56 -12.56
CA THR B 376 6.72 -17.52 -12.12
C THR B 376 5.51 -18.17 -11.47
N PHE B 377 5.17 -17.72 -10.26
CA PHE B 377 3.95 -18.16 -9.59
C PHE B 377 3.45 -17.02 -8.71
N LYS B 378 2.31 -16.42 -9.09
CA LYS B 378 1.77 -15.29 -8.34
C LYS B 378 0.26 -15.39 -8.25
N CYS B 379 -0.29 -15.34 -7.02
CA CYS B 379 -1.73 -15.27 -6.83
C CYS B 379 -2.20 -13.88 -6.40
N TYR B 380 -3.39 -13.53 -6.87
CA TYR B 380 -4.07 -12.28 -6.60
C TYR B 380 -5.38 -12.59 -5.89
N GLY B 381 -5.63 -11.88 -4.79
CA GLY B 381 -6.86 -12.04 -4.05
C GLY B 381 -6.82 -13.08 -2.96
N VAL B 382 -5.68 -13.73 -2.77
CA VAL B 382 -5.55 -14.82 -1.82
C VAL B 382 -4.08 -14.96 -1.50
N SER B 383 -3.77 -15.57 -0.36
CA SER B 383 -2.37 -15.75 0.04
C SER B 383 -1.94 -17.18 -0.28
N PRO B 384 -0.72 -17.34 -0.77
CA PRO B 384 -0.26 -18.70 -1.11
C PRO B 384 -0.22 -19.63 0.09
N THR B 385 0.01 -19.11 1.28
CA THR B 385 0.04 -19.94 2.48
C THR B 385 -1.35 -20.34 2.95
N LYS B 386 -2.40 -19.81 2.36
CA LYS B 386 -3.76 -20.15 2.75
C LYS B 386 -4.42 -21.12 1.80
N LEU B 387 -3.78 -21.44 0.68
CA LEU B 387 -4.41 -22.24 -0.37
C LEU B 387 -4.75 -23.65 0.08
N ASN B 388 -4.10 -24.14 1.12
CA ASN B 388 -4.33 -25.50 1.58
C ASN B 388 -5.53 -25.63 2.50
N ASP B 389 -6.04 -24.51 3.04
CA ASP B 389 -7.17 -24.54 3.94
C ASP B 389 -8.48 -24.23 3.26
N LEU B 390 -8.44 -23.67 2.05
CA LEU B 390 -9.61 -23.10 1.42
C LEU B 390 -10.37 -24.13 0.59
N CYS B 391 -11.39 -23.64 -0.10
CA CYS B 391 -12.22 -24.43 -1.00
C CYS B 391 -12.71 -23.50 -2.09
N PHE B 392 -12.57 -23.91 -3.34
CA PHE B 392 -12.60 -23.01 -4.47
C PHE B 392 -13.84 -23.22 -5.32
N THR B 393 -14.41 -22.13 -5.82
CA THR B 393 -15.62 -22.13 -6.60
C THR B 393 -15.33 -21.73 -8.04
N ASN B 394 -15.90 -22.48 -8.99
CA ASN B 394 -15.84 -22.14 -10.41
C ASN B 394 -14.40 -22.04 -10.92
N VAL B 395 -13.70 -23.18 -10.86
CA VAL B 395 -12.27 -23.19 -11.16
C VAL B 395 -12.06 -23.44 -12.65
N TYR B 396 -11.36 -22.53 -13.30
CA TYR B 396 -10.99 -22.66 -14.70
C TYR B 396 -9.49 -22.51 -14.84
N ALA B 397 -8.93 -23.21 -15.84
CA ALA B 397 -7.52 -23.16 -16.13
C ALA B 397 -7.31 -22.78 -17.59
N ASP B 398 -6.68 -21.65 -17.83
CA ASP B 398 -6.36 -21.20 -19.18
C ASP B 398 -4.90 -21.46 -19.47
N SER B 399 -4.62 -22.08 -20.61
CA SER B 399 -3.25 -22.48 -20.95
C SER B 399 -2.88 -21.97 -22.32
N PHE B 400 -1.62 -21.54 -22.46
CA PHE B 400 -1.06 -21.15 -23.74
C PHE B 400 0.45 -21.11 -23.63
N VAL B 401 1.10 -20.68 -24.71
CA VAL B 401 2.55 -20.59 -24.80
C VAL B 401 2.91 -19.23 -25.39
N ILE B 402 3.84 -18.52 -24.75
CA ILE B 402 4.28 -17.22 -25.24
C ILE B 402 5.79 -17.15 -25.21
N ARG B 403 6.30 -16.00 -25.60
CA ARG B 403 7.73 -15.72 -25.54
C ARG B 403 8.15 -15.50 -24.09
N GLY B 404 9.45 -15.55 -23.84
CA GLY B 404 9.94 -15.37 -22.49
C GLY B 404 9.82 -13.94 -21.99
N ASP B 405 9.85 -12.98 -22.91
CA ASP B 405 9.82 -11.58 -22.52
C ASP B 405 8.41 -11.11 -22.18
N GLU B 406 7.40 -11.84 -22.63
CA GLU B 406 6.02 -11.40 -22.49
C GLU B 406 5.33 -11.97 -21.27
N VAL B 407 6.01 -12.76 -20.45
CA VAL B 407 5.38 -13.32 -19.26
C VAL B 407 5.02 -12.21 -18.29
N ARG B 408 5.73 -11.09 -18.32
CA ARG B 408 5.38 -9.96 -17.48
C ARG B 408 4.05 -9.33 -17.88
N GLN B 409 3.57 -9.60 -19.10
CA GLN B 409 2.32 -9.02 -19.55
C GLN B 409 1.10 -9.79 -19.10
N ILE B 410 1.28 -10.94 -18.46
CA ILE B 410 0.13 -11.66 -17.92
C ILE B 410 -0.08 -11.19 -16.49
N ALA B 411 -0.78 -10.08 -16.34
CA ALA B 411 -1.05 -9.47 -15.06
C ALA B 411 -2.13 -8.41 -15.27
N PRO B 412 -2.90 -8.09 -14.23
CA PRO B 412 -3.92 -7.07 -14.38
C PRO B 412 -3.32 -5.70 -14.64
N GLY B 413 -3.88 -4.99 -15.63
CA GLY B 413 -3.48 -3.65 -15.91
C GLY B 413 -2.17 -3.49 -16.67
N GLN B 414 -1.94 -4.32 -17.67
CA GLN B 414 -0.69 -4.29 -18.43
C GLN B 414 -0.96 -3.90 -19.87
N THR B 415 0.07 -3.38 -20.53
CA THR B 415 -0.01 -3.02 -21.93
C THR B 415 1.06 -3.77 -22.71
N GLY B 416 0.89 -3.82 -24.02
CA GLY B 416 1.69 -4.66 -24.88
C GLY B 416 0.80 -5.49 -25.78
N LYS B 417 1.42 -6.13 -26.77
CA LYS B 417 0.61 -6.80 -27.77
C LYS B 417 -0.10 -8.03 -27.22
N ILE B 418 0.50 -8.72 -26.26
CA ILE B 418 -0.16 -9.89 -25.69
C ILE B 418 -1.36 -9.47 -24.86
N ALA B 419 -1.22 -8.43 -24.06
CA ALA B 419 -2.30 -7.94 -23.23
C ALA B 419 -3.33 -7.14 -23.99
N ASP B 420 -2.97 -6.57 -25.14
CA ASP B 420 -3.90 -5.80 -25.95
C ASP B 420 -4.67 -6.63 -26.95
N TYR B 421 -4.03 -7.57 -27.64
CA TYR B 421 -4.65 -8.25 -28.75
C TYR B 421 -4.90 -9.73 -28.53
N ASN B 422 -4.28 -10.35 -27.52
CA ASN B 422 -4.34 -11.80 -27.39
C ASN B 422 -5.03 -12.27 -26.11
N TYR B 423 -4.59 -11.79 -24.95
CA TYR B 423 -5.10 -12.31 -23.68
C TYR B 423 -5.10 -11.19 -22.65
N LYS B 424 -6.27 -10.86 -22.13
CA LYS B 424 -6.43 -9.76 -21.18
C LYS B 424 -6.95 -10.30 -19.86
N LEU B 425 -6.35 -9.85 -18.77
CA LEU B 425 -6.81 -10.23 -17.45
C LEU B 425 -7.67 -9.15 -16.83
N PRO B 426 -8.73 -9.50 -16.12
CA PRO B 426 -9.57 -8.48 -15.49
C PRO B 426 -8.83 -7.80 -14.35
N ASP B 427 -9.25 -6.57 -14.04
CA ASP B 427 -8.61 -5.84 -12.96
C ASP B 427 -9.05 -6.35 -11.60
N ASP B 428 -10.24 -6.94 -11.51
CA ASP B 428 -10.73 -7.58 -10.30
C ASP B 428 -10.42 -9.08 -10.33
N PHE B 429 -9.16 -9.43 -10.52
CA PHE B 429 -8.77 -10.81 -10.76
C PHE B 429 -8.53 -11.53 -9.45
N THR B 430 -9.03 -12.77 -9.35
CA THR B 430 -8.77 -13.66 -8.22
C THR B 430 -8.29 -14.99 -8.76
N GLY B 431 -7.08 -15.39 -8.37
CA GLY B 431 -6.49 -16.61 -8.88
C GLY B 431 -5.01 -16.42 -9.07
N CYS B 432 -4.36 -17.44 -9.61
CA CYS B 432 -2.92 -17.38 -9.79
C CYS B 432 -2.49 -17.54 -11.23
N VAL B 433 -1.30 -17.02 -11.50
CA VAL B 433 -0.61 -17.13 -12.79
C VAL B 433 0.66 -17.92 -12.58
N ILE B 434 0.85 -18.98 -13.38
CA ILE B 434 1.99 -19.88 -13.27
C ILE B 434 2.64 -19.96 -14.64
N ALA B 435 3.96 -19.90 -14.68
CA ALA B 435 4.70 -19.92 -15.93
C ALA B 435 6.04 -20.61 -15.75
N TRP B 436 6.43 -21.39 -16.75
CA TRP B 436 7.72 -22.08 -16.70
C TRP B 436 8.31 -22.21 -18.09
N ASN B 437 9.64 -22.25 -18.14
CA ASN B 437 10.36 -22.36 -19.40
C ASN B 437 10.19 -23.74 -20.00
N SER B 438 9.91 -23.80 -21.30
CA SER B 438 9.74 -25.06 -22.00
C SER B 438 10.54 -25.04 -23.30
N ASN B 439 11.79 -24.63 -23.22
CA ASN B 439 12.66 -24.65 -24.39
C ASN B 439 12.97 -26.06 -24.83
N ASN B 440 12.79 -27.04 -23.94
CA ASN B 440 13.13 -28.43 -24.25
C ASN B 440 12.01 -29.17 -24.96
N LEU B 441 10.85 -28.56 -25.12
CA LEU B 441 9.72 -29.24 -25.75
C LEU B 441 9.12 -28.48 -26.91
N ASP B 442 9.28 -27.17 -26.98
CA ASP B 442 8.59 -26.37 -27.98
C ASP B 442 9.54 -25.73 -28.99
N SER B 443 10.76 -26.20 -29.11
CA SER B 443 11.70 -25.65 -30.09
C SER B 443 12.35 -26.78 -30.88
N LYS B 444 12.48 -26.57 -32.19
CA LYS B 444 13.22 -27.47 -33.05
C LYS B 444 14.45 -26.75 -33.58
N VAL B 445 15.38 -27.52 -34.12
CA VAL B 445 16.64 -26.96 -34.62
C VAL B 445 16.43 -26.15 -35.89
N GLY B 446 15.36 -26.42 -36.64
CA GLY B 446 15.07 -25.60 -37.80
C GLY B 446 14.14 -24.44 -37.47
N GLY B 447 13.46 -24.54 -36.34
CA GLY B 447 12.49 -23.54 -35.93
C GLY B 447 11.16 -24.21 -35.69
N ASN B 448 10.35 -23.59 -34.83
CA ASN B 448 9.02 -24.09 -34.51
C ASN B 448 8.01 -23.00 -34.80
N TYR B 449 7.32 -23.11 -35.93
CA TYR B 449 6.36 -22.12 -36.37
C TYR B 449 4.92 -22.58 -36.15
N ASN B 450 4.70 -23.40 -35.14
CA ASN B 450 3.35 -23.85 -34.81
C ASN B 450 2.60 -22.88 -33.92
N TYR B 451 3.31 -22.08 -33.13
CA TYR B 451 2.69 -21.16 -32.19
C TYR B 451 2.57 -19.78 -32.82
N LEU B 452 1.35 -19.24 -32.84
CA LEU B 452 1.05 -17.96 -33.47
C LEU B 452 0.60 -16.95 -32.44
N TYR B 453 0.54 -15.69 -32.87
CA TYR B 453 0.01 -14.62 -32.05
C TYR B 453 -0.56 -13.55 -32.97
N ARG B 454 -1.52 -12.79 -32.45
CA ARG B 454 -2.13 -11.71 -33.20
C ARG B 454 -1.30 -10.44 -33.05
N LEU B 455 -1.00 -9.79 -34.17
CA LEU B 455 -0.16 -8.61 -34.18
C LEU B 455 -0.90 -7.32 -34.46
N PHE B 456 -2.04 -7.39 -35.15
CA PHE B 456 -2.83 -6.21 -35.49
C PHE B 456 -4.26 -6.41 -35.04
N ARG B 457 -4.87 -5.33 -34.55
CA ARG B 457 -6.29 -5.34 -34.19
C ARG B 457 -6.77 -3.90 -34.14
N LYS B 458 -8.07 -3.73 -34.37
CA LYS B 458 -8.66 -2.40 -34.39
C LYS B 458 -8.90 -1.84 -32.98
N SER B 459 -9.02 -2.71 -31.98
CA SER B 459 -9.23 -2.26 -30.61
C SER B 459 -8.69 -3.31 -29.66
N ASN B 460 -8.44 -2.89 -28.43
CA ASN B 460 -7.99 -3.83 -27.42
C ASN B 460 -9.09 -4.82 -27.10
N LEU B 461 -8.70 -5.94 -26.51
CA LEU B 461 -9.63 -6.97 -26.11
C LEU B 461 -10.30 -6.60 -24.80
N LYS B 462 -11.44 -7.23 -24.53
CA LYS B 462 -12.05 -7.18 -23.22
C LYS B 462 -11.49 -8.30 -22.36
N PRO B 463 -11.60 -8.18 -21.04
CA PRO B 463 -11.08 -9.25 -20.18
C PRO B 463 -11.68 -10.61 -20.49
N PHE B 464 -10.81 -11.61 -20.63
CA PHE B 464 -11.20 -12.99 -20.89
C PHE B 464 -11.99 -13.14 -22.18
N GLU B 465 -11.65 -12.35 -23.18
CA GLU B 465 -12.24 -12.46 -24.51
C GLU B 465 -11.24 -13.07 -25.47
N ARG B 466 -11.73 -13.82 -26.45
CA ARG B 466 -10.89 -14.57 -27.37
C ARG B 466 -11.29 -14.26 -28.80
N ASP B 467 -10.32 -13.88 -29.62
CA ASP B 467 -10.54 -13.51 -31.01
C ASP B 467 -9.75 -14.46 -31.91
N ILE B 468 -10.45 -15.25 -32.70
CA ILE B 468 -9.79 -16.23 -33.56
C ILE B 468 -10.06 -15.94 -35.02
N SER B 469 -10.49 -14.72 -35.32
CA SER B 469 -10.75 -14.30 -36.69
C SER B 469 -9.44 -14.11 -37.44
N THR B 470 -9.51 -14.25 -38.77
CA THR B 470 -8.34 -14.12 -39.63
C THR B 470 -8.65 -13.26 -40.85
N GLU B 471 -9.37 -12.16 -40.65
CA GLU B 471 -9.63 -11.22 -41.73
C GLU B 471 -8.40 -10.35 -41.94
N ILE B 472 -8.25 -9.84 -43.17
CA ILE B 472 -7.10 -9.01 -43.50
C ILE B 472 -7.24 -7.66 -42.81
N TYR B 473 -6.20 -7.24 -42.11
CA TYR B 473 -6.21 -6.00 -41.37
C TYR B 473 -5.85 -4.84 -42.27
N GLN B 474 -6.75 -3.87 -42.39
CA GLN B 474 -6.53 -2.69 -43.21
C GLN B 474 -5.86 -1.63 -42.36
N ALA B 475 -4.58 -1.37 -42.63
CA ALA B 475 -3.83 -0.38 -41.88
C ALA B 475 -3.75 0.96 -42.59
N GLY B 476 -4.05 1.00 -43.87
CA GLY B 476 -3.94 2.23 -44.64
C GLY B 476 -5.28 2.91 -44.85
N SER B 477 -5.45 3.51 -46.02
CA SER B 477 -6.66 4.25 -46.36
C SER B 477 -7.36 3.66 -47.58
N THR B 478 -7.31 2.34 -47.74
CA THR B 478 -7.92 1.69 -48.89
C THR B 478 -8.50 0.33 -48.51
N PRO B 479 -9.67 -0.02 -49.01
CA PRO B 479 -10.17 -1.38 -48.83
C PRO B 479 -9.22 -2.40 -49.45
N CYS B 480 -9.04 -3.52 -48.75
CA CYS B 480 -8.16 -4.57 -49.21
C CYS B 480 -8.86 -5.73 -49.88
N ASN B 481 -10.18 -5.83 -49.76
CA ASN B 481 -10.94 -6.88 -50.43
C ASN B 481 -10.41 -8.27 -50.11
N GLY B 482 -9.72 -8.41 -48.99
CA GLY B 482 -9.14 -9.68 -48.60
C GLY B 482 -8.12 -10.26 -49.57
N VAL B 483 -7.15 -9.46 -50.00
CA VAL B 483 -6.11 -9.95 -50.89
C VAL B 483 -4.70 -9.79 -50.30
N GLU B 484 -4.58 -9.11 -49.17
CA GLU B 484 -3.30 -8.96 -48.48
C GLU B 484 -2.25 -8.31 -49.38
N GLY B 485 -2.48 -7.07 -49.76
CA GLY B 485 -1.53 -6.35 -50.59
C GLY B 485 -0.63 -5.43 -49.80
N PHE B 486 -0.56 -4.17 -50.21
CA PHE B 486 0.27 -3.18 -49.54
C PHE B 486 -0.60 -2.40 -48.55
N ASN B 487 -0.10 -2.22 -47.33
CA ASN B 487 -0.83 -1.57 -46.24
C ASN B 487 -2.06 -2.37 -45.85
N CYS B 488 -2.07 -3.66 -46.18
CA CYS B 488 -3.09 -4.59 -45.68
C CYS B 488 -2.39 -5.89 -45.31
N TYR B 489 -2.42 -6.24 -44.04
CA TYR B 489 -1.61 -7.31 -43.51
C TYR B 489 -2.45 -8.49 -43.06
N PHE B 490 -1.82 -9.64 -42.99
CA PHE B 490 -2.43 -10.77 -42.31
C PHE B 490 -2.27 -10.58 -40.81
N PRO B 491 -3.32 -10.77 -40.03
CA PRO B 491 -3.27 -10.38 -38.62
C PRO B 491 -2.37 -11.23 -37.75
N LEU B 492 -2.22 -12.51 -38.07
CA LEU B 492 -1.47 -13.44 -37.24
C LEU B 492 -0.05 -13.59 -37.73
N GLN B 493 0.88 -13.66 -36.80
CA GLN B 493 2.28 -13.94 -37.11
C GLN B 493 2.72 -15.12 -36.25
N SER B 494 3.92 -15.60 -36.50
CA SER B 494 4.40 -16.84 -35.90
C SER B 494 5.65 -16.60 -35.07
N TYR B 495 5.70 -17.26 -33.91
CA TYR B 495 6.92 -17.30 -33.12
C TYR B 495 7.91 -18.24 -33.78
N GLY B 496 9.17 -17.84 -33.83
CA GLY B 496 10.20 -18.76 -34.29
C GLY B 496 11.06 -19.24 -33.15
N PHE B 497 10.82 -20.46 -32.69
CA PHE B 497 11.46 -20.98 -31.49
C PHE B 497 12.58 -21.94 -31.87
N GLN B 498 13.81 -21.49 -31.70
CA GLN B 498 14.98 -22.33 -31.91
C GLN B 498 15.73 -22.50 -30.60
N PRO B 499 16.34 -23.65 -30.35
CA PRO B 499 16.96 -23.90 -29.05
C PRO B 499 18.17 -23.03 -28.76
N THR B 500 18.62 -22.23 -29.73
CA THR B 500 19.78 -21.36 -29.53
C THR B 500 19.34 -19.90 -29.47
N ASN B 501 18.15 -19.65 -28.95
CA ASN B 501 17.66 -18.29 -28.74
C ASN B 501 18.11 -17.79 -27.39
N GLY B 502 18.13 -16.47 -27.24
CA GLY B 502 18.28 -15.89 -25.92
C GLY B 502 17.13 -16.28 -25.03
N VAL B 503 17.35 -16.18 -23.73
CA VAL B 503 16.32 -16.60 -22.78
C VAL B 503 15.06 -15.79 -22.98
N GLY B 504 15.19 -14.53 -23.43
CA GLY B 504 14.03 -13.71 -23.67
C GLY B 504 13.23 -14.10 -24.89
N TYR B 505 13.78 -14.98 -25.72
CA TYR B 505 13.09 -15.43 -26.92
C TYR B 505 12.73 -16.90 -26.88
N GLN B 506 12.93 -17.57 -25.75
CA GLN B 506 12.59 -18.97 -25.62
C GLN B 506 11.14 -19.12 -25.19
N PRO B 507 10.51 -20.24 -25.51
CA PRO B 507 9.09 -20.38 -25.21
C PRO B 507 8.83 -20.66 -23.74
N TYR B 508 7.73 -20.10 -23.24
CA TYR B 508 7.28 -20.33 -21.88
C TYR B 508 5.85 -20.80 -21.92
N ARG B 509 5.53 -21.81 -21.11
CA ARG B 509 4.18 -22.30 -20.96
C ARG B 509 3.53 -21.61 -19.79
N VAL B 510 2.30 -21.13 -19.98
CA VAL B 510 1.59 -20.32 -19.00
C VAL B 510 0.24 -20.96 -18.71
N VAL B 511 -0.07 -21.10 -17.43
CA VAL B 511 -1.36 -21.57 -16.93
C VAL B 511 -1.90 -20.53 -15.97
N VAL B 512 -3.14 -20.11 -16.20
CA VAL B 512 -3.82 -19.12 -15.37
C VAL B 512 -5.02 -19.80 -14.72
N LEU B 513 -4.97 -19.94 -13.40
CA LEU B 513 -6.07 -20.53 -12.64
C LEU B 513 -6.94 -19.43 -12.08
N SER B 514 -8.24 -19.52 -12.32
CA SER B 514 -9.20 -18.52 -11.89
C SER B 514 -10.34 -19.18 -11.13
N PHE B 515 -10.72 -18.59 -9.99
CA PHE B 515 -11.72 -19.17 -9.10
C PHE B 515 -12.35 -18.06 -8.27
N GLU B 516 -13.35 -18.42 -7.48
CA GLU B 516 -13.96 -17.54 -6.49
C GLU B 516 -13.90 -18.20 -5.12
N LEU B 517 -14.03 -17.38 -4.07
CA LEU B 517 -13.78 -17.82 -2.71
C LEU B 517 -14.92 -17.40 -1.78
N LEU B 518 -15.52 -18.37 -1.09
CA LEU B 518 -16.33 -18.16 0.10
C LEU B 518 -17.67 -17.47 -0.16
N HIS B 519 -18.32 -17.73 -1.28
CA HIS B 519 -19.67 -17.19 -1.49
C HIS B 519 -20.68 -18.22 -1.95
N ALA B 520 -20.28 -19.25 -2.69
CA ALA B 520 -21.21 -20.16 -3.31
C ALA B 520 -20.75 -21.59 -2.99
N PRO B 521 -21.54 -22.61 -3.35
CA PRO B 521 -21.06 -23.99 -3.15
C PRO B 521 -19.81 -24.28 -3.95
N ALA B 522 -18.85 -24.94 -3.31
CA ALA B 522 -17.57 -25.24 -3.92
C ALA B 522 -17.36 -26.73 -4.00
N THR B 523 -16.50 -27.16 -4.93
CA THR B 523 -16.27 -28.58 -5.13
C THR B 523 -14.80 -28.97 -5.24
N VAL B 524 -13.87 -28.04 -5.07
CA VAL B 524 -12.47 -28.40 -5.23
C VAL B 524 -11.84 -28.72 -3.88
N CYS B 525 -11.80 -27.74 -2.98
CA CYS B 525 -11.22 -27.93 -1.66
C CYS B 525 -9.75 -28.29 -1.74
N GLY B 526 -9.11 -28.44 -0.57
CA GLY B 526 -7.70 -28.78 -0.53
C GLY B 526 -7.46 -30.18 0.03
N PRO B 527 -6.39 -30.33 0.79
CA PRO B 527 -6.05 -31.64 1.38
C PRO B 527 -6.54 -31.79 2.81
N LYS B 528 -7.10 -30.72 3.37
CA LYS B 528 -7.61 -30.74 4.73
C LYS B 528 -8.53 -31.93 4.96
N LYS B 529 -8.56 -32.41 6.20
CA LYS B 529 -9.41 -33.55 6.56
C LYS B 529 -10.53 -33.13 7.49
N SER B 530 -11.71 -33.70 7.28
CA SER B 530 -12.88 -33.37 8.07
C SER B 530 -12.99 -34.08 9.41
N THR B 531 -13.87 -33.55 10.25
CA THR B 531 -14.12 -34.08 11.58
C THR B 531 -15.61 -34.31 11.71
N ASN B 532 -16.07 -34.61 12.93
CA ASN B 532 -17.49 -34.75 13.18
C ASN B 532 -18.10 -33.41 13.55
N LEU B 533 -19.43 -33.40 13.58
CA LEU B 533 -20.20 -32.19 13.85
C LEU B 533 -20.58 -32.17 15.33
N VAL B 534 -20.05 -31.19 16.06
CA VAL B 534 -20.37 -30.97 17.46
C VAL B 534 -21.33 -29.78 17.54
N LYS B 535 -22.53 -30.03 18.03
CA LYS B 535 -23.55 -29.02 18.15
C LYS B 535 -23.76 -28.67 19.62
N ASN B 536 -24.33 -27.49 19.84
CA ASN B 536 -24.68 -26.98 21.17
C ASN B 536 -23.46 -26.71 22.04
N LYS B 537 -22.31 -26.39 21.44
CA LYS B 537 -21.10 -26.09 22.19
C LYS B 537 -20.34 -24.98 21.48
N CYS B 538 -19.43 -24.34 22.20
CA CYS B 538 -18.58 -23.31 21.62
C CYS B 538 -17.38 -23.96 20.95
N VAL B 539 -17.29 -23.84 19.63
CA VAL B 539 -16.23 -24.48 18.87
C VAL B 539 -15.67 -23.48 17.86
N ASN B 540 -14.41 -23.67 17.49
CA ASN B 540 -13.90 -23.10 16.26
C ASN B 540 -14.33 -23.99 15.10
N PHE B 541 -14.75 -23.37 14.00
CA PHE B 541 -15.24 -24.15 12.89
C PHE B 541 -14.57 -23.70 11.60
N ASN B 542 -14.49 -24.62 10.66
CA ASN B 542 -14.01 -24.35 9.30
C ASN B 542 -14.97 -25.03 8.34
N PHE B 543 -15.88 -24.25 7.75
CA PHE B 543 -16.88 -24.75 6.82
C PHE B 543 -16.48 -24.30 5.42
N ASN B 544 -16.03 -25.25 4.59
CA ASN B 544 -15.66 -24.99 3.20
C ASN B 544 -14.63 -23.87 3.09
N GLY B 545 -13.74 -23.75 4.06
CA GLY B 545 -12.75 -22.71 4.06
C GLY B 545 -13.08 -21.50 4.89
N LEU B 546 -14.35 -21.30 5.23
CA LEU B 546 -14.77 -20.17 6.04
C LEU B 546 -14.58 -20.51 7.52
N THR B 547 -13.72 -19.78 8.19
CA THR B 547 -13.37 -20.04 9.58
C THR B 547 -14.20 -19.17 10.51
N GLY B 548 -14.31 -19.60 11.76
CA GLY B 548 -15.01 -18.80 12.73
C GLY B 548 -15.08 -19.47 14.08
N THR B 549 -15.83 -18.85 14.98
CA THR B 549 -16.04 -19.33 16.34
C THR B 549 -17.50 -19.15 16.71
N GLY B 550 -18.07 -20.12 17.40
CA GLY B 550 -19.42 -19.95 17.89
C GLY B 550 -20.07 -21.26 18.24
N VAL B 551 -21.40 -21.20 18.37
CA VAL B 551 -22.23 -22.33 18.73
C VAL B 551 -23.09 -22.67 17.53
N LEU B 552 -23.13 -23.95 17.18
CA LEU B 552 -23.90 -24.43 16.03
C LEU B 552 -25.15 -25.13 16.51
N THR B 553 -26.30 -24.77 15.94
CA THR B 553 -27.56 -25.36 16.33
C THR B 553 -28.36 -25.69 15.09
N GLU B 554 -29.32 -26.60 15.24
CA GLU B 554 -30.17 -26.97 14.12
C GLU B 554 -31.07 -25.81 13.73
N SER B 555 -31.34 -25.69 12.44
CA SER B 555 -31.99 -24.49 11.91
C SER B 555 -33.31 -24.82 11.26
N ASN B 556 -34.13 -23.79 11.07
CA ASN B 556 -35.38 -23.90 10.34
C ASN B 556 -35.36 -23.15 9.01
N LYS B 557 -34.32 -22.37 8.76
CA LYS B 557 -34.17 -21.75 7.44
C LYS B 557 -34.01 -22.83 6.39
N LYS B 558 -34.38 -22.50 5.16
CA LYS B 558 -34.38 -23.47 4.08
C LYS B 558 -33.82 -22.82 2.83
N PHE B 559 -32.62 -23.24 2.45
CA PHE B 559 -31.87 -22.59 1.40
C PHE B 559 -32.34 -23.07 0.03
N LEU B 560 -32.21 -22.20 -0.96
CA LEU B 560 -32.36 -22.63 -2.34
C LEU B 560 -31.14 -23.44 -2.74
N PRO B 561 -31.24 -24.28 -3.77
CA PRO B 561 -30.12 -25.18 -4.08
C PRO B 561 -28.82 -24.48 -4.44
N PHE B 562 -28.85 -23.23 -4.88
CA PHE B 562 -27.65 -22.51 -5.25
C PHE B 562 -27.07 -21.69 -4.11
N GLN B 563 -27.48 -21.95 -2.88
CA GLN B 563 -27.03 -21.17 -1.73
C GLN B 563 -26.27 -22.06 -0.75
N GLN B 564 -25.24 -21.48 -0.12
CA GLN B 564 -24.43 -22.19 0.84
C GLN B 564 -24.32 -21.48 2.17
N PHE B 565 -24.24 -20.15 2.17
CA PHE B 565 -24.10 -19.36 3.38
C PHE B 565 -25.30 -18.43 3.54
N GLY B 566 -25.57 -18.04 4.77
CA GLY B 566 -26.61 -17.07 5.06
C GLY B 566 -26.06 -15.94 5.90
N ARG B 567 -26.49 -14.71 5.59
CA ARG B 567 -25.94 -13.53 6.23
C ARG B 567 -27.05 -12.70 6.85
N ASP B 568 -26.73 -12.03 7.95
CA ASP B 568 -27.67 -11.14 8.62
C ASP B 568 -27.47 -9.71 8.15
N ILE B 569 -28.09 -8.76 8.86
CA ILE B 569 -28.04 -7.37 8.44
C ILE B 569 -26.65 -6.76 8.62
N ALA B 570 -25.91 -7.18 9.64
CA ALA B 570 -24.53 -6.75 9.82
C ALA B 570 -23.57 -7.50 8.90
N ASP B 571 -24.08 -8.32 8.00
CA ASP B 571 -23.31 -9.03 6.98
C ASP B 571 -22.41 -10.11 7.55
N THR B 572 -22.65 -10.55 8.78
CA THR B 572 -21.93 -11.68 9.33
C THR B 572 -22.64 -12.97 8.97
N THR B 573 -21.88 -14.03 8.80
CA THR B 573 -22.45 -15.32 8.46
C THR B 573 -23.13 -15.89 9.69
N ASP B 574 -24.44 -16.10 9.60
CA ASP B 574 -25.19 -16.64 10.72
C ASP B 574 -25.86 -17.96 10.42
N ALA B 575 -25.80 -18.44 9.17
CA ALA B 575 -26.30 -19.77 8.84
C ALA B 575 -25.36 -20.39 7.81
N VAL B 576 -25.31 -21.71 7.80
CA VAL B 576 -24.44 -22.43 6.88
C VAL B 576 -25.06 -23.78 6.56
N ARG B 577 -24.84 -24.25 5.34
CA ARG B 577 -25.28 -25.59 4.97
C ARG B 577 -24.12 -26.55 5.12
N ASP B 578 -24.32 -27.61 5.90
CA ASP B 578 -23.26 -28.57 6.12
C ASP B 578 -22.96 -29.30 4.81
N PRO B 579 -21.69 -29.33 4.38
CA PRO B 579 -21.39 -29.86 3.04
C PRO B 579 -21.46 -31.37 2.91
N GLN B 580 -21.64 -32.10 4.00
CA GLN B 580 -21.73 -33.56 3.93
C GLN B 580 -23.13 -34.08 4.23
N THR B 581 -23.83 -33.49 5.19
CA THR B 581 -25.19 -33.93 5.51
C THR B 581 -26.26 -33.05 4.87
N LEU B 582 -25.87 -31.93 4.28
CA LEU B 582 -26.78 -31.03 3.57
C LEU B 582 -27.87 -30.47 4.48
N GLU B 583 -27.54 -30.30 5.75
CA GLU B 583 -28.47 -29.72 6.71
C GLU B 583 -28.04 -28.31 7.06
N ILE B 584 -29.02 -27.47 7.32
CA ILE B 584 -28.77 -26.07 7.64
C ILE B 584 -28.52 -25.91 9.12
N LEU B 585 -27.56 -25.09 9.47
CA LEU B 585 -27.17 -24.84 10.86
C LEU B 585 -27.12 -23.35 11.10
N ASP B 586 -27.50 -22.94 12.29
CA ASP B 586 -27.36 -21.57 12.75
C ASP B 586 -26.11 -21.42 13.60
N ILE B 587 -25.42 -20.31 13.41
CA ILE B 587 -24.18 -19.98 14.11
C ILE B 587 -24.47 -18.80 15.02
N THR B 588 -24.35 -19.02 16.31
CA THR B 588 -24.62 -17.99 17.29
C THR B 588 -23.33 -17.65 18.04
N PRO B 589 -23.05 -16.38 18.29
CA PRO B 589 -21.82 -16.02 19.00
C PRO B 589 -21.77 -16.60 20.40
N CYS B 590 -20.62 -16.48 21.03
CA CYS B 590 -20.39 -17.20 22.28
C CYS B 590 -20.38 -16.29 23.50
N SER B 591 -19.96 -15.04 23.35
CA SER B 591 -19.89 -14.10 24.46
C SER B 591 -21.17 -13.26 24.53
N PHE B 592 -21.64 -13.01 25.74
CA PHE B 592 -22.93 -12.38 25.95
C PHE B 592 -23.11 -12.00 27.41
N GLY B 593 -23.60 -10.80 27.66
CA GLY B 593 -23.94 -10.40 29.01
C GLY B 593 -22.93 -9.48 29.67
N GLY B 594 -23.42 -8.40 30.28
CA GLY B 594 -22.56 -7.45 30.93
C GLY B 594 -22.20 -7.85 32.36
N VAL B 595 -21.11 -7.29 32.85
CA VAL B 595 -20.57 -7.61 34.16
C VAL B 595 -20.08 -6.34 34.82
N SER B 596 -20.44 -6.17 36.10
CA SER B 596 -19.94 -5.05 36.88
C SER B 596 -19.36 -5.56 38.18
N VAL B 597 -18.38 -4.83 38.71
CA VAL B 597 -17.71 -5.20 39.95
C VAL B 597 -17.92 -4.10 40.96
N ILE B 598 -18.34 -4.49 42.16
CA ILE B 598 -18.64 -3.58 43.26
C ILE B 598 -17.54 -3.71 44.29
N THR B 599 -16.80 -2.63 44.53
CA THR B 599 -15.75 -2.65 45.52
C THR B 599 -15.96 -1.58 46.57
N PRO B 600 -15.65 -1.87 47.83
CA PRO B 600 -15.61 -0.84 48.87
C PRO B 600 -14.33 -0.03 48.89
N GLY B 601 -13.51 -0.14 47.85
CA GLY B 601 -12.22 0.52 47.81
C GLY B 601 -11.12 -0.43 48.25
N THR B 602 -10.05 -0.47 47.47
CA THR B 602 -8.96 -1.38 47.79
C THR B 602 -8.04 -0.81 48.86
N ASN B 603 -8.37 0.37 49.37
CA ASN B 603 -7.65 0.93 50.49
C ASN B 603 -8.30 0.56 51.81
N THR B 604 -9.33 -0.27 51.74
CA THR B 604 -10.07 -0.75 52.90
C THR B 604 -10.17 -2.28 52.91
N SER B 605 -10.31 -2.89 51.75
CA SER B 605 -10.38 -4.33 51.63
C SER B 605 -10.32 -4.71 50.15
N ASN B 606 -9.93 -5.96 49.89
CA ASN B 606 -10.01 -6.50 48.54
C ASN B 606 -11.15 -7.47 48.36
N GLN B 607 -12.14 -7.42 49.25
CA GLN B 607 -13.41 -8.08 49.02
C GLN B 607 -14.17 -7.34 47.93
N VAL B 608 -14.83 -8.09 47.04
CA VAL B 608 -15.61 -7.50 45.97
C VAL B 608 -16.89 -8.30 45.82
N ALA B 609 -17.87 -7.68 45.18
CA ALA B 609 -19.06 -8.39 44.73
C ALA B 609 -19.15 -8.23 43.21
N VAL B 610 -19.83 -9.15 42.55
CA VAL B 610 -19.91 -9.13 41.10
C VAL B 610 -21.37 -9.20 40.70
N LEU B 611 -21.78 -8.31 39.80
CA LEU B 611 -23.13 -8.25 39.29
C LEU B 611 -23.14 -8.71 37.84
N TYR B 612 -23.79 -9.84 37.58
CA TYR B 612 -23.98 -10.36 36.24
C TYR B 612 -25.33 -9.86 35.76
N GLN B 613 -25.31 -8.90 34.85
CA GLN B 613 -26.51 -8.15 34.51
C GLN B 613 -27.44 -8.90 33.57
N ASP B 614 -27.15 -10.16 33.28
CA ASP B 614 -28.00 -10.89 32.33
C ASP B 614 -28.24 -12.34 32.76
N VAL B 615 -28.07 -12.62 34.04
CA VAL B 615 -28.28 -13.97 34.56
C VAL B 615 -29.45 -14.00 35.55
N ASN B 616 -30.19 -15.11 35.52
CA ASN B 616 -31.34 -15.29 36.40
C ASN B 616 -31.25 -16.64 37.09
N CYS B 617 -30.81 -16.63 38.34
CA CYS B 617 -30.66 -17.87 39.10
C CYS B 617 -31.76 -18.12 40.12
N THR B 618 -32.49 -19.22 39.93
CA THR B 618 -33.57 -19.57 40.86
C THR B 618 -33.80 -21.07 40.90
N TRP B 633 -24.60 -21.97 35.56
CA TRP B 633 -24.85 -20.58 35.19
C TRP B 633 -23.66 -19.99 34.46
N ARG B 634 -23.89 -18.88 33.77
CA ARG B 634 -22.83 -18.18 33.06
C ARG B 634 -22.18 -17.17 34.00
N VAL B 635 -21.48 -17.70 35.01
CA VAL B 635 -20.82 -16.89 36.03
C VAL B 635 -19.37 -17.36 36.13
N TYR B 636 -18.52 -16.47 36.65
CA TYR B 636 -17.12 -16.81 36.87
C TYR B 636 -16.94 -17.68 38.10
N SER B 637 -17.70 -17.41 39.17
CA SER B 637 -17.62 -18.16 40.41
C SER B 637 -19.02 -18.21 41.01
N THR B 638 -19.20 -19.07 42.01
CA THR B 638 -20.51 -19.19 42.63
C THR B 638 -20.50 -18.88 44.12
N GLY B 639 -19.40 -19.07 44.83
CA GLY B 639 -19.25 -18.72 46.23
C GLY B 639 -20.47 -18.96 47.08
N SER B 640 -20.82 -17.98 47.91
CA SER B 640 -22.07 -17.99 48.64
C SER B 640 -22.69 -16.60 48.51
N ASN B 641 -23.84 -16.42 49.16
CA ASN B 641 -24.59 -15.18 49.03
C ASN B 641 -24.90 -14.87 47.58
N VAL B 642 -25.70 -15.72 46.93
CA VAL B 642 -26.25 -15.42 45.62
C VAL B 642 -27.59 -14.74 45.81
N PHE B 643 -27.76 -13.56 45.23
CA PHE B 643 -28.95 -12.75 45.43
C PHE B 643 -29.43 -12.22 44.09
N GLN B 644 -30.68 -12.51 43.74
CA GLN B 644 -31.22 -12.14 42.45
C GLN B 644 -31.88 -10.77 42.53
N THR B 645 -31.67 -9.96 41.50
CA THR B 645 -32.18 -8.61 41.42
C THR B 645 -32.71 -8.35 40.02
N ARG B 646 -33.60 -7.36 39.91
CA ARG B 646 -34.05 -6.92 38.59
C ARG B 646 -32.95 -6.25 37.79
N ALA B 647 -31.76 -6.12 38.37
CA ALA B 647 -30.58 -5.65 37.65
C ALA B 647 -29.60 -6.77 37.34
N GLY B 648 -29.87 -7.99 37.81
CA GLY B 648 -29.01 -9.11 37.52
C GLY B 648 -28.75 -9.92 38.77
N CYS B 649 -27.87 -10.90 38.64
CA CYS B 649 -27.50 -11.77 39.74
C CYS B 649 -26.27 -11.19 40.44
N LEU B 650 -26.40 -10.92 41.73
CA LEU B 650 -25.32 -10.36 42.53
C LEU B 650 -24.70 -11.46 43.36
N ILE B 651 -23.39 -11.59 43.27
CA ILE B 651 -22.66 -12.68 43.91
C ILE B 651 -21.56 -12.07 44.77
N GLY B 652 -21.60 -12.37 46.07
CA GLY B 652 -20.61 -11.89 47.00
C GLY B 652 -21.13 -10.92 48.04
N ALA B 653 -22.43 -10.62 48.04
CA ALA B 653 -23.01 -9.68 48.97
C ALA B 653 -24.23 -10.30 49.64
N GLU B 654 -24.37 -10.04 50.93
CA GLU B 654 -25.44 -10.63 51.72
C GLU B 654 -26.66 -9.73 51.72
N HIS B 655 -27.84 -10.32 51.49
CA HIS B 655 -29.08 -9.57 51.45
C HIS B 655 -29.64 -9.39 52.84
N VAL B 656 -29.98 -8.14 53.18
CA VAL B 656 -30.55 -7.81 54.48
C VAL B 656 -31.96 -7.27 54.27
N ASN B 657 -32.70 -7.19 55.37
CA ASN B 657 -34.08 -6.70 55.33
C ASN B 657 -34.25 -5.24 55.71
N ASN B 658 -33.18 -4.60 56.17
CA ASN B 658 -33.29 -3.21 56.54
C ASN B 658 -33.34 -2.32 55.30
N SER B 659 -33.23 -1.02 55.52
CA SER B 659 -33.20 -0.05 54.45
C SER B 659 -32.49 1.20 54.94
N TYR B 660 -31.53 1.67 54.15
CA TYR B 660 -30.75 2.84 54.50
C TYR B 660 -30.71 3.76 53.30
N GLU B 661 -29.97 4.86 53.42
CA GLU B 661 -29.68 5.69 52.26
C GLU B 661 -28.70 4.98 51.35
N CYS B 662 -28.80 5.26 50.05
CA CYS B 662 -27.97 4.58 49.08
C CYS B 662 -26.50 4.90 49.33
N ASP B 663 -25.67 3.87 49.26
CA ASP B 663 -24.23 4.04 49.40
C ASP B 663 -23.52 3.79 48.08
N ILE B 664 -23.71 2.62 47.49
CA ILE B 664 -23.23 2.30 46.16
C ILE B 664 -24.45 1.84 45.37
N PRO B 665 -24.87 2.58 44.34
CA PRO B 665 -26.10 2.22 43.63
C PRO B 665 -25.88 1.05 42.69
N ILE B 666 -26.52 -0.07 43.01
CA ILE B 666 -26.56 -1.22 42.11
C ILE B 666 -27.58 -1.01 41.00
N GLY B 667 -28.77 -0.54 41.34
CA GLY B 667 -29.78 -0.30 40.32
C GLY B 667 -31.09 -0.96 40.64
N ALA B 668 -32.14 -0.55 39.92
CA ALA B 668 -33.48 -1.10 40.09
C ALA B 668 -33.94 -1.02 41.54
N GLY B 669 -33.48 -0.02 42.27
CA GLY B 669 -33.88 0.21 43.65
C GLY B 669 -32.96 -0.41 44.68
N ILE B 670 -31.89 -1.07 44.26
CA ILE B 670 -31.01 -1.80 45.16
C ILE B 670 -29.68 -1.09 45.28
N CYS B 671 -29.20 -0.97 46.52
CA CYS B 671 -27.90 -0.38 46.81
C CYS B 671 -27.08 -1.37 47.62
N ALA B 672 -25.79 -1.08 47.77
CA ALA B 672 -24.89 -1.96 48.49
C ALA B 672 -23.94 -1.14 49.34
N SER B 673 -23.43 -1.74 50.40
CA SER B 673 -22.55 -1.02 51.31
C SER B 673 -21.71 -2.00 52.11
N TYR B 674 -20.56 -1.51 52.58
CA TYR B 674 -19.61 -2.29 53.37
C TYR B 674 -19.92 -2.13 54.85
N GLN B 675 -20.85 -2.95 55.33
CA GLN B 675 -21.26 -2.90 56.74
C GLN B 675 -20.85 -4.16 57.49
N THR B 676 -21.63 -4.52 58.49
CA THR B 676 -21.36 -5.72 59.29
C THR B 676 -22.59 -6.62 59.35
N GLN B 690 -16.49 -7.66 59.01
CA GLN B 690 -17.06 -6.80 57.98
C GLN B 690 -17.34 -7.61 56.71
N SER B 691 -18.32 -7.13 55.96
CA SER B 691 -18.76 -7.80 54.74
C SER B 691 -19.53 -6.79 53.90
N ILE B 692 -19.98 -7.24 52.73
CA ILE B 692 -20.73 -6.40 51.79
C ILE B 692 -22.19 -6.83 51.85
N ILE B 693 -23.07 -5.84 52.05
CA ILE B 693 -24.50 -6.10 52.17
C ILE B 693 -25.22 -5.37 51.04
N ALA B 694 -26.36 -5.92 50.66
CA ALA B 694 -27.20 -5.35 49.61
C ALA B 694 -28.60 -5.20 50.14
N TYR B 695 -29.21 -4.05 49.89
CA TYR B 695 -30.52 -3.75 50.46
C TYR B 695 -31.32 -2.92 49.47
N THR B 696 -32.59 -2.71 49.81
CA THR B 696 -33.46 -1.81 49.08
C THR B 696 -33.39 -0.42 49.71
N MET B 697 -33.09 0.58 48.90
CA MET B 697 -32.92 1.92 49.43
C MET B 697 -34.25 2.46 49.94
N SER B 698 -34.16 3.26 51.00
CA SER B 698 -35.31 3.91 51.59
C SER B 698 -35.48 5.31 51.03
N LEU B 699 -36.72 5.70 50.79
CA LEU B 699 -37.01 7.01 50.23
C LEU B 699 -37.00 8.09 51.29
N GLY B 700 -37.30 7.75 52.53
CA GLY B 700 -37.35 8.72 53.60
C GLY B 700 -38.29 8.26 54.69
N ALA B 701 -38.28 9.03 55.78
CA ALA B 701 -39.11 8.73 56.93
C ALA B 701 -40.58 8.95 56.60
N GLU B 702 -41.43 8.09 57.14
CA GLU B 702 -42.86 8.21 56.89
C GLU B 702 -43.47 9.23 57.84
N ASN B 703 -44.50 9.92 57.33
CA ASN B 703 -45.10 11.01 58.07
C ASN B 703 -46.57 11.10 57.71
N SER B 704 -47.33 11.66 58.62
CA SER B 704 -48.77 11.82 58.43
C SER B 704 -49.20 13.17 58.99
N VAL B 705 -50.07 13.84 58.28
CA VAL B 705 -50.55 15.16 58.67
C VAL B 705 -51.91 15.00 59.31
N ALA B 706 -52.12 15.65 60.44
CA ALA B 706 -53.37 15.54 61.19
C ALA B 706 -54.42 16.46 60.57
N TYR B 707 -54.87 16.09 59.38
CA TYR B 707 -55.80 16.92 58.63
C TYR B 707 -57.22 16.71 59.16
N SER B 708 -57.90 17.82 59.44
CA SER B 708 -59.33 17.84 59.70
C SER B 708 -59.90 19.07 59.03
N ASN B 709 -61.23 19.16 59.01
CA ASN B 709 -61.88 20.25 58.29
C ASN B 709 -61.98 21.53 59.10
N ASN B 710 -61.59 21.51 60.38
CA ASN B 710 -61.53 22.75 61.14
C ASN B 710 -60.34 22.83 62.07
N SER B 711 -59.16 22.40 61.60
CA SER B 711 -57.98 22.43 62.43
C SER B 711 -56.85 23.10 61.66
N ILE B 712 -56.11 23.96 62.34
CA ILE B 712 -55.00 24.67 61.72
C ILE B 712 -53.82 24.62 62.68
N ALA B 713 -52.62 24.72 62.12
CA ALA B 713 -51.40 24.74 62.92
C ALA B 713 -50.65 26.04 62.64
N ILE B 714 -50.35 26.78 63.70
CA ILE B 714 -49.72 28.09 63.57
C ILE B 714 -48.37 28.04 64.27
N PRO B 715 -47.30 28.57 63.67
CA PRO B 715 -46.02 28.59 64.36
C PRO B 715 -46.00 29.62 65.48
N THR B 716 -45.20 29.34 66.50
CA THR B 716 -45.05 30.25 67.62
C THR B 716 -43.63 30.78 67.78
N ASN B 717 -42.64 30.20 67.10
CA ASN B 717 -41.27 30.69 67.15
C ASN B 717 -40.70 30.57 65.75
N PHE B 718 -39.44 30.95 65.59
CA PHE B 718 -38.79 30.84 64.30
C PHE B 718 -37.32 30.53 64.49
N THR B 719 -36.65 30.23 63.39
CA THR B 719 -35.22 30.04 63.34
C THR B 719 -34.68 30.78 62.13
N ILE B 720 -33.51 31.38 62.29
CA ILE B 720 -32.80 32.03 61.21
C ILE B 720 -31.75 31.05 60.70
N SER B 721 -31.92 30.60 59.46
CA SER B 721 -31.04 29.59 58.91
C SER B 721 -30.13 30.20 57.86
N VAL B 722 -28.90 29.72 57.79
CA VAL B 722 -27.93 30.15 56.80
C VAL B 722 -27.40 28.92 56.08
N THR B 723 -27.52 28.91 54.76
CA THR B 723 -27.10 27.75 53.98
C THR B 723 -26.17 28.20 52.87
N THR B 724 -25.36 27.27 52.38
CA THR B 724 -24.42 27.56 51.31
C THR B 724 -24.88 26.94 50.00
N GLU B 725 -24.51 27.60 48.91
CA GLU B 725 -24.75 27.06 47.57
C GLU B 725 -23.55 27.37 46.70
N ILE B 726 -22.98 26.34 46.08
CA ILE B 726 -21.74 26.47 45.31
C ILE B 726 -22.06 26.38 43.83
N LEU B 727 -21.45 27.24 43.03
CA LEU B 727 -21.72 27.25 41.61
C LEU B 727 -20.43 27.50 40.82
N PRO B 728 -20.12 26.64 39.85
CA PRO B 728 -18.97 26.89 38.98
C PRO B 728 -19.23 28.01 38.00
N VAL B 729 -18.22 28.83 37.76
CA VAL B 729 -18.37 29.99 36.89
C VAL B 729 -17.41 29.98 35.69
N SER B 730 -16.22 29.40 35.83
CA SER B 730 -15.27 29.37 34.72
C SER B 730 -14.57 28.03 34.70
N MET B 731 -13.85 27.77 33.62
CA MET B 731 -12.92 26.66 33.54
C MET B 731 -11.62 27.17 32.96
N THR B 732 -10.64 26.28 32.84
CA THR B 732 -9.32 26.68 32.40
C THR B 732 -9.31 27.01 30.91
N LYS B 733 -8.64 28.10 30.57
CA LYS B 733 -8.46 28.49 29.17
C LYS B 733 -7.18 27.87 28.65
N THR B 734 -7.30 27.11 27.57
CA THR B 734 -6.15 26.41 27.01
C THR B 734 -5.97 26.80 25.55
N SER B 735 -4.77 26.54 25.05
CA SER B 735 -4.44 26.73 23.65
C SER B 735 -3.51 25.62 23.21
N VAL B 736 -3.52 25.33 21.92
CA VAL B 736 -2.78 24.19 21.37
C VAL B 736 -2.03 24.65 20.13
N ASP B 737 -0.77 24.28 20.04
CA ASP B 737 0.03 24.44 18.83
C ASP B 737 0.00 23.12 18.07
N CYS B 738 -0.73 23.09 16.95
CA CYS B 738 -0.81 21.86 16.16
C CYS B 738 0.56 21.35 15.75
N THR B 739 1.37 22.20 15.14
CA THR B 739 2.63 21.74 14.59
C THR B 739 3.48 21.08 15.67
N MET B 740 3.50 21.66 16.87
CA MET B 740 4.34 21.13 17.92
C MET B 740 3.77 19.84 18.49
N TYR B 741 2.46 19.66 18.43
CA TYR B 741 1.87 18.44 18.96
C TYR B 741 1.99 17.30 17.98
N ILE B 742 1.70 17.56 16.71
CA ILE B 742 1.67 16.51 15.70
C ILE B 742 3.06 16.14 15.25
N CYS B 743 3.92 17.14 15.03
CA CYS B 743 5.22 16.88 14.42
C CYS B 743 6.40 17.05 15.37
N GLY B 744 6.37 18.03 16.26
CA GLY B 744 7.57 18.33 17.01
C GLY B 744 8.50 19.18 16.19
N ASP B 745 9.81 18.94 16.31
CA ASP B 745 10.79 19.65 15.52
C ASP B 745 11.12 18.95 14.22
N SER B 746 10.25 18.05 13.76
CA SER B 746 10.42 17.40 12.45
C SER B 746 10.05 18.36 11.34
N THR B 747 10.97 18.54 10.38
CA THR B 747 10.69 19.42 9.26
C THR B 747 9.98 18.68 8.13
N GLU B 748 10.28 17.39 7.98
CA GLU B 748 9.56 16.58 7.00
C GLU B 748 8.08 16.47 7.38
N CYS B 749 7.80 16.18 8.64
CA CYS B 749 6.41 16.12 9.09
C CYS B 749 5.73 17.46 8.92
N SER B 750 6.43 18.56 9.24
CA SER B 750 5.78 19.86 9.17
C SER B 750 5.49 20.24 7.73
N ASN B 751 6.32 19.80 6.78
CA ASN B 751 6.01 20.04 5.38
C ASN B 751 4.87 19.14 4.91
N LEU B 752 4.78 17.93 5.42
CA LEU B 752 3.67 17.06 5.07
C LEU B 752 2.36 17.57 5.64
N LEU B 753 2.42 18.31 6.74
CA LEU B 753 1.21 18.75 7.41
C LEU B 753 0.52 19.90 6.70
N LEU B 754 1.18 20.53 5.73
CA LEU B 754 0.61 21.73 5.12
C LEU B 754 -0.65 21.45 4.30
N GLN B 755 -1.06 20.19 4.20
CA GLN B 755 -2.34 19.84 3.58
C GLN B 755 -3.46 19.81 4.61
N TYR B 756 -3.17 20.14 5.85
CA TYR B 756 -4.15 20.10 6.92
C TYR B 756 -4.08 21.37 7.76
N GLY B 757 -3.84 22.53 7.14
CA GLY B 757 -3.74 23.75 7.90
C GLY B 757 -5.09 24.35 8.25
N SER B 758 -6.09 24.14 7.38
CA SER B 758 -7.44 24.60 7.68
C SER B 758 -7.97 23.97 8.96
N PHE B 759 -7.62 22.71 9.20
CA PHE B 759 -8.12 22.01 10.38
C PHE B 759 -7.54 22.59 11.65
N CYS B 760 -6.29 23.02 11.61
CA CYS B 760 -5.70 23.62 12.80
C CYS B 760 -6.18 25.04 13.02
N THR B 761 -6.35 25.82 11.96
CA THR B 761 -6.97 27.12 12.17
C THR B 761 -8.36 26.96 12.77
N GLN B 762 -9.09 25.93 12.35
CA GLN B 762 -10.42 25.67 12.90
C GLN B 762 -10.37 25.30 14.38
N LEU B 763 -9.46 24.40 14.74
CA LEU B 763 -9.31 24.02 16.14
C LEU B 763 -9.00 25.23 17.01
N ASN B 764 -8.06 26.05 16.57
CA ASN B 764 -7.68 27.20 17.40
C ASN B 764 -8.78 28.24 17.46
N ARG B 765 -9.56 28.39 16.38
CA ARG B 765 -10.72 29.27 16.45
C ARG B 765 -11.68 28.82 17.54
N ALA B 766 -11.98 27.52 17.58
CA ALA B 766 -12.88 27.01 18.61
C ALA B 766 -12.32 27.26 20.01
N LEU B 767 -11.04 26.98 20.20
CA LEU B 767 -10.46 27.14 21.53
C LEU B 767 -10.45 28.60 21.97
N THR B 768 -10.19 29.53 21.06
CA THR B 768 -10.23 30.94 21.44
C THR B 768 -11.64 31.40 21.77
N GLY B 769 -12.64 30.89 21.05
CA GLY B 769 -14.01 31.19 21.43
C GLY B 769 -14.30 30.81 22.87
N ILE B 770 -13.92 29.59 23.25
CA ILE B 770 -14.08 29.16 24.63
C ILE B 770 -13.34 30.09 25.58
N ALA B 771 -12.12 30.47 25.21
CA ALA B 771 -11.27 31.24 26.11
C ALA B 771 -11.86 32.62 26.39
N VAL B 772 -12.43 33.28 25.38
CA VAL B 772 -13.01 34.58 25.67
C VAL B 772 -14.35 34.43 26.37
N GLU B 773 -15.07 33.35 26.10
CA GLU B 773 -16.32 33.11 26.81
C GLU B 773 -16.11 32.99 28.31
N GLN B 774 -14.98 32.41 28.73
CA GLN B 774 -14.75 32.27 30.17
C GLN B 774 -14.67 33.62 30.88
N ASP B 775 -13.92 34.56 30.30
CA ASP B 775 -13.84 35.89 30.88
C ASP B 775 -15.18 36.59 30.84
N LYS B 776 -15.94 36.39 29.76
CA LYS B 776 -17.28 36.99 29.74
C LYS B 776 -18.14 36.44 30.86
N ASN B 777 -18.05 35.14 31.13
CA ASN B 777 -18.78 34.52 32.23
C ASN B 777 -18.47 35.20 33.55
N THR B 778 -17.19 35.28 33.89
CA THR B 778 -16.81 35.89 35.15
C THR B 778 -17.32 37.32 35.25
N GLN B 779 -17.29 38.04 34.14
CA GLN B 779 -17.76 39.43 34.16
C GLN B 779 -19.26 39.52 34.41
N GLU B 780 -20.06 38.64 33.79
CA GLU B 780 -21.49 38.71 34.07
C GLU B 780 -21.79 38.38 35.51
N VAL B 781 -21.05 37.46 36.11
CA VAL B 781 -21.39 37.08 37.49
C VAL B 781 -20.96 38.17 38.46
N PHE B 782 -19.70 38.62 38.40
CA PHE B 782 -19.16 39.43 39.49
C PHE B 782 -19.20 40.92 39.25
N ALA B 783 -19.26 41.39 38.02
CA ALA B 783 -19.13 42.81 37.71
C ALA B 783 -20.49 43.47 37.54
N GLN B 784 -21.48 43.05 38.32
CA GLN B 784 -22.83 43.59 38.18
C GLN B 784 -22.85 45.09 38.43
N VAL B 785 -22.24 45.54 39.52
CA VAL B 785 -22.23 46.95 39.89
C VAL B 785 -20.85 47.53 39.60
N LYS B 786 -20.83 48.79 39.16
CA LYS B 786 -19.59 49.47 38.84
C LYS B 786 -19.32 50.64 39.77
N GLN B 787 -19.66 50.49 41.04
CA GLN B 787 -19.24 51.39 42.09
C GLN B 787 -18.68 50.55 43.22
N ILE B 788 -17.46 50.84 43.61
CA ILE B 788 -16.78 50.04 44.62
C ILE B 788 -17.10 50.63 45.98
N TYR B 789 -18.19 50.16 46.59
CA TYR B 789 -18.59 50.64 47.90
C TYR B 789 -17.69 50.08 48.97
N LYS B 790 -17.41 50.90 49.97
CA LYS B 790 -16.71 50.45 51.16
C LYS B 790 -17.64 50.52 52.36
N THR B 791 -17.41 49.64 53.32
CA THR B 791 -18.21 49.69 54.53
C THR B 791 -17.53 50.61 55.55
N PRO B 792 -18.30 51.46 56.22
CA PRO B 792 -17.72 52.44 57.11
C PRO B 792 -17.12 51.77 58.33
N PRO B 793 -16.29 52.48 59.09
CA PRO B 793 -15.85 51.94 60.39
C PRO B 793 -16.94 51.90 61.44
N ILE B 794 -18.15 52.34 61.10
CA ILE B 794 -19.30 52.24 61.98
C ILE B 794 -19.83 50.82 61.89
N LYS B 795 -19.34 49.94 62.75
CA LYS B 795 -19.79 48.56 62.75
C LYS B 795 -20.96 48.41 63.72
N ASP B 796 -21.95 49.27 63.57
CA ASP B 796 -23.16 49.23 64.39
C ASP B 796 -24.32 48.79 63.50
N PHE B 797 -24.49 47.48 63.39
CA PHE B 797 -25.50 46.91 62.52
C PHE B 797 -26.63 46.27 63.30
N GLY B 798 -26.98 46.83 64.45
CA GLY B 798 -28.08 46.33 65.24
C GLY B 798 -27.78 45.07 66.02
N GLY B 799 -26.52 44.68 66.15
CA GLY B 799 -26.15 43.46 66.82
C GLY B 799 -25.69 42.35 65.91
N PHE B 800 -25.86 42.50 64.60
CA PHE B 800 -25.42 41.49 63.66
C PHE B 800 -23.93 41.63 63.42
N ASN B 801 -23.24 40.50 63.36
CA ASN B 801 -21.78 40.46 63.23
C ASN B 801 -21.42 39.94 61.86
N PHE B 802 -20.84 40.79 61.03
CA PHE B 802 -20.45 40.44 59.67
C PHE B 802 -18.94 40.31 59.54
N SER B 803 -18.25 40.01 60.62
CA SER B 803 -16.80 40.05 60.62
C SER B 803 -16.16 38.89 59.86
N GLN B 804 -16.83 37.76 59.74
CA GLN B 804 -16.24 36.63 59.05
C GLN B 804 -16.45 36.66 57.55
N ILE B 805 -17.29 37.55 57.04
CA ILE B 805 -17.51 37.68 55.61
C ILE B 805 -17.06 39.02 55.07
N LEU B 806 -16.54 39.88 55.90
CA LEU B 806 -16.03 41.15 55.45
C LEU B 806 -14.51 41.09 55.28
N PRO B 807 -13.95 41.92 54.40
CA PRO B 807 -12.51 41.81 54.10
C PRO B 807 -11.60 41.90 55.31
N ASP B 808 -10.49 41.18 55.25
CA ASP B 808 -9.49 41.19 56.30
C ASP B 808 -8.29 42.02 55.86
N PRO B 809 -8.11 43.24 56.40
CA PRO B 809 -6.97 44.05 55.97
C PRO B 809 -5.62 43.53 56.46
N SER B 810 -5.60 42.44 57.22
CA SER B 810 -4.37 41.90 57.77
C SER B 810 -3.71 40.89 56.82
N LYS B 811 -4.32 40.65 55.67
CA LYS B 811 -3.80 39.70 54.69
C LYS B 811 -3.06 40.45 53.60
N PRO B 812 -2.24 39.78 52.79
CA PRO B 812 -1.72 40.42 51.58
C PRO B 812 -2.86 40.79 50.65
N SER B 813 -3.72 39.81 50.36
CA SER B 813 -5.00 40.08 49.71
C SER B 813 -5.96 40.66 50.73
N LYS B 814 -7.15 41.03 50.28
CA LYS B 814 -8.17 41.52 51.18
C LYS B 814 -9.33 40.55 51.20
N ARG B 815 -9.01 39.26 51.31
CA ARG B 815 -10.03 38.22 51.34
C ARG B 815 -10.59 38.05 52.74
N SER B 816 -11.83 37.60 52.80
CA SER B 816 -12.50 37.37 54.06
C SER B 816 -11.91 36.16 54.77
N PHE B 817 -12.48 35.85 55.93
CA PHE B 817 -12.13 34.61 56.61
C PHE B 817 -12.70 33.41 55.85
N ILE B 818 -13.99 33.48 55.51
CA ILE B 818 -14.64 32.38 54.79
C ILE B 818 -14.02 32.21 53.42
N GLU B 819 -13.64 33.31 52.76
CA GLU B 819 -13.03 33.18 51.44
C GLU B 819 -11.68 32.50 51.53
N ASP B 820 -10.93 32.74 52.61
CA ASP B 820 -9.67 32.03 52.81
C ASP B 820 -9.92 30.56 53.07
N LEU B 821 -10.90 30.23 53.89
CA LEU B 821 -11.19 28.81 54.11
C LEU B 821 -11.59 28.12 52.81
N LEU B 822 -12.32 28.83 51.94
CA LEU B 822 -12.71 28.24 50.66
C LEU B 822 -11.51 28.10 49.73
N PHE B 823 -10.58 29.05 49.78
CA PHE B 823 -9.46 29.06 48.86
C PHE B 823 -8.53 27.88 49.08
N ASN B 824 -8.49 27.33 50.29
CA ASN B 824 -7.57 26.25 50.61
C ASN B 824 -8.21 24.87 50.47
N LYS B 825 -9.45 24.78 50.03
CA LYS B 825 -10.11 23.49 49.82
C LYS B 825 -10.18 23.11 48.36
N VAL B 826 -9.62 23.91 47.46
CA VAL B 826 -9.56 23.61 46.05
C VAL B 826 -8.11 23.70 45.62
N THR B 827 -7.52 22.57 45.27
CA THR B 827 -6.12 22.49 44.86
C THR B 827 -6.03 22.59 43.34
N LEU B 828 -5.46 23.69 42.85
CA LEU B 828 -5.27 23.86 41.43
C LEU B 828 -4.10 23.03 40.93
N ALA B 829 -3.77 23.21 39.65
CA ALA B 829 -2.60 22.52 39.08
C ALA B 829 -1.52 23.50 38.66
N ASP B 830 -1.86 24.79 38.56
CA ASP B 830 -0.92 25.82 38.14
C ASP B 830 -0.83 26.88 39.23
N ALA B 831 0.21 26.81 40.06
CA ALA B 831 0.49 27.86 41.03
C ALA B 831 1.28 28.97 40.32
N GLY B 832 0.55 29.84 39.63
CA GLY B 832 1.16 30.80 38.73
C GLY B 832 1.11 30.30 37.30
N PHE B 833 1.60 31.16 36.40
CA PHE B 833 1.58 30.81 34.99
C PHE B 833 2.89 31.13 34.28
N ILE B 834 4.00 31.21 35.02
CA ILE B 834 5.32 31.42 34.44
C ILE B 834 6.19 30.24 34.86
N LYS B 835 6.31 29.25 33.98
CA LYS B 835 7.21 28.12 34.17
C LYS B 835 8.29 28.22 33.12
N GLN B 836 9.50 28.60 33.53
CA GLN B 836 10.54 28.95 32.58
C GLN B 836 11.17 27.69 31.98
N TYR B 837 11.80 27.86 30.83
CA TYR B 837 12.47 26.75 30.16
C TYR B 837 13.57 26.17 31.02
N GLY B 838 14.44 27.02 31.58
CA GLY B 838 15.51 26.54 32.41
C GLY B 838 15.06 25.85 33.68
N ASP B 839 13.79 26.01 34.05
CA ASP B 839 13.33 25.47 35.33
C ASP B 839 13.04 23.98 35.24
N CYS B 840 12.54 23.50 34.11
CA CYS B 840 12.51 22.06 33.84
C CYS B 840 13.36 21.77 32.62
N LEU B 841 14.66 21.59 32.85
CA LEU B 841 15.62 21.25 31.81
C LEU B 841 16.41 20.04 32.28
N GLY B 842 16.15 18.89 31.66
CA GLY B 842 16.73 17.63 32.09
C GLY B 842 15.67 16.57 32.21
N ASP B 843 15.72 15.81 33.29
CA ASP B 843 14.71 14.81 33.56
C ASP B 843 13.55 15.35 34.39
N ILE B 844 13.60 16.63 34.76
CA ILE B 844 12.45 17.26 35.39
C ILE B 844 11.26 17.25 34.44
N ALA B 845 11.53 17.32 33.14
CA ALA B 845 10.48 17.10 32.15
C ALA B 845 10.05 15.63 32.16
N ALA B 846 8.80 15.40 31.81
CA ALA B 846 8.21 14.05 31.79
C ALA B 846 8.21 13.42 33.18
N ARG B 847 8.37 14.26 34.19
CA ARG B 847 8.14 13.87 35.57
C ARG B 847 7.29 14.94 36.23
N ASP B 848 7.34 16.15 35.67
CA ASP B 848 6.39 17.20 35.97
C ASP B 848 5.39 17.25 34.82
N LEU B 849 4.12 17.04 35.14
CA LEU B 849 3.12 16.92 34.07
C LEU B 849 2.97 18.20 33.28
N ILE B 850 3.23 19.36 33.90
CA ILE B 850 3.01 20.62 33.21
C ILE B 850 4.10 20.84 32.16
N CYS B 851 5.34 20.47 32.46
CA CYS B 851 6.38 20.57 31.43
C CYS B 851 6.16 19.53 30.34
N ALA B 852 5.65 18.36 30.69
CA ALA B 852 5.28 17.39 29.66
C ALA B 852 4.22 17.95 28.74
N GLN B 853 3.24 18.68 29.28
CA GLN B 853 2.23 19.29 28.43
C GLN B 853 2.82 20.42 27.59
N LYS B 854 3.72 21.20 28.18
CA LYS B 854 4.25 22.36 27.49
C LYS B 854 5.20 21.98 26.36
N PHE B 855 5.98 20.92 26.54
CA PHE B 855 6.88 20.48 25.47
C PHE B 855 6.12 19.91 24.29
N ASN B 856 4.82 19.67 24.42
CA ASN B 856 4.01 19.14 23.33
C ASN B 856 3.02 20.16 22.78
N GLY B 857 3.17 21.42 23.16
CA GLY B 857 2.39 22.49 22.57
C GLY B 857 1.08 22.82 23.26
N LEU B 858 0.89 22.40 24.50
CA LEU B 858 -0.36 22.60 25.22
C LEU B 858 -0.16 23.67 26.29
N THR B 859 -0.78 24.83 26.10
CA THR B 859 -0.58 25.98 26.95
C THR B 859 -1.85 26.30 27.72
N VAL B 860 -1.68 26.83 28.93
CA VAL B 860 -2.79 27.31 29.75
C VAL B 860 -2.63 28.80 29.95
N LEU B 861 -3.66 29.57 29.59
CA LEU B 861 -3.56 31.01 29.67
C LEU B 861 -4.19 31.53 30.97
N PRO B 862 -3.71 32.64 31.50
CA PRO B 862 -4.21 33.13 32.78
C PRO B 862 -5.51 33.89 32.62
N PRO B 863 -6.37 33.89 33.62
CA PRO B 863 -7.63 34.63 33.51
C PRO B 863 -7.40 36.13 33.54
N LEU B 864 -8.36 36.86 32.98
CA LEU B 864 -8.23 38.31 32.88
C LEU B 864 -8.32 38.99 34.25
N LEU B 865 -9.26 38.57 35.07
CA LEU B 865 -9.42 39.14 36.41
C LEU B 865 -8.66 38.28 37.40
N THR B 866 -7.74 38.90 38.13
CA THR B 866 -7.04 38.20 39.20
C THR B 866 -8.00 37.90 40.34
N ASP B 867 -7.54 37.09 41.28
CA ASP B 867 -8.39 36.73 42.42
C ASP B 867 -8.62 37.91 43.33
N GLU B 868 -7.68 38.85 43.40
CA GLU B 868 -7.87 40.04 44.22
C GLU B 868 -8.95 40.94 43.65
N MET B 869 -9.05 41.03 42.32
CA MET B 869 -10.10 41.82 41.72
C MET B 869 -11.48 41.23 42.00
N ILE B 870 -11.59 39.90 41.95
CA ILE B 870 -12.86 39.26 42.24
C ILE B 870 -13.21 39.44 43.72
N ALA B 871 -12.21 39.38 44.59
CA ALA B 871 -12.47 39.66 46.00
C ALA B 871 -12.93 41.09 46.22
N GLN B 872 -12.36 42.03 45.46
CA GLN B 872 -12.83 43.41 45.54
C GLN B 872 -14.27 43.54 45.11
N TYR B 873 -14.65 42.85 44.04
CA TYR B 873 -16.03 42.90 43.58
C TYR B 873 -16.99 42.36 44.62
N THR B 874 -16.69 41.21 45.21
CA THR B 874 -17.59 40.66 46.22
C THR B 874 -17.63 41.54 47.45
N SER B 875 -16.51 42.18 47.79
CA SER B 875 -16.51 43.11 48.91
C SER B 875 -17.42 44.29 48.65
N ALA B 876 -17.39 44.84 47.44
CA ALA B 876 -18.29 45.94 47.11
C ALA B 876 -19.74 45.51 47.17
N LEU B 877 -20.05 44.30 46.69
CA LEU B 877 -21.42 43.81 46.77
C LEU B 877 -21.88 43.69 48.21
N LEU B 878 -21.04 43.14 49.08
CA LEU B 878 -21.41 42.99 50.49
C LEU B 878 -21.62 44.34 51.16
N ALA B 879 -20.70 45.27 50.94
CA ALA B 879 -20.83 46.59 51.56
C ALA B 879 -22.11 47.27 51.10
N GLY B 880 -22.39 47.22 49.80
CA GLY B 880 -23.63 47.82 49.32
C GLY B 880 -24.85 47.18 49.92
N THR B 881 -24.85 45.85 50.05
CA THR B 881 -26.06 45.18 50.48
C THR B 881 -26.30 45.33 51.98
N ILE B 882 -25.25 45.56 52.77
CA ILE B 882 -25.49 45.73 54.20
C ILE B 882 -25.63 47.18 54.60
N THR B 883 -25.25 48.14 53.76
CA THR B 883 -25.50 49.53 54.10
C THR B 883 -26.60 50.18 53.29
N SER B 884 -27.16 49.50 52.30
CA SER B 884 -28.15 50.12 51.43
C SER B 884 -29.35 49.24 51.14
N GLY B 885 -29.35 48.00 51.62
CA GLY B 885 -30.45 47.13 51.31
C GLY B 885 -30.47 46.71 49.87
N TRP B 886 -31.60 46.91 49.20
CA TRP B 886 -31.74 46.53 47.81
C TRP B 886 -31.81 47.74 46.88
N THR B 887 -31.39 48.92 47.35
CA THR B 887 -31.54 50.12 46.55
C THR B 887 -30.35 50.34 45.64
N PHE B 888 -29.18 49.82 45.98
CA PHE B 888 -28.02 50.03 45.13
C PHE B 888 -28.08 49.20 43.86
N GLY B 889 -28.97 48.24 43.78
CA GLY B 889 -29.16 47.49 42.56
C GLY B 889 -30.14 48.09 41.60
N ALA B 890 -30.83 49.16 41.99
CA ALA B 890 -31.83 49.79 41.15
C ALA B 890 -31.50 51.23 40.82
N GLY B 891 -30.39 51.76 41.33
CA GLY B 891 -30.04 53.15 41.13
C GLY B 891 -28.90 53.56 42.02
N ALA B 892 -29.06 54.68 42.73
CA ALA B 892 -28.06 55.14 43.68
C ALA B 892 -28.32 54.51 45.03
N ALA B 893 -27.23 54.20 45.74
CA ALA B 893 -27.35 53.59 47.05
C ALA B 893 -27.92 54.57 48.05
N LEU B 894 -28.99 54.17 48.72
CA LEU B 894 -29.67 54.99 49.73
C LEU B 894 -29.52 54.30 51.07
N GLN B 895 -28.79 54.93 51.99
CA GLN B 895 -28.51 54.30 53.26
C GLN B 895 -29.78 54.08 54.06
N ILE B 896 -29.72 53.12 54.98
CA ILE B 896 -30.83 52.79 55.86
C ILE B 896 -30.28 51.95 57.01
N PRO B 897 -30.70 52.17 58.24
CA PRO B 897 -30.20 51.34 59.35
C PRO B 897 -30.52 49.88 59.12
N PHE B 898 -29.61 49.01 59.59
CA PHE B 898 -29.72 47.61 59.23
C PHE B 898 -30.96 46.97 59.85
N ALA B 899 -31.33 47.37 61.06
CA ALA B 899 -32.51 46.78 61.69
C ALA B 899 -33.78 47.15 60.93
N MET B 900 -33.85 48.38 60.41
CA MET B 900 -35.02 48.76 59.64
C MET B 900 -35.07 48.05 58.30
N GLN B 901 -33.91 47.79 57.70
CA GLN B 901 -33.87 46.98 56.49
C GLN B 901 -34.33 45.56 56.77
N MET B 902 -33.92 45.00 57.90
CA MET B 902 -34.37 43.67 58.27
C MET B 902 -35.87 43.65 58.53
N ALA B 903 -36.43 44.74 59.06
CA ALA B 903 -37.87 44.82 59.23
C ALA B 903 -38.59 44.86 57.89
N TYR B 904 -38.05 45.61 56.93
CA TYR B 904 -38.59 45.57 55.58
C TYR B 904 -38.60 44.16 55.03
N ARG B 905 -37.51 43.43 55.24
CA ARG B 905 -37.43 42.08 54.70
C ARG B 905 -38.37 41.12 55.42
N PHE B 906 -38.63 41.37 56.71
CA PHE B 906 -39.65 40.58 57.41
C PHE B 906 -41.04 40.87 56.85
N ASN B 907 -41.32 42.13 56.52
CA ASN B 907 -42.58 42.45 55.86
C ASN B 907 -42.71 41.68 54.55
N GLY B 908 -41.62 41.53 53.82
CA GLY B 908 -41.68 40.87 52.52
C GLY B 908 -42.07 39.41 52.54
N ILE B 909 -42.02 38.74 53.69
CA ILE B 909 -42.40 37.34 53.78
C ILE B 909 -43.70 37.14 54.56
N GLY B 910 -44.38 38.22 54.92
CA GLY B 910 -45.66 38.10 55.56
C GLY B 910 -45.64 38.11 57.07
N VAL B 911 -44.66 38.77 57.66
CA VAL B 911 -44.54 38.90 59.11
C VAL B 911 -44.44 40.39 59.43
N THR B 912 -45.17 40.84 60.43
CA THR B 912 -45.18 42.26 60.76
C THR B 912 -43.84 42.69 61.34
N GLN B 913 -43.59 43.99 61.32
CA GLN B 913 -42.27 44.49 61.72
C GLN B 913 -42.05 44.37 63.22
N ASN B 914 -43.11 44.50 64.02
CA ASN B 914 -42.93 44.41 65.45
C ASN B 914 -42.41 43.05 65.87
N VAL B 915 -42.60 42.03 65.04
CA VAL B 915 -42.03 40.71 65.34
C VAL B 915 -40.50 40.78 65.28
N LEU B 916 -39.96 41.59 64.39
CA LEU B 916 -38.52 41.79 64.37
C LEU B 916 -38.08 42.69 65.51
N TYR B 917 -38.72 43.84 65.66
CA TYR B 917 -38.24 44.82 66.63
C TYR B 917 -38.35 44.31 68.05
N GLU B 918 -39.28 43.40 68.32
CA GLU B 918 -39.43 42.89 69.68
C GLU B 918 -38.54 41.68 69.94
N ASN B 919 -38.00 41.07 68.90
CA ASN B 919 -37.10 39.93 69.03
C ASN B 919 -35.73 40.19 68.43
N GLN B 920 -35.23 41.42 68.52
CA GLN B 920 -34.05 41.78 67.74
C GLN B 920 -32.81 41.06 68.26
N LYS B 921 -32.65 40.97 69.58
CA LYS B 921 -31.46 40.32 70.12
C LYS B 921 -31.44 38.84 69.81
N LEU B 922 -32.59 38.18 69.92
CA LEU B 922 -32.66 36.75 69.61
C LEU B 922 -32.32 36.51 68.14
N ILE B 923 -32.81 37.37 67.24
CA ILE B 923 -32.54 37.19 65.82
C ILE B 923 -31.06 37.43 65.52
N ALA B 924 -30.48 38.46 66.11
CA ALA B 924 -29.05 38.70 65.90
C ALA B 924 -28.22 37.55 66.41
N ASN B 925 -28.58 36.98 67.57
CA ASN B 925 -27.82 35.86 68.10
C ASN B 925 -27.95 34.63 67.21
N GLN B 926 -29.15 34.36 66.70
CA GLN B 926 -29.34 33.22 65.81
C GLN B 926 -28.53 33.38 64.54
N PHE B 927 -28.50 34.59 63.99
CA PHE B 927 -27.71 34.84 62.79
C PHE B 927 -26.22 34.63 63.05
N ASN B 928 -25.71 35.18 64.16
CA ASN B 928 -24.30 35.03 64.47
C ASN B 928 -23.94 33.56 64.69
N SER B 929 -24.80 32.81 65.36
CA SER B 929 -24.54 31.39 65.57
C SER B 929 -24.53 30.62 64.26
N ALA B 930 -25.44 30.96 63.34
CA ALA B 930 -25.48 30.24 62.07
C ALA B 930 -24.24 30.53 61.24
N ILE B 931 -23.77 31.77 61.25
CA ILE B 931 -22.54 32.08 60.52
C ILE B 931 -21.36 31.33 61.13
N GLY B 932 -21.28 31.30 62.46
CA GLY B 932 -20.24 30.51 63.10
C GLY B 932 -20.28 29.05 62.72
N LYS B 933 -21.49 28.51 62.58
CA LYS B 933 -21.64 27.11 62.19
C LYS B 933 -21.06 26.85 60.80
N ILE B 934 -21.22 27.81 59.89
CA ILE B 934 -20.71 27.68 58.53
C ILE B 934 -19.19 27.56 58.57
N GLN B 935 -18.52 28.59 59.07
CA GLN B 935 -17.08 28.59 59.17
C GLN B 935 -16.62 27.27 59.77
N ASP B 936 -17.21 26.93 60.91
CA ASP B 936 -16.90 25.68 61.60
C ASP B 936 -16.90 24.54 60.59
N SER B 937 -18.10 24.16 60.14
CA SER B 937 -18.26 23.08 59.19
C SER B 937 -17.20 23.08 58.09
N LEU B 938 -17.00 24.23 57.47
CA LEU B 938 -16.00 24.35 56.42
C LEU B 938 -14.62 23.94 56.92
N SER B 939 -14.01 24.82 57.72
CA SER B 939 -12.69 24.58 58.27
C SER B 939 -12.54 23.15 58.78
N SER B 940 -13.67 22.50 59.03
CA SER B 940 -13.67 21.13 59.50
C SER B 940 -13.51 20.18 58.32
N THR B 941 -14.62 19.90 57.65
CA THR B 941 -14.62 19.01 56.49
C THR B 941 -16.04 18.55 56.16
N ALA B 944 -17.51 19.69 51.49
CA ALA B 944 -16.39 20.12 50.67
C ALA B 944 -16.88 20.79 49.39
N LEU B 945 -15.95 21.30 48.61
CA LEU B 945 -16.27 21.94 47.33
C LEU B 945 -16.04 20.97 46.18
N GLY B 946 -16.81 19.89 46.15
CA GLY B 946 -16.59 18.89 45.12
C GLY B 946 -16.92 19.40 43.73
N LYS B 947 -17.96 20.22 43.61
CA LYS B 947 -18.38 20.68 42.30
C LYS B 947 -17.36 21.62 41.67
N LEU B 948 -16.56 22.30 42.49
CA LEU B 948 -15.51 23.16 41.98
C LEU B 948 -14.22 22.42 41.73
N GLN B 949 -13.99 21.31 42.42
CA GLN B 949 -12.79 20.51 42.19
C GLN B 949 -12.94 19.61 40.97
N ASP B 950 -14.18 19.19 40.67
CA ASP B 950 -14.37 18.36 39.49
C ASP B 950 -14.00 19.07 38.20
N VAL B 951 -14.19 20.40 38.14
CA VAL B 951 -13.83 21.13 36.93
C VAL B 951 -12.32 21.07 36.71
N VAL B 952 -11.55 21.38 37.75
CA VAL B 952 -10.10 21.31 37.66
C VAL B 952 -9.65 19.91 37.30
N ASN B 953 -10.22 18.90 37.96
CA ASN B 953 -9.84 17.53 37.68
C ASN B 953 -10.11 17.15 36.24
N GLN B 954 -11.26 17.54 35.71
CA GLN B 954 -11.61 17.17 34.35
C GLN B 954 -10.69 17.82 33.34
N ASN B 955 -10.37 19.10 33.53
CA ASN B 955 -9.48 19.76 32.57
C ASN B 955 -8.09 19.14 32.62
N ALA B 956 -7.56 18.88 33.82
CA ALA B 956 -6.25 18.27 33.93
C ALA B 956 -6.23 16.88 33.29
N GLN B 957 -7.27 16.09 33.53
CA GLN B 957 -7.30 14.75 32.96
C GLN B 957 -7.38 14.80 31.44
N ALA B 958 -8.12 15.76 30.88
CA ALA B 958 -8.18 15.87 29.43
C ALA B 958 -6.82 16.18 28.84
N LEU B 959 -6.09 17.13 29.44
CA LEU B 959 -4.77 17.45 28.90
C LEU B 959 -3.82 16.27 29.02
N ASN B 960 -3.85 15.56 30.15
CA ASN B 960 -2.94 14.44 30.31
C ASN B 960 -3.29 13.30 29.37
N THR B 961 -4.57 13.09 29.09
CA THR B 961 -4.95 12.08 28.11
C THR B 961 -4.43 12.44 26.73
N LEU B 962 -4.50 13.72 26.38
CA LEU B 962 -3.88 14.15 25.13
C LEU B 962 -2.42 13.78 25.08
N VAL B 963 -1.70 13.99 26.19
CA VAL B 963 -0.26 13.72 26.17
C VAL B 963 0.01 12.23 26.02
N LYS B 964 -0.70 11.38 26.76
CA LYS B 964 -0.44 9.95 26.62
C LYS B 964 -0.91 9.40 25.27
N GLN B 965 -1.84 10.07 24.60
CA GLN B 965 -2.21 9.51 23.30
C GLN B 965 -1.17 9.71 22.25
N LEU B 966 0.03 10.19 22.58
CA LEU B 966 1.12 10.28 21.61
C LEU B 966 1.91 8.99 21.51
N SER B 967 1.44 7.92 22.15
CA SER B 967 2.11 6.63 22.15
C SER B 967 1.39 5.62 21.27
N SER B 968 0.47 6.08 20.44
CA SER B 968 -0.31 5.21 19.60
C SER B 968 0.30 5.16 18.21
N ASN B 969 0.33 3.95 17.64
CA ASN B 969 0.86 3.77 16.30
C ASN B 969 -0.13 4.19 15.24
N PHE B 970 -1.42 4.05 15.51
CA PHE B 970 -2.48 4.30 14.55
C PHE B 970 -2.34 3.46 13.30
N GLY B 971 -1.68 2.31 13.41
CA GLY B 971 -1.48 1.44 12.26
C GLY B 971 -0.17 1.64 11.55
N ALA B 972 0.75 2.41 12.12
CA ALA B 972 2.06 2.61 11.53
C ALA B 972 3.04 1.62 12.16
N ILE B 973 4.31 1.69 11.78
CA ILE B 973 5.30 0.76 12.30
C ILE B 973 5.84 1.18 13.66
N SER B 974 5.72 2.45 14.01
CA SER B 974 6.17 2.96 15.30
C SER B 974 5.42 4.25 15.57
N SER B 975 5.53 4.74 16.80
CA SER B 975 4.89 5.98 17.19
C SER B 975 5.87 7.12 17.33
N VAL B 976 7.12 6.94 16.94
CA VAL B 976 8.15 7.96 17.01
C VAL B 976 8.50 8.37 15.59
N LEU B 977 8.53 9.69 15.34
CA LEU B 977 8.86 10.15 14.01
C LEU B 977 10.33 9.92 13.70
N ASN B 978 11.18 9.83 14.72
CA ASN B 978 12.60 9.70 14.47
C ASN B 978 13.00 8.25 14.19
N ASP B 979 12.19 7.29 14.61
CA ASP B 979 12.43 5.90 14.19
C ASP B 979 11.93 5.66 12.79
N ILE B 980 10.94 6.42 12.34
CA ILE B 980 10.50 6.28 10.96
C ILE B 980 11.44 7.01 10.02
N LEU B 981 11.80 8.24 10.35
CA LEU B 981 12.59 9.06 9.44
C LEU B 981 14.01 8.54 9.32
N SER B 982 14.46 7.79 10.30
CA SER B 982 15.71 7.05 10.23
C SER B 982 15.43 5.56 10.18
N ARG B 983 15.97 4.87 9.18
CA ARG B 983 15.58 3.54 8.67
C ARG B 983 14.55 3.56 7.56
N LEU B 984 14.04 4.72 7.16
CA LEU B 984 13.15 4.76 6.00
C LEU B 984 13.42 6.02 5.21
N ASP B 985 13.29 5.93 3.89
CA ASP B 985 13.56 7.05 3.00
C ASP B 985 12.26 7.74 2.62
N PRO B 986 12.34 8.99 2.14
CA PRO B 986 11.16 9.88 2.11
C PRO B 986 9.91 9.22 1.55
N PRO B 987 9.91 8.73 0.31
CA PRO B 987 8.63 8.36 -0.31
C PRO B 987 7.91 7.24 0.41
N GLU B 988 8.63 6.36 1.08
CA GLU B 988 8.01 5.25 1.77
C GLU B 988 7.96 5.45 3.28
N ALA B 989 8.56 6.52 3.78
CA ALA B 989 8.28 6.98 5.13
C ALA B 989 7.05 7.87 5.18
N GLU B 990 6.68 8.46 4.04
CA GLU B 990 5.53 9.35 3.99
C GLU B 990 4.23 8.62 4.32
N VAL B 991 4.14 7.34 4.00
CA VAL B 991 2.91 6.61 4.32
C VAL B 991 2.74 6.50 5.84
N GLN B 992 3.81 6.15 6.53
CA GLN B 992 3.76 6.05 7.98
C GLN B 992 3.50 7.41 8.61
N ILE B 993 4.18 8.44 8.13
CA ILE B 993 3.96 9.77 8.70
C ILE B 993 2.54 10.23 8.45
N ASP B 994 1.95 9.82 7.33
CA ASP B 994 0.56 10.16 7.06
C ASP B 994 -0.37 9.48 8.06
N ARG B 995 -0.11 8.21 8.36
CA ARG B 995 -0.92 7.54 9.38
C ARG B 995 -0.84 8.26 10.71
N LEU B 996 0.37 8.61 11.13
CA LEU B 996 0.53 9.30 12.41
C LEU B 996 -0.17 10.65 12.40
N ILE B 997 -0.06 11.39 11.30
CA ILE B 997 -0.69 12.70 11.21
C ILE B 997 -2.19 12.58 11.34
N THR B 998 -2.79 11.64 10.63
CA THR B 998 -4.23 11.46 10.72
C THR B 998 -4.66 11.12 12.14
N GLY B 999 -3.98 10.18 12.77
CA GLY B 999 -4.34 9.81 14.13
C GLY B 999 -4.27 11.00 15.08
N ARG B 1000 -3.16 11.74 15.06
CA ARG B 1000 -3.00 12.82 16.01
C ARG B 1000 -3.96 13.97 15.73
N LEU B 1001 -4.28 14.23 14.47
CA LEU B 1001 -5.29 15.22 14.16
C LEU B 1001 -6.64 14.84 14.76
N GLN B 1002 -7.03 13.58 14.63
CA GLN B 1002 -8.33 13.20 15.18
C GLN B 1002 -8.31 13.24 16.71
N SER B 1003 -7.16 12.99 17.32
CA SER B 1003 -7.05 13.16 18.76
C SER B 1003 -7.32 14.61 19.18
N LEU B 1004 -6.69 15.55 18.50
CA LEU B 1004 -6.94 16.96 18.77
C LEU B 1004 -8.40 17.32 18.56
N GLN B 1005 -9.01 16.78 17.51
CA GLN B 1005 -10.39 17.08 17.22
C GLN B 1005 -11.31 16.60 18.34
N THR B 1006 -11.08 15.39 18.82
CA THR B 1006 -11.88 14.87 19.92
C THR B 1006 -11.75 15.76 21.15
N TYR B 1007 -10.53 16.17 21.48
CA TYR B 1007 -10.35 17.06 22.61
C TYR B 1007 -11.15 18.34 22.47
N VAL B 1008 -11.05 18.98 21.30
CA VAL B 1008 -11.73 20.27 21.12
C VAL B 1008 -13.24 20.10 21.20
N THR B 1009 -13.77 19.01 20.65
CA THR B 1009 -15.21 18.80 20.71
C THR B 1009 -15.69 18.65 22.14
N GLN B 1010 -15.01 17.82 22.92
CA GLN B 1010 -15.44 17.64 24.30
C GLN B 1010 -15.27 18.92 25.11
N GLN B 1011 -14.26 19.73 24.79
CA GLN B 1011 -14.11 21.01 25.46
C GLN B 1011 -15.28 21.93 25.15
N LEU B 1012 -15.75 21.93 23.90
CA LEU B 1012 -16.89 22.76 23.55
C LEU B 1012 -18.14 22.34 24.32
N ILE B 1013 -18.35 21.03 24.43
CA ILE B 1013 -19.52 20.55 25.17
C ILE B 1013 -19.44 20.96 26.63
N ARG B 1014 -18.26 20.79 27.25
CA ARG B 1014 -18.12 21.18 28.65
C ARG B 1014 -18.29 22.69 28.84
N ALA B 1015 -17.83 23.48 27.87
CA ALA B 1015 -17.96 24.91 27.99
C ALA B 1015 -19.42 25.34 27.92
N ALA B 1016 -20.22 24.63 27.13
CA ALA B 1016 -21.66 24.93 27.13
C ALA B 1016 -22.27 24.71 28.51
N GLU B 1017 -21.89 23.62 29.17
CA GLU B 1017 -22.42 23.35 30.51
C GLU B 1017 -21.98 24.40 31.51
N ILE B 1018 -20.71 24.80 31.46
CA ILE B 1018 -20.23 25.84 32.37
C ILE B 1018 -20.91 27.16 32.07
N ARG B 1019 -21.24 27.42 30.81
CA ARG B 1019 -21.96 28.64 30.46
C ARG B 1019 -23.34 28.66 31.10
N ALA B 1020 -24.04 27.53 31.05
CA ALA B 1020 -25.34 27.45 31.72
C ALA B 1020 -25.21 27.70 33.22
N SER B 1021 -24.19 27.09 33.84
CA SER B 1021 -23.99 27.30 35.27
C SER B 1021 -23.71 28.76 35.61
N ALA B 1022 -22.89 29.42 34.79
CA ALA B 1022 -22.57 30.82 35.04
C ALA B 1022 -23.79 31.72 34.84
N ASN B 1023 -24.66 31.39 33.87
CA ASN B 1023 -25.88 32.15 33.72
C ASN B 1023 -26.77 32.01 34.93
N LEU B 1024 -26.89 30.79 35.46
CA LEU B 1024 -27.65 30.61 36.69
C LEU B 1024 -27.06 31.40 37.84
N ALA B 1025 -25.74 31.43 37.94
CA ALA B 1025 -25.10 32.18 39.02
C ALA B 1025 -25.34 33.67 38.89
N ALA B 1026 -25.34 34.19 37.66
CA ALA B 1026 -25.62 35.61 37.48
C ALA B 1026 -27.05 35.95 37.85
N THR B 1027 -27.99 35.08 37.48
CA THR B 1027 -29.38 35.29 37.88
C THR B 1027 -29.53 35.27 39.39
N LYS B 1028 -28.86 34.33 40.06
CA LYS B 1028 -28.94 34.27 41.51
C LYS B 1028 -28.30 35.50 42.14
N MET B 1029 -27.25 36.03 41.53
CA MET B 1029 -26.65 37.24 42.06
C MET B 1029 -27.59 38.43 41.95
N SER B 1030 -28.31 38.54 40.84
CA SER B 1030 -29.18 39.70 40.71
C SER B 1030 -30.45 39.55 41.54
N GLU B 1031 -30.94 38.33 41.72
CA GLU B 1031 -32.24 38.16 42.33
C GLU B 1031 -32.21 37.80 43.81
N CYS B 1032 -31.15 37.17 44.30
CA CYS B 1032 -31.06 36.86 45.71
C CYS B 1032 -30.19 37.82 46.48
N VAL B 1033 -29.14 38.37 45.87
CA VAL B 1033 -28.23 39.28 46.56
C VAL B 1033 -28.67 40.73 46.40
N LEU B 1034 -29.07 41.12 45.20
CA LEU B 1034 -29.48 42.49 44.94
C LEU B 1034 -30.96 42.72 45.18
N GLY B 1035 -31.66 41.74 45.73
CA GLY B 1035 -33.06 41.89 46.03
C GLY B 1035 -33.52 40.81 46.98
N GLN B 1036 -34.83 40.66 47.10
CA GLN B 1036 -35.43 39.60 47.89
C GLN B 1036 -36.38 38.82 46.99
N SER B 1037 -36.24 37.50 46.99
CA SER B 1037 -36.93 36.66 46.03
C SER B 1037 -38.16 36.01 46.65
N LYS B 1038 -39.24 35.95 45.87
CA LYS B 1038 -40.44 35.22 46.24
C LYS B 1038 -40.50 33.84 45.63
N ARG B 1039 -39.53 33.50 44.77
CA ARG B 1039 -39.50 32.19 44.14
C ARG B 1039 -39.10 31.13 45.15
N VAL B 1040 -39.88 30.08 45.23
CA VAL B 1040 -39.69 29.04 46.25
C VAL B 1040 -38.43 28.25 45.94
N ASP B 1041 -37.60 28.06 46.96
CA ASP B 1041 -36.38 27.25 46.89
C ASP B 1041 -35.38 27.77 45.88
N PHE B 1042 -35.50 29.03 45.47
CA PHE B 1042 -34.51 29.59 44.56
C PHE B 1042 -33.30 30.11 45.31
N CYS B 1043 -33.50 30.66 46.49
CA CYS B 1043 -32.42 31.21 47.29
C CYS B 1043 -32.42 30.54 48.66
N GLY B 1044 -32.47 29.22 48.66
CA GLY B 1044 -32.39 28.45 49.89
C GLY B 1044 -33.72 27.85 50.28
N LYS B 1045 -33.71 27.08 51.35
CA LYS B 1045 -34.90 26.44 51.88
C LYS B 1045 -35.47 27.29 53.00
N GLY B 1046 -36.73 27.65 52.89
CA GLY B 1046 -37.38 28.57 53.80
C GLY B 1046 -37.86 29.80 53.07
N TYR B 1047 -38.18 30.83 53.85
CA TYR B 1047 -38.54 32.11 53.26
C TYR B 1047 -37.30 32.98 53.17
N HIS B 1048 -36.94 33.38 51.96
CA HIS B 1048 -35.68 34.07 51.73
C HIS B 1048 -35.69 35.44 52.39
N LEU B 1049 -34.68 35.72 53.19
CA LEU B 1049 -34.47 37.04 53.76
C LEU B 1049 -33.37 37.79 53.02
N MET B 1050 -32.17 37.23 52.93
CA MET B 1050 -31.11 37.91 52.19
C MET B 1050 -30.05 36.90 51.78
N SER B 1051 -29.01 37.38 51.11
CA SER B 1051 -27.93 36.52 50.63
C SER B 1051 -26.65 37.31 50.55
N PHE B 1052 -25.53 36.60 50.74
CA PHE B 1052 -24.21 37.19 50.68
C PHE B 1052 -23.33 36.37 49.74
N PRO B 1053 -22.59 37.01 48.84
CA PRO B 1053 -21.69 36.26 47.96
C PRO B 1053 -20.27 36.17 48.51
N GLN B 1054 -19.62 35.06 48.21
CA GLN B 1054 -18.21 34.85 48.48
C GLN B 1054 -17.57 34.25 47.26
N SER B 1055 -16.34 34.63 46.96
CA SER B 1055 -15.67 34.13 45.78
C SER B 1055 -14.90 32.86 46.13
N ALA B 1056 -14.83 31.93 45.19
CA ALA B 1056 -14.13 30.68 45.37
C ALA B 1056 -13.36 30.39 44.09
N PRO B 1057 -12.35 29.52 44.14
CA PRO B 1057 -11.60 29.21 42.92
C PRO B 1057 -12.49 28.71 41.80
N HIS B 1058 -12.59 29.50 40.73
CA HIS B 1058 -13.41 29.18 39.57
C HIS B 1058 -14.90 29.15 39.87
N GLY B 1059 -15.35 29.83 40.91
CA GLY B 1059 -16.77 29.77 41.20
C GLY B 1059 -17.19 30.74 42.27
N VAL B 1060 -18.45 30.61 42.66
CA VAL B 1060 -19.04 31.50 43.66
C VAL B 1060 -19.79 30.66 44.68
N VAL B 1061 -19.83 31.18 45.90
CA VAL B 1061 -20.58 30.58 47.00
C VAL B 1061 -21.58 31.60 47.49
N PHE B 1062 -22.83 31.18 47.67
CA PHE B 1062 -23.87 32.04 48.21
C PHE B 1062 -24.23 31.57 49.60
N LEU B 1063 -24.27 32.50 50.54
CA LEU B 1063 -24.80 32.25 51.87
C LEU B 1063 -26.21 32.83 51.91
N HIS B 1064 -27.20 31.96 51.95
CA HIS B 1064 -28.61 32.34 51.93
C HIS B 1064 -29.12 32.35 53.36
N VAL B 1065 -29.62 33.51 53.79
CA VAL B 1065 -30.26 33.67 55.08
C VAL B 1065 -31.76 33.61 54.87
N THR B 1066 -32.39 32.62 55.49
CA THR B 1066 -33.82 32.36 55.35
C THR B 1066 -34.47 32.24 56.72
N TYR B 1067 -35.80 32.34 56.72
CA TYR B 1067 -36.63 32.31 57.91
C TYR B 1067 -37.42 31.02 57.93
N VAL B 1068 -37.29 30.23 58.99
CA VAL B 1068 -37.91 28.92 59.09
C VAL B 1068 -38.83 28.91 60.30
N PRO B 1069 -40.13 28.69 60.13
CA PRO B 1069 -41.02 28.65 61.30
C PRO B 1069 -40.75 27.45 62.19
N ALA B 1070 -41.14 27.56 63.44
CA ALA B 1070 -40.83 26.52 64.41
C ALA B 1070 -41.83 26.55 65.56
N GLN B 1071 -41.94 25.42 66.24
CA GLN B 1071 -42.78 25.26 67.42
C GLN B 1071 -44.23 25.58 67.12
N GLU B 1072 -44.84 24.83 66.22
CA GLU B 1072 -46.22 25.07 65.84
C GLU B 1072 -47.17 24.57 66.91
N LYS B 1073 -48.42 25.01 66.82
CA LYS B 1073 -49.43 24.67 67.79
C LYS B 1073 -50.77 24.52 67.09
N ASN B 1074 -51.61 23.63 67.63
CA ASN B 1074 -52.90 23.32 67.05
C ASN B 1074 -53.97 24.30 67.53
N PHE B 1075 -54.87 24.66 66.62
CA PHE B 1075 -55.98 25.53 66.94
C PHE B 1075 -57.19 25.09 66.12
N THR B 1076 -58.36 25.43 66.63
CA THR B 1076 -59.59 25.34 65.87
C THR B 1076 -59.74 26.62 65.06
N THR B 1077 -60.31 26.50 63.87
CA THR B 1077 -60.39 27.61 62.95
C THR B 1077 -61.77 27.67 62.31
N ALA B 1078 -62.04 28.77 61.62
CA ALA B 1078 -63.33 28.98 60.97
C ALA B 1078 -63.12 29.91 59.80
N PRO B 1079 -63.90 29.78 58.73
CA PRO B 1079 -63.74 30.68 57.59
C PRO B 1079 -64.29 32.07 57.84
N ALA B 1080 -65.39 32.20 58.58
CA ALA B 1080 -66.01 33.49 58.80
C ALA B 1080 -66.67 33.51 60.16
N ILE B 1081 -67.03 34.71 60.62
CA ILE B 1081 -67.69 34.93 61.89
C ILE B 1081 -69.02 35.61 61.62
N CYS B 1082 -70.07 35.14 62.28
CA CYS B 1082 -71.41 35.69 62.11
C CYS B 1082 -71.77 36.47 63.37
N HIS B 1083 -72.06 37.76 63.21
CA HIS B 1083 -72.37 38.59 64.36
C HIS B 1083 -73.80 39.12 64.39
N ASP B 1084 -74.22 39.83 63.35
CA ASP B 1084 -75.56 40.38 63.31
C ASP B 1084 -76.28 39.99 62.02
N GLY B 1085 -76.24 38.70 61.69
CA GLY B 1085 -76.77 38.27 60.41
C GLY B 1085 -75.86 38.72 59.29
N LYS B 1086 -74.61 39.03 59.63
CA LYS B 1086 -73.61 39.42 58.65
C LYS B 1086 -72.38 38.56 58.84
N ALA B 1087 -71.68 38.30 57.74
CA ALA B 1087 -70.48 37.47 57.74
C ALA B 1087 -69.25 38.36 57.72
N HIS B 1088 -68.31 38.10 58.61
CA HIS B 1088 -67.10 38.89 58.74
C HIS B 1088 -65.89 38.04 58.39
N PHE B 1089 -65.05 38.53 57.49
CA PHE B 1089 -63.86 37.84 57.07
C PHE B 1089 -62.63 38.61 57.54
N PRO B 1090 -61.54 37.93 57.87
CA PRO B 1090 -60.36 38.65 58.34
C PRO B 1090 -59.71 39.42 57.21
N ARG B 1091 -59.06 40.52 57.56
CA ARG B 1091 -58.43 41.34 56.53
C ARG B 1091 -57.11 40.73 56.09
N GLU B 1092 -56.19 40.49 57.02
CA GLU B 1092 -54.91 39.89 56.66
C GLU B 1092 -54.51 38.82 57.65
N GLY B 1093 -55.44 37.97 58.03
CA GLY B 1093 -55.13 36.97 59.03
C GLY B 1093 -56.00 35.76 58.90
N VAL B 1094 -56.19 35.10 60.03
CA VAL B 1094 -56.99 33.88 60.12
C VAL B 1094 -57.62 33.83 61.49
N PHE B 1095 -58.84 33.31 61.55
CA PHE B 1095 -59.57 33.17 62.81
C PHE B 1095 -59.15 31.89 63.51
N VAL B 1096 -58.71 32.01 64.76
CA VAL B 1096 -58.34 30.85 65.56
C VAL B 1096 -59.10 30.90 66.87
N SER B 1097 -59.05 29.80 67.61
CA SER B 1097 -59.72 29.69 68.89
C SER B 1097 -58.88 28.86 69.84
N ASN B 1098 -58.61 29.40 71.03
CA ASN B 1098 -57.82 28.68 72.02
C ASN B 1098 -58.64 27.61 72.74
N GLY B 1099 -59.86 27.36 72.27
CA GLY B 1099 -60.74 26.39 72.89
C GLY B 1099 -62.06 27.00 73.32
N THR B 1100 -62.01 28.22 73.85
CA THR B 1100 -63.21 28.91 74.29
C THR B 1100 -63.40 30.28 73.66
N HIS B 1101 -62.34 31.04 73.42
CA HIS B 1101 -62.45 32.36 72.85
C HIS B 1101 -61.89 32.37 71.43
N TRP B 1102 -62.32 33.35 70.64
CA TRP B 1102 -61.91 33.47 69.25
C TRP B 1102 -61.04 34.70 69.09
N PHE B 1103 -59.95 34.55 68.34
CA PHE B 1103 -59.04 35.63 68.02
C PHE B 1103 -58.77 35.63 66.53
N VAL B 1104 -58.12 36.68 66.05
CA VAL B 1104 -57.62 36.75 64.69
C VAL B 1104 -56.11 36.97 64.76
N THR B 1105 -55.37 36.17 64.01
CA THR B 1105 -53.91 36.23 64.04
C THR B 1105 -53.38 36.36 62.63
N GLN B 1106 -52.08 36.54 62.51
CA GLN B 1106 -51.41 36.48 61.23
C GLN B 1106 -50.97 35.05 60.96
N ARG B 1107 -50.81 34.73 59.68
CA ARG B 1107 -50.72 33.32 59.30
C ARG B 1107 -49.39 32.69 59.68
N ASN B 1108 -48.31 33.47 59.73
CA ASN B 1108 -46.97 32.91 59.87
C ASN B 1108 -46.39 33.04 61.26
N PHE B 1109 -47.13 33.60 62.20
CA PHE B 1109 -46.63 33.81 63.56
C PHE B 1109 -47.82 34.01 64.46
N TYR B 1110 -47.88 33.24 65.55
CA TYR B 1110 -49.03 33.27 66.43
C TYR B 1110 -48.99 34.54 67.26
N GLU B 1111 -49.92 35.45 66.99
CA GLU B 1111 -50.02 36.71 67.73
C GLU B 1111 -51.48 37.09 67.83
N PRO B 1112 -52.21 36.51 68.77
CA PRO B 1112 -53.67 36.63 68.75
C PRO B 1112 -54.15 38.00 69.16
N GLN B 1113 -55.25 38.42 68.55
CA GLN B 1113 -55.82 39.73 68.81
C GLN B 1113 -57.34 39.61 68.84
N ILE B 1114 -57.97 40.59 69.46
CA ILE B 1114 -59.41 40.60 69.60
C ILE B 1114 -60.05 40.97 68.27
N ILE B 1115 -61.11 40.27 67.91
CA ILE B 1115 -61.79 40.53 66.65
C ILE B 1115 -62.58 41.81 66.76
N THR B 1116 -62.23 42.81 65.96
CA THR B 1116 -62.95 44.07 65.94
C THR B 1116 -63.43 44.36 64.52
N THR B 1117 -63.96 45.56 64.30
CA THR B 1117 -64.36 45.98 62.97
C THR B 1117 -63.21 46.57 62.17
N ASP B 1118 -62.02 46.66 62.77
CA ASP B 1118 -60.82 47.10 62.07
C ASP B 1118 -59.96 45.93 61.63
N ASN B 1119 -60.21 44.74 62.16
CA ASN B 1119 -59.54 43.53 61.75
C ASN B 1119 -60.24 42.82 60.62
N THR B 1120 -61.53 43.04 60.45
CA THR B 1120 -62.36 42.24 59.57
C THR B 1120 -63.05 43.15 58.56
N PHE B 1121 -63.74 42.54 57.62
CA PHE B 1121 -64.62 43.26 56.72
C PHE B 1121 -65.86 42.42 56.50
N VAL B 1122 -66.95 43.08 56.16
CA VAL B 1122 -68.25 42.44 56.06
C VAL B 1122 -68.58 42.19 54.60
N SER B 1123 -69.24 41.07 54.34
CA SER B 1123 -69.73 40.77 52.99
C SER B 1123 -70.84 39.74 53.11
N GLY B 1124 -72.06 40.13 52.79
CA GLY B 1124 -73.16 39.19 52.73
C GLY B 1124 -73.73 38.87 54.10
N ASN B 1125 -74.58 37.85 54.12
CA ASN B 1125 -75.23 37.37 55.32
C ASN B 1125 -74.70 35.98 55.67
N CYS B 1126 -75.29 35.39 56.70
CA CYS B 1126 -74.73 34.19 57.31
C CYS B 1126 -75.32 32.90 56.76
N ASP B 1127 -75.74 32.88 55.49
CA ASP B 1127 -76.43 31.72 54.95
C ASP B 1127 -75.65 30.97 53.88
N VAL B 1128 -74.52 31.51 53.41
CA VAL B 1128 -73.81 30.90 52.29
C VAL B 1128 -72.51 30.25 52.69
N VAL B 1129 -71.75 30.84 53.59
CA VAL B 1129 -70.47 30.28 54.01
C VAL B 1129 -70.73 28.99 54.75
N ILE B 1130 -69.85 28.01 54.53
CA ILE B 1130 -70.11 26.65 54.99
C ILE B 1130 -69.83 26.48 56.48
N GLY B 1131 -68.63 26.80 56.93
CA GLY B 1131 -68.30 26.55 58.31
C GLY B 1131 -68.33 27.78 59.19
N ILE B 1132 -69.26 28.70 58.91
CA ILE B 1132 -69.37 29.94 59.66
C ILE B 1132 -69.73 29.65 61.11
N VAL B 1133 -69.20 30.45 62.04
CA VAL B 1133 -69.47 30.28 63.45
C VAL B 1133 -69.98 31.59 64.04
N ASN B 1134 -70.64 31.48 65.18
CA ASN B 1134 -71.24 32.62 65.87
C ASN B 1134 -70.26 33.18 66.89
N ASN B 1135 -70.01 34.48 66.83
CA ASN B 1135 -69.19 35.14 67.83
C ASN B 1135 -69.43 36.64 67.74
N THR B 1136 -68.86 37.36 68.70
CA THR B 1136 -69.06 38.80 68.82
C THR B 1136 -67.91 39.54 68.15
N VAL B 1137 -68.24 40.63 67.46
CA VAL B 1137 -67.25 41.48 66.81
C VAL B 1137 -67.30 42.84 67.48
N TYR B 1138 -66.25 43.15 68.24
CA TYR B 1138 -66.24 44.33 69.10
C TYR B 1138 -66.06 45.59 68.27
N ASP B 1139 -67.00 46.52 68.40
CA ASP B 1139 -66.93 47.81 67.74
C ASP B 1139 -66.26 48.82 68.65
N PRO B 1140 -65.12 49.39 68.26
CA PRO B 1140 -64.40 50.31 69.15
C PRO B 1140 -64.86 51.75 69.08
N LEU B 1141 -66.16 52.01 69.01
CA LEU B 1141 -66.63 53.39 68.95
C LEU B 1141 -67.68 53.69 70.01
N GLN B 1142 -68.57 52.73 70.24
CA GLN B 1142 -69.63 52.89 71.24
C GLN B 1142 -69.02 53.25 72.59
N PRO B 1143 -68.00 52.50 72.99
CA PRO B 1143 -67.32 52.77 74.26
C PRO B 1143 -66.92 54.25 74.32
N GLU B 1144 -66.63 54.83 73.16
CA GLU B 1144 -66.25 56.23 73.06
C GLU B 1144 -67.49 57.10 73.15
N LEU B 1145 -68.65 56.46 73.23
CA LEU B 1145 -69.91 57.17 73.32
C LEU B 1145 -70.70 56.70 74.54
N ASP B 1146 -70.00 56.02 75.45
CA ASP B 1146 -70.63 55.51 76.66
C ASP B 1146 -69.76 55.78 77.89
N GLN C 14 -31.33 -25.82 -47.08
CA GLN C 14 -31.17 -25.82 -45.63
C GLN C 14 -31.69 -24.51 -45.07
N CYS C 15 -31.63 -23.45 -45.87
CA CYS C 15 -32.14 -22.14 -45.51
C CYS C 15 -33.33 -21.82 -46.38
N VAL C 16 -34.38 -21.30 -45.77
CA VAL C 16 -35.52 -20.77 -46.50
C VAL C 16 -36.05 -19.55 -45.76
N ASN C 17 -35.93 -18.38 -46.37
CA ASN C 17 -36.51 -17.21 -45.73
C ASN C 17 -37.91 -16.97 -46.26
N LEU C 18 -38.87 -17.17 -45.37
CA LEU C 18 -40.29 -17.21 -45.69
C LEU C 18 -40.98 -15.90 -45.33
N THR C 19 -40.21 -14.83 -45.19
CA THR C 19 -40.75 -13.57 -44.71
C THR C 19 -41.67 -12.92 -45.74
N THR C 20 -42.51 -12.03 -45.25
CA THR C 20 -43.42 -11.24 -46.05
C THR C 20 -43.14 -9.77 -45.80
N ARG C 21 -42.97 -9.01 -46.87
CA ARG C 21 -42.59 -7.60 -46.76
C ARG C 21 -43.83 -6.76 -46.39
N THR C 22 -44.18 -6.86 -45.11
CA THR C 22 -45.32 -6.16 -44.51
C THR C 22 -44.90 -5.48 -43.22
N GLN C 23 -43.72 -4.87 -43.27
CA GLN C 23 -43.13 -4.23 -42.11
C GLN C 23 -43.83 -4.58 -40.79
N LEU C 24 -44.34 -3.51 -40.14
CA LEU C 24 -45.10 -3.59 -38.88
C LEU C 24 -44.89 -2.45 -37.84
N PRO C 25 -45.93 -1.64 -37.57
CA PRO C 25 -45.80 -0.58 -36.57
C PRO C 25 -45.36 -1.17 -35.24
N PRO C 26 -44.28 -0.65 -34.65
CA PRO C 26 -43.76 -1.25 -33.42
C PRO C 26 -44.60 -0.90 -32.21
N ALA C 27 -45.22 -1.92 -31.62
CA ALA C 27 -46.05 -1.70 -30.45
C ALA C 27 -45.20 -1.56 -29.19
N TYR C 28 -45.83 -1.12 -28.12
CA TYR C 28 -45.18 -1.00 -26.82
C TYR C 28 -46.17 -1.37 -25.75
N THR C 29 -45.65 -1.78 -24.60
CA THR C 29 -46.49 -2.04 -23.44
C THR C 29 -45.69 -1.81 -22.17
N ASN C 30 -46.40 -1.79 -21.05
CA ASN C 30 -45.82 -1.41 -19.77
C ASN C 30 -45.45 -2.67 -18.98
N SER C 31 -44.16 -2.82 -18.70
CA SER C 31 -43.68 -3.74 -17.67
C SER C 31 -43.70 -2.98 -16.36
N PHE C 32 -44.75 -3.18 -15.57
CA PHE C 32 -44.98 -2.39 -14.37
C PHE C 32 -43.91 -2.65 -13.31
N THR C 33 -43.90 -3.85 -12.73
CA THR C 33 -42.83 -4.30 -11.83
C THR C 33 -42.50 -5.74 -12.21
N ARG C 34 -41.64 -5.89 -13.21
CA ARG C 34 -41.26 -7.22 -13.70
C ARG C 34 -39.75 -7.30 -13.79
N GLY C 35 -39.23 -8.52 -13.71
CA GLY C 35 -37.82 -8.76 -13.96
C GLY C 35 -36.92 -8.47 -12.78
N VAL C 36 -37.18 -9.12 -11.65
CA VAL C 36 -36.36 -8.99 -10.45
C VAL C 36 -35.80 -10.36 -10.12
N TYR C 37 -34.48 -10.47 -10.13
CA TYR C 37 -33.77 -11.70 -9.89
C TYR C 37 -32.99 -11.61 -8.59
N TYR C 38 -32.43 -12.72 -8.17
CA TYR C 38 -31.54 -12.72 -7.01
C TYR C 38 -30.15 -12.34 -7.51
N PRO C 39 -29.63 -11.15 -7.17
CA PRO C 39 -28.31 -10.78 -7.69
C PRO C 39 -27.15 -11.28 -6.85
N ASP C 40 -27.28 -12.51 -6.34
CA ASP C 40 -26.33 -13.21 -5.47
C ASP C 40 -26.90 -14.59 -5.14
N LYS C 41 -26.14 -15.35 -4.36
CA LYS C 41 -26.56 -16.67 -3.92
C LYS C 41 -26.69 -16.66 -2.39
N VAL C 42 -26.88 -15.48 -1.83
CA VAL C 42 -27.00 -15.33 -0.38
C VAL C 42 -28.45 -15.57 0.03
N PHE C 43 -28.61 -16.11 1.24
CA PHE C 43 -29.94 -16.31 1.81
C PHE C 43 -30.21 -15.20 2.82
N ARG C 44 -31.46 -14.71 2.86
CA ARG C 44 -31.83 -13.66 3.79
C ARG C 44 -33.32 -13.70 4.12
N SER C 45 -33.66 -13.33 5.34
CA SER C 45 -35.06 -13.31 5.76
C SER C 45 -35.38 -12.03 6.52
N SER C 46 -36.64 -11.62 6.45
CA SER C 46 -37.13 -10.43 7.14
C SER C 46 -36.13 -9.27 7.14
N VAL C 47 -35.80 -8.78 5.95
CA VAL C 47 -34.85 -7.67 5.81
C VAL C 47 -35.21 -6.79 4.62
N LEU C 48 -34.48 -5.69 4.45
CA LEU C 48 -34.70 -4.76 3.35
C LEU C 48 -33.37 -4.38 2.73
N HIS C 49 -32.78 -5.30 1.98
CA HIS C 49 -31.48 -5.11 1.35
C HIS C 49 -31.50 -4.20 0.11
N SER C 50 -30.40 -3.47 -0.08
CA SER C 50 -30.25 -2.58 -1.23
C SER C 50 -29.20 -3.16 -2.18
N THR C 51 -29.10 -2.63 -3.40
CA THR C 51 -28.12 -3.18 -4.33
C THR C 51 -28.12 -2.39 -5.62
N GLN C 52 -26.95 -1.86 -6.02
CA GLN C 52 -26.76 -1.30 -7.34
C GLN C 52 -26.29 -2.39 -8.28
N ASP C 53 -26.94 -2.50 -9.43
CA ASP C 53 -26.75 -3.62 -10.35
C ASP C 53 -27.21 -3.17 -11.73
N LEU C 54 -27.37 -4.13 -12.63
CA LEU C 54 -28.07 -3.91 -13.89
C LEU C 54 -29.44 -4.56 -13.77
N PHE C 55 -30.47 -3.73 -13.77
CA PHE C 55 -31.84 -4.16 -13.56
C PHE C 55 -32.71 -3.62 -14.67
N LEU C 56 -33.93 -4.16 -14.76
CA LEU C 56 -34.95 -3.55 -15.60
C LEU C 56 -35.70 -2.53 -14.77
N PRO C 57 -35.69 -1.25 -15.14
CA PRO C 57 -36.41 -0.24 -14.36
C PRO C 57 -37.92 -0.43 -14.41
N PHE C 58 -38.58 0.06 -13.37
CA PHE C 58 -40.00 -0.17 -13.18
C PHE C 58 -40.81 0.79 -14.02
N PHE C 59 -41.99 0.33 -14.45
CA PHE C 59 -42.91 1.07 -15.33
C PHE C 59 -42.21 1.50 -16.61
N SER C 60 -41.56 0.55 -17.27
CA SER C 60 -40.77 0.80 -18.45
C SER C 60 -41.54 0.40 -19.71
N ASN C 61 -40.89 0.57 -20.85
CA ASN C 61 -41.54 0.50 -22.14
C ASN C 61 -40.99 -0.73 -22.87
N VAL C 62 -41.59 -1.88 -22.62
CA VAL C 62 -41.12 -3.09 -23.27
C VAL C 62 -41.80 -3.21 -24.63
N THR C 63 -41.09 -3.80 -25.57
CA THR C 63 -41.58 -3.95 -26.93
C THR C 63 -42.27 -5.30 -27.07
N TRP C 64 -43.44 -5.27 -27.72
CA TRP C 64 -44.37 -6.38 -27.82
C TRP C 64 -44.30 -6.93 -29.22
N PHE C 65 -43.83 -8.17 -29.37
CA PHE C 65 -43.77 -8.84 -30.66
C PHE C 65 -44.85 -9.92 -30.67
N HIS C 66 -45.67 -9.91 -31.70
CA HIS C 66 -46.83 -10.79 -31.78
C HIS C 66 -46.66 -11.71 -32.98
N ALA C 67 -46.93 -13.00 -32.77
CA ALA C 67 -46.73 -14.00 -33.82
C ALA C 67 -47.99 -14.28 -34.62
N ILE C 68 -49.03 -13.46 -34.47
CA ILE C 68 -50.26 -13.65 -35.24
C ILE C 68 -50.14 -13.10 -36.65
N HIS C 69 -49.08 -12.36 -36.96
CA HIS C 69 -49.01 -11.63 -38.23
C HIS C 69 -48.68 -12.52 -39.41
N VAL C 70 -49.58 -13.47 -39.72
CA VAL C 70 -49.57 -14.20 -40.97
C VAL C 70 -50.92 -14.16 -41.66
N SER C 71 -51.91 -13.47 -41.08
CA SER C 71 -53.30 -13.55 -41.49
C SER C 71 -53.54 -12.86 -42.83
N GLY C 72 -54.78 -12.96 -43.30
CA GLY C 72 -55.16 -12.38 -44.57
C GLY C 72 -56.07 -11.18 -44.43
N ASP C 80 -41.84 -12.98 -38.72
CA ASP C 80 -42.08 -11.68 -38.11
C ASP C 80 -41.09 -11.38 -37.00
N ASN C 81 -40.01 -12.16 -36.92
CA ASN C 81 -39.06 -11.84 -35.86
C ASN C 81 -37.84 -11.13 -36.43
N PRO C 82 -37.47 -9.99 -35.89
CA PRO C 82 -36.28 -9.28 -36.38
C PRO C 82 -35.05 -9.58 -35.54
N VAL C 83 -33.89 -9.11 -36.00
CA VAL C 83 -32.70 -9.10 -35.15
C VAL C 83 -32.72 -7.84 -34.29
N LEU C 84 -32.54 -8.01 -33.00
CA LEU C 84 -32.72 -6.93 -32.06
C LEU C 84 -31.41 -6.61 -31.35
N PRO C 85 -31.23 -5.38 -30.88
CA PRO C 85 -30.03 -5.05 -30.13
C PRO C 85 -29.95 -5.72 -28.77
N PHE C 86 -28.72 -5.80 -28.28
CA PHE C 86 -28.35 -6.42 -27.01
C PHE C 86 -27.46 -5.42 -26.26
N ASN C 87 -28.03 -4.24 -26.01
CA ASN C 87 -27.32 -3.08 -25.47
C ASN C 87 -26.52 -3.41 -24.21
N ASP C 88 -27.18 -3.88 -23.17
CA ASP C 88 -26.49 -4.23 -21.94
C ASP C 88 -26.99 -5.51 -21.32
N GLY C 89 -27.96 -6.19 -21.93
CA GLY C 89 -28.62 -7.32 -21.33
C GLY C 89 -30.09 -7.04 -21.55
N VAL C 90 -30.89 -8.11 -21.59
CA VAL C 90 -32.30 -7.97 -21.93
C VAL C 90 -33.16 -8.81 -21.00
N TYR C 91 -34.43 -8.42 -20.93
CA TYR C 91 -35.50 -9.17 -20.30
C TYR C 91 -36.43 -9.69 -21.39
N PHE C 92 -36.78 -10.97 -21.31
CA PHE C 92 -37.51 -11.67 -22.36
C PHE C 92 -38.68 -12.39 -21.73
N ALA C 93 -39.87 -12.26 -22.32
CA ALA C 93 -41.04 -12.92 -21.76
C ALA C 93 -41.88 -13.54 -22.85
N SER C 94 -42.32 -14.77 -22.63
CA SER C 94 -43.10 -15.52 -23.63
C SER C 94 -44.37 -16.02 -22.99
N THR C 95 -45.50 -15.79 -23.65
CA THR C 95 -46.77 -16.29 -23.16
C THR C 95 -46.97 -17.67 -23.78
N GLU C 96 -47.76 -17.74 -24.85
CA GLU C 96 -47.97 -19.00 -25.55
C GLU C 96 -48.58 -20.11 -24.68
N LYS C 97 -49.18 -21.09 -25.33
CA LYS C 97 -49.82 -22.20 -24.64
C LYS C 97 -49.11 -23.54 -24.89
N SER C 98 -48.47 -23.69 -26.04
CA SER C 98 -47.78 -24.94 -26.36
C SER C 98 -46.28 -24.85 -26.05
N ASN C 99 -45.46 -24.68 -27.09
CA ASN C 99 -44.02 -24.58 -26.95
C ASN C 99 -43.43 -23.98 -28.20
N ILE C 100 -44.21 -23.17 -28.89
CA ILE C 100 -43.77 -22.55 -30.12
C ILE C 100 -42.55 -21.65 -29.92
N ILE C 101 -42.02 -21.57 -28.70
CA ILE C 101 -40.84 -20.73 -28.51
C ILE C 101 -39.67 -21.64 -28.22
N ARG C 102 -38.73 -21.71 -29.15
CA ARG C 102 -37.47 -22.40 -28.93
C ARG C 102 -36.42 -21.36 -28.53
N GLY C 103 -35.15 -21.74 -28.55
CA GLY C 103 -34.09 -20.87 -28.08
C GLY C 103 -33.77 -19.64 -28.89
N TRP C 104 -32.56 -19.12 -28.70
CA TRP C 104 -32.13 -17.84 -29.23
C TRP C 104 -30.74 -18.00 -29.84
N ILE C 105 -30.33 -16.98 -30.61
CA ILE C 105 -28.98 -16.90 -31.12
C ILE C 105 -28.44 -15.51 -30.81
N PHE C 106 -27.18 -15.44 -30.37
CA PHE C 106 -26.55 -14.21 -29.91
C PHE C 106 -25.21 -14.04 -30.62
N GLY C 107 -24.85 -12.80 -30.91
CA GLY C 107 -23.56 -12.55 -31.51
C GLY C 107 -23.36 -11.09 -31.77
N THR C 108 -22.49 -10.78 -32.72
CA THR C 108 -22.26 -9.41 -33.13
C THR C 108 -22.35 -9.19 -34.62
N THR C 109 -22.24 -10.24 -35.42
CA THR C 109 -22.44 -10.10 -36.86
C THR C 109 -23.30 -11.18 -37.48
N LEU C 110 -23.56 -12.28 -36.77
CA LEU C 110 -24.49 -13.35 -37.15
C LEU C 110 -24.10 -13.97 -38.51
N ASP C 111 -22.82 -14.28 -38.61
CA ASP C 111 -22.14 -14.55 -39.86
C ASP C 111 -20.95 -15.44 -39.54
N SER C 112 -20.19 -15.83 -40.56
CA SER C 112 -18.85 -16.33 -40.34
C SER C 112 -17.93 -15.15 -40.03
N LYS C 113 -16.63 -15.45 -39.86
CA LYS C 113 -15.53 -14.58 -39.40
C LYS C 113 -15.67 -14.15 -37.94
N THR C 114 -16.74 -14.52 -37.25
CA THR C 114 -16.91 -14.23 -35.83
C THR C 114 -17.71 -15.37 -35.22
N GLN C 115 -17.40 -15.69 -33.98
CA GLN C 115 -18.11 -16.72 -33.23
C GLN C 115 -19.50 -16.21 -32.83
N SER C 116 -20.36 -17.17 -32.48
CA SER C 116 -21.72 -16.85 -32.08
C SER C 116 -22.24 -17.97 -31.18
N LEU C 117 -23.31 -17.65 -30.46
CA LEU C 117 -23.91 -18.52 -29.46
C LEU C 117 -25.30 -18.94 -29.90
N LEU C 118 -25.63 -20.21 -29.65
CA LEU C 118 -26.87 -20.82 -30.08
C LEU C 118 -27.45 -21.65 -28.95
N ILE C 119 -28.66 -21.32 -28.51
CA ILE C 119 -29.37 -22.07 -27.48
C ILE C 119 -30.66 -22.58 -28.10
N VAL C 120 -30.75 -23.89 -28.32
CA VAL C 120 -31.97 -24.45 -28.90
C VAL C 120 -32.53 -25.60 -28.08
N ASN C 121 -33.84 -25.75 -28.12
CA ASN C 121 -34.54 -26.79 -27.39
C ASN C 121 -35.07 -27.87 -28.31
N ASN C 122 -34.28 -28.89 -28.60
CA ASN C 122 -34.77 -29.95 -29.47
C ASN C 122 -35.82 -30.75 -28.70
N ALA C 123 -35.79 -32.06 -28.83
CA ALA C 123 -36.76 -32.89 -28.11
C ALA C 123 -36.12 -33.66 -26.97
N THR C 124 -36.55 -33.38 -25.76
CA THR C 124 -36.01 -34.07 -24.60
C THR C 124 -34.60 -33.62 -24.24
N ASN C 125 -34.20 -32.44 -24.71
CA ASN C 125 -32.87 -31.93 -24.41
C ASN C 125 -32.67 -30.48 -24.80
N VAL C 126 -31.69 -29.85 -24.14
CA VAL C 126 -31.36 -28.47 -24.41
C VAL C 126 -29.89 -28.41 -24.78
N VAL C 127 -29.60 -27.97 -26.00
CA VAL C 127 -28.21 -27.87 -26.44
C VAL C 127 -27.82 -26.40 -26.60
N ILE C 128 -26.53 -26.15 -26.39
CA ILE C 128 -25.92 -24.82 -26.37
C ILE C 128 -24.56 -24.94 -27.05
N LYS C 129 -24.32 -24.09 -28.05
CA LYS C 129 -23.09 -24.16 -28.82
C LYS C 129 -22.51 -22.76 -29.05
N VAL C 130 -21.19 -22.66 -28.99
CA VAL C 130 -20.46 -21.47 -29.43
C VAL C 130 -19.55 -21.92 -30.56
N CYS C 131 -19.67 -21.26 -31.71
CA CYS C 131 -19.00 -21.78 -32.90
C CYS C 131 -18.86 -20.63 -33.89
N GLU C 132 -18.56 -20.95 -35.15
CA GLU C 132 -18.58 -19.96 -36.23
C GLU C 132 -19.68 -20.37 -37.20
N PHE C 133 -20.89 -19.93 -36.92
CA PHE C 133 -22.08 -20.34 -37.63
C PHE C 133 -22.33 -19.46 -38.84
N GLN C 134 -23.21 -19.93 -39.72
CA GLN C 134 -23.64 -19.21 -40.92
C GLN C 134 -25.17 -19.24 -40.99
N PHE C 135 -25.79 -18.69 -39.94
CA PHE C 135 -27.24 -18.66 -39.77
C PHE C 135 -27.97 -18.13 -41.00
N CYS C 136 -29.18 -18.65 -41.22
CA CYS C 136 -30.06 -18.12 -42.25
C CYS C 136 -30.59 -16.76 -41.85
N ASN C 137 -31.20 -16.07 -42.80
CA ASN C 137 -31.83 -14.79 -42.47
C ASN C 137 -33.11 -14.98 -41.67
N ASP C 138 -33.82 -16.08 -41.87
CA ASP C 138 -35.00 -16.42 -41.08
C ASP C 138 -34.83 -17.82 -40.50
N PRO C 139 -34.02 -17.97 -39.44
CA PRO C 139 -33.79 -19.31 -38.89
C PRO C 139 -35.00 -19.77 -38.09
N PHE C 140 -35.41 -21.00 -38.30
CA PHE C 140 -36.57 -21.54 -37.61
C PHE C 140 -36.43 -23.04 -37.50
N LEU C 141 -37.17 -23.59 -36.57
CA LEU C 141 -37.39 -25.03 -36.51
C LEU C 141 -38.69 -25.33 -37.26
N GLY C 142 -38.69 -26.43 -38.00
CA GLY C 142 -39.88 -26.86 -38.71
C GLY C 142 -40.30 -28.23 -38.26
N VAL C 143 -41.45 -28.30 -37.58
CA VAL C 143 -41.92 -29.53 -36.97
C VAL C 143 -43.26 -29.94 -37.57
N TYR C 144 -43.31 -31.12 -38.17
CA TYR C 144 -44.56 -31.58 -38.77
C TYR C 144 -44.78 -33.09 -38.71
N TYR C 145 -45.65 -33.50 -37.79
CA TYR C 145 -46.03 -34.89 -37.59
C TYR C 145 -46.67 -35.09 -36.22
N HIS C 146 -46.75 -34.02 -35.44
CA HIS C 146 -47.35 -34.09 -34.11
C HIS C 146 -48.71 -34.76 -34.18
N LYS C 147 -49.26 -34.84 -35.39
CA LYS C 147 -50.55 -35.46 -35.61
C LYS C 147 -50.42 -36.72 -36.45
N ASN C 148 -49.99 -36.55 -37.70
CA ASN C 148 -49.81 -37.67 -38.62
C ASN C 148 -49.13 -38.86 -37.95
N ASN C 149 -49.84 -39.99 -37.93
CA ASN C 149 -49.31 -41.19 -37.31
C ASN C 149 -48.98 -40.96 -35.84
N LYS C 150 -49.16 -39.72 -35.40
CA LYS C 150 -48.89 -39.36 -34.01
C LYS C 150 -47.59 -39.99 -33.52
N SER C 151 -46.71 -40.31 -34.47
CA SER C 151 -45.43 -40.91 -34.13
C SER C 151 -44.30 -40.26 -34.91
N TRP C 152 -43.11 -40.26 -34.32
CA TRP C 152 -41.93 -39.67 -34.95
C TRP C 152 -41.92 -38.14 -34.84
N MET C 153 -42.92 -37.50 -35.43
CA MET C 153 -43.01 -36.05 -35.39
C MET C 153 -41.67 -35.45 -35.79
N GLU C 154 -41.13 -35.95 -36.90
CA GLU C 154 -39.84 -35.49 -37.40
C GLU C 154 -39.71 -33.97 -37.37
N SER C 155 -38.49 -33.50 -37.09
CA SER C 155 -38.23 -32.07 -37.04
C SER C 155 -37.35 -31.65 -38.21
N GLU C 156 -36.95 -30.37 -38.22
CA GLU C 156 -36.13 -29.83 -39.28
C GLU C 156 -35.53 -28.50 -38.84
N PHE C 157 -34.25 -28.53 -38.48
CA PHE C 157 -33.56 -27.33 -38.03
C PHE C 157 -33.04 -26.53 -39.22
N ARG C 158 -33.76 -25.51 -39.64
CA ARG C 158 -33.30 -24.62 -40.70
C ARG C 158 -32.58 -23.40 -40.13
N VAL C 159 -31.61 -23.65 -39.25
CA VAL C 159 -31.01 -22.57 -38.48
C VAL C 159 -29.82 -21.98 -39.22
N TYR C 160 -28.81 -22.80 -39.46
CA TYR C 160 -27.56 -22.35 -40.08
C TYR C 160 -27.28 -23.21 -41.31
N SER C 161 -26.20 -22.86 -42.00
CA SER C 161 -25.75 -23.61 -43.15
C SER C 161 -24.32 -24.11 -43.03
N SER C 162 -23.56 -23.65 -42.04
CA SER C 162 -22.25 -24.19 -41.73
C SER C 162 -21.98 -23.99 -40.26
N ALA C 163 -21.33 -24.97 -39.63
CA ALA C 163 -20.96 -24.86 -38.22
C ALA C 163 -19.63 -25.58 -38.00
N ASN C 164 -18.56 -24.81 -37.93
CA ASN C 164 -17.26 -25.40 -37.65
C ASN C 164 -16.45 -24.42 -36.81
N ASN C 165 -15.36 -24.94 -36.23
CA ASN C 165 -14.50 -24.27 -35.24
C ASN C 165 -15.27 -23.98 -33.95
N CYS C 166 -16.03 -24.97 -33.49
CA CYS C 166 -16.76 -24.83 -32.24
C CYS C 166 -15.80 -24.92 -31.05
N THR C 167 -16.13 -24.20 -29.98
CA THR C 167 -15.34 -24.23 -28.76
C THR C 167 -16.10 -24.83 -27.59
N PHE C 168 -17.28 -24.31 -27.25
CA PHE C 168 -18.06 -24.82 -26.14
C PHE C 168 -19.22 -25.67 -26.64
N GLU C 169 -19.58 -26.67 -25.84
CA GLU C 169 -20.64 -27.61 -26.17
C GLU C 169 -21.37 -27.94 -24.87
N TYR C 170 -22.70 -27.89 -24.88
CA TYR C 170 -23.44 -28.22 -23.68
C TYR C 170 -24.77 -28.88 -24.03
N VAL C 171 -24.99 -30.08 -23.50
CA VAL C 171 -26.24 -30.80 -23.68
C VAL C 171 -26.74 -31.18 -22.30
N SER C 172 -27.86 -30.62 -21.88
CA SER C 172 -28.36 -30.87 -20.53
C SER C 172 -29.87 -31.06 -20.58
N GLN C 173 -30.45 -31.30 -19.40
CA GLN C 173 -31.90 -31.42 -19.26
C GLN C 173 -32.58 -30.12 -19.70
N PRO C 174 -33.70 -30.21 -20.41
CA PRO C 174 -34.22 -29.03 -21.12
C PRO C 174 -34.72 -27.93 -20.20
N PHE C 175 -35.07 -26.82 -20.82
CA PHE C 175 -35.50 -25.63 -20.08
C PHE C 175 -36.94 -25.79 -19.61
N LEU C 176 -37.57 -24.68 -19.23
CA LEU C 176 -38.87 -24.75 -18.58
C LEU C 176 -39.95 -25.19 -19.56
N MET C 177 -40.05 -26.51 -19.77
CA MET C 177 -40.98 -27.09 -20.72
C MET C 177 -41.65 -28.33 -20.12
N ASP C 178 -41.95 -28.27 -18.83
CA ASP C 178 -42.79 -29.24 -18.13
C ASP C 178 -44.26 -29.15 -18.55
N LEU C 179 -45.11 -29.88 -17.83
CA LEU C 179 -46.58 -29.95 -17.99
C LEU C 179 -46.94 -30.63 -19.31
N ASN C 185 -58.03 -23.90 -19.38
CA ASN C 185 -56.92 -23.43 -20.22
C ASN C 185 -56.02 -22.50 -19.41
N PHE C 186 -54.74 -22.45 -19.80
CA PHE C 186 -53.77 -21.59 -19.15
C PHE C 186 -52.62 -21.36 -20.11
N LYS C 187 -52.18 -20.11 -20.20
CA LYS C 187 -50.98 -19.76 -20.93
C LYS C 187 -49.84 -19.88 -19.92
N ASN C 188 -48.63 -20.10 -20.42
CA ASN C 188 -47.48 -20.30 -19.56
C ASN C 188 -46.51 -19.14 -19.73
N LEU C 189 -46.52 -18.21 -18.79
CA LEU C 189 -45.59 -17.10 -18.83
C LEU C 189 -44.20 -17.61 -18.45
N ARG C 190 -43.26 -17.54 -19.38
CA ARG C 190 -41.87 -17.81 -19.08
C ARG C 190 -41.05 -16.53 -19.18
N GLU C 191 -40.27 -16.27 -18.15
CA GLU C 191 -39.48 -15.05 -18.03
C GLU C 191 -38.01 -15.40 -17.99
N PHE C 192 -37.22 -14.69 -18.78
CA PHE C 192 -35.77 -14.85 -18.86
C PHE C 192 -35.11 -13.48 -18.74
N VAL C 193 -33.90 -13.47 -18.20
CA VAL C 193 -33.04 -12.29 -18.18
C VAL C 193 -31.65 -12.74 -18.60
N PHE C 194 -31.12 -12.12 -19.64
CA PHE C 194 -29.78 -12.39 -20.15
C PHE C 194 -28.89 -11.19 -19.88
N LYS C 195 -27.65 -11.47 -19.47
CA LYS C 195 -26.63 -10.42 -19.47
C LYS C 195 -25.25 -11.02 -19.68
N ASN C 196 -24.43 -10.31 -20.47
CA ASN C 196 -23.10 -10.77 -20.86
C ASN C 196 -22.08 -9.91 -20.13
N ILE C 197 -21.35 -10.50 -19.19
CA ILE C 197 -20.42 -9.74 -18.36
C ILE C 197 -19.07 -10.45 -18.27
N ASP C 198 -18.02 -9.75 -18.71
CA ASP C 198 -16.60 -10.11 -18.52
C ASP C 198 -16.28 -11.52 -19.04
N GLY C 199 -16.93 -11.91 -20.13
CA GLY C 199 -16.71 -13.21 -20.69
C GLY C 199 -17.59 -14.31 -20.16
N TYR C 200 -18.65 -13.99 -19.40
CA TYR C 200 -19.65 -14.98 -19.03
C TYR C 200 -21.00 -14.56 -19.57
N PHE C 201 -21.87 -15.56 -19.72
CA PHE C 201 -23.27 -15.36 -20.07
C PHE C 201 -24.13 -15.76 -18.88
N LYS C 202 -25.05 -14.90 -18.46
CA LYS C 202 -25.89 -15.13 -17.30
C LYS C 202 -27.34 -15.20 -17.72
N ILE C 203 -28.01 -16.31 -17.40
CA ILE C 203 -29.43 -16.50 -17.70
C ILE C 203 -30.17 -16.82 -16.41
N TYR C 204 -31.17 -15.99 -16.09
CA TYR C 204 -32.12 -16.19 -15.00
C TYR C 204 -33.51 -16.43 -15.58
N SER C 205 -34.31 -17.23 -14.89
CA SER C 205 -35.60 -17.60 -15.46
C SER C 205 -36.62 -17.98 -14.40
N LYS C 206 -37.89 -17.91 -14.80
CA LYS C 206 -39.03 -18.32 -13.98
C LYS C 206 -40.17 -18.73 -14.91
N HIS C 207 -41.03 -19.61 -14.41
CA HIS C 207 -42.19 -20.13 -15.13
C HIS C 207 -43.43 -19.98 -14.26
N THR C 208 -44.49 -19.44 -14.83
CA THR C 208 -45.72 -19.19 -14.09
C THR C 208 -46.94 -19.52 -14.94
N PRO C 209 -47.89 -20.29 -14.42
CA PRO C 209 -49.13 -20.56 -15.17
C PRO C 209 -50.11 -19.39 -15.16
N ILE C 210 -49.97 -18.46 -16.10
CA ILE C 210 -50.77 -17.24 -16.12
C ILE C 210 -52.19 -17.59 -16.57
N ASN C 211 -53.15 -16.72 -16.25
CA ASN C 211 -54.54 -16.92 -16.67
C ASN C 211 -55.04 -15.76 -17.51
N LEU C 212 -54.58 -14.54 -17.20
CA LEU C 212 -55.04 -13.36 -17.94
C LEU C 212 -54.36 -13.29 -19.30
N VAL C 213 -55.14 -12.99 -20.34
CA VAL C 213 -54.67 -13.08 -21.71
C VAL C 213 -54.05 -11.72 -22.06
N ARG C 214 -53.31 -11.67 -23.18
CA ARG C 214 -52.87 -10.50 -23.93
C ARG C 214 -51.70 -9.75 -23.29
N ASP C 215 -51.36 -10.05 -22.05
CA ASP C 215 -50.29 -9.30 -21.40
C ASP C 215 -49.67 -10.08 -20.23
N LEU C 216 -48.47 -9.65 -19.85
CA LEU C 216 -47.78 -10.10 -18.65
C LEU C 216 -48.50 -9.58 -17.40
N PRO C 217 -48.55 -10.39 -16.33
CA PRO C 217 -49.50 -10.09 -15.24
C PRO C 217 -49.01 -9.00 -14.29
N GLN C 218 -49.78 -8.77 -13.22
CA GLN C 218 -49.45 -7.75 -12.23
C GLN C 218 -48.98 -8.35 -10.91
N GLY C 219 -48.48 -9.58 -10.91
CA GLY C 219 -47.97 -10.18 -9.70
C GLY C 219 -46.54 -9.80 -9.41
N PHE C 220 -45.85 -10.61 -8.61
CA PHE C 220 -44.44 -10.40 -8.32
C PHE C 220 -43.77 -11.75 -8.16
N SER C 221 -42.81 -12.05 -9.01
CA SER C 221 -42.13 -13.33 -9.01
C SER C 221 -40.63 -13.11 -9.00
N ALA C 222 -39.93 -13.92 -8.21
CA ALA C 222 -38.48 -13.97 -8.25
C ALA C 222 -38.02 -14.69 -9.52
N LEU C 223 -36.76 -14.50 -9.87
CA LEU C 223 -36.16 -15.17 -11.01
C LEU C 223 -34.96 -15.97 -10.52
N GLU C 224 -35.15 -17.25 -10.22
CA GLU C 224 -34.04 -18.03 -9.76
C GLU C 224 -33.12 -18.12 -10.95
N PRO C 225 -31.83 -18.28 -10.70
CA PRO C 225 -30.87 -18.38 -11.80
C PRO C 225 -30.79 -19.78 -12.40
N LEU C 226 -30.73 -19.84 -13.73
CA LEU C 226 -30.47 -21.11 -14.39
C LEU C 226 -28.98 -21.34 -14.61
N VAL C 227 -28.34 -20.51 -15.42
CA VAL C 227 -27.02 -20.89 -15.92
C VAL C 227 -26.07 -19.71 -15.99
N ASP C 228 -24.78 -20.05 -15.94
CA ASP C 228 -23.65 -19.15 -16.06
C ASP C 228 -22.67 -19.81 -17.03
N LEU C 229 -22.76 -19.45 -18.27
CA LEU C 229 -21.96 -20.15 -19.27
C LEU C 229 -20.61 -19.44 -19.44
N PRO C 230 -19.50 -20.20 -19.45
CA PRO C 230 -18.19 -19.62 -19.75
C PRO C 230 -17.91 -19.44 -21.24
N ILE C 231 -18.33 -18.31 -21.82
CA ILE C 231 -18.36 -18.15 -23.27
C ILE C 231 -17.20 -17.29 -23.76
N GLY C 232 -17.20 -16.03 -23.38
CA GLY C 232 -16.12 -15.14 -23.79
C GLY C 232 -16.18 -14.63 -25.22
N ILE C 233 -17.36 -14.33 -25.74
CA ILE C 233 -17.48 -13.70 -27.04
C ILE C 233 -18.16 -12.35 -26.89
N ASN C 234 -18.06 -11.55 -27.95
CA ASN C 234 -18.58 -10.19 -27.98
C ASN C 234 -19.98 -10.20 -28.58
N ILE C 235 -20.97 -9.70 -27.84
CA ILE C 235 -22.37 -9.77 -28.22
C ILE C 235 -22.90 -8.35 -28.38
N THR C 236 -23.50 -8.07 -29.52
CA THR C 236 -24.19 -6.81 -29.78
C THR C 236 -25.62 -7.01 -30.23
N ARG C 237 -25.91 -8.09 -30.96
CA ARG C 237 -27.24 -8.35 -31.49
C ARG C 237 -27.67 -9.77 -31.14
N PHE C 238 -28.96 -10.03 -31.32
CA PHE C 238 -29.53 -11.36 -31.07
C PHE C 238 -30.82 -11.52 -31.84
N GLN C 239 -31.34 -12.74 -31.82
CA GLN C 239 -32.57 -13.10 -32.52
C GLN C 239 -33.15 -14.36 -31.89
N THR C 240 -34.46 -14.54 -32.05
CA THR C 240 -35.17 -15.66 -31.45
C THR C 240 -35.66 -16.62 -32.53
N LEU C 241 -35.73 -17.90 -32.17
CA LEU C 241 -36.02 -18.97 -33.11
C LEU C 241 -37.35 -19.62 -32.77
N LEU C 242 -38.25 -19.67 -33.74
CA LEU C 242 -39.61 -20.12 -33.55
C LEU C 242 -39.81 -21.47 -34.20
N ALA C 243 -40.68 -22.29 -33.61
CA ALA C 243 -41.05 -23.59 -34.15
C ALA C 243 -42.33 -23.44 -34.96
N LEU C 244 -42.26 -23.75 -36.25
CA LEU C 244 -43.39 -23.62 -37.15
C LEU C 244 -43.88 -24.99 -37.61
N HIS C 245 -45.20 -25.11 -37.75
CA HIS C 245 -45.78 -26.34 -38.29
C HIS C 245 -46.57 -26.05 -39.55
N GLY C 257 -44.95 -25.65 -46.39
CA GLY C 257 -46.09 -25.08 -45.71
C GLY C 257 -45.87 -24.96 -44.22
N TRP C 258 -45.61 -23.74 -43.75
CA TRP C 258 -45.28 -23.51 -42.35
C TRP C 258 -46.26 -22.50 -41.76
N THR C 259 -47.00 -22.92 -40.74
CA THR C 259 -47.90 -22.04 -40.01
C THR C 259 -47.31 -21.71 -38.64
N ALA C 260 -47.69 -20.55 -38.10
CA ALA C 260 -46.94 -19.95 -37.01
C ALA C 260 -47.64 -19.88 -35.66
N GLY C 261 -48.96 -19.99 -35.61
CA GLY C 261 -49.62 -19.84 -34.32
C GLY C 261 -49.85 -18.38 -33.97
N ALA C 262 -50.23 -18.14 -32.70
CA ALA C 262 -50.58 -16.81 -32.24
C ALA C 262 -50.04 -16.53 -30.83
N ALA C 263 -48.80 -16.92 -30.57
CA ALA C 263 -48.18 -16.54 -29.31
C ALA C 263 -47.56 -15.15 -29.41
N ALA C 264 -46.85 -14.76 -28.37
CA ALA C 264 -46.26 -13.43 -28.32
C ALA C 264 -45.05 -13.47 -27.40
N TYR C 265 -44.18 -12.49 -27.55
CA TYR C 265 -43.08 -12.30 -26.62
C TYR C 265 -42.81 -10.83 -26.44
N TYR C 266 -41.99 -10.53 -25.44
CA TYR C 266 -41.78 -9.17 -24.95
C TYR C 266 -40.30 -8.99 -24.67
N VAL C 267 -39.76 -7.85 -25.07
CA VAL C 267 -38.34 -7.57 -24.93
C VAL C 267 -38.17 -6.22 -24.25
N GLY C 268 -37.42 -6.21 -23.15
CA GLY C 268 -37.06 -4.97 -22.48
C GLY C 268 -35.57 -4.94 -22.21
N TYR C 269 -35.05 -3.74 -21.96
CA TYR C 269 -33.61 -3.57 -21.89
C TYR C 269 -33.20 -3.15 -20.48
N LEU C 270 -31.99 -3.53 -20.09
CA LEU C 270 -31.50 -3.30 -18.75
C LEU C 270 -30.71 -1.99 -18.67
N GLN C 271 -30.76 -1.37 -17.50
CA GLN C 271 -30.03 -0.16 -17.14
C GLN C 271 -29.39 -0.37 -15.78
N PRO C 272 -28.28 0.34 -15.50
CA PRO C 272 -27.72 0.30 -14.14
C PRO C 272 -28.63 1.01 -13.13
N ARG C 273 -29.22 0.23 -12.22
CA ARG C 273 -30.21 0.74 -11.29
C ARG C 273 -29.89 0.27 -9.88
N THR C 274 -30.36 1.05 -8.91
CA THR C 274 -30.27 0.73 -7.50
C THR C 274 -31.64 0.31 -7.02
N PHE C 275 -31.72 -0.89 -6.43
CA PHE C 275 -32.98 -1.46 -5.99
C PHE C 275 -32.98 -1.68 -4.49
N LEU C 276 -34.15 -1.52 -3.88
CA LEU C 276 -34.38 -1.75 -2.45
C LEU C 276 -35.22 -3.01 -2.48
N LEU C 277 -34.76 -4.08 -1.84
CA LEU C 277 -35.46 -5.35 -1.91
C LEU C 277 -35.65 -5.92 -0.52
N LYS C 278 -36.88 -6.30 -0.20
CA LYS C 278 -37.21 -6.95 1.07
C LYS C 278 -37.37 -8.40 0.66
N TYR C 279 -37.18 -9.38 1.54
CA TYR C 279 -37.34 -10.72 1.02
C TYR C 279 -38.65 -11.37 1.43
N ASN C 280 -38.67 -11.91 2.64
CA ASN C 280 -39.83 -12.56 3.23
C ASN C 280 -39.42 -13.12 4.58
N GLU C 281 -40.38 -13.69 5.31
CA GLU C 281 -40.08 -14.28 6.61
C GLU C 281 -39.37 -15.62 6.43
N ASN C 282 -39.10 -15.95 5.17
CA ASN C 282 -38.43 -17.20 4.83
C ASN C 282 -37.83 -17.15 3.43
N GLY C 283 -36.93 -16.20 3.21
CA GLY C 283 -36.31 -16.06 1.91
C GLY C 283 -37.42 -15.74 0.93
N THR C 284 -37.12 -15.80 -0.37
CA THR C 284 -38.12 -15.48 -1.39
C THR C 284 -38.40 -14.01 -1.31
N ILE C 285 -38.17 -13.31 -2.41
CA ILE C 285 -38.38 -11.85 -2.40
C ILE C 285 -39.81 -11.44 -2.73
N THR C 286 -40.45 -10.73 -1.79
CA THR C 286 -41.82 -10.24 -1.97
C THR C 286 -41.88 -8.94 -2.74
N ASP C 287 -40.99 -7.98 -2.47
CA ASP C 287 -41.12 -6.70 -3.13
C ASP C 287 -39.78 -5.98 -3.17
N ALA C 288 -39.70 -4.99 -4.07
CA ALA C 288 -38.53 -4.16 -4.32
C ALA C 288 -39.00 -2.85 -4.92
N VAL C 289 -38.19 -1.81 -4.76
CA VAL C 289 -38.53 -0.48 -5.26
C VAL C 289 -37.30 0.13 -5.92
N ASP C 290 -37.55 0.91 -6.95
CA ASP C 290 -36.49 1.48 -7.75
C ASP C 290 -36.30 2.97 -7.55
N CYS C 291 -35.15 3.36 -7.02
CA CYS C 291 -34.84 4.76 -6.82
C CYS C 291 -34.69 5.33 -8.22
N ALA C 292 -34.19 6.56 -8.34
CA ALA C 292 -34.03 7.15 -9.67
C ALA C 292 -35.32 7.04 -10.49
N LEU C 293 -36.41 6.72 -9.80
CA LEU C 293 -37.72 6.59 -10.40
C LEU C 293 -38.68 7.42 -9.55
N ASP C 294 -38.98 8.64 -9.99
CA ASP C 294 -39.85 9.50 -9.23
C ASP C 294 -39.12 9.93 -7.96
N PRO C 295 -39.30 11.19 -7.56
CA PRO C 295 -38.67 11.69 -6.34
C PRO C 295 -39.20 10.91 -5.14
N LEU C 296 -40.40 10.35 -5.29
CA LEU C 296 -41.05 9.56 -4.26
C LEU C 296 -40.23 8.31 -3.94
N SER C 297 -39.94 7.51 -4.97
CA SER C 297 -39.12 6.31 -4.80
C SER C 297 -37.74 6.67 -4.26
N GLU C 298 -37.20 7.81 -4.66
CA GLU C 298 -35.96 8.29 -4.05
C GLU C 298 -36.08 8.37 -2.53
N THR C 299 -37.20 8.90 -2.04
CA THR C 299 -37.39 9.01 -0.60
C THR C 299 -37.65 7.66 0.03
N LYS C 300 -38.46 6.81 -0.61
CA LYS C 300 -38.67 5.46 -0.11
C LYS C 300 -37.35 4.73 0.06
N CYS C 301 -36.39 5.02 -0.82
CA CYS C 301 -35.16 4.26 -0.84
C CYS C 301 -34.13 4.83 0.10
N THR C 302 -34.11 6.17 0.26
CA THR C 302 -33.25 6.78 1.26
C THR C 302 -33.77 6.57 2.67
N LEU C 303 -35.07 6.32 2.82
CA LEU C 303 -35.65 5.96 4.10
C LEU C 303 -35.46 4.49 4.42
N LYS C 304 -35.14 3.66 3.43
CA LYS C 304 -35.08 2.22 3.58
C LYS C 304 -36.38 1.69 4.17
N SER C 305 -37.48 2.08 3.53
CA SER C 305 -38.81 1.62 3.92
C SER C 305 -39.73 1.77 2.72
N PHE C 306 -40.78 0.95 2.71
CA PHE C 306 -41.74 0.98 1.62
C PHE C 306 -42.90 1.94 1.88
N THR C 307 -42.98 2.49 3.09
CA THR C 307 -44.04 3.42 3.45
C THR C 307 -43.43 4.77 3.78
N VAL C 308 -44.07 5.84 3.31
CA VAL C 308 -43.64 7.19 3.61
C VAL C 308 -44.76 7.89 4.36
N GLU C 309 -44.39 8.58 5.43
CA GLU C 309 -45.34 9.29 6.27
C GLU C 309 -45.48 10.73 5.79
N LYS C 310 -46.66 11.31 6.06
CA LYS C 310 -46.97 12.66 5.61
C LYS C 310 -45.85 13.64 5.94
N GLY C 311 -45.51 14.49 4.98
CA GLY C 311 -44.49 15.49 5.24
C GLY C 311 -43.84 15.95 3.95
N ILE C 312 -42.69 16.59 4.14
CA ILE C 312 -41.87 17.08 3.04
C ILE C 312 -40.44 16.61 3.29
N TYR C 313 -39.80 16.10 2.24
CA TYR C 313 -38.49 15.46 2.36
C TYR C 313 -37.53 16.03 1.33
N GLN C 314 -36.28 16.21 1.72
CA GLN C 314 -35.25 16.64 0.79
C GLN C 314 -34.75 15.46 -0.02
N THR C 315 -34.60 15.66 -1.33
CA THR C 315 -34.06 14.64 -2.22
C THR C 315 -32.75 15.16 -2.83
N SER C 316 -32.16 14.45 -3.76
CA SER C 316 -30.89 14.86 -4.34
C SER C 316 -31.08 16.09 -5.21
N ASN C 317 -29.99 16.83 -5.40
CA ASN C 317 -30.01 18.02 -6.24
C ASN C 317 -30.41 17.64 -7.65
N PHE C 318 -30.80 18.64 -8.44
CA PHE C 318 -31.24 18.40 -9.81
C PHE C 318 -30.05 18.07 -10.69
N ARG C 319 -30.04 16.87 -11.26
CA ARG C 319 -28.93 16.39 -12.08
C ARG C 319 -29.25 16.52 -13.55
N VAL C 320 -28.23 16.82 -14.34
CA VAL C 320 -28.32 16.82 -15.78
C VAL C 320 -27.24 15.88 -16.32
N GLN C 321 -27.61 15.03 -17.27
CA GLN C 321 -26.68 14.06 -17.82
C GLN C 321 -26.00 14.61 -19.06
N PRO C 322 -24.73 14.26 -19.28
CA PRO C 322 -24.02 14.72 -20.47
C PRO C 322 -24.55 14.04 -21.73
N THR C 323 -24.60 14.83 -22.80
CA THR C 323 -25.20 14.38 -24.06
C THR C 323 -24.16 13.91 -25.06
N GLU C 324 -22.97 14.49 -25.03
CA GLU C 324 -21.92 14.21 -25.99
C GLU C 324 -20.58 13.97 -25.29
N SER C 325 -19.60 13.58 -26.09
CA SER C 325 -18.22 13.42 -25.65
C SER C 325 -17.32 14.09 -26.67
N ILE C 326 -16.40 14.92 -26.20
CA ILE C 326 -15.50 15.63 -27.10
C ILE C 326 -14.06 15.42 -26.65
N VAL C 327 -13.15 15.45 -27.61
CA VAL C 327 -11.72 15.36 -27.39
C VAL C 327 -11.07 16.51 -28.14
N ARG C 328 -10.11 17.19 -27.49
CA ARG C 328 -9.41 18.31 -28.09
C ARG C 328 -7.93 18.16 -27.81
N PHE C 329 -7.18 17.69 -28.81
CA PHE C 329 -5.74 17.59 -28.74
C PHE C 329 -5.14 18.60 -29.72
N PRO C 330 -3.88 18.99 -29.53
CA PRO C 330 -3.24 19.91 -30.47
C PRO C 330 -3.05 19.29 -31.85
N ASN C 331 -2.73 20.16 -32.81
CA ASN C 331 -2.51 19.74 -34.19
C ASN C 331 -1.10 19.19 -34.33
N ILE C 332 -0.96 17.87 -34.21
CA ILE C 332 0.32 17.19 -34.34
C ILE C 332 0.19 16.14 -35.42
N THR C 333 1.16 16.10 -36.33
CA THR C 333 1.12 15.19 -37.46
C THR C 333 2.22 14.14 -37.45
N ASN C 334 3.45 14.50 -37.11
CA ASN C 334 4.56 13.57 -37.16
C ASN C 334 4.42 12.48 -36.09
N LEU C 335 5.20 11.42 -36.26
CA LEU C 335 5.32 10.38 -35.27
C LEU C 335 6.64 10.54 -34.54
N CYS C 336 6.67 10.11 -33.28
CA CYS C 336 7.85 10.34 -32.47
C CYS C 336 9.00 9.46 -32.95
N PRO C 337 10.23 9.90 -32.72
CA PRO C 337 11.39 9.14 -33.22
C PRO C 337 11.59 7.82 -32.50
N PHE C 338 10.68 6.88 -32.72
CA PHE C 338 10.79 5.56 -32.11
C PHE C 338 11.94 4.76 -32.69
N GLY C 339 12.36 5.08 -33.90
CA GLY C 339 13.40 4.31 -34.55
C GLY C 339 14.79 4.88 -34.45
N GLU C 340 14.93 6.07 -33.87
CA GLU C 340 16.27 6.58 -33.62
C GLU C 340 16.55 6.70 -32.13
N VAL C 341 15.66 6.18 -31.30
CA VAL C 341 15.88 6.06 -29.88
C VAL C 341 16.01 4.60 -29.46
N PHE C 342 15.10 3.75 -29.92
CA PHE C 342 15.13 2.34 -29.61
C PHE C 342 15.91 1.53 -30.64
N ASN C 343 16.12 2.08 -31.83
CA ASN C 343 16.78 1.33 -32.90
C ASN C 343 18.10 1.99 -33.29
N ALA C 344 18.70 2.74 -32.39
CA ALA C 344 19.96 3.43 -32.68
C ALA C 344 21.08 2.40 -32.82
N THR C 345 22.20 2.85 -33.38
CA THR C 345 23.31 1.94 -33.67
C THR C 345 24.36 1.91 -32.58
N ARG C 346 24.46 2.96 -31.77
CA ARG C 346 25.45 3.05 -30.71
C ARG C 346 24.83 3.78 -29.53
N PHE C 347 24.91 3.16 -28.36
CA PHE C 347 24.41 3.75 -27.13
C PHE C 347 25.57 4.32 -26.33
N ALA C 348 25.23 5.12 -25.32
CA ALA C 348 26.25 5.77 -24.52
C ALA C 348 26.69 4.88 -23.37
N SER C 349 27.81 5.25 -22.76
CA SER C 349 28.25 4.60 -21.55
C SER C 349 27.41 5.12 -20.38
N VAL C 350 27.23 4.28 -19.37
CA VAL C 350 26.34 4.65 -18.27
C VAL C 350 26.89 5.83 -17.47
N TYR C 351 28.21 6.01 -17.42
CA TYR C 351 28.74 7.14 -16.68
C TYR C 351 28.55 8.45 -17.44
N ALA C 352 28.36 8.40 -18.75
CA ALA C 352 28.14 9.58 -19.58
C ALA C 352 26.87 9.40 -20.38
N TRP C 353 25.79 9.01 -19.70
CA TRP C 353 24.53 8.66 -20.35
C TRP C 353 24.04 9.79 -21.23
N ASN C 354 23.19 9.45 -22.20
CA ASN C 354 22.72 10.45 -23.14
C ASN C 354 21.30 10.88 -22.80
N ARG C 355 21.02 12.16 -23.02
CA ARG C 355 19.69 12.73 -22.79
C ARG C 355 19.21 13.43 -24.04
N LYS C 356 18.00 13.11 -24.49
CA LYS C 356 17.47 13.62 -25.74
C LYS C 356 16.12 14.26 -25.49
N ARG C 357 15.85 15.37 -26.17
CA ARG C 357 14.59 16.07 -26.04
C ARG C 357 13.60 15.60 -27.09
N ILE C 358 12.34 15.42 -26.70
CA ILE C 358 11.31 14.94 -27.60
C ILE C 358 10.14 15.91 -27.57
N SER C 359 9.67 16.32 -28.76
CA SER C 359 8.61 17.30 -28.83
C SER C 359 7.94 17.24 -30.20
N ASN C 360 6.67 17.62 -30.22
CA ASN C 360 5.89 17.79 -31.45
C ASN C 360 5.73 16.51 -32.25
N CYS C 361 5.29 15.44 -31.60
CA CYS C 361 5.09 14.19 -32.32
C CYS C 361 4.06 13.35 -31.59
N VAL C 362 3.33 12.55 -32.36
CA VAL C 362 2.33 11.63 -31.82
C VAL C 362 3.05 10.40 -31.27
N ALA C 363 2.71 10.02 -30.04
CA ALA C 363 3.39 8.92 -29.34
C ALA C 363 2.61 7.62 -29.49
N ASP C 364 2.50 7.14 -30.72
CA ASP C 364 1.82 5.88 -31.02
C ASP C 364 2.82 4.74 -30.92
N TYR C 365 2.95 4.14 -29.75
CA TYR C 365 3.99 3.16 -29.49
C TYR C 365 3.67 1.78 -30.04
N SER C 366 2.48 1.57 -30.59
CA SER C 366 2.15 0.28 -31.16
C SER C 366 3.05 -0.11 -32.32
N VAL C 367 3.71 0.86 -32.97
CA VAL C 367 4.64 0.55 -34.03
C VAL C 367 5.85 -0.21 -33.51
N LEU C 368 6.06 -0.27 -32.19
CA LEU C 368 7.14 -1.04 -31.64
C LEU C 368 6.79 -2.51 -31.44
N TYR C 369 5.62 -2.94 -31.89
CA TYR C 369 5.19 -4.30 -31.57
C TYR C 369 5.84 -5.34 -32.47
N ASN C 370 6.25 -4.96 -33.68
CA ASN C 370 6.84 -5.92 -34.60
C ASN C 370 8.35 -6.06 -34.44
N SER C 371 9.02 -4.97 -34.09
CA SER C 371 10.48 -4.94 -34.23
C SER C 371 11.18 -4.89 -32.88
N ALA C 372 10.44 -4.91 -31.79
CA ALA C 372 11.04 -4.72 -30.47
C ALA C 372 10.37 -5.63 -29.45
N SER C 373 11.18 -6.12 -28.52
CA SER C 373 10.67 -6.92 -27.41
C SER C 373 11.47 -6.55 -26.17
N PHE C 374 10.80 -5.94 -25.21
CA PHE C 374 11.44 -5.41 -24.02
C PHE C 374 11.26 -6.38 -22.86
N SER C 375 12.33 -6.64 -22.14
CA SER C 375 12.29 -7.50 -20.98
C SER C 375 11.89 -6.77 -19.71
N THR C 376 12.06 -5.45 -19.66
CA THR C 376 11.62 -4.66 -18.53
C THR C 376 10.89 -3.43 -19.05
N PHE C 377 9.68 -3.19 -18.52
CA PHE C 377 8.95 -1.96 -18.85
C PHE C 377 8.09 -1.61 -17.63
N LYS C 378 8.44 -0.50 -16.95
CA LYS C 378 7.71 -0.10 -15.76
C LYS C 378 7.55 1.42 -15.73
N CYS C 379 6.31 1.90 -15.59
CA CYS C 379 6.05 3.31 -15.39
C CYS C 379 5.65 3.65 -13.95
N TYR C 380 6.08 4.83 -13.52
CA TYR C 380 5.82 5.38 -12.20
C TYR C 380 5.06 6.68 -12.37
N GLY C 381 3.97 6.82 -11.62
CA GLY C 381 3.17 8.02 -11.63
C GLY C 381 2.05 8.01 -12.63
N VAL C 382 1.88 6.92 -13.37
CA VAL C 382 0.89 6.84 -14.44
C VAL C 382 0.63 5.37 -14.69
N SER C 383 -0.52 5.06 -15.26
CA SER C 383 -0.85 3.69 -15.57
C SER C 383 -0.55 3.37 -17.02
N PRO C 384 -0.04 2.19 -17.32
CA PRO C 384 0.27 1.86 -18.72
C PRO C 384 -0.96 1.84 -19.61
N THR C 385 -2.12 1.51 -19.07
CA THR C 385 -3.34 1.50 -19.85
C THR C 385 -3.90 2.87 -20.12
N LYS C 386 -3.33 3.91 -19.51
CA LYS C 386 -3.81 5.28 -19.73
C LYS C 386 -2.92 6.07 -20.67
N LEU C 387 -1.79 5.51 -21.08
CA LEU C 387 -0.79 6.25 -21.86
C LEU C 387 -1.31 6.68 -23.22
N ASN C 388 -2.35 6.02 -23.73
CA ASN C 388 -2.86 6.35 -25.06
C ASN C 388 -3.84 7.50 -25.05
N ASP C 389 -4.35 7.89 -23.87
CA ASP C 389 -5.32 8.98 -23.77
C ASP C 389 -4.67 10.30 -23.37
N LEU C 390 -3.45 10.27 -22.87
CA LEU C 390 -2.85 11.41 -22.22
C LEU C 390 -2.10 12.29 -23.21
N CYS C 391 -1.43 13.30 -22.67
CA CYS C 391 -0.60 14.22 -23.41
C CYS C 391 0.49 14.70 -22.48
N PHE C 392 1.74 14.65 -22.95
CA PHE C 392 2.90 14.66 -22.08
C PHE C 392 3.68 15.95 -22.23
N THR C 393 4.20 16.44 -21.10
CA THR C 393 4.94 17.70 -21.04
C THR C 393 6.40 17.44 -20.71
N ASN C 394 7.29 18.12 -21.44
CA ASN C 394 8.72 18.10 -21.16
C ASN C 394 9.30 16.69 -21.20
N VAL C 395 9.22 16.08 -22.38
CA VAL C 395 9.59 14.68 -22.53
C VAL C 395 11.07 14.56 -22.86
N TYR C 396 11.79 13.81 -22.03
CA TYR C 396 13.20 13.52 -22.24
C TYR C 396 13.42 12.02 -22.22
N ALA C 397 14.40 11.58 -22.99
CA ALA C 397 14.76 10.17 -23.08
C ALA C 397 16.24 10.01 -22.77
N ASP C 398 16.56 9.29 -21.71
CA ASP C 398 17.94 9.01 -21.33
C ASP C 398 18.29 7.58 -21.73
N SER C 399 19.40 7.41 -22.40
CA SER C 399 19.79 6.11 -22.93
C SER C 399 21.20 5.76 -22.51
N PHE C 400 21.40 4.48 -22.19
CA PHE C 400 22.73 3.95 -21.89
C PHE C 400 22.69 2.43 -21.98
N VAL C 401 23.82 1.80 -21.65
CA VAL C 401 23.97 0.35 -21.68
C VAL C 401 24.63 -0.09 -20.38
N ILE C 402 24.05 -1.10 -19.73
CA ILE C 402 24.61 -1.62 -18.49
C ILE C 402 24.66 -3.13 -18.55
N ARG C 403 25.12 -3.73 -17.45
CA ARG C 403 25.12 -5.17 -17.29
C ARG C 403 23.71 -5.67 -17.07
N GLY C 404 23.52 -6.98 -17.22
CA GLY C 404 22.20 -7.54 -17.02
C GLY C 404 21.75 -7.55 -15.58
N ASP C 405 22.71 -7.63 -14.65
CA ASP C 405 22.38 -7.73 -13.24
C ASP C 405 21.99 -6.39 -12.64
N GLU C 406 22.36 -5.30 -13.30
CA GLU C 406 22.18 -3.97 -12.74
C GLU C 406 20.90 -3.28 -13.20
N VAL C 407 20.09 -3.95 -14.02
CA VAL C 407 18.86 -3.33 -14.48
C VAL C 407 17.91 -3.10 -13.31
N ARG C 408 18.01 -3.91 -12.26
CA ARG C 408 17.21 -3.70 -11.07
C ARG C 408 17.58 -2.41 -10.35
N GLN C 409 18.75 -1.85 -10.62
CA GLN C 409 19.17 -0.63 -9.94
C GLN C 409 18.63 0.63 -10.60
N ILE C 410 17.96 0.52 -11.74
CA ILE C 410 17.34 1.69 -12.34
C ILE C 410 15.92 1.80 -11.81
N ALA C 411 15.79 2.39 -10.63
CA ALA C 411 14.52 2.55 -9.95
C ALA C 411 14.72 3.54 -8.82
N PRO C 412 13.67 4.23 -8.40
CA PRO C 412 13.82 5.19 -7.30
C PRO C 412 14.15 4.48 -5.99
N GLY C 413 15.13 5.02 -5.29
CA GLY C 413 15.50 4.52 -3.98
C GLY C 413 16.31 3.25 -3.97
N GLN C 414 17.29 3.13 -4.85
CA GLN C 414 18.10 1.93 -4.94
C GLN C 414 19.55 2.24 -4.58
N THR C 415 20.27 1.19 -4.18
CA THR C 415 21.69 1.30 -3.86
C THR C 415 22.47 0.34 -4.74
N GLY C 416 23.78 0.58 -4.80
CA GLY C 416 24.64 -0.11 -5.74
C GLY C 416 25.46 0.90 -6.54
N LYS C 417 26.44 0.37 -7.25
CA LYS C 417 27.39 1.29 -7.89
C LYS C 417 26.77 2.06 -9.03
N ILE C 418 25.80 1.48 -9.74
CA ILE C 418 25.16 2.21 -10.83
C ILE C 418 24.30 3.33 -10.28
N ALA C 419 23.54 3.07 -9.22
CA ALA C 419 22.68 4.07 -8.62
C ALA C 419 23.43 5.05 -7.75
N ASP C 420 24.61 4.70 -7.26
CA ASP C 420 25.41 5.60 -6.44
C ASP C 420 26.34 6.49 -7.24
N TYR C 421 27.02 5.96 -8.26
CA TYR C 421 28.08 6.70 -8.93
C TYR C 421 27.79 7.05 -10.37
N ASN C 422 26.78 6.44 -11.00
CA ASN C 422 26.59 6.62 -12.43
C ASN C 422 25.27 7.27 -12.79
N TYR C 423 24.14 6.74 -12.32
CA TYR C 423 22.83 7.23 -12.74
C TYR C 423 21.86 7.08 -11.60
N LYS C 424 21.29 8.20 -11.15
CA LYS C 424 20.39 8.23 -10.02
C LYS C 424 19.01 8.73 -10.45
N LEU C 425 17.97 8.04 -10.01
CA LEU C 425 16.62 8.45 -10.31
C LEU C 425 16.01 9.20 -9.13
N PRO C 426 15.24 10.25 -9.38
CA PRO C 426 14.61 10.97 -8.27
C PRO C 426 13.53 10.11 -7.62
N ASP C 427 13.25 10.42 -6.35
CA ASP C 427 12.23 9.68 -5.62
C ASP C 427 10.83 10.08 -6.05
N ASP C 428 10.67 11.31 -6.54
CA ASP C 428 9.41 11.80 -7.09
C ASP C 428 9.40 11.63 -8.60
N PHE C 429 9.62 10.40 -9.06
CA PHE C 429 9.83 10.15 -10.48
C PHE C 429 8.50 9.89 -11.19
N THR C 430 8.34 10.49 -12.36
CA THR C 430 7.19 10.26 -13.23
C THR C 430 7.70 9.91 -14.62
N GLY C 431 7.35 8.73 -15.10
CA GLY C 431 7.83 8.27 -16.39
C GLY C 431 8.09 6.78 -16.33
N CYS C 432 8.63 6.25 -17.42
CA CYS C 432 8.86 4.81 -17.48
C CYS C 432 10.32 4.46 -17.74
N VAL C 433 10.66 3.25 -17.33
CA VAL C 433 11.98 2.64 -17.54
C VAL C 433 11.79 1.42 -18.43
N ILE C 434 12.56 1.36 -19.52
CA ILE C 434 12.47 0.30 -20.52
C ILE C 434 13.86 -0.28 -20.70
N ALA C 435 13.95 -1.60 -20.76
CA ALA C 435 15.24 -2.26 -20.88
C ALA C 435 15.09 -3.54 -21.66
N TRP C 436 16.08 -3.82 -22.52
CA TRP C 436 16.06 -5.05 -23.31
C TRP C 436 17.47 -5.56 -23.54
N ASN C 437 17.58 -6.88 -23.69
CA ASN C 437 18.86 -7.53 -23.91
C ASN C 437 19.39 -7.21 -25.30
N SER C 438 20.68 -6.88 -25.37
CA SER C 438 21.33 -6.56 -26.64
C SER C 438 22.66 -7.29 -26.73
N ASN C 439 22.65 -8.59 -26.43
CA ASN C 439 23.85 -9.39 -26.56
C ASN C 439 24.25 -9.57 -28.02
N ASN C 440 23.32 -9.34 -28.94
CA ASN C 440 23.59 -9.55 -30.36
C ASN C 440 24.22 -8.35 -31.03
N LEU C 441 24.35 -7.22 -30.34
CA LEU C 441 24.89 -6.02 -30.93
C LEU C 441 26.05 -5.43 -30.17
N ASP C 442 26.20 -5.69 -28.87
CA ASP C 442 27.19 -5.03 -28.06
C ASP C 442 28.27 -5.97 -27.54
N SER C 443 28.43 -7.15 -28.12
CA SER C 443 29.46 -8.07 -27.68
C SER C 443 30.23 -8.59 -28.88
N LYS C 444 31.55 -8.67 -28.73
CA LYS C 444 32.41 -9.30 -29.73
C LYS C 444 33.02 -10.55 -29.12
N VAL C 445 33.58 -11.39 -30.00
CA VAL C 445 34.15 -12.66 -29.56
C VAL C 445 35.44 -12.46 -28.78
N GLY C 446 36.13 -11.34 -28.99
CA GLY C 446 37.31 -11.07 -28.18
C GLY C 446 36.99 -10.25 -26.95
N GLY C 447 35.82 -9.62 -26.94
CA GLY C 447 35.41 -8.75 -25.85
C GLY C 447 35.07 -7.38 -26.39
N ASN C 448 34.21 -6.68 -25.68
CA ASN C 448 33.81 -5.33 -26.05
C ASN C 448 34.10 -4.40 -24.90
N TYR C 449 35.20 -3.64 -24.99
CA TYR C 449 35.63 -2.75 -23.93
C TYR C 449 35.33 -1.30 -24.25
N ASN C 450 34.28 -1.05 -25.03
CA ASN C 450 33.87 0.31 -25.36
C ASN C 450 32.98 0.93 -24.28
N TYR C 451 32.26 0.12 -23.52
CA TYR C 451 31.34 0.62 -22.52
C TYR C 451 32.02 0.66 -21.15
N LEU C 452 31.99 1.83 -20.52
CA LEU C 452 32.66 2.04 -19.24
C LEU C 452 31.65 2.37 -18.16
N TYR C 453 32.12 2.34 -16.92
CA TYR C 453 31.33 2.74 -15.78
C TYR C 453 32.26 3.26 -14.69
N ARG C 454 31.72 4.13 -13.84
CA ARG C 454 32.49 4.68 -12.74
C ARG C 454 32.43 3.74 -11.54
N LEU C 455 33.59 3.45 -10.96
CA LEU C 455 33.68 2.51 -9.86
C LEU C 455 33.98 3.16 -8.52
N PHE C 456 34.61 4.33 -8.51
CA PHE C 456 34.97 5.03 -7.28
C PHE C 456 34.45 6.45 -7.34
N ARG C 457 33.97 6.95 -6.21
CA ARG C 457 33.55 8.34 -6.08
C ARG C 457 33.53 8.70 -4.60
N LYS C 458 33.72 10.00 -4.32
CA LYS C 458 33.75 10.47 -2.95
C LYS C 458 32.36 10.60 -2.34
N SER C 459 31.32 10.73 -3.15
CA SER C 459 29.96 10.84 -2.62
C SER C 459 29.00 10.35 -3.69
N ASN C 460 27.80 10.00 -3.25
CA ASN C 460 26.77 9.58 -4.19
C ASN C 460 26.36 10.74 -5.08
N LEU C 461 25.75 10.42 -6.20
CA LEU C 461 25.27 11.41 -7.13
C LEU C 461 23.93 11.99 -6.66
N LYS C 462 23.60 13.16 -7.18
CA LYS C 462 22.27 13.70 -7.04
C LYS C 462 21.39 13.20 -8.17
N PRO C 463 20.07 13.22 -8.00
CA PRO C 463 19.19 12.76 -9.07
C PRO C 463 19.43 13.48 -10.38
N PHE C 464 19.57 12.71 -11.46
CA PHE C 464 19.75 13.22 -12.81
C PHE C 464 21.00 14.08 -12.94
N GLU C 465 22.05 13.73 -12.21
CA GLU C 465 23.33 14.40 -12.32
C GLU C 465 24.31 13.49 -13.04
N ARG C 466 25.24 14.10 -13.78
CA ARG C 466 26.17 13.36 -14.64
C ARG C 466 27.58 13.81 -14.36
N ASP C 467 28.46 12.84 -14.09
CA ASP C 467 29.85 13.10 -13.74
C ASP C 467 30.75 12.43 -14.78
N ILE C 468 31.49 13.23 -15.55
CA ILE C 468 32.33 12.70 -16.61
C ILE C 468 33.79 13.01 -16.34
N SER C 469 34.11 13.36 -15.10
CA SER C 469 35.48 13.65 -14.71
C SER C 469 36.30 12.36 -14.65
N THR C 470 37.62 12.51 -14.83
CA THR C 470 38.53 11.37 -14.84
C THR C 470 39.78 11.67 -14.00
N GLU C 471 39.59 12.29 -12.84
CA GLU C 471 40.69 12.51 -11.92
C GLU C 471 40.99 11.22 -11.16
N ILE C 472 42.25 11.09 -10.72
CA ILE C 472 42.67 9.90 -10.00
C ILE C 472 42.01 9.89 -8.62
N TYR C 473 41.38 8.79 -8.27
CA TYR C 473 40.69 8.68 -6.99
C TYR C 473 41.65 8.25 -5.90
N GLN C 474 41.76 9.07 -4.86
CA GLN C 474 42.64 8.79 -3.74
C GLN C 474 41.87 8.00 -2.70
N ALA C 475 42.20 6.72 -2.57
CA ALA C 475 41.53 5.84 -1.62
C ALA C 475 42.29 5.70 -0.32
N GLY C 476 43.56 6.05 -0.30
CA GLY C 476 44.38 5.88 0.90
C GLY C 476 44.55 7.16 1.67
N SER C 477 45.75 7.34 2.24
CA SER C 477 46.05 8.49 3.07
C SER C 477 47.22 9.30 2.50
N THR C 478 47.32 9.37 1.17
CA THR C 478 48.43 10.09 0.54
C THR C 478 47.96 10.75 -0.74
N PRO C 479 48.40 11.97 -1.02
CA PRO C 479 48.14 12.57 -2.33
C PRO C 479 48.76 11.76 -3.44
N CYS C 480 48.04 11.63 -4.54
CA CYS C 480 48.48 10.85 -5.69
C CYS C 480 49.08 11.69 -6.81
N ASN C 481 48.90 13.00 -6.79
CA ASN C 481 49.50 13.87 -7.79
C ASN C 481 49.13 13.45 -9.21
N GLY C 482 48.04 12.71 -9.37
CA GLY C 482 47.63 12.23 -10.67
C GLY C 482 48.61 11.31 -11.37
N VAL C 483 49.13 10.29 -10.67
CA VAL C 483 50.05 9.34 -11.28
C VAL C 483 49.52 7.91 -11.21
N GLU C 484 48.43 7.68 -10.50
CA GLU C 484 47.80 6.35 -10.44
C GLU C 484 48.77 5.29 -9.92
N GLY C 485 49.20 5.44 -8.67
CA GLY C 485 50.08 4.47 -8.07
C GLY C 485 49.37 3.46 -7.20
N PHE C 486 49.83 3.30 -5.96
CA PHE C 486 49.24 2.37 -5.02
C PHE C 486 48.25 3.12 -4.15
N ASN C 487 47.07 2.55 -3.96
CA ASN C 487 45.97 3.17 -3.21
C ASN C 487 45.49 4.45 -3.89
N CYS C 488 45.77 4.58 -5.19
CA CYS C 488 45.19 5.64 -6.00
C CYS C 488 44.80 5.04 -7.34
N TYR C 489 43.51 5.04 -7.65
CA TYR C 489 42.98 4.29 -8.77
C TYR C 489 42.45 5.21 -9.84
N PHE C 490 42.37 4.67 -11.05
CA PHE C 490 41.62 5.33 -12.10
C PHE C 490 40.12 5.09 -11.87
N PRO C 491 39.29 6.12 -11.95
CA PRO C 491 37.90 5.97 -11.51
C PRO C 491 37.05 5.10 -12.40
N LEU C 492 37.33 5.08 -13.70
CA LEU C 492 36.49 4.36 -14.66
C LEU C 492 37.04 2.99 -14.95
N GLN C 493 36.15 2.01 -15.07
CA GLN C 493 36.50 0.67 -15.48
C GLN C 493 35.63 0.29 -16.66
N SER C 494 35.90 -0.86 -17.25
CA SER C 494 35.27 -1.26 -18.50
C SER C 494 34.52 -2.56 -18.34
N TYR C 495 33.34 -2.62 -18.94
CA TYR C 495 32.60 -3.86 -19.07
C TYR C 495 33.27 -4.75 -20.11
N GLY C 496 33.39 -6.03 -19.82
CA GLY C 496 33.86 -6.95 -20.83
C GLY C 496 32.74 -7.83 -21.36
N PHE C 497 32.22 -7.51 -22.53
CA PHE C 497 31.03 -8.15 -23.06
C PHE C 497 31.42 -9.16 -24.12
N GLN C 498 31.33 -10.45 -23.78
CA GLN C 498 31.56 -11.53 -24.72
C GLN C 498 30.28 -12.33 -24.90
N PRO C 499 30.02 -12.85 -26.09
CA PRO C 499 28.72 -13.51 -26.34
C PRO C 499 28.53 -14.80 -25.58
N THR C 500 29.54 -15.28 -24.85
CA THR C 500 29.44 -16.49 -24.07
C THR C 500 29.41 -16.19 -22.58
N ASN C 501 28.85 -15.05 -22.21
CA ASN C 501 28.67 -14.69 -20.81
C ASN C 501 27.36 -15.24 -20.29
N GLY C 502 27.26 -15.38 -18.99
CA GLY C 502 25.98 -15.64 -18.37
C GLY C 502 25.03 -14.50 -18.63
N VAL C 503 23.74 -14.80 -18.51
CA VAL C 503 22.73 -13.78 -18.80
C VAL C 503 22.90 -12.58 -17.89
N GLY C 504 23.42 -12.80 -16.67
CA GLY C 504 23.62 -11.69 -15.75
C GLY C 504 24.80 -10.81 -16.12
N TYR C 505 25.61 -11.24 -17.08
CA TYR C 505 26.76 -10.46 -17.51
C TYR C 505 26.65 -9.98 -18.94
N GLN C 506 25.51 -10.17 -19.58
CA GLN C 506 25.30 -9.74 -20.94
C GLN C 506 24.80 -8.30 -20.96
N PRO C 507 25.05 -7.56 -22.03
CA PRO C 507 24.68 -6.14 -22.04
C PRO C 507 23.19 -5.93 -22.25
N TYR C 508 22.67 -4.92 -21.58
CA TYR C 508 21.28 -4.51 -21.72
C TYR C 508 21.23 -3.04 -22.07
N ARG C 509 20.37 -2.70 -23.02
CA ARG C 509 20.15 -1.30 -23.39
C ARG C 509 18.96 -0.77 -22.59
N VAL C 510 19.12 0.42 -22.03
CA VAL C 510 18.15 1.02 -21.13
C VAL C 510 17.78 2.39 -21.63
N VAL C 511 16.47 2.65 -21.71
CA VAL C 511 15.90 3.96 -22.04
C VAL C 511 14.96 4.36 -20.92
N VAL C 512 15.15 5.57 -20.41
CA VAL C 512 14.32 6.11 -19.34
C VAL C 512 13.60 7.34 -19.89
N LEU C 513 12.28 7.24 -19.99
CA LEU C 513 11.44 8.34 -20.46
C LEU C 513 10.89 9.09 -19.26
N SER C 514 11.06 10.41 -19.25
CA SER C 514 10.64 11.27 -18.16
C SER C 514 9.80 12.41 -18.69
N PHE C 515 8.67 12.69 -18.04
CA PHE C 515 7.72 13.70 -18.50
C PHE C 515 6.90 14.19 -17.31
N GLU C 516 6.05 15.18 -17.56
CA GLU C 516 5.07 15.65 -16.59
C GLU C 516 3.68 15.58 -17.21
N LEU C 517 2.65 15.60 -16.35
CA LEU C 517 1.28 15.33 -16.76
C LEU C 517 0.34 16.38 -16.20
N LEU C 518 -0.42 17.01 -17.10
CA LEU C 518 -1.63 17.76 -16.78
C LEU C 518 -1.42 19.05 -15.98
N HIS C 519 -0.33 19.77 -16.23
CA HIS C 519 -0.16 21.07 -15.59
C HIS C 519 0.21 22.19 -16.54
N ALA C 520 0.93 21.90 -17.62
CA ALA C 520 1.47 22.95 -18.48
C ALA C 520 1.12 22.59 -19.93
N PRO C 521 1.40 23.47 -20.89
CA PRO C 521 1.18 23.10 -22.29
C PRO C 521 2.01 21.92 -22.73
N ALA C 522 1.38 20.99 -23.44
CA ALA C 522 2.05 19.77 -23.86
C ALA C 522 2.08 19.69 -25.38
N THR C 523 3.02 18.92 -25.90
CA THR C 523 3.17 18.81 -27.36
C THR C 523 3.33 17.39 -27.87
N VAL C 524 3.24 16.37 -27.00
CA VAL C 524 3.45 15.01 -27.48
C VAL C 524 2.12 14.36 -27.82
N CYS C 525 1.27 14.19 -26.81
CA CYS C 525 -0.04 13.57 -27.00
C CYS C 525 0.10 12.13 -27.49
N GLY C 526 -1.04 11.46 -27.66
CA GLY C 526 -1.05 10.07 -28.11
C GLY C 526 -1.64 9.92 -29.49
N PRO C 527 -2.36 8.84 -29.72
CA PRO C 527 -2.98 8.58 -31.03
C PRO C 527 -4.44 9.01 -31.09
N LYS C 528 -4.98 9.44 -29.96
CA LYS C 528 -6.37 9.89 -29.88
C LYS C 528 -6.69 10.90 -30.98
N LYS C 529 -7.94 10.92 -31.42
CA LYS C 529 -8.37 11.83 -32.47
C LYS C 529 -9.35 12.87 -31.91
N SER C 530 -9.21 14.10 -32.40
CA SER C 530 -10.03 15.20 -31.92
C SER C 530 -11.40 15.30 -32.59
N THR C 531 -12.25 16.08 -31.96
CA THR C 531 -13.62 16.32 -32.41
C THR C 531 -13.83 17.82 -32.51
N ASN C 532 -15.07 18.24 -32.73
CA ASN C 532 -15.40 19.65 -32.74
C ASN C 532 -15.74 20.14 -31.35
N LEU C 533 -15.83 21.46 -31.22
CA LEU C 533 -16.09 22.11 -29.94
C LEU C 533 -17.58 22.42 -29.83
N VAL C 534 -18.24 21.77 -28.87
CA VAL C 534 -19.65 22.01 -28.58
C VAL C 534 -19.72 22.85 -27.31
N LYS C 535 -20.28 24.06 -27.44
CA LYS C 535 -20.40 24.99 -26.34
C LYS C 535 -21.86 25.08 -25.92
N ASN C 536 -22.07 25.54 -24.68
CA ASN C 536 -23.39 25.78 -24.11
C ASN C 536 -24.19 24.51 -23.91
N LYS C 537 -23.54 23.38 -23.71
CA LYS C 537 -24.21 22.11 -23.48
C LYS C 537 -23.42 21.29 -22.47
N CYS C 538 -24.09 20.29 -21.90
CA CYS C 538 -23.42 19.39 -20.96
C CYS C 538 -22.72 18.28 -21.74
N VAL C 539 -21.40 18.24 -21.67
CA VAL C 539 -20.61 17.27 -22.42
C VAL C 539 -19.55 16.68 -21.51
N ASN C 540 -19.13 15.46 -21.81
CA ASN C 540 -17.85 14.97 -21.33
C ASN C 540 -16.75 15.53 -22.22
N PHE C 541 -15.66 15.95 -21.61
CA PHE C 541 -14.58 16.55 -22.39
C PHE C 541 -13.26 15.90 -22.03
N ASN C 542 -12.34 15.95 -23.00
CA ASN C 542 -10.96 15.51 -22.82
C ASN C 542 -10.07 16.57 -23.44
N PHE C 543 -9.50 17.44 -22.61
CA PHE C 543 -8.63 18.52 -23.06
C PHE C 543 -7.19 18.16 -22.70
N ASN C 544 -6.39 17.82 -23.70
CA ASN C 544 -4.98 17.51 -23.52
C ASN C 544 -4.77 16.40 -22.49
N GLY C 545 -5.70 15.46 -22.42
CA GLY C 545 -5.61 14.37 -21.47
C GLY C 545 -6.41 14.56 -20.21
N LEU C 546 -6.80 15.79 -19.89
CA LEU C 546 -7.58 16.09 -18.70
C LEU C 546 -9.05 15.86 -19.01
N THR C 547 -9.66 14.90 -18.32
CA THR C 547 -11.04 14.52 -18.57
C THR C 547 -11.97 15.22 -17.60
N GLY C 548 -13.25 15.31 -17.98
CA GLY C 548 -14.21 15.89 -17.08
C GLY C 548 -15.59 15.94 -17.69
N THR C 549 -16.50 16.61 -16.98
CA THR C 549 -17.88 16.78 -17.40
C THR C 549 -18.31 18.20 -17.07
N GLY C 550 -19.06 18.81 -17.97
CA GLY C 550 -19.61 20.12 -17.67
C GLY C 550 -20.04 20.87 -18.91
N VAL C 551 -20.22 22.17 -18.73
CA VAL C 551 -20.67 23.08 -19.77
C VAL C 551 -19.51 24.02 -20.09
N LEU C 552 -19.22 24.19 -21.37
CA LEU C 552 -18.12 25.04 -21.81
C LEU C 552 -18.69 26.33 -22.39
N THR C 553 -18.16 27.46 -21.95
CA THR C 553 -18.63 28.75 -22.43
C THR C 553 -17.44 29.64 -22.73
N GLU C 554 -17.66 30.66 -23.55
CA GLU C 554 -16.60 31.59 -23.89
C GLU C 554 -16.21 32.41 -22.67
N SER C 555 -14.92 32.73 -22.56
CA SER C 555 -14.38 33.29 -21.35
C SER C 555 -13.80 34.68 -21.59
N ASN C 556 -13.60 35.41 -20.49
CA ASN C 556 -12.93 36.70 -20.51
C ASN C 556 -11.58 36.68 -19.82
N LYS C 557 -11.24 35.60 -19.13
CA LYS C 557 -9.91 35.45 -18.58
C LYS C 557 -8.89 35.44 -19.70
N LYS C 558 -7.66 35.85 -19.39
CA LYS C 558 -6.63 35.98 -20.39
C LYS C 558 -5.33 35.43 -19.85
N PHE C 559 -4.92 34.27 -20.38
CA PHE C 559 -3.79 33.53 -19.83
C PHE C 559 -2.47 34.10 -20.32
N LEU C 560 -1.45 33.96 -19.50
CA LEU C 560 -0.10 34.21 -19.96
C LEU C 560 0.33 33.07 -20.88
N PRO C 561 1.31 33.29 -21.75
CA PRO C 561 1.65 32.26 -22.75
C PRO C 561 2.09 30.93 -22.18
N PHE C 562 2.57 30.88 -20.94
CA PHE C 562 3.02 29.64 -20.35
C PHE C 562 1.94 28.93 -19.54
N GLN C 563 0.68 29.30 -19.71
CA GLN C 563 -0.41 28.74 -18.94
C GLN C 563 -1.38 28.01 -19.85
N GLN C 564 -1.95 26.91 -19.34
CA GLN C 564 -2.91 26.11 -20.09
C GLN C 564 -4.20 25.88 -19.34
N PHE C 565 -4.13 25.69 -18.01
CA PHE C 565 -5.31 25.44 -17.20
C PHE C 565 -5.48 26.55 -16.17
N GLY C 566 -6.70 26.72 -15.71
CA GLY C 566 -7.01 27.66 -14.65
C GLY C 566 -7.77 26.98 -13.53
N ARG C 567 -7.44 27.31 -12.30
CA ARG C 567 -8.01 26.64 -11.14
C ARG C 567 -8.63 27.66 -10.19
N ASP C 568 -9.70 27.23 -9.52
CA ASP C 568 -10.37 28.05 -8.53
C ASP C 568 -9.84 27.75 -7.13
N ILE C 569 -10.54 28.26 -6.12
CA ILE C 569 -10.06 28.11 -4.75
C ILE C 569 -10.15 26.68 -4.26
N ALA C 570 -11.16 25.93 -4.70
CA ALA C 570 -11.25 24.51 -4.38
C ALA C 570 -10.33 23.65 -5.23
N ASP C 571 -9.48 24.28 -6.05
CA ASP C 571 -8.45 23.62 -6.86
C ASP C 571 -9.03 22.78 -7.98
N THR C 572 -10.28 23.00 -8.35
CA THR C 572 -10.85 22.35 -9.53
C THR C 572 -10.57 23.19 -10.76
N THR C 573 -10.41 22.51 -11.89
CA THR C 573 -10.15 23.21 -13.14
C THR C 573 -11.43 23.88 -13.62
N ASP C 574 -11.41 25.20 -13.71
CA ASP C 574 -12.58 25.94 -14.14
C ASP C 574 -12.35 26.73 -15.42
N ALA C 575 -11.14 26.77 -15.95
CA ALA C 575 -10.87 27.39 -17.22
C ALA C 575 -9.83 26.56 -17.96
N VAL C 576 -9.87 26.62 -19.28
CA VAL C 576 -8.93 25.86 -20.10
C VAL C 576 -8.70 26.60 -21.40
N ARG C 577 -7.49 26.49 -21.93
CA ARG C 577 -7.19 27.04 -23.24
C ARG C 577 -7.33 25.95 -24.30
N ASP C 578 -8.15 26.21 -25.30
CA ASP C 578 -8.36 25.22 -26.34
C ASP C 578 -7.08 25.05 -27.15
N PRO C 579 -6.59 23.82 -27.30
CA PRO C 579 -5.26 23.62 -27.89
C PRO C 579 -5.20 23.83 -29.39
N GLN C 580 -6.32 24.01 -30.07
CA GLN C 580 -6.31 24.23 -31.52
C GLN C 580 -6.70 25.65 -31.91
N THR C 581 -7.66 26.25 -31.23
CA THR C 581 -8.05 27.62 -31.54
C THR C 581 -7.43 28.64 -30.60
N LEU C 582 -6.78 28.20 -29.53
CA LEU C 582 -6.07 29.06 -28.59
C LEU C 582 -7.01 30.05 -27.92
N GLU C 583 -8.26 29.65 -27.71
CA GLU C 583 -9.23 30.49 -27.04
C GLU C 583 -9.51 29.92 -25.65
N ILE C 584 -9.78 30.81 -24.72
CA ILE C 584 -10.03 30.43 -23.33
C ILE C 584 -11.49 30.10 -23.15
N LEU C 585 -11.77 29.04 -22.40
CA LEU C 585 -13.12 28.59 -22.13
C LEU C 585 -13.31 28.40 -20.64
N ASP C 586 -14.51 28.69 -20.16
CA ASP C 586 -14.89 28.41 -18.80
C ASP C 586 -15.68 27.11 -18.73
N ILE C 587 -15.41 26.34 -17.67
CA ILE C 587 -16.04 25.05 -17.43
C ILE C 587 -16.91 25.19 -16.20
N THR C 588 -18.22 25.03 -16.39
CA THR C 588 -19.17 25.17 -15.30
C THR C 588 -19.84 23.82 -15.04
N PRO C 589 -20.02 23.43 -13.79
CA PRO C 589 -20.66 22.14 -13.51
C PRO C 589 -22.08 22.07 -14.05
N CYS C 590 -22.66 20.88 -14.00
CA CYS C 590 -23.92 20.64 -14.69
C CYS C 590 -25.11 20.50 -13.75
N SER C 591 -24.88 20.00 -12.54
CA SER C 591 -25.95 19.79 -11.57
C SER C 591 -26.04 20.99 -10.63
N PHE C 592 -27.27 21.38 -10.29
CA PHE C 592 -27.50 22.61 -9.55
C PHE C 592 -28.96 22.68 -9.11
N GLY C 593 -29.19 23.06 -7.86
CA GLY C 593 -30.54 23.30 -7.38
C GLY C 593 -31.10 22.19 -6.53
N GLY C 594 -31.70 22.56 -5.40
CA GLY C 594 -32.28 21.59 -4.50
C GLY C 594 -33.69 21.20 -4.88
N VAL C 595 -34.12 20.04 -4.40
CA VAL C 595 -35.41 19.47 -4.71
C VAL C 595 -36.00 18.85 -3.46
N SER C 596 -37.29 19.12 -3.23
CA SER C 596 -38.00 18.50 -2.11
C SER C 596 -39.29 17.89 -2.63
N VAL C 597 -39.74 16.84 -1.96
CA VAL C 597 -40.96 16.15 -2.35
C VAL C 597 -41.95 16.21 -1.19
N ILE C 598 -43.18 16.61 -1.50
CA ILE C 598 -44.25 16.77 -0.53
C ILE C 598 -45.23 15.64 -0.72
N THR C 599 -45.40 14.81 0.30
CA THR C 599 -46.34 13.71 0.23
C THR C 599 -47.35 13.78 1.36
N PRO C 600 -48.61 13.44 1.07
CA PRO C 600 -49.60 13.27 2.13
C PRO C 600 -49.53 11.92 2.83
N GLY C 601 -48.46 11.17 2.62
CA GLY C 601 -48.34 9.83 3.16
C GLY C 601 -48.78 8.79 2.15
N THR C 602 -47.94 7.76 1.98
CA THR C 602 -48.25 6.73 0.99
C THR C 602 -49.25 5.72 1.53
N ASN C 603 -49.74 5.93 2.74
CA ASN C 603 -50.80 5.11 3.28
C ASN C 603 -52.16 5.73 3.02
N THR C 604 -52.18 6.83 2.27
CA THR C 604 -53.37 7.55 1.90
C THR C 604 -53.46 7.78 0.40
N SER C 605 -52.32 8.02 -0.25
CA SER C 605 -52.26 8.22 -1.69
C SER C 605 -50.80 8.26 -2.13
N ASN C 606 -50.57 7.99 -3.41
CA ASN C 606 -49.24 8.17 -3.99
C ASN C 606 -49.17 9.41 -4.87
N GLN C 607 -50.09 10.34 -4.71
CA GLN C 607 -49.95 11.67 -5.26
C GLN C 607 -48.86 12.41 -4.49
N VAL C 608 -48.04 13.16 -5.22
CA VAL C 608 -46.98 13.96 -4.60
C VAL C 608 -46.91 15.30 -5.30
N ALA C 609 -46.30 16.27 -4.61
CA ALA C 609 -45.92 17.52 -5.23
C ALA C 609 -44.41 17.67 -5.11
N VAL C 610 -43.82 18.46 -6.01
CA VAL C 610 -42.37 18.60 -6.03
C VAL C 610 -42.03 20.08 -6.00
N LEU C 611 -41.12 20.45 -5.10
CA LEU C 611 -40.68 21.82 -4.96
C LEU C 611 -39.24 21.93 -5.45
N TYR C 612 -39.06 22.69 -6.53
CA TYR C 612 -37.75 22.98 -7.09
C TYR C 612 -37.31 24.31 -6.49
N GLN C 613 -36.37 24.26 -5.56
CA GLN C 613 -36.05 25.40 -4.73
C GLN C 613 -35.18 26.44 -5.43
N ASP C 614 -34.92 26.28 -6.73
CA ASP C 614 -34.04 27.22 -7.41
C ASP C 614 -34.55 27.57 -8.81
N VAL C 615 -35.83 27.35 -9.06
CA VAL C 615 -36.41 27.65 -10.37
C VAL C 615 -37.44 28.77 -10.28
N ASN C 616 -37.50 29.60 -11.31
CA ASN C 616 -38.44 30.71 -11.36
C ASN C 616 -39.17 30.70 -12.69
N CYS C 617 -40.41 30.21 -12.69
CA CYS C 617 -41.20 30.13 -13.90
C CYS C 617 -42.27 31.19 -14.03
N THR C 618 -42.16 32.02 -15.06
CA THR C 618 -43.15 33.07 -15.28
C THR C 618 -43.26 33.43 -16.76
N TRP C 633 -37.55 24.61 -18.61
CA TRP C 633 -37.14 24.75 -17.23
C TRP C 633 -36.34 23.55 -16.77
N ARG C 634 -35.61 23.73 -15.67
CA ARG C 634 -34.83 22.64 -15.09
C ARG C 634 -35.70 21.87 -14.10
N VAL C 635 -36.69 21.18 -14.65
CA VAL C 635 -37.65 20.40 -13.86
C VAL C 635 -37.71 18.99 -14.44
N TYR C 636 -38.15 18.03 -13.62
CA TYR C 636 -38.33 16.66 -14.06
C TYR C 636 -39.59 16.50 -14.91
N SER C 637 -40.66 17.18 -14.54
CA SER C 637 -41.93 17.12 -15.24
C SER C 637 -42.60 18.47 -15.16
N THR C 638 -43.64 18.68 -15.95
CA THR C 638 -44.32 19.96 -15.95
C THR C 638 -45.79 19.86 -15.58
N GLY C 639 -46.45 18.73 -15.84
CA GLY C 639 -47.84 18.49 -15.46
C GLY C 639 -48.75 19.69 -15.57
N SER C 640 -49.55 19.92 -14.53
CA SER C 640 -50.34 21.13 -14.40
C SER C 640 -50.19 21.63 -12.98
N ASN C 641 -50.87 22.73 -12.68
CA ASN C 641 -50.74 23.39 -11.38
C ASN C 641 -49.28 23.74 -11.10
N VAL C 642 -48.71 24.63 -11.90
CA VAL C 642 -47.41 25.22 -11.59
C VAL C 642 -47.64 26.49 -10.80
N PHE C 643 -47.02 26.58 -9.63
CA PHE C 643 -47.24 27.69 -8.72
C PHE C 643 -45.91 28.19 -8.20
N GLN C 644 -45.63 29.47 -8.39
CA GLN C 644 -44.34 30.05 -8.02
C GLN C 644 -44.40 30.58 -6.60
N THR C 645 -43.33 30.36 -5.84
CA THR C 645 -43.21 30.76 -4.46
C THR C 645 -41.83 31.34 -4.20
N ARG C 646 -41.71 32.13 -3.15
CA ARG C 646 -40.41 32.61 -2.73
C ARG C 646 -39.53 31.50 -2.18
N ALA C 647 -40.05 30.28 -2.11
CA ALA C 647 -39.27 29.11 -1.78
C ALA C 647 -38.97 28.24 -3.00
N GLY C 648 -39.49 28.57 -4.17
CA GLY C 648 -39.20 27.83 -5.37
C GLY C 648 -40.47 27.59 -6.16
N CYS C 649 -40.34 26.79 -7.21
CA CYS C 649 -41.46 26.44 -8.07
C CYS C 649 -42.08 25.14 -7.57
N LEU C 650 -43.36 25.18 -7.24
CA LEU C 650 -44.09 24.03 -6.74
C LEU C 650 -44.93 23.46 -7.87
N ILE C 651 -44.79 22.16 -8.12
CA ILE C 651 -45.45 21.50 -9.23
C ILE C 651 -46.22 20.31 -8.69
N GLY C 652 -47.53 20.31 -8.94
CA GLY C 652 -48.40 19.25 -8.51
C GLY C 652 -49.42 19.63 -7.47
N ALA C 653 -49.46 20.90 -7.06
CA ALA C 653 -50.39 21.35 -6.03
C ALA C 653 -51.13 22.58 -6.53
N GLU C 654 -52.42 22.65 -6.21
CA GLU C 654 -53.28 23.73 -6.69
C GLU C 654 -53.29 24.87 -5.68
N HIS C 655 -53.14 26.09 -6.19
CA HIS C 655 -53.12 27.27 -5.33
C HIS C 655 -54.54 27.75 -5.05
N VAL C 656 -54.84 27.97 -3.77
CA VAL C 656 -56.14 28.44 -3.34
C VAL C 656 -55.98 29.81 -2.70
N ASN C 657 -57.11 30.49 -2.51
CA ASN C 657 -57.11 31.82 -1.92
C ASN C 657 -57.44 31.85 -0.43
N ASN C 658 -57.82 30.71 0.13
CA ASN C 658 -58.16 30.68 1.54
C ASN C 658 -56.89 30.72 2.38
N SER C 659 -57.05 30.49 3.68
CA SER C 659 -55.93 30.43 4.60
C SER C 659 -56.34 29.60 5.81
N TYR C 660 -55.49 28.64 6.17
CA TYR C 660 -55.76 27.76 7.28
C TYR C 660 -54.52 27.69 8.16
N GLU C 661 -54.57 26.86 9.19
CA GLU C 661 -53.37 26.56 9.95
C GLU C 661 -52.44 25.69 9.12
N CYS C 662 -51.14 25.83 9.37
CA CYS C 662 -50.17 25.10 8.58
C CYS C 662 -50.32 23.60 8.79
N ASP C 663 -50.26 22.86 7.69
CA ASP C 663 -50.33 21.41 7.74
C ASP C 663 -48.99 20.79 7.39
N ILE C 664 -48.46 21.10 6.22
CA ILE C 664 -47.12 20.72 5.80
C ILE C 664 -46.40 22.01 5.44
N PRO C 665 -45.37 22.41 6.16
CA PRO C 665 -44.73 23.69 5.89
C PRO C 665 -43.83 23.63 4.66
N ILE C 666 -44.21 24.35 3.61
CA ILE C 666 -43.37 24.52 2.45
C ILE C 666 -42.29 25.56 2.70
N GLY C 667 -42.67 26.70 3.28
CA GLY C 667 -41.70 27.72 3.57
C GLY C 667 -42.08 29.08 3.03
N ALA C 668 -41.40 30.12 3.50
CA ALA C 668 -41.66 31.50 3.08
C ALA C 668 -43.12 31.88 3.24
N GLY C 669 -43.80 31.29 4.23
CA GLY C 669 -45.17 31.61 4.53
C GLY C 669 -46.19 30.70 3.87
N ILE C 670 -45.74 29.71 3.13
CA ILE C 670 -46.63 28.86 2.34
C ILE C 670 -46.66 27.46 2.95
N CYS C 671 -47.88 26.90 3.08
CA CYS C 671 -48.08 25.56 3.56
C CYS C 671 -48.89 24.79 2.53
N ALA C 672 -48.97 23.47 2.72
CA ALA C 672 -49.69 22.60 1.79
C ALA C 672 -50.46 21.55 2.56
N SER C 673 -51.53 21.04 1.95
CA SER C 673 -52.36 20.06 2.62
C SER C 673 -53.16 19.27 1.60
N TYR C 674 -53.55 18.07 2.02
CA TYR C 674 -54.33 17.15 1.19
C TYR C 674 -55.81 17.37 1.41
N GLN C 675 -56.38 18.34 0.70
CA GLN C 675 -57.79 18.68 0.84
C GLN C 675 -58.58 18.34 -0.42
N THR C 676 -59.63 19.10 -0.69
CA THR C 676 -60.46 18.89 -1.87
C THR C 676 -60.61 20.18 -2.67
N GLN C 690 -60.03 14.22 -4.22
CA GLN C 690 -59.00 14.76 -3.36
C GLN C 690 -57.79 15.17 -4.19
N SER C 691 -57.05 16.14 -3.66
CA SER C 691 -55.88 16.70 -4.32
C SER C 691 -55.03 17.42 -3.28
N ILE C 692 -53.91 17.96 -3.73
CA ILE C 692 -52.97 18.68 -2.87
C ILE C 692 -53.12 20.16 -3.16
N ILE C 693 -53.31 20.95 -2.11
CA ILE C 693 -53.51 22.38 -2.23
C ILE C 693 -52.38 23.09 -1.49
N ALA C 694 -52.07 24.30 -1.95
CA ALA C 694 -51.04 25.13 -1.35
C ALA C 694 -51.64 26.49 -1.06
N TYR C 695 -51.36 27.02 0.13
CA TYR C 695 -51.97 28.26 0.56
C TYR C 695 -51.00 29.05 1.41
N THR C 696 -51.38 30.27 1.74
CA THR C 696 -50.66 31.10 2.69
C THR C 696 -51.23 30.88 4.07
N MET C 697 -50.36 30.55 5.03
CA MET C 697 -50.82 30.24 6.37
C MET C 697 -51.39 31.49 7.04
N SER C 698 -52.40 31.28 7.86
CA SER C 698 -53.02 32.35 8.63
C SER C 698 -52.42 32.42 10.01
N LEU C 699 -52.21 33.64 10.50
CA LEU C 699 -51.62 33.85 11.81
C LEU C 699 -52.63 33.70 12.93
N GLY C 700 -53.89 33.97 12.65
CA GLY C 700 -54.93 33.88 13.66
C GLY C 700 -56.08 34.81 13.33
N ALA C 701 -57.14 34.67 14.13
CA ALA C 701 -58.33 35.47 13.94
C ALA C 701 -58.06 36.93 14.28
N GLU C 702 -58.67 37.83 13.51
CA GLU C 702 -58.49 39.25 13.74
C GLU C 702 -59.41 39.73 14.85
N ASN C 703 -58.94 40.71 15.59
CA ASN C 703 -59.65 41.18 16.76
C ASN C 703 -59.35 42.66 16.96
N SER C 704 -60.28 43.34 17.61
CA SER C 704 -60.15 44.76 17.88
C SER C 704 -60.67 45.04 19.28
N VAL C 705 -59.96 45.89 20.00
CA VAL C 705 -60.32 46.24 21.37
C VAL C 705 -61.03 47.58 21.35
N ALA C 706 -62.15 47.68 22.06
CA ALA C 706 -62.95 48.90 22.08
C ALA C 706 -62.35 49.89 23.06
N TYR C 707 -61.19 50.43 22.69
CA TYR C 707 -60.46 51.33 23.56
C TYR C 707 -61.05 52.73 23.49
N SER C 708 -61.32 53.30 24.67
CA SER C 708 -61.65 54.71 24.81
C SER C 708 -60.96 55.21 26.07
N ASN C 709 -60.98 56.52 26.28
CA ASN C 709 -60.25 57.11 27.39
C ASN C 709 -61.03 57.06 28.70
N ASN C 710 -62.29 56.62 28.69
CA ASN C 710 -62.99 56.44 29.95
C ASN C 710 -63.86 55.18 29.95
N SER C 711 -63.36 54.08 29.42
CA SER C 711 -64.12 52.86 29.37
C SER C 711 -63.29 51.72 29.91
N ILE C 712 -63.90 50.87 30.73
CA ILE C 712 -63.21 49.73 31.33
C ILE C 712 -64.11 48.51 31.21
N ALA C 713 -63.49 47.34 31.19
CA ALA C 713 -64.23 46.09 31.14
C ALA C 713 -63.87 45.25 32.35
N ILE C 714 -64.88 44.83 33.11
CA ILE C 714 -64.67 44.11 34.35
C ILE C 714 -65.32 42.74 34.22
N PRO C 715 -64.65 41.66 34.62
CA PRO C 715 -65.28 40.35 34.56
C PRO C 715 -66.36 40.18 35.62
N THR C 716 -67.35 39.37 35.31
CA THR C 716 -68.41 39.09 36.25
C THR C 716 -68.49 37.62 36.66
N ASN C 717 -67.80 36.73 35.99
CA ASN C 717 -67.76 35.32 36.36
C ASN C 717 -66.35 34.82 36.13
N PHE C 718 -66.12 33.55 36.40
CA PHE C 718 -64.80 32.97 36.19
C PHE C 718 -64.94 31.52 35.76
N THR C 719 -63.83 30.94 35.37
CA THR C 719 -63.72 29.52 35.06
C THR C 719 -62.46 28.99 35.71
N ILE C 720 -62.55 27.76 36.20
CA ILE C 720 -61.40 27.06 36.75
C ILE C 720 -60.88 26.12 35.67
N SER C 721 -59.67 26.37 35.20
CA SER C 721 -59.12 25.62 34.09
C SER C 721 -58.00 24.71 34.59
N VAL C 722 -57.91 23.53 34.01
CA VAL C 722 -56.86 22.57 34.32
C VAL C 722 -56.17 22.19 33.02
N THR C 723 -54.85 22.36 32.97
CA THR C 723 -54.10 22.09 31.75
C THR C 723 -52.93 21.18 32.08
N THR C 724 -52.45 20.46 31.07
CA THR C 724 -51.32 19.56 31.25
C THR C 724 -50.06 20.13 30.62
N GLU C 725 -48.93 19.76 31.20
CA GLU C 725 -47.63 20.11 30.65
C GLU C 725 -46.69 18.93 30.82
N ILE C 726 -46.08 18.47 29.73
CA ILE C 726 -45.26 17.27 29.72
C ILE C 726 -43.80 17.66 29.60
N LEU C 727 -42.93 17.02 30.39
CA LEU C 727 -41.53 17.36 30.37
C LEU C 727 -40.67 16.10 30.47
N PRO C 728 -39.72 15.90 29.56
CA PRO C 728 -38.80 14.77 29.68
C PRO C 728 -37.78 15.00 30.79
N VAL C 729 -37.46 13.93 31.51
CA VAL C 729 -36.55 14.02 32.64
C VAL C 729 -35.33 13.12 32.51
N SER C 730 -35.43 11.98 31.83
CA SER C 730 -34.28 11.09 31.68
C SER C 730 -34.29 10.51 30.28
N MET C 731 -33.17 9.87 29.94
CA MET C 731 -33.11 9.04 28.75
C MET C 731 -32.45 7.73 29.12
N THR C 732 -32.33 6.83 28.15
CA THR C 732 -31.80 5.50 28.42
C THR C 732 -30.31 5.55 28.69
N LYS C 733 -29.88 4.80 29.70
CA LYS C 733 -28.47 4.65 30.04
C LYS C 733 -27.91 3.46 29.30
N THR C 734 -26.87 3.68 28.50
CA THR C 734 -26.29 2.63 27.69
C THR C 734 -24.81 2.49 28.01
N SER C 735 -24.27 1.35 27.63
CA SER C 735 -22.85 1.07 27.76
C SER C 735 -22.42 0.26 26.55
N VAL C 736 -21.14 0.35 26.21
CA VAL C 736 -20.60 -0.27 25.01
C VAL C 736 -19.32 -0.99 25.35
N ASP C 737 -19.17 -2.22 24.87
CA ASP C 737 -17.92 -2.96 24.92
C ASP C 737 -17.22 -2.78 23.58
N CYS C 738 -16.14 -1.99 23.56
CA CYS C 738 -15.39 -1.79 22.33
C CYS C 738 -14.95 -3.09 21.69
N THR C 739 -14.27 -3.94 22.45
CA THR C 739 -13.69 -5.12 21.86
C THR C 739 -14.75 -5.97 21.17
N MET C 740 -15.92 -6.08 21.79
CA MET C 740 -16.96 -6.93 21.22
C MET C 740 -17.60 -6.29 20.00
N TYR C 741 -17.60 -4.96 19.94
CA TYR C 741 -18.22 -4.31 18.79
C TYR C 741 -17.27 -4.29 17.60
N ILE C 742 -16.01 -3.95 17.85
CA ILE C 742 -15.04 -3.79 16.77
C ILE C 742 -14.54 -5.13 16.28
N CYS C 743 -14.25 -6.05 17.18
CA CYS C 743 -13.59 -7.29 16.79
C CYS C 743 -14.47 -8.52 16.89
N GLY C 744 -15.33 -8.61 17.90
CA GLY C 744 -16.01 -9.87 18.13
C GLY C 744 -15.11 -10.83 18.88
N ASP C 745 -15.19 -12.11 18.53
CA ASP C 745 -14.32 -13.12 19.12
C ASP C 745 -13.04 -13.32 18.34
N SER C 746 -12.65 -12.37 17.51
CA SER C 746 -11.38 -12.42 16.80
C SER C 746 -10.23 -12.08 17.74
N THR C 747 -9.24 -12.95 17.81
CA THR C 747 -8.09 -12.70 18.68
C THR C 747 -7.03 -11.88 17.96
N GLU C 748 -6.90 -12.06 16.65
CA GLU C 748 -6.01 -11.22 15.87
C GLU C 748 -6.45 -9.77 15.89
N CYS C 749 -7.73 -9.52 15.68
CA CYS C 749 -8.24 -8.16 15.74
C CYS C 749 -8.05 -7.58 17.14
N SER C 750 -8.30 -8.38 18.18
CA SER C 750 -8.21 -7.84 19.52
C SER C 750 -6.76 -7.52 19.88
N ASN C 751 -5.80 -8.26 19.35
CA ASN C 751 -4.40 -7.90 19.55
C ASN C 751 -4.02 -6.67 18.75
N LEU C 752 -4.59 -6.51 17.56
CA LEU C 752 -4.31 -5.31 16.78
C LEU C 752 -4.92 -4.07 17.41
N LEU C 753 -5.98 -4.25 18.19
CA LEU C 753 -6.70 -3.12 18.75
C LEU C 753 -5.98 -2.50 19.93
N LEU C 754 -4.96 -3.16 20.47
CA LEU C 754 -4.32 -2.66 21.69
C LEU C 754 -3.57 -1.35 21.48
N GLN C 755 -3.53 -0.82 20.25
CA GLN C 755 -2.99 0.51 20.01
C GLN C 755 -4.06 1.58 20.10
N TYR C 756 -5.28 1.20 20.45
CA TYR C 756 -6.39 2.13 20.54
C TYR C 756 -7.18 1.92 21.82
N GLY C 757 -6.51 1.60 22.93
CA GLY C 757 -7.21 1.38 24.17
C GLY C 757 -7.59 2.65 24.88
N SER C 758 -6.79 3.70 24.73
CA SER C 758 -7.12 4.99 25.32
C SER C 758 -8.46 5.51 24.77
N PHE C 759 -8.72 5.26 23.49
CA PHE C 759 -9.94 5.76 22.88
C PHE C 759 -11.17 5.07 23.45
N CYS C 760 -11.06 3.78 23.78
CA CYS C 760 -12.19 3.09 24.37
C CYS C 760 -12.38 3.44 25.83
N THR C 761 -11.30 3.60 26.59
CA THR C 761 -11.48 4.11 27.95
C THR C 761 -12.16 5.47 27.92
N GLN C 762 -11.81 6.31 26.94
CA GLN C 762 -12.42 7.62 26.83
C GLN C 762 -13.92 7.52 26.50
N LEU C 763 -14.27 6.69 25.52
CA LEU C 763 -15.68 6.49 25.20
C LEU C 763 -16.49 6.05 26.40
N ASN C 764 -15.97 5.07 27.14
CA ASN C 764 -16.72 4.55 28.27
C ASN C 764 -16.79 5.55 29.40
N ARG C 765 -15.76 6.37 29.58
CA ARG C 765 -15.84 7.45 30.54
C ARG C 765 -17.00 8.39 30.22
N ALA C 766 -17.09 8.80 28.95
CA ALA C 766 -18.19 9.68 28.56
C ALA C 766 -19.54 9.04 28.81
N LEU C 767 -19.70 7.77 28.43
CA LEU C 767 -20.98 7.12 28.58
C LEU C 767 -21.37 6.98 30.06
N THR C 768 -20.41 6.69 30.93
CA THR C 768 -20.74 6.58 32.35
C THR C 768 -21.10 7.93 32.94
N GLY C 769 -20.45 9.00 32.49
CA GLY C 769 -20.89 10.32 32.91
C GLY C 769 -22.35 10.57 32.62
N ILE C 770 -22.76 10.28 31.38
CA ILE C 770 -24.17 10.41 31.02
C ILE C 770 -25.04 9.55 31.91
N ALA C 771 -24.60 8.32 32.17
CA ALA C 771 -25.43 7.38 32.90
C ALA C 771 -25.69 7.84 34.33
N VAL C 772 -24.68 8.39 35.00
CA VAL C 772 -24.94 8.85 36.36
C VAL C 772 -25.71 10.17 36.35
N GLU C 773 -25.51 10.98 35.31
CA GLU C 773 -26.28 12.21 35.23
C GLU C 773 -27.77 11.94 35.13
N GLN C 774 -28.17 10.84 34.48
CA GLN C 774 -29.60 10.56 34.37
C GLN C 774 -30.24 10.33 35.73
N ASP C 775 -29.60 9.53 36.59
CA ASP C 775 -30.13 9.31 37.92
C ASP C 775 -30.12 10.60 38.73
N LYS C 776 -29.09 11.42 38.57
CA LYS C 776 -29.10 12.70 39.27
C LYS C 776 -30.29 13.56 38.83
N ASN C 777 -30.60 13.56 37.53
CA ASN C 777 -31.76 14.29 37.01
C ASN C 777 -33.03 13.86 37.72
N THR C 778 -33.30 12.55 37.70
CA THR C 778 -34.52 12.07 38.32
C THR C 778 -34.58 12.45 39.79
N GLN C 779 -33.44 12.42 40.48
CA GLN C 779 -33.44 12.77 41.89
C GLN C 779 -33.75 14.24 42.11
N GLU C 780 -33.21 15.13 41.29
CA GLU C 780 -33.55 16.55 41.49
C GLU C 780 -35.02 16.80 41.24
N VAL C 781 -35.61 16.11 40.27
CA VAL C 781 -37.02 16.41 39.98
C VAL C 781 -37.92 15.84 41.07
N PHE C 782 -37.79 14.57 41.41
CA PHE C 782 -38.82 13.91 42.20
C PHE C 782 -38.53 13.84 43.69
N ALA C 783 -37.27 13.91 44.11
CA ALA C 783 -36.92 13.68 45.50
C ALA C 783 -36.76 14.99 46.26
N GLN C 784 -37.61 15.97 45.96
CA GLN C 784 -37.52 17.27 46.61
C GLN C 784 -37.72 17.17 48.11
N VAL C 785 -38.74 16.45 48.55
CA VAL C 785 -39.07 16.32 49.96
C VAL C 785 -38.69 14.91 50.42
N LYS C 786 -38.20 14.81 51.65
CA LYS C 786 -37.79 13.53 52.21
C LYS C 786 -38.67 13.12 53.39
N GLN C 787 -39.96 13.42 53.31
CA GLN C 787 -40.96 12.87 54.21
C GLN C 787 -42.09 12.33 53.37
N ILE C 788 -42.42 11.06 53.56
CA ILE C 788 -43.42 10.40 52.74
C ILE C 788 -44.77 10.62 53.41
N TYR C 789 -45.44 11.70 53.06
CA TYR C 789 -46.74 12.01 53.61
C TYR C 789 -47.80 11.10 53.02
N LYS C 790 -48.76 10.71 53.85
CA LYS C 790 -49.93 9.99 53.39
C LYS C 790 -51.16 10.85 53.57
N THR C 791 -52.15 10.65 52.71
CA THR C 791 -53.38 11.38 52.88
C THR C 791 -54.34 10.60 53.77
N PRO C 792 -55.01 11.26 54.70
CA PRO C 792 -55.84 10.55 55.66
C PRO C 792 -57.05 9.95 54.99
N PRO C 793 -57.75 9.02 55.65
CA PRO C 793 -59.03 8.56 55.13
C PRO C 793 -60.14 9.61 55.21
N ILE C 794 -59.84 10.79 55.73
CA ILE C 794 -60.77 11.91 55.77
C ILE C 794 -60.76 12.55 54.39
N LYS C 795 -61.64 12.09 53.51
CA LYS C 795 -61.71 12.66 52.17
C LYS C 795 -62.74 13.78 52.16
N ASP C 796 -62.60 14.71 53.09
CA ASP C 796 -63.46 15.88 53.19
C ASP C 796 -62.65 17.10 52.81
N PHE C 797 -62.60 17.39 51.52
CA PHE C 797 -61.79 18.48 51.00
C PHE C 797 -62.66 19.63 50.49
N GLY C 798 -63.79 19.88 51.12
CA GLY C 798 -64.65 20.97 50.73
C GLY C 798 -65.46 20.75 49.48
N GLY C 799 -65.55 19.52 48.99
CA GLY C 799 -66.26 19.21 47.78
C GLY C 799 -65.37 18.90 46.60
N PHE C 800 -64.07 19.13 46.72
CA PHE C 800 -63.14 18.81 45.65
C PHE C 800 -62.84 17.31 45.64
N ASN C 801 -62.79 16.73 44.46
CA ASN C 801 -62.60 15.29 44.29
C ASN C 801 -61.23 15.04 43.69
N PHE C 802 -60.34 14.42 44.46
CA PHE C 802 -58.98 14.14 44.03
C PHE C 802 -58.78 12.65 43.78
N SER C 803 -59.85 11.94 43.45
CA SER C 803 -59.78 10.49 43.37
C SER C 803 -59.05 9.99 42.13
N GLN C 804 -58.99 10.75 41.06
CA GLN C 804 -58.32 10.29 39.85
C GLN C 804 -56.84 10.56 39.85
N ILE C 805 -56.33 11.36 40.80
CA ILE C 805 -54.90 11.64 40.89
C ILE C 805 -54.30 11.10 42.17
N LEU C 806 -55.07 10.47 43.00
CA LEU C 806 -54.55 9.88 44.22
C LEU C 806 -54.31 8.39 44.02
N PRO C 807 -53.37 7.79 44.76
CA PRO C 807 -53.01 6.39 44.53
C PRO C 807 -54.18 5.43 44.58
N ASP C 808 -54.10 4.37 43.76
CA ASP C 808 -55.10 3.32 43.73
C ASP C 808 -54.58 2.09 44.44
N PRO C 809 -55.05 1.77 45.66
CA PRO C 809 -54.54 0.58 46.36
C PRO C 809 -54.99 -0.72 45.74
N SER C 810 -55.79 -0.69 44.68
CA SER C 810 -56.30 -1.90 44.05
C SER C 810 -55.37 -2.42 42.96
N LYS C 811 -54.25 -1.74 42.73
CA LYS C 811 -53.30 -2.14 41.71
C LYS C 811 -52.14 -2.88 42.36
N PRO C 812 -51.33 -3.61 41.59
CA PRO C 812 -50.07 -4.12 42.14
C PRO C 812 -49.16 -2.97 42.56
N SER C 813 -48.97 -2.02 41.66
CA SER C 813 -48.36 -0.74 42.01
C SER C 813 -49.40 0.13 42.70
N LYS C 814 -48.99 1.29 43.16
CA LYS C 814 -49.93 2.23 43.78
C LYS C 814 -50.02 3.47 42.89
N ARG C 815 -50.17 3.25 41.59
CA ARG C 815 -50.28 4.35 40.64
C ARG C 815 -51.71 4.85 40.57
N SER C 816 -51.85 6.12 40.23
CA SER C 816 -53.15 6.75 40.10
C SER C 816 -53.88 6.23 38.88
N PHE C 817 -55.08 6.76 38.66
CA PHE C 817 -55.77 6.49 37.41
C PHE C 817 -55.10 7.20 36.24
N ILE C 818 -54.81 8.49 36.41
CA ILE C 818 -54.17 9.26 35.35
C ILE C 818 -52.77 8.72 35.07
N GLU C 819 -52.06 8.29 36.10
CA GLU C 819 -50.72 7.75 35.88
C GLU C 819 -50.78 6.45 35.10
N ASP C 820 -51.81 5.64 35.31
CA ASP C 820 -51.97 4.44 34.50
C ASP C 820 -52.30 4.79 33.06
N LEU C 821 -53.18 5.76 32.84
CA LEU C 821 -53.47 6.16 31.47
C LEU C 821 -52.22 6.67 30.77
N LEU C 822 -51.36 7.38 31.50
CA LEU C 822 -50.12 7.88 30.91
C LEU C 822 -49.16 6.74 30.63
N PHE C 823 -49.12 5.73 31.50
CA PHE C 823 -48.15 4.66 31.38
C PHE C 823 -48.38 3.82 30.13
N ASN C 824 -49.59 3.77 29.63
CA ASN C 824 -49.92 2.94 28.48
C ASN C 824 -49.86 3.67 27.16
N LYS C 825 -49.48 4.95 27.16
CA LYS C 825 -49.36 5.72 25.93
C LYS C 825 -47.92 5.89 25.50
N VAL C 826 -46.96 5.30 26.23
CA VAL C 826 -45.55 5.34 25.87
C VAL C 826 -45.06 3.91 25.82
N THR C 827 -44.73 3.43 24.62
CA THR C 827 -44.27 2.07 24.42
C THR C 827 -42.74 2.05 24.46
N LEU C 828 -42.19 1.41 25.48
CA LEU C 828 -40.75 1.28 25.59
C LEU C 828 -40.23 0.19 24.65
N ALA C 829 -38.93 -0.08 24.74
CA ALA C 829 -38.33 -1.15 23.95
C ALA C 829 -37.83 -2.29 24.82
N ASP C 830 -37.69 -2.06 26.12
CA ASP C 830 -37.19 -3.06 27.06
C ASP C 830 -38.23 -3.29 28.15
N ALA C 831 -39.01 -4.36 28.01
CA ALA C 831 -39.93 -4.77 29.07
C ALA C 831 -39.15 -5.61 30.08
N GLY C 832 -38.47 -4.93 30.98
CA GLY C 832 -37.49 -5.57 31.86
C GLY C 832 -36.09 -5.42 31.32
N PHE C 833 -35.13 -5.92 32.10
CA PHE C 833 -33.73 -5.81 31.70
C PHE C 833 -32.97 -7.11 31.88
N ILE C 834 -33.65 -8.25 31.90
CA ILE C 834 -32.99 -9.55 31.97
C ILE C 834 -33.42 -10.35 30.74
N LYS C 835 -32.58 -10.34 29.71
CA LYS C 835 -32.78 -11.16 28.52
C LYS C 835 -31.67 -12.19 28.48
N GLN C 836 -32.01 -13.44 28.79
CA GLN C 836 -31.00 -14.47 29.00
C GLN C 836 -30.43 -14.95 27.67
N TYR C 837 -29.23 -15.54 27.75
CA TYR C 837 -28.59 -16.08 26.57
C TYR C 837 -29.43 -17.18 25.92
N GLY C 838 -29.89 -18.13 26.72
CA GLY C 838 -30.71 -19.21 26.17
C GLY C 838 -32.01 -18.76 25.58
N ASP C 839 -32.44 -17.52 25.85
CA ASP C 839 -33.75 -17.08 25.41
C ASP C 839 -33.74 -16.67 23.94
N CYS C 840 -32.65 -16.08 23.46
CA CYS C 840 -32.44 -15.91 22.03
C CYS C 840 -31.20 -16.68 21.61
N LEU C 841 -31.38 -17.96 21.34
CA LEU C 841 -30.31 -18.83 20.88
C LEU C 841 -30.79 -19.55 19.63
N GLY C 842 -30.23 -19.16 18.48
CA GLY C 842 -30.68 -19.65 17.20
C GLY C 842 -30.88 -18.52 16.22
N ASP C 843 -32.00 -18.56 15.51
CA ASP C 843 -32.36 -17.48 14.60
C ASP C 843 -33.20 -16.41 15.27
N ILE C 844 -33.53 -16.59 16.55
CA ILE C 844 -34.18 -15.53 17.30
C ILE C 844 -33.29 -14.29 17.36
N ALA C 845 -31.97 -14.50 17.36
CA ALA C 845 -31.04 -13.39 17.19
C ALA C 845 -31.14 -12.85 15.77
N ALA C 846 -30.84 -11.56 15.62
CA ALA C 846 -30.90 -10.86 14.34
C ALA C 846 -32.31 -10.89 13.75
N ARG C 847 -33.29 -11.15 14.63
CA ARG C 847 -34.69 -10.97 14.30
C ARG C 847 -35.34 -10.24 15.46
N ASP C 848 -34.73 -10.36 16.63
CA ASP C 848 -35.03 -9.52 17.77
C ASP C 848 -33.94 -8.47 17.87
N LEU C 849 -34.31 -7.20 17.79
CA LEU C 849 -33.31 -6.14 17.71
C LEU C 849 -32.47 -6.07 18.97
N ILE C 850 -33.03 -6.45 20.11
CA ILE C 850 -32.29 -6.31 21.37
C ILE C 850 -31.19 -7.35 21.47
N CYS C 851 -31.44 -8.57 21.00
CA CYS C 851 -30.37 -9.57 20.97
C CYS C 851 -29.33 -9.22 19.92
N ALA C 852 -29.75 -8.62 18.80
CA ALA C 852 -28.78 -8.12 17.84
C ALA C 852 -27.88 -7.06 18.45
N GLN C 853 -28.44 -6.19 19.28
CA GLN C 853 -27.62 -5.19 19.95
C GLN C 853 -26.71 -5.82 20.99
N LYS C 854 -27.22 -6.81 21.72
CA LYS C 854 -26.46 -7.41 22.79
C LYS C 854 -25.31 -8.27 22.30
N PHE C 855 -25.48 -8.96 21.18
CA PHE C 855 -24.41 -9.76 20.63
C PHE C 855 -23.28 -8.92 20.09
N ASN C 856 -23.47 -7.61 19.96
CA ASN C 856 -22.44 -6.70 19.46
C ASN C 856 -21.91 -5.78 20.55
N GLY C 857 -22.23 -6.04 21.81
CA GLY C 857 -21.63 -5.33 22.91
C GLY C 857 -22.36 -4.09 23.37
N LEU C 858 -23.63 -3.93 23.01
CA LEU C 858 -24.39 -2.72 23.35
C LEU C 858 -25.41 -3.07 24.43
N THR C 859 -25.20 -2.54 25.63
CA THR C 859 -26.00 -2.88 26.80
C THR C 859 -26.82 -1.68 27.24
N VAL C 860 -27.99 -1.95 27.80
CA VAL C 860 -28.84 -0.92 28.39
C VAL C 860 -28.97 -1.21 29.88
N LEU C 861 -28.64 -0.24 30.71
CA LEU C 861 -28.65 -0.46 32.16
C LEU C 861 -29.95 0.06 32.76
N PRO C 862 -30.43 -0.53 33.84
CA PRO C 862 -31.71 -0.13 34.42
C PRO C 862 -31.56 1.11 35.29
N PRO C 863 -32.60 1.92 35.39
CA PRO C 863 -32.53 3.12 36.23
C PRO C 863 -32.48 2.75 37.71
N LEU C 864 -31.94 3.68 38.51
CA LEU C 864 -31.78 3.43 39.93
C LEU C 864 -33.12 3.40 40.66
N LEU C 865 -34.01 4.33 40.35
CA LEU C 865 -35.32 4.38 40.97
C LEU C 865 -36.32 3.65 40.09
N THR C 866 -36.98 2.65 40.66
CA THR C 866 -38.03 1.95 39.95
C THR C 866 -39.23 2.89 39.77
N ASP C 867 -40.18 2.44 38.95
CA ASP C 867 -41.37 3.25 38.71
C ASP C 867 -42.25 3.36 39.94
N GLU C 868 -42.23 2.34 40.79
CA GLU C 868 -43.01 2.39 42.01
C GLU C 868 -42.45 3.42 42.98
N MET C 869 -41.13 3.57 43.03
CA MET C 869 -40.54 4.58 43.90
C MET C 869 -40.91 5.99 43.43
N ILE C 870 -40.92 6.21 42.12
CA ILE C 870 -41.29 7.51 41.60
C ILE C 870 -42.77 7.78 41.86
N ALA C 871 -43.61 6.74 41.75
CA ALA C 871 -45.02 6.91 42.09
C ALA C 871 -45.19 7.24 43.56
N GLN C 872 -44.38 6.64 44.43
CA GLN C 872 -44.42 6.98 45.85
C GLN C 872 -44.05 8.44 46.09
N TYR C 873 -43.03 8.91 45.39
CA TYR C 873 -42.63 10.30 45.55
C TYR C 873 -43.73 11.26 45.13
N THR C 874 -44.35 11.01 43.96
CA THR C 874 -45.42 11.91 43.53
C THR C 874 -46.63 11.83 44.45
N SER C 875 -46.89 10.65 45.01
CA SER C 875 -47.97 10.51 45.97
C SER C 875 -47.70 11.34 47.22
N ALA C 876 -46.46 11.31 47.72
CA ALA C 876 -46.14 12.13 48.88
C ALA C 876 -46.28 13.62 48.57
N LEU C 877 -45.85 14.04 47.39
CA LEU C 877 -46.01 15.44 47.02
C LEU C 877 -47.48 15.85 46.98
N LEU C 878 -48.33 15.01 46.39
CA LEU C 878 -49.76 15.32 46.32
C LEU C 878 -50.38 15.38 47.71
N ALA C 879 -50.09 14.40 48.56
CA ALA C 879 -50.66 14.40 49.90
C ALA C 879 -50.24 15.64 50.67
N GLY C 880 -48.96 15.98 50.60
CA GLY C 880 -48.50 17.18 51.28
C GLY C 880 -49.19 18.43 50.77
N THR C 881 -49.36 18.53 49.45
CA THR C 881 -49.88 19.77 48.90
C THR C 881 -51.37 19.92 49.13
N ILE C 882 -52.10 18.82 49.29
CA ILE C 882 -53.54 18.97 49.53
C ILE C 882 -53.89 18.97 51.00
N THR C 883 -52.99 18.57 51.89
CA THR C 883 -53.29 18.67 53.31
C THR C 883 -52.50 19.75 54.02
N SER C 884 -51.56 20.41 53.36
CA SER C 884 -50.72 21.40 54.04
C SER C 884 -50.53 22.67 53.24
N GLY C 885 -51.05 22.76 52.03
CA GLY C 885 -50.83 23.95 51.23
C GLY C 885 -49.40 24.06 50.78
N TRP C 886 -48.78 25.20 51.04
CA TRP C 886 -47.40 25.43 50.64
C TRP C 886 -46.45 25.45 51.81
N THR C 887 -46.84 24.91 52.96
CA THR C 887 -46.00 25.00 54.14
C THR C 887 -45.03 23.84 54.23
N PHE C 888 -45.34 22.71 53.63
CA PHE C 888 -44.44 21.57 53.71
C PHE C 888 -43.20 21.75 52.84
N GLY C 889 -43.20 22.74 51.95
CA GLY C 889 -42.02 23.04 51.18
C GLY C 889 -41.07 24.02 51.83
N ALA C 890 -41.45 24.60 52.96
CA ALA C 890 -40.64 25.58 53.66
C ALA C 890 -40.23 25.15 55.05
N GLY C 891 -40.67 23.98 55.49
CA GLY C 891 -40.40 23.52 56.83
C GLY C 891 -41.24 22.30 57.18
N ALA C 892 -41.90 22.34 58.33
CA ALA C 892 -42.78 21.26 58.75
C ALA C 892 -44.18 21.50 58.18
N ALA C 893 -44.84 20.42 57.81
CA ALA C 893 -46.17 20.52 57.25
C ALA C 893 -47.17 20.96 58.32
N LEU C 894 -47.90 22.03 58.05
CA LEU C 894 -48.90 22.58 58.95
C LEU C 894 -50.26 22.42 58.29
N GLN C 895 -51.12 21.61 58.90
CA GLN C 895 -52.41 21.32 58.29
C GLN C 895 -53.27 22.57 58.20
N ILE C 896 -54.22 22.54 57.28
CA ILE C 896 -55.16 23.63 57.08
C ILE C 896 -56.31 23.09 56.23
N PRO C 897 -57.56 23.43 56.53
CA PRO C 897 -58.67 22.95 55.70
C PRO C 897 -58.51 23.40 54.26
N PHE C 898 -58.97 22.55 53.35
CA PHE C 898 -58.68 22.80 51.94
C PHE C 898 -59.38 24.04 51.42
N ALA C 899 -60.59 24.32 51.90
CA ALA C 899 -61.29 25.51 51.44
C ALA C 899 -60.58 26.78 51.90
N MET C 900 -60.01 26.78 53.10
CA MET C 900 -59.29 27.96 53.55
C MET C 900 -57.97 28.13 52.80
N GLN C 901 -57.34 27.02 52.42
CA GLN C 901 -56.16 27.10 51.57
C GLN C 901 -56.51 27.66 50.20
N MET C 902 -57.64 27.25 49.64
CA MET C 902 -58.09 27.79 48.37
C MET C 902 -58.41 29.28 48.49
N ALA C 903 -58.92 29.70 49.64
CA ALA C 903 -59.16 31.13 49.85
C ALA C 903 -57.85 31.91 49.91
N TYR C 904 -56.83 31.36 50.57
CA TYR C 904 -55.51 31.97 50.53
C TYR C 904 -55.01 32.11 49.11
N ARG C 905 -55.21 31.08 48.29
CA ARG C 905 -54.72 31.14 46.93
C ARG C 905 -55.52 32.11 46.08
N PHE C 906 -56.80 32.30 46.39
CA PHE C 906 -57.57 33.35 45.72
C PHE C 906 -57.08 34.72 46.10
N ASN C 907 -56.71 34.92 47.36
CA ASN C 907 -56.08 36.17 47.77
C ASN C 907 -54.82 36.44 46.98
N GLY C 908 -54.05 35.40 46.69
CA GLY C 908 -52.79 35.58 46.00
C GLY C 908 -52.88 36.08 44.59
N ILE C 909 -54.05 36.03 43.96
CA ILE C 909 -54.21 36.52 42.60
C ILE C 909 -55.05 37.79 42.53
N GLY C 910 -55.40 38.37 43.67
CA GLY C 910 -56.10 39.63 43.69
C GLY C 910 -57.61 39.52 43.75
N VAL C 911 -58.13 38.47 44.35
CA VAL C 911 -59.56 38.28 44.52
C VAL C 911 -59.81 38.03 46.00
N THR C 912 -60.84 38.68 46.55
CA THR C 912 -61.11 38.55 47.97
C THR C 912 -61.62 37.15 48.30
N GLN C 913 -61.54 36.78 49.58
CA GLN C 913 -61.86 35.42 49.98
C GLN C 913 -63.34 35.14 49.90
N ASN C 914 -64.17 36.14 50.15
CA ASN C 914 -65.61 35.91 50.09
C ASN C 914 -66.06 35.47 48.70
N VAL C 915 -65.28 35.79 47.67
CA VAL C 915 -65.60 35.33 46.33
C VAL C 915 -65.48 33.80 46.27
N LEU C 916 -64.52 33.24 47.00
CA LEU C 916 -64.43 31.79 47.08
C LEU C 916 -65.51 31.22 47.97
N TYR C 917 -65.65 31.75 49.18
CA TYR C 917 -66.55 31.15 50.15
C TYR C 917 -68.00 31.23 49.69
N GLU C 918 -68.35 32.22 48.88
CA GLU C 918 -69.74 32.34 48.43
C GLU C 918 -70.00 31.54 47.17
N ASN C 919 -68.95 31.10 46.47
CA ASN C 919 -69.10 30.30 45.26
C ASN C 919 -68.42 28.94 45.39
N GLN C 920 -68.44 28.34 46.57
CA GLN C 920 -67.61 27.17 46.80
C GLN C 920 -68.09 25.97 46.00
N LYS C 921 -69.40 25.75 45.94
CA LYS C 921 -69.92 24.60 45.21
C LYS C 921 -69.66 24.73 43.72
N LEU C 922 -69.85 25.92 43.17
CA LEU C 922 -69.59 26.13 41.75
C LEU C 922 -68.13 25.87 41.42
N ILE C 923 -67.23 26.33 42.28
CA ILE C 923 -65.80 26.14 42.04
C ILE C 923 -65.41 24.68 42.14
N ALA C 924 -65.94 23.97 43.14
CA ALA C 924 -65.66 22.54 43.25
C ALA C 924 -66.18 21.78 42.05
N ASN C 925 -67.36 22.13 41.56
CA ASN C 925 -67.90 21.45 40.39
C ASN C 925 -67.07 21.73 39.15
N GLN C 926 -66.63 22.97 38.97
CA GLN C 926 -65.81 23.29 37.81
C GLN C 926 -64.48 22.52 37.86
N PHE C 927 -63.88 22.42 39.04
CA PHE C 927 -62.64 21.68 39.17
C PHE C 927 -62.84 20.20 38.85
N ASN C 928 -63.90 19.60 39.40
CA ASN C 928 -64.16 18.19 39.14
C ASN C 928 -64.42 17.94 37.65
N SER C 929 -65.17 18.82 37.01
CA SER C 929 -65.42 18.67 35.57
C SER C 929 -64.14 18.79 34.76
N ALA C 930 -63.25 19.72 35.14
CA ALA C 930 -62.02 19.88 34.39
C ALA C 930 -61.11 18.66 34.54
N ILE C 931 -61.05 18.08 35.73
CA ILE C 931 -60.25 16.87 35.90
C ILE C 931 -60.84 15.72 35.09
N GLY C 932 -62.16 15.59 35.09
CA GLY C 932 -62.79 14.58 34.25
C GLY C 932 -62.46 14.77 32.79
N LYS C 933 -62.40 16.02 32.34
CA LYS C 933 -62.08 16.30 30.94
C LYS C 933 -60.67 15.81 30.58
N ILE C 934 -59.75 15.94 31.53
CA ILE C 934 -58.36 15.51 31.31
C ILE C 934 -58.33 14.00 31.05
N GLN C 935 -58.76 13.24 32.04
CA GLN C 935 -58.80 11.78 31.93
C GLN C 935 -59.43 11.41 30.60
N ASP C 936 -60.61 11.97 30.34
CA ASP C 936 -61.33 11.73 29.10
C ASP C 936 -60.36 11.87 27.93
N SER C 937 -60.00 13.12 27.63
CA SER C 937 -59.08 13.42 26.54
C SER C 937 -57.95 12.42 26.41
N LEU C 938 -57.28 12.15 27.52
CA LEU C 938 -56.17 11.20 27.51
C LEU C 938 -56.63 9.83 27.02
N SER C 939 -57.37 9.12 27.87
CA SER C 939 -57.86 7.80 27.53
C SER C 939 -58.42 7.74 26.11
N SER C 940 -58.75 8.91 25.57
CA SER C 940 -59.27 9.00 24.22
C SER C 940 -58.12 8.97 23.22
N THR C 941 -57.51 10.13 23.01
CA THR C 941 -56.39 10.26 22.08
C THR C 941 -56.14 11.73 21.73
N ALA C 944 -51.50 13.32 22.83
CA ALA C 944 -50.61 12.21 23.13
C ALA C 944 -49.33 12.72 23.79
N LEU C 945 -48.48 11.77 24.20
CA LEU C 945 -47.21 12.11 24.82
C LEU C 945 -46.08 12.01 23.80
N GLY C 946 -46.12 12.87 22.78
CA GLY C 946 -45.13 12.78 21.73
C GLY C 946 -43.74 13.13 22.21
N LYS C 947 -43.64 14.10 23.11
CA LYS C 947 -42.33 14.55 23.57
C LYS C 947 -41.62 13.49 24.39
N LEU C 948 -42.37 12.60 25.03
CA LEU C 948 -41.78 11.51 25.78
C LEU C 948 -41.49 10.29 24.92
N GLN C 949 -42.23 10.12 23.83
CA GLN C 949 -41.97 9.01 22.92
C GLN C 949 -40.81 9.29 22.00
N ASP C 950 -40.56 10.56 21.67
CA ASP C 950 -39.44 10.89 20.82
C ASP C 950 -38.11 10.53 21.45
N VAL C 951 -37.99 10.61 22.77
CA VAL C 951 -36.74 10.24 23.44
C VAL C 951 -36.46 8.76 23.24
N VAL C 952 -37.45 7.92 23.52
CA VAL C 952 -37.31 6.48 23.32
C VAL C 952 -36.98 6.16 21.88
N ASN C 953 -37.69 6.79 20.95
CA ASN C 953 -37.46 6.53 19.54
C ASN C 953 -36.06 6.90 19.14
N GLN C 954 -35.56 8.05 19.60
CA GLN C 954 -34.23 8.49 19.22
C GLN C 954 -33.16 7.55 19.75
N ASN C 955 -33.27 7.13 21.00
CA ASN C 955 -32.26 6.23 21.54
C ASN C 955 -32.26 4.89 20.81
N ALA C 956 -33.45 4.33 20.56
CA ALA C 956 -33.52 3.07 19.84
C ALA C 956 -32.94 3.20 18.44
N GLN C 957 -33.25 4.29 17.74
CA GLN C 957 -32.74 4.47 16.39
C GLN C 957 -31.22 4.61 16.40
N ALA C 958 -30.67 5.28 17.40
CA ALA C 958 -29.22 5.42 17.46
C ALA C 958 -28.55 4.05 17.63
N LEU C 959 -29.08 3.23 18.53
CA LEU C 959 -28.47 1.91 18.72
C LEU C 959 -28.59 1.06 17.46
N ASN C 960 -29.75 1.10 16.81
CA ASN C 960 -29.91 0.27 15.62
C ASN C 960 -29.03 0.76 14.48
N THR C 961 -28.83 2.07 14.36
CA THR C 961 -27.90 2.57 13.36
C THR C 961 -26.48 2.09 13.63
N LEU C 962 -26.08 2.07 14.90
CA LEU C 962 -24.79 1.48 15.23
C LEU C 962 -24.70 0.05 14.73
N VAL C 963 -25.76 -0.73 14.92
CA VAL C 963 -25.69 -2.13 14.53
C VAL C 963 -25.58 -2.27 13.01
N LYS C 964 -26.39 -1.53 12.26
CA LYS C 964 -26.28 -1.67 10.80
C LYS C 964 -24.99 -1.09 10.25
N GLN C 965 -24.34 -0.19 10.97
CA GLN C 965 -23.08 0.29 10.40
C GLN C 965 -21.98 -0.71 10.47
N LEU C 966 -22.22 -1.96 10.86
CA LEU C 966 -21.21 -3.00 10.83
C LEU C 966 -21.13 -3.68 9.47
N SER C 967 -21.82 -3.15 8.46
CA SER C 967 -21.84 -3.71 7.13
C SER C 967 -21.04 -2.87 6.15
N SER C 968 -20.24 -1.95 6.66
CA SER C 968 -19.46 -1.06 5.81
C SER C 968 -18.06 -1.60 5.66
N ASN C 969 -17.52 -1.50 4.45
CA ASN C 969 -16.18 -1.96 4.18
C ASN C 969 -15.14 -0.95 4.64
N PHE C 970 -15.48 0.33 4.62
CA PHE C 970 -14.55 1.41 4.93
C PHE C 970 -13.34 1.40 4.03
N GLY C 971 -13.47 0.84 2.83
CA GLY C 971 -12.35 0.77 1.91
C GLY C 971 -11.56 -0.52 1.97
N ALA C 972 -12.06 -1.52 2.68
CA ALA C 972 -11.41 -2.82 2.76
C ALA C 972 -12.03 -3.74 1.70
N ILE C 973 -11.59 -5.00 1.65
CA ILE C 973 -12.11 -5.93 0.66
C ILE C 973 -13.42 -6.56 1.08
N SER C 974 -13.72 -6.57 2.37
CA SER C 974 -14.97 -7.12 2.88
C SER C 974 -15.22 -6.50 4.24
N SER C 975 -16.43 -6.72 4.77
CA SER C 975 -16.79 -6.18 6.07
C SER C 975 -16.85 -7.27 7.13
N VAL C 976 -16.40 -8.48 6.81
CA VAL C 976 -16.39 -9.59 7.75
C VAL C 976 -14.94 -9.91 8.09
N LEU C 977 -14.64 -10.03 9.38
CA LEU C 977 -13.27 -10.34 9.77
C LEU C 977 -12.91 -11.77 9.40
N ASN C 978 -13.90 -12.64 9.28
CA ASN C 978 -13.59 -14.04 9.02
C ASN C 978 -13.35 -14.31 7.54
N ASP C 979 -13.84 -13.45 6.65
CA ASP C 979 -13.47 -13.54 5.25
C ASP C 979 -12.10 -12.96 5.00
N ILE C 980 -11.66 -12.01 5.83
CA ILE C 980 -10.31 -11.50 5.67
C ILE C 980 -9.30 -12.45 6.28
N LEU C 981 -9.57 -12.93 7.50
CA LEU C 981 -8.59 -13.74 8.21
C LEU C 981 -8.43 -15.10 7.56
N SER C 982 -9.42 -15.53 6.81
CA SER C 982 -9.32 -16.71 5.97
C SER C 982 -9.35 -16.31 4.51
N ARG C 983 -8.35 -16.75 3.73
CA ARG C 983 -7.91 -16.23 2.42
C ARG C 983 -6.85 -15.13 2.50
N LEU C 984 -6.42 -14.72 3.68
CA LEU C 984 -5.31 -13.78 3.76
C LEU C 984 -4.45 -14.11 4.97
N ASP C 985 -3.15 -13.91 4.84
CA ASP C 985 -2.20 -14.23 5.89
C ASP C 985 -1.85 -12.98 6.69
N PRO C 986 -1.32 -13.14 7.90
CA PRO C 986 -1.31 -12.04 8.88
C PRO C 986 -0.84 -10.71 8.32
N PRO C 987 0.39 -10.61 7.79
CA PRO C 987 0.93 -9.27 7.50
C PRO C 987 0.15 -8.49 6.47
N GLU C 988 -0.53 -9.17 5.55
CA GLU C 988 -1.29 -8.49 4.52
C GLU C 988 -2.80 -8.53 4.78
N ALA C 989 -3.23 -9.25 5.82
CA ALA C 989 -4.57 -9.07 6.35
C ALA C 989 -4.64 -7.92 7.34
N GLU C 990 -3.50 -7.55 7.92
CA GLU C 990 -3.46 -6.47 8.91
C GLU C 990 -3.88 -5.13 8.30
N VAL C 991 -3.61 -4.92 7.02
CA VAL C 991 -4.02 -3.66 6.40
C VAL C 991 -5.53 -3.55 6.36
N GLN C 992 -6.20 -4.63 5.95
CA GLN C 992 -7.65 -4.64 5.91
C GLN C 992 -8.25 -4.51 7.30
N ILE C 993 -7.69 -5.25 8.25
CA ILE C 993 -8.21 -5.18 9.61
C ILE C 993 -8.01 -3.79 10.18
N ASP C 994 -6.93 -3.11 9.80
CA ASP C 994 -6.72 -1.74 10.23
C ASP C 994 -7.78 -0.81 9.68
N ARG C 995 -8.12 -0.97 8.40
CA ARG C 995 -9.19 -0.15 7.83
C ARG C 995 -10.50 -0.36 8.59
N LEU C 996 -10.85 -1.62 8.85
CA LEU C 996 -12.09 -1.90 9.57
C LEU C 996 -12.06 -1.30 10.97
N ILE C 997 -10.92 -1.43 11.66
CA ILE C 997 -10.81 -0.92 13.03
C ILE C 997 -11.02 0.59 13.04
N THR C 998 -10.37 1.30 12.12
CA THR C 998 -10.53 2.74 12.07
C THR C 998 -11.98 3.14 11.81
N GLY C 999 -12.62 2.50 10.83
CA GLY C 999 -14.01 2.82 10.56
C GLY C 999 -14.91 2.62 11.76
N ARG C 1000 -14.80 1.45 12.41
CA ARG C 1000 -15.70 1.15 13.50
C ARG C 1000 -15.43 2.03 14.72
N LEU C 1001 -14.17 2.38 14.96
CA LEU C 1001 -13.86 3.33 16.02
C LEU C 1001 -14.53 4.67 15.78
N GLN C 1002 -14.48 5.17 14.55
CA GLN C 1002 -15.10 6.47 14.31
C GLN C 1002 -16.61 6.38 14.40
N SER C 1003 -17.19 5.22 14.07
CA SER C 1003 -18.62 5.03 14.29
C SER C 1003 -18.99 5.16 15.76
N LEU C 1004 -18.24 4.47 16.63
CA LEU C 1004 -18.48 4.59 18.06
C LEU C 1004 -18.32 6.03 18.53
N GLN C 1005 -17.31 6.72 18.00
CA GLN C 1005 -17.07 8.11 18.41
C GLN C 1005 -18.25 9.00 18.05
N THR C 1006 -18.77 8.84 16.85
CA THR C 1006 -19.93 9.63 16.44
C THR C 1006 -21.12 9.38 17.36
N TYR C 1007 -21.36 8.11 17.68
CA TYR C 1007 -22.46 7.79 18.59
C TYR C 1007 -22.30 8.49 19.92
N VAL C 1008 -21.10 8.40 20.51
CA VAL C 1008 -20.91 8.98 21.84
C VAL C 1008 -21.06 10.50 21.80
N THR C 1009 -20.57 11.14 20.75
CA THR C 1009 -20.70 12.59 20.67
C THR C 1009 -22.16 13.01 20.60
N GLN C 1010 -22.95 12.36 19.75
CA GLN C 1010 -24.35 12.74 19.65
C GLN C 1010 -25.10 12.42 20.94
N GLN C 1011 -24.70 11.37 21.65
CA GLN C 1011 -25.32 11.08 22.94
C GLN C 1011 -25.01 12.18 23.94
N LEU C 1012 -23.79 12.71 23.94
CA LEU C 1012 -23.46 13.80 24.84
C LEU C 1012 -24.30 15.03 24.56
N ILE C 1013 -24.47 15.35 23.27
CA ILE C 1013 -25.28 16.52 22.92
C ILE C 1013 -26.72 16.32 23.37
N ARG C 1014 -27.29 15.14 23.12
CA ARG C 1014 -28.67 14.90 23.55
C ARG C 1014 -28.80 14.94 25.07
N ALA C 1015 -27.78 14.46 25.79
CA ALA C 1015 -27.86 14.47 27.24
C ALA C 1015 -27.84 15.89 27.77
N ALA C 1016 -27.12 16.79 27.12
CA ALA C 1016 -27.16 18.19 27.53
C ALA C 1016 -28.58 18.75 27.42
N GLU C 1017 -29.27 18.43 26.33
CA GLU C 1017 -30.63 18.91 26.15
C GLU C 1017 -31.58 18.33 27.20
N ILE C 1018 -31.46 17.04 27.48
CA ILE C 1018 -32.30 16.43 28.50
C ILE C 1018 -31.98 17.03 29.87
N ARG C 1019 -30.72 17.39 30.12
CA ARG C 1019 -30.37 18.02 31.37
C ARG C 1019 -31.06 19.36 31.53
N ALA C 1020 -31.09 20.16 30.46
CA ALA C 1020 -31.81 21.42 30.52
C ALA C 1020 -33.29 21.20 30.80
N SER C 1021 -33.89 20.21 30.14
CA SER C 1021 -35.31 19.93 30.38
C SER C 1021 -35.57 19.50 31.82
N ALA C 1022 -34.69 18.68 32.38
CA ALA C 1022 -34.87 18.23 33.76
C ALA C 1022 -34.68 19.38 34.75
N ASN C 1023 -33.78 20.31 34.46
CA ASN C 1023 -33.65 21.47 35.33
C ASN C 1023 -34.91 22.32 35.30
N LEU C 1024 -35.48 22.50 34.11
CA LEU C 1024 -36.75 23.22 34.03
C LEU C 1024 -37.84 22.51 34.82
N ALA C 1025 -37.88 21.18 34.74
CA ALA C 1025 -38.91 20.44 35.47
C ALA C 1025 -38.72 20.55 36.97
N ALA C 1026 -37.48 20.58 37.45
CA ALA C 1026 -37.25 20.75 38.87
C ALA C 1026 -37.66 22.13 39.34
N THR C 1027 -37.38 23.16 38.54
CA THR C 1027 -37.82 24.50 38.88
C THR C 1027 -39.34 24.58 38.93
N LYS C 1028 -40.02 23.95 37.96
CA LYS C 1028 -41.48 23.97 37.97
C LYS C 1028 -42.03 23.21 39.15
N MET C 1029 -41.36 22.14 39.58
CA MET C 1029 -41.82 21.41 40.75
C MET C 1029 -41.70 22.25 42.01
N SER C 1030 -40.62 23.02 42.14
CA SER C 1030 -40.48 23.80 43.37
C SER C 1030 -41.36 25.03 43.36
N GLU C 1031 -41.62 25.61 42.18
CA GLU C 1031 -42.30 26.90 42.15
C GLU C 1031 -43.78 26.82 41.83
N CYS C 1032 -44.24 25.79 41.13
CA CYS C 1032 -45.67 25.67 40.86
C CYS C 1032 -46.36 24.69 41.79
N VAL C 1033 -45.69 23.63 42.21
CA VAL C 1033 -46.29 22.61 43.07
C VAL C 1033 -46.09 22.93 44.54
N LEU C 1034 -44.90 23.35 44.93
CA LEU C 1034 -44.60 23.66 46.32
C LEU C 1034 -44.91 25.10 46.68
N GLY C 1035 -45.52 25.86 45.79
CA GLY C 1035 -45.88 27.23 46.05
C GLY C 1035 -46.89 27.73 45.06
N GLN C 1036 -47.07 29.04 45.02
CA GLN C 1036 -47.92 29.69 44.05
C GLN C 1036 -47.11 30.74 43.32
N SER C 1037 -47.16 30.70 41.99
CA SER C 1037 -46.25 31.51 41.17
C SER C 1037 -46.96 32.75 40.67
N LYS C 1038 -46.21 33.87 40.65
CA LYS C 1038 -46.68 35.11 40.06
C LYS C 1038 -46.12 35.31 38.66
N ARG C 1039 -45.25 34.42 38.21
CA ARG C 1039 -44.66 34.53 36.88
C ARG C 1039 -45.69 34.17 35.83
N VAL C 1040 -45.85 35.03 34.85
CA VAL C 1040 -46.89 34.88 33.84
C VAL C 1040 -46.56 33.70 32.93
N ASP C 1041 -47.55 32.85 32.71
CA ASP C 1041 -47.46 31.70 31.80
C ASP C 1041 -46.38 30.72 32.19
N PHE C 1042 -45.93 30.74 33.44
CA PHE C 1042 -44.95 29.76 33.88
C PHE C 1042 -45.63 28.48 34.32
N CYS C 1043 -46.80 28.57 34.94
CA CYS C 1043 -47.53 27.41 35.42
C CYS C 1043 -48.91 27.40 34.79
N GLY C 1044 -48.97 27.57 33.48
CA GLY C 1044 -50.22 27.48 32.75
C GLY C 1044 -50.69 28.84 32.29
N LYS C 1045 -51.80 28.84 31.55
CA LYS C 1045 -52.41 30.06 31.04
C LYS C 1045 -53.52 30.50 31.96
N GLY C 1046 -53.45 31.74 32.44
CA GLY C 1046 -54.35 32.25 33.43
C GLY C 1046 -53.60 32.67 34.67
N TYR C 1047 -54.34 32.85 35.76
CA TYR C 1047 -53.73 33.13 37.05
C TYR C 1047 -53.55 31.84 37.81
N HIS C 1048 -52.31 31.51 38.12
CA HIS C 1048 -52.00 30.21 38.70
C HIS C 1048 -52.59 30.08 40.08
N LEU C 1049 -53.34 29.00 40.30
CA LEU C 1049 -53.85 28.65 41.62
C LEU C 1049 -53.03 27.53 42.26
N MET C 1050 -52.90 26.39 41.58
CA MET C 1050 -52.10 25.31 42.14
C MET C 1050 -51.68 24.36 41.03
N SER C 1051 -50.93 23.32 41.41
CA SER C 1051 -50.45 22.35 40.44
C SER C 1051 -50.29 21.00 41.11
N PHE C 1052 -50.44 19.94 40.32
CA PHE C 1052 -50.31 18.58 40.79
C PHE C 1052 -49.36 17.82 39.87
N PRO C 1053 -48.40 17.07 40.41
CA PRO C 1053 -47.52 16.28 39.56
C PRO C 1053 -48.00 14.85 39.38
N GLN C 1054 -47.71 14.31 38.20
CA GLN C 1054 -47.94 12.91 37.88
C GLN C 1054 -46.71 12.38 37.18
N SER C 1055 -46.34 11.14 37.45
CA SER C 1055 -45.16 10.57 36.84
C SER C 1055 -45.52 9.89 35.53
N ALA C 1056 -44.61 9.95 34.57
CA ALA C 1056 -44.81 9.34 33.27
C ALA C 1056 -43.51 8.66 32.87
N PRO C 1057 -43.55 7.73 31.92
CA PRO C 1057 -42.31 7.06 31.51
C PRO C 1057 -41.24 8.04 31.04
N HIS C 1058 -40.15 8.14 31.79
CA HIS C 1058 -39.04 9.03 31.51
C HIS C 1058 -39.42 10.50 31.61
N GLY C 1059 -40.45 10.84 32.37
CA GLY C 1059 -40.80 12.24 32.43
C GLY C 1059 -41.84 12.53 33.48
N VAL C 1060 -42.30 13.77 33.48
CA VAL C 1060 -43.29 14.24 34.44
C VAL C 1060 -44.38 15.00 33.71
N VAL C 1061 -45.58 14.96 34.26
CA VAL C 1061 -46.73 15.70 33.77
C VAL C 1061 -47.22 16.58 34.90
N PHE C 1062 -47.47 17.85 34.59
CA PHE C 1062 -48.02 18.79 35.55
C PHE C 1062 -49.45 19.11 35.17
N LEU C 1063 -50.36 19.04 36.12
CA LEU C 1063 -51.72 19.52 35.97
C LEU C 1063 -51.79 20.87 36.67
N HIS C 1064 -51.90 21.93 35.88
CA HIS C 1064 -51.94 23.30 36.38
C HIS C 1064 -53.39 23.74 36.49
N VAL C 1065 -53.79 24.12 37.69
CA VAL C 1065 -55.11 24.68 37.96
C VAL C 1065 -54.98 26.19 38.02
N THR C 1066 -55.66 26.88 37.11
CA THR C 1066 -55.59 28.32 36.96
C THR C 1066 -56.99 28.92 36.94
N TYR C 1067 -57.04 30.22 37.15
CA TYR C 1067 -58.28 31.00 37.25
C TYR C 1067 -58.38 31.89 36.03
N VAL C 1068 -59.45 31.77 35.27
CA VAL C 1068 -59.63 32.51 34.01
C VAL C 1068 -60.88 33.36 34.13
N PRO C 1069 -60.79 34.68 34.01
CA PRO C 1069 -61.98 35.51 34.09
C PRO C 1069 -62.91 35.30 32.91
N ALA C 1070 -64.19 35.63 33.09
CA ALA C 1070 -65.18 35.36 32.07
C ALA C 1070 -66.36 36.29 32.22
N GLN C 1071 -67.10 36.45 31.13
CA GLN C 1071 -68.32 37.26 31.08
C GLN C 1071 -68.08 38.69 31.52
N GLU C 1072 -67.23 39.40 30.78
CA GLU C 1072 -66.89 40.77 31.13
C GLU C 1072 -68.03 41.71 30.75
N LYS C 1073 -67.97 42.92 31.28
CA LYS C 1073 -69.01 43.90 31.07
C LYS C 1073 -68.38 45.28 31.01
N ASN C 1074 -68.98 46.16 30.21
CA ASN C 1074 -68.48 47.50 30.00
C ASN C 1074 -68.96 48.46 31.08
N PHE C 1075 -68.08 49.37 31.48
CA PHE C 1075 -68.41 50.40 32.45
C PHE C 1075 -67.68 51.67 32.09
N THR C 1076 -68.23 52.79 32.54
CA THR C 1076 -67.52 54.05 32.54
C THR C 1076 -66.67 54.14 33.78
N THR C 1077 -65.51 54.77 33.67
CA THR C 1077 -64.56 54.80 34.76
C THR C 1077 -63.98 56.19 34.90
N ALA C 1078 -63.26 56.41 36.00
CA ALA C 1078 -62.65 57.70 36.30
C ALA C 1078 -61.44 57.47 37.17
N PRO C 1079 -60.42 58.31 37.06
CA PRO C 1079 -59.23 58.14 37.91
C PRO C 1079 -59.45 58.55 39.35
N ALA C 1080 -60.24 59.60 39.59
CA ALA C 1080 -60.43 60.11 40.94
C ALA C 1080 -61.82 60.70 41.06
N ILE C 1081 -62.24 60.93 42.30
CA ILE C 1081 -63.55 61.51 42.62
C ILE C 1081 -63.30 62.78 43.40
N CYS C 1082 -64.02 63.84 43.05
CA CYS C 1082 -63.89 65.14 43.70
C CYS C 1082 -65.13 65.38 44.55
N HIS C 1083 -64.94 65.57 45.86
CA HIS C 1083 -66.06 65.74 46.75
C HIS C 1083 -66.13 67.11 47.40
N ASP C 1084 -65.09 67.54 48.11
CA ASP C 1084 -65.09 68.83 48.77
C ASP C 1084 -63.85 69.64 48.39
N GLY C 1085 -63.56 69.72 47.10
CA GLY C 1085 -62.34 70.34 46.67
C GLY C 1085 -61.16 69.45 47.00
N LYS C 1086 -61.42 68.17 47.20
CA LYS C 1086 -60.38 67.19 47.48
C LYS C 1086 -60.55 66.02 46.53
N ALA C 1087 -59.43 65.40 46.17
CA ALA C 1087 -59.42 64.28 45.24
C ALA C 1087 -59.30 62.98 46.03
N HIS C 1088 -60.16 62.02 45.72
CA HIS C 1088 -60.20 60.74 46.40
C HIS C 1088 -59.84 59.63 45.44
N PHE C 1089 -58.87 58.80 45.83
CA PHE C 1089 -58.44 57.68 45.02
C PHE C 1089 -58.81 56.38 45.70
N PRO C 1090 -59.13 55.33 44.95
CA PRO C 1090 -59.52 54.08 45.58
C PRO C 1090 -58.33 53.42 46.25
N ARG C 1091 -58.61 52.66 47.31
CA ARG C 1091 -57.52 52.01 48.03
C ARG C 1091 -57.04 50.78 47.30
N GLU C 1092 -57.94 49.84 47.01
CA GLU C 1092 -57.55 48.63 46.30
C GLU C 1092 -58.55 48.27 45.23
N GLY C 1093 -59.01 49.24 44.46
CA GLY C 1093 -60.04 48.98 43.49
C GLY C 1093 -60.00 49.95 42.35
N VAL C 1094 -61.16 50.14 41.75
CA VAL C 1094 -61.33 51.02 40.61
C VAL C 1094 -62.73 51.59 40.67
N PHE C 1095 -62.87 52.85 40.25
CA PHE C 1095 -64.16 53.53 40.22
C PHE C 1095 -64.90 53.19 38.93
N VAL C 1096 -66.12 52.68 39.05
CA VAL C 1096 -66.94 52.37 37.90
C VAL C 1096 -68.29 53.06 38.06
N SER C 1097 -69.06 53.06 36.98
CA SER C 1097 -70.37 53.68 36.98
C SER C 1097 -71.32 52.87 36.11
N ASN C 1098 -72.47 52.49 36.67
CA ASN C 1098 -73.46 51.72 35.92
C ASN C 1098 -74.25 52.59 34.96
N GLY C 1099 -73.85 53.84 34.79
CA GLY C 1099 -74.53 54.78 33.92
C GLY C 1099 -75.00 56.01 34.65
N THR C 1100 -75.48 55.84 35.88
CA THR C 1100 -75.95 56.96 36.69
C THR C 1100 -75.27 57.06 38.05
N HIS C 1101 -74.96 55.96 38.71
CA HIS C 1101 -74.33 55.98 40.02
C HIS C 1101 -72.90 55.49 39.92
N TRP C 1102 -72.09 55.88 40.91
CA TRP C 1102 -70.68 55.53 40.94
C TRP C 1102 -70.42 54.56 42.08
N PHE C 1103 -69.63 53.53 41.82
CA PHE C 1103 -69.23 52.55 42.81
C PHE C 1103 -67.74 52.35 42.72
N VAL C 1104 -67.19 51.64 43.71
CA VAL C 1104 -65.80 51.20 43.69
C VAL C 1104 -65.80 49.68 43.77
N THR C 1105 -65.05 49.04 42.88
CA THR C 1105 -65.01 47.59 42.82
C THR C 1105 -63.57 47.12 42.85
N GLN C 1106 -63.39 45.80 42.92
CA GLN C 1106 -62.09 45.20 42.76
C GLN C 1106 -61.86 44.90 41.30
N ARG C 1107 -60.58 44.83 40.91
CA ARG C 1107 -60.25 44.87 39.49
C ARG C 1107 -60.59 43.58 38.76
N ASN C 1108 -60.57 42.44 39.45
CA ASN C 1108 -60.66 41.16 38.79
C ASN C 1108 -62.03 40.50 38.91
N PHE C 1109 -62.98 41.14 39.57
CA PHE C 1109 -64.29 40.56 39.78
C PHE C 1109 -65.25 41.68 40.11
N TYR C 1110 -66.36 41.75 39.39
CA TYR C 1110 -67.30 42.85 39.56
C TYR C 1110 -68.07 42.66 40.85
N GLU C 1111 -67.80 43.53 41.82
CA GLU C 1111 -68.51 43.49 43.10
C GLU C 1111 -68.64 44.92 43.61
N PRO C 1112 -69.64 45.64 43.13
CA PRO C 1112 -69.69 47.08 43.37
C PRO C 1112 -70.06 47.42 44.80
N GLN C 1113 -69.49 48.52 45.29
CA GLN C 1113 -69.72 48.97 46.64
C GLN C 1113 -69.82 50.48 46.66
N ILE C 1114 -70.43 51.00 47.70
CA ILE C 1114 -70.64 52.43 47.84
C ILE C 1114 -69.32 53.09 48.22
N ILE C 1115 -69.03 54.23 47.60
CA ILE C 1115 -67.79 54.95 47.86
C ILE C 1115 -67.90 55.62 49.22
N THR C 1116 -67.04 55.23 50.15
CA THR C 1116 -67.00 55.84 51.47
C THR C 1116 -65.60 56.36 51.74
N THR C 1117 -65.35 56.79 52.97
CA THR C 1117 -64.02 57.23 53.38
C THR C 1117 -63.16 56.07 53.85
N ASP C 1118 -63.70 54.86 53.85
CA ASP C 1118 -62.94 53.65 54.17
C ASP C 1118 -62.49 52.92 52.92
N ASN C 1119 -63.09 53.25 51.77
CA ASN C 1119 -62.69 52.69 50.49
C ASN C 1119 -61.62 53.50 49.80
N THR C 1120 -61.50 54.78 50.13
CA THR C 1120 -60.69 55.71 49.37
C THR C 1120 -59.68 56.36 50.30
N PHE C 1121 -58.79 57.15 49.70
CA PHE C 1121 -57.91 58.01 50.47
C PHE C 1121 -57.77 59.33 49.73
N VAL C 1122 -57.46 60.36 50.47
CA VAL C 1122 -57.44 61.73 49.94
C VAL C 1122 -56.01 62.14 49.67
N SER C 1123 -55.82 62.91 48.60
CA SER C 1123 -54.52 63.48 48.30
C SER C 1123 -54.71 64.66 47.36
N GLY C 1124 -54.44 65.86 47.85
CA GLY C 1124 -54.48 67.04 47.01
C GLY C 1124 -55.87 67.58 46.79
N ASN C 1125 -55.97 68.49 45.84
CA ASN C 1125 -57.22 69.12 45.46
C ASN C 1125 -57.60 68.70 44.04
N CYS C 1126 -58.67 69.29 43.54
CA CYS C 1126 -59.30 68.79 42.32
C CYS C 1126 -58.84 69.52 41.06
N ASP C 1127 -57.59 69.99 41.04
CA ASP C 1127 -57.13 70.80 39.92
C ASP C 1127 -56.05 70.14 39.07
N VAL C 1128 -55.51 69.00 39.49
CA VAL C 1128 -54.38 68.40 38.80
C VAL C 1128 -54.75 67.13 38.05
N VAL C 1129 -55.59 66.29 38.60
CA VAL C 1129 -55.97 65.04 37.95
C VAL C 1129 -56.76 65.37 36.71
N ILE C 1130 -56.56 64.58 35.65
CA ILE C 1130 -57.08 64.93 34.34
C ILE C 1130 -58.56 64.60 34.19
N GLY C 1131 -58.94 63.36 34.44
CA GLY C 1131 -60.32 62.98 34.22
C GLY C 1131 -61.15 62.87 35.47
N ILE C 1132 -60.87 63.74 36.44
CA ILE C 1132 -61.58 63.69 37.72
C ILE C 1132 -63.06 64.02 37.50
N VAL C 1133 -63.92 63.38 38.29
CA VAL C 1133 -65.36 63.60 38.20
C VAL C 1133 -65.91 63.96 39.57
N ASN C 1134 -67.09 64.58 39.57
CA ASN C 1134 -67.75 65.04 40.77
C ASN C 1134 -68.71 63.98 41.27
N ASN C 1135 -68.58 63.62 42.54
CA ASN C 1135 -69.53 62.70 43.16
C ASN C 1135 -69.39 62.82 44.68
N THR C 1136 -70.29 62.14 45.39
CA THR C 1136 -70.35 62.21 46.84
C THR C 1136 -69.61 61.04 47.46
N VAL C 1137 -68.90 61.31 48.55
CA VAL C 1137 -68.17 60.30 49.28
C VAL C 1137 -68.78 60.20 50.66
N TYR C 1138 -69.49 59.09 50.91
CA TYR C 1138 -70.29 58.94 52.11
C TYR C 1138 -69.41 58.70 53.33
N ASP C 1139 -69.55 59.55 54.34
CA ASP C 1139 -68.83 59.41 55.59
C ASP C 1139 -69.67 58.61 56.57
N PRO C 1140 -69.21 57.45 57.03
CA PRO C 1140 -70.03 56.62 57.92
C PRO C 1140 -69.92 56.95 59.39
N LEU C 1141 -69.91 58.23 59.75
CA LEU C 1141 -69.80 58.59 61.16
C LEU C 1141 -70.90 59.55 61.58
N GLN C 1142 -71.22 60.51 60.72
CA GLN C 1142 -72.25 61.50 61.00
C GLN C 1142 -73.55 60.80 61.35
N PRO C 1143 -73.94 59.81 60.55
CA PRO C 1143 -75.17 59.06 60.81
C PRO C 1143 -75.15 58.54 62.24
N GLU C 1144 -73.95 58.27 62.74
CA GLU C 1144 -73.79 57.77 64.10
C GLU C 1144 -73.89 58.93 65.08
N LEU C 1145 -74.05 60.14 64.55
CA LEU C 1145 -74.17 61.33 65.36
C LEU C 1145 -75.44 62.09 65.00
N ASP C 1146 -76.35 61.42 64.30
CA ASP C 1146 -77.61 62.02 63.89
C ASP C 1146 -78.79 61.07 64.13
N GLU D 20 37.73 11.77 -35.89
CA GLU D 20 37.78 12.99 -35.10
C GLU D 20 37.96 14.20 -36.01
N VAL D 21 38.83 15.12 -35.57
CA VAL D 21 39.20 16.31 -36.34
C VAL D 21 40.47 15.99 -37.11
N GLN D 22 40.54 16.44 -38.36
CA GLN D 22 41.64 16.00 -39.21
C GLN D 22 41.94 17.03 -40.29
N LEU D 23 43.19 17.03 -40.72
CA LEU D 23 43.69 17.87 -41.80
C LEU D 23 44.55 17.01 -42.72
N VAL D 24 44.24 16.99 -44.01
CA VAL D 24 45.04 16.24 -44.97
C VAL D 24 45.57 17.21 -46.03
N GLU D 25 46.70 16.86 -46.62
CA GLU D 25 47.28 17.69 -47.67
C GLU D 25 47.51 16.86 -48.93
N SER D 26 47.78 17.58 -50.01
CA SER D 26 48.17 16.97 -51.27
C SER D 26 48.84 18.03 -52.14
N GLY D 27 49.53 17.56 -53.17
CA GLY D 27 50.08 18.43 -54.20
C GLY D 27 51.58 18.41 -54.36
N GLY D 28 52.35 17.85 -53.43
CA GLY D 28 53.79 17.93 -53.46
C GLY D 28 54.44 17.02 -54.49
N GLY D 29 55.75 16.84 -54.34
CA GLY D 29 56.48 16.03 -55.29
C GLY D 29 57.87 16.56 -55.61
N LEU D 30 58.16 16.65 -56.90
CA LEU D 30 59.45 17.13 -57.37
C LEU D 30 59.22 18.17 -58.46
N VAL D 31 59.91 19.28 -58.35
CA VAL D 31 59.76 20.38 -59.31
C VAL D 31 61.14 20.93 -59.64
N LYS D 32 61.45 21.05 -60.93
CA LYS D 32 62.66 21.73 -61.35
C LYS D 32 62.57 23.22 -61.06
N PRO D 33 63.66 23.87 -60.68
CA PRO D 33 63.56 25.26 -60.19
C PRO D 33 63.24 26.24 -61.30
N GLY D 34 62.56 27.32 -60.92
CA GLY D 34 62.00 28.25 -61.86
C GLY D 34 60.56 27.95 -62.25
N ARG D 35 59.95 26.92 -61.68
CA ARG D 35 58.59 26.51 -61.99
C ARG D 35 57.73 26.60 -60.75
N SER D 36 56.46 26.23 -60.90
CA SER D 36 55.45 26.48 -59.88
C SER D 36 54.82 25.17 -59.40
N LEU D 37 54.13 25.27 -58.26
CA LEU D 37 53.43 24.14 -57.65
C LEU D 37 52.25 24.70 -56.89
N ARG D 38 51.34 23.81 -56.48
CA ARG D 38 50.16 24.21 -55.74
C ARG D 38 49.87 23.15 -54.68
N LEU D 39 49.95 23.54 -53.41
CA LEU D 39 49.63 22.66 -52.30
C LEU D 39 48.20 22.92 -51.84
N SER D 40 47.46 21.83 -51.61
CA SER D 40 46.09 21.93 -51.12
C SER D 40 45.98 21.21 -49.80
N CYS D 41 45.05 21.68 -48.96
CA CYS D 41 44.82 21.13 -47.63
C CYS D 41 43.33 21.15 -47.34
N ALA D 42 42.80 20.00 -46.92
CA ALA D 42 41.38 19.80 -46.68
C ALA D 42 41.15 19.41 -45.23
N ALA D 43 40.19 20.06 -44.59
CA ALA D 43 39.89 19.87 -43.18
C ALA D 43 38.63 19.04 -43.01
N SER D 44 38.45 18.50 -41.81
CA SER D 44 37.26 17.74 -41.48
C SER D 44 37.02 17.75 -39.98
N GLY D 45 35.84 18.20 -39.58
CA GLY D 45 35.43 18.19 -38.19
C GLY D 45 35.47 19.51 -37.45
N PHE D 46 35.83 20.60 -38.12
CA PHE D 46 35.87 21.91 -37.50
C PHE D 46 34.64 22.71 -37.87
N THR D 47 34.64 23.95 -37.41
CA THR D 47 33.91 25.04 -38.04
C THR D 47 34.99 25.91 -38.65
N PHE D 48 35.20 25.75 -39.96
CA PHE D 48 36.39 26.27 -40.64
C PHE D 48 36.45 27.79 -40.67
N SER D 49 35.33 28.48 -40.53
CA SER D 49 35.33 29.92 -40.54
C SER D 49 35.69 30.53 -39.21
N ASP D 50 36.03 29.73 -38.20
CA ASP D 50 36.32 30.24 -36.86
C ASP D 50 37.80 30.13 -36.51
N TYR D 51 38.68 29.91 -37.49
CA TYR D 51 40.07 29.64 -37.17
C TYR D 51 40.98 30.25 -38.23
N TYR D 52 42.09 30.83 -37.78
CA TYR D 52 43.23 31.08 -38.66
C TYR D 52 43.81 29.75 -39.11
N MET D 53 44.39 29.75 -40.31
CA MET D 53 45.11 28.59 -40.80
C MET D 53 46.55 28.98 -41.12
N SER D 54 47.42 27.98 -41.16
CA SER D 54 48.83 28.26 -41.34
C SER D 54 49.50 27.15 -42.13
N TRP D 55 50.52 27.54 -42.89
CA TRP D 55 51.42 26.63 -43.58
C TRP D 55 52.79 26.73 -42.92
N ILE D 56 53.40 25.59 -42.61
CA ILE D 56 54.65 25.54 -41.85
C ILE D 56 55.60 24.55 -42.52
N ARG D 57 56.80 24.99 -42.85
CA ARG D 57 57.76 24.10 -43.48
C ARG D 57 58.72 23.50 -42.45
N GLN D 58 59.43 22.47 -42.88
CA GLN D 58 60.57 21.94 -42.13
C GLN D 58 61.59 21.43 -43.14
N ALA D 59 62.74 22.10 -43.20
CA ALA D 59 63.84 21.63 -44.02
C ALA D 59 64.45 20.38 -43.40
N PRO D 60 65.06 19.51 -44.20
CA PRO D 60 65.65 18.28 -43.64
C PRO D 60 66.87 18.58 -42.78
N GLY D 61 66.92 17.96 -41.61
CA GLY D 61 68.01 18.19 -40.68
C GLY D 61 67.98 19.56 -40.04
N LYS D 62 66.81 20.16 -39.88
CA LYS D 62 66.69 21.49 -39.31
C LYS D 62 65.45 21.53 -38.44
N GLY D 63 65.04 22.73 -38.05
CA GLY D 63 63.92 22.92 -37.16
C GLY D 63 62.67 23.43 -37.87
N LEU D 64 61.65 23.70 -37.05
CA LEU D 64 60.38 24.19 -37.54
C LEU D 64 60.45 25.67 -37.84
N GLU D 65 59.67 26.10 -38.83
CA GLU D 65 59.69 27.49 -39.28
C GLU D 65 58.37 27.78 -39.98
N TRP D 66 57.66 28.79 -39.52
CA TRP D 66 56.39 29.14 -40.13
C TRP D 66 56.61 29.76 -41.50
N VAL D 67 55.69 29.47 -42.40
CA VAL D 67 55.73 29.99 -43.76
C VAL D 67 54.63 31.02 -43.97
N SER D 68 53.40 30.72 -43.54
CA SER D 68 52.30 31.60 -43.86
C SER D 68 51.17 31.46 -42.84
N TYR D 69 50.48 32.58 -42.58
CA TYR D 69 49.28 32.65 -41.76
C TYR D 69 48.18 33.38 -42.49
N ILE D 70 46.94 32.93 -42.32
CA ILE D 70 45.80 33.63 -42.91
C ILE D 70 44.62 33.55 -41.94
N SER D 71 43.91 34.68 -41.81
CA SER D 71 42.71 34.79 -40.98
C SER D 71 41.49 34.36 -41.79
N SER D 72 40.34 34.35 -41.13
CA SER D 72 39.08 34.12 -41.82
C SER D 72 38.79 35.26 -42.78
N SER D 73 38.19 34.92 -43.91
CA SER D 73 37.88 35.79 -45.06
C SER D 73 39.11 36.38 -45.74
N GLY D 74 40.32 35.94 -45.37
CA GLY D 74 41.53 36.28 -46.10
C GLY D 74 41.96 37.73 -46.05
N SER D 75 41.50 38.49 -45.06
CA SER D 75 41.85 39.91 -45.03
C SER D 75 43.24 40.13 -44.47
N THR D 76 43.62 39.37 -43.44
CA THR D 76 44.90 39.53 -42.77
C THR D 76 45.79 38.36 -43.15
N ILE D 77 46.90 38.65 -43.83
CA ILE D 77 47.76 37.64 -44.44
C ILE D 77 49.20 37.92 -44.04
N TYR D 78 49.87 36.92 -43.47
CA TYR D 78 51.27 37.05 -43.09
C TYR D 78 52.10 36.04 -43.88
N TYR D 79 53.12 36.54 -44.58
CA TYR D 79 54.13 35.71 -45.21
C TYR D 79 55.42 35.81 -44.41
N ALA D 80 56.36 34.94 -44.74
CA ALA D 80 57.69 35.04 -44.16
C ALA D 80 58.56 35.93 -45.03
N ASP D 81 59.63 36.45 -44.43
CA ASP D 81 60.52 37.34 -45.17
C ASP D 81 61.32 36.61 -46.23
N SER D 82 61.49 35.30 -46.08
CA SER D 82 62.22 34.52 -47.05
C SER D 82 61.38 34.14 -48.26
N VAL D 83 60.08 34.38 -48.22
CA VAL D 83 59.19 33.76 -49.20
C VAL D 83 58.20 34.78 -49.77
N ARG D 84 58.24 36.01 -49.28
CA ARG D 84 57.26 37.02 -49.67
C ARG D 84 57.44 37.45 -51.12
N GLY D 85 56.32 37.61 -51.82
CA GLY D 85 56.34 37.95 -53.22
C GLY D 85 56.38 36.77 -54.16
N ARG D 86 56.50 35.54 -53.63
CA ARG D 86 56.53 34.34 -54.43
C ARG D 86 55.42 33.36 -54.11
N PHE D 87 54.92 33.32 -52.88
CA PHE D 87 53.91 32.35 -52.47
C PHE D 87 52.60 33.10 -52.23
N THR D 88 51.48 32.40 -52.44
CA THR D 88 50.17 33.02 -52.27
C THR D 88 49.23 32.06 -51.54
N ILE D 89 48.67 32.52 -50.41
CA ILE D 89 47.71 31.73 -49.65
C ILE D 89 46.32 31.99 -50.24
N SER D 90 45.42 31.04 -50.04
CA SER D 90 44.01 31.25 -50.32
C SER D 90 43.21 30.32 -49.41
N ARG D 91 41.99 30.75 -49.10
CA ARG D 91 41.05 29.96 -48.36
C ARG D 91 39.79 29.74 -49.17
N ASP D 92 39.05 28.71 -48.79
CA ASP D 92 37.67 28.55 -49.23
C ASP D 92 36.91 27.96 -48.04
N ASN D 93 36.13 28.80 -47.37
CA ASN D 93 35.40 28.35 -46.19
C ASN D 93 34.22 27.47 -46.54
N ALA D 94 33.68 27.59 -47.76
CA ALA D 94 32.60 26.70 -48.18
C ALA D 94 33.13 25.31 -48.47
N LYS D 95 34.25 25.21 -49.20
CA LYS D 95 34.85 23.93 -49.51
C LYS D 95 35.78 23.42 -48.41
N ASN D 96 36.02 24.24 -47.38
CA ASN D 96 36.88 23.93 -46.25
C ASN D 96 38.30 23.58 -46.71
N SER D 97 38.94 24.54 -47.39
CA SER D 97 40.19 24.25 -48.07
C SER D 97 41.18 25.41 -47.94
N LEU D 98 42.46 25.05 -47.94
CA LEU D 98 43.57 25.97 -47.81
C LEU D 98 44.58 25.71 -48.94
N TYR D 99 45.20 26.76 -49.43
CA TYR D 99 46.10 26.62 -50.58
C TYR D 99 47.45 27.30 -50.34
N LEU D 100 48.43 26.83 -51.11
CA LEU D 100 49.63 27.59 -51.45
C LEU D 100 49.81 27.53 -52.96
N GLN D 101 49.93 28.68 -53.59
CA GLN D 101 50.45 28.79 -54.94
C GLN D 101 51.91 29.19 -54.81
N MET D 102 52.82 28.26 -55.14
CA MET D 102 54.25 28.45 -54.98
C MET D 102 54.85 28.74 -56.34
N ASN D 103 55.31 29.96 -56.55
CA ASN D 103 55.81 30.41 -57.84
C ASN D 103 57.31 30.64 -57.80
N THR D 104 57.98 30.25 -58.90
CA THR D 104 59.42 30.42 -59.13
C THR D 104 60.24 29.79 -57.99
N LEU D 105 60.13 28.47 -57.91
CA LEU D 105 60.71 27.71 -56.83
C LEU D 105 62.24 27.75 -56.86
N ARG D 106 62.84 27.53 -55.70
CA ARG D 106 64.27 27.58 -55.51
C ARG D 106 64.73 26.33 -54.79
N ALA D 107 66.05 26.13 -54.73
CA ALA D 107 66.60 24.92 -54.15
C ALA D 107 66.56 24.91 -52.62
N GLU D 108 66.18 26.00 -51.98
CA GLU D 108 66.04 26.00 -50.54
C GLU D 108 64.60 25.76 -50.10
N ASP D 109 63.70 25.43 -51.02
CA ASP D 109 62.33 25.10 -50.70
C ASP D 109 62.09 23.60 -50.61
N THR D 110 63.15 22.80 -50.61
CA THR D 110 63.03 21.35 -50.43
C THR D 110 62.74 21.08 -48.96
N ALA D 111 61.49 20.72 -48.66
CA ALA D 111 61.08 20.65 -47.26
C ALA D 111 59.83 19.79 -47.14
N VAL D 112 59.54 19.39 -45.90
CA VAL D 112 58.27 18.76 -45.54
C VAL D 112 57.34 19.85 -45.03
N TYR D 113 56.17 19.96 -45.64
CA TYR D 113 55.22 21.02 -45.36
C TYR D 113 54.06 20.50 -44.54
N TYR D 114 53.52 21.36 -43.68
CA TYR D 114 52.46 21.00 -42.74
C TYR D 114 51.35 22.03 -42.81
N CYS D 115 50.12 21.53 -42.91
CA CYS D 115 48.93 22.33 -42.66
C CYS D 115 48.69 22.35 -41.16
N ALA D 116 48.44 23.51 -40.60
CA ALA D 116 48.21 23.59 -39.17
C ALA D 116 47.09 24.58 -38.86
N ARG D 117 46.31 24.25 -37.84
CA ARG D 117 45.27 25.13 -37.33
C ARG D 117 45.69 25.58 -35.94
N GLY D 118 45.69 26.90 -35.73
CA GLY D 118 45.95 27.42 -34.40
C GLY D 118 45.14 28.65 -34.10
N GLY D 119 44.09 28.90 -34.86
CA GLY D 119 43.49 30.21 -34.86
C GLY D 119 42.65 30.63 -33.69
N TRP D 120 41.45 30.02 -33.56
CA TRP D 120 40.49 30.12 -32.47
C TRP D 120 39.77 31.47 -32.42
N GLU D 121 40.26 32.44 -33.23
CA GLU D 121 39.60 33.67 -33.70
C GLU D 121 38.82 34.44 -32.66
N LEU D 122 39.50 35.26 -31.85
CA LEU D 122 38.89 35.92 -30.70
C LEU D 122 37.81 36.94 -31.08
N ARG D 123 36.72 36.46 -31.66
CA ARG D 123 35.45 37.17 -31.67
C ARG D 123 34.28 36.21 -31.53
N SER D 124 34.54 34.91 -31.45
CA SER D 124 33.48 33.91 -31.42
C SER D 124 33.75 32.88 -30.32
N LEU D 125 32.82 31.94 -30.16
CA LEU D 125 32.87 30.95 -29.09
C LEU D 125 33.26 29.62 -29.75
N ALA D 126 34.56 29.38 -29.87
CA ALA D 126 35.08 28.21 -30.54
C ALA D 126 35.43 27.14 -29.53
N GLY D 127 35.96 26.01 -30.02
CA GLY D 127 36.30 24.90 -29.16
C GLY D 127 37.69 24.38 -29.45
N GLY D 128 38.21 23.60 -28.50
CA GLY D 128 39.53 23.02 -28.60
C GLY D 128 40.46 23.55 -27.53
N TYR D 129 41.68 23.89 -27.93
CA TYR D 129 42.63 24.59 -27.10
C TYR D 129 43.07 25.84 -27.83
N TYR D 130 43.70 26.76 -27.09
CA TYR D 130 44.33 27.91 -27.70
C TYR D 130 45.78 27.56 -28.00
N GLY D 131 46.07 27.35 -29.27
CA GLY D 131 47.37 26.88 -29.68
C GLY D 131 47.24 26.06 -30.94
N MET D 132 48.40 25.59 -31.40
CA MET D 132 48.45 24.81 -32.64
C MET D 132 48.28 23.33 -32.32
N ASP D 133 47.04 22.97 -31.98
CA ASP D 133 46.80 21.66 -31.39
C ASP D 133 46.69 20.56 -32.44
N VAL D 134 46.03 20.82 -33.56
CA VAL D 134 45.89 19.81 -34.60
C VAL D 134 46.83 20.13 -35.75
N TRP D 135 47.32 19.08 -36.40
CA TRP D 135 48.33 19.18 -37.43
C TRP D 135 47.98 18.26 -38.59
N GLY D 136 48.61 18.51 -39.72
CA GLY D 136 48.54 17.61 -40.84
C GLY D 136 49.54 16.49 -40.70
N GLN D 137 49.85 15.84 -41.82
CA GLN D 137 50.80 14.74 -41.84
C GLN D 137 52.09 15.07 -42.57
N GLY D 138 52.12 16.15 -43.34
CA GLY D 138 53.33 16.51 -44.07
C GLY D 138 53.31 16.12 -45.53
N THR D 139 53.86 16.98 -46.36
CA THR D 139 53.96 16.74 -47.80
C THR D 139 55.35 17.15 -48.24
N THR D 140 56.03 16.30 -49.00
CA THR D 140 57.43 16.54 -49.33
C THR D 140 57.55 17.25 -50.67
N VAL D 141 58.26 18.37 -50.67
CA VAL D 141 58.57 19.12 -51.90
C VAL D 141 60.08 19.03 -52.10
N THR D 142 60.49 18.56 -53.28
CA THR D 142 61.89 18.39 -53.63
C THR D 142 62.16 19.22 -54.88
N VAL D 143 63.13 20.13 -54.78
CA VAL D 143 63.53 20.99 -55.89
C VAL D 143 64.93 20.60 -56.31
N SER D 144 65.07 20.03 -57.50
CA SER D 144 66.37 19.63 -58.03
C SER D 144 66.31 19.49 -59.54
N SER D 145 67.19 20.20 -60.23
CA SER D 145 67.21 20.15 -61.70
C SER D 145 67.62 18.75 -62.14
N ALA D 146 67.61 17.81 -61.20
CA ALA D 146 67.97 16.43 -61.49
C ALA D 146 67.00 15.78 -62.48
N SER D 147 66.31 14.74 -62.05
CA SER D 147 65.36 14.05 -62.93
C SER D 147 64.89 12.73 -62.33
N THR D 148 65.82 11.77 -62.26
CA THR D 148 65.56 10.45 -61.73
C THR D 148 66.66 9.55 -62.26
N LYS D 149 67.72 9.40 -61.48
CA LYS D 149 68.85 8.60 -61.90
C LYS D 149 69.03 7.41 -60.97
N GLY D 150 69.59 6.33 -61.52
CA GLY D 150 69.80 5.11 -60.78
C GLY D 150 71.10 5.11 -60.02
N PRO D 151 71.20 4.27 -59.00
CA PRO D 151 72.39 4.27 -58.16
C PRO D 151 73.52 3.48 -58.77
N SER D 152 74.75 3.90 -58.47
CA SER D 152 75.96 3.14 -58.80
C SER D 152 76.49 2.51 -57.52
N VAL D 153 76.76 1.22 -57.56
CA VAL D 153 77.08 0.44 -56.36
C VAL D 153 78.52 -0.06 -56.46
N PHE D 154 79.24 0.02 -55.35
CA PHE D 154 80.53 -0.60 -55.13
C PHE D 154 80.53 -1.36 -53.82
N PRO D 155 81.25 -2.47 -53.72
CA PRO D 155 81.41 -3.13 -52.42
C PRO D 155 82.67 -2.65 -51.72
N LEU D 156 82.53 -2.20 -50.46
CA LEU D 156 83.67 -1.84 -49.64
C LEU D 156 84.07 -3.07 -48.85
N ALA D 157 85.17 -3.67 -49.25
CA ALA D 157 85.68 -4.95 -48.80
C ALA D 157 86.08 -4.90 -47.33
N PRO D 158 85.95 -6.01 -46.62
CA PRO D 158 86.54 -6.08 -45.27
C PRO D 158 88.05 -6.14 -45.38
N SER D 159 88.72 -5.37 -44.53
CA SER D 159 90.18 -5.27 -44.59
C SER D 159 90.74 -5.25 -43.19
N SER D 160 92.05 -5.52 -43.09
CA SER D 160 92.73 -5.46 -41.81
C SER D 160 92.73 -4.05 -41.23
N LYS D 161 92.69 -3.02 -42.10
CA LYS D 161 92.53 -1.65 -41.62
C LYS D 161 91.15 -1.43 -41.03
N SER D 162 90.17 -2.23 -41.43
CA SER D 162 88.87 -2.25 -40.77
C SER D 162 88.80 -3.34 -39.70
N THR D 163 89.67 -4.34 -39.77
CA THR D 163 89.66 -5.43 -38.79
C THR D 163 90.31 -4.98 -37.48
N SER D 164 89.73 -5.43 -36.37
CA SER D 164 90.28 -5.17 -35.03
C SER D 164 89.87 -6.33 -34.12
N GLY D 165 90.80 -7.24 -33.86
CA GLY D 165 90.54 -8.29 -32.90
C GLY D 165 89.52 -9.29 -33.42
N GLY D 166 88.36 -9.32 -32.77
CA GLY D 166 87.37 -10.35 -33.04
C GLY D 166 86.45 -10.06 -34.21
N THR D 167 86.38 -8.82 -34.65
CA THR D 167 85.41 -8.42 -35.67
C THR D 167 86.07 -7.62 -36.79
N ALA D 168 85.41 -7.58 -37.94
CA ALA D 168 85.84 -6.79 -39.09
C ALA D 168 84.59 -6.34 -39.84
N ALA D 169 84.67 -5.16 -40.44
CA ALA D 169 83.51 -4.52 -41.04
C ALA D 169 83.61 -4.53 -42.56
N LEU D 170 82.47 -4.72 -43.23
CA LEU D 170 82.35 -4.66 -44.68
C LEU D 170 81.02 -4.01 -45.05
N GLY D 171 80.94 -3.46 -46.25
CA GLY D 171 79.72 -2.76 -46.61
C GLY D 171 79.56 -2.53 -48.08
N CYS D 172 78.58 -1.70 -48.42
CA CYS D 172 78.25 -1.38 -49.80
C CYS D 172 78.00 0.12 -49.93
N LEU D 173 78.62 0.71 -50.94
CA LEU D 173 78.52 2.14 -51.23
C LEU D 173 77.60 2.31 -52.43
N VAL D 174 76.45 2.96 -52.21
CA VAL D 174 75.47 3.19 -53.26
C VAL D 174 75.37 4.70 -53.44
N LYS D 175 75.78 5.20 -54.60
CA LYS D 175 75.99 6.62 -54.80
C LYS D 175 75.29 7.13 -56.06
N ASP D 176 75.29 8.46 -56.20
CA ASP D 176 74.79 9.16 -57.38
C ASP D 176 73.40 8.73 -57.81
N TYR D 177 72.40 9.06 -57.00
CA TYR D 177 71.01 8.89 -57.40
C TYR D 177 70.20 10.09 -56.94
N PHE D 178 69.25 10.53 -57.76
CA PHE D 178 68.34 11.59 -57.33
C PHE D 178 67.15 11.09 -56.50
N PRO D 179 66.43 10.05 -56.92
CA PRO D 179 65.14 9.77 -56.30
C PRO D 179 65.26 9.22 -54.88
N GLU D 180 65.27 10.15 -53.93
CA GLU D 180 65.66 10.02 -52.52
C GLU D 180 65.39 8.66 -51.90
N PRO D 181 64.17 8.11 -51.96
CA PRO D 181 63.94 6.82 -51.28
C PRO D 181 64.66 5.68 -51.99
N VAL D 182 65.70 5.15 -51.35
CA VAL D 182 66.49 4.03 -51.85
C VAL D 182 66.78 3.12 -50.67
N THR D 183 66.90 1.82 -50.90
CA THR D 183 67.13 0.93 -49.78
C THR D 183 68.22 -0.06 -50.15
N VAL D 184 69.02 -0.42 -49.15
CA VAL D 184 70.02 -1.47 -49.26
C VAL D 184 69.85 -2.40 -48.07
N SER D 185 69.64 -3.68 -48.35
CA SER D 185 69.54 -4.68 -47.31
C SER D 185 70.75 -5.58 -47.37
N TRP D 186 70.95 -6.38 -46.32
CA TRP D 186 72.03 -7.34 -46.28
C TRP D 186 71.48 -8.75 -46.30
N ASN D 187 71.85 -9.49 -47.35
CA ASN D 187 71.46 -10.88 -47.52
C ASN D 187 69.95 -11.03 -47.48
N SER D 188 69.28 -10.27 -48.35
CA SER D 188 67.82 -10.33 -48.52
C SER D 188 67.09 -10.08 -47.20
N GLY D 189 67.71 -9.33 -46.30
CA GLY D 189 67.11 -9.04 -45.01
C GLY D 189 67.51 -9.97 -43.89
N ALA D 190 68.54 -10.79 -44.09
CA ALA D 190 68.94 -11.77 -43.07
C ALA D 190 69.69 -11.16 -41.89
N LEU D 191 70.77 -10.43 -42.14
CA LEU D 191 71.63 -9.92 -41.07
C LEU D 191 71.02 -8.64 -40.53
N THR D 192 70.76 -8.61 -39.22
CA THR D 192 70.26 -7.42 -38.56
C THR D 192 71.25 -6.96 -37.50
N SER D 193 72.32 -7.75 -37.29
CA SER D 193 73.36 -7.42 -36.34
C SER D 193 74.47 -6.64 -37.03
N GLY D 194 74.75 -5.45 -36.52
CA GLY D 194 75.80 -4.61 -37.05
C GLY D 194 75.46 -3.87 -38.33
N VAL D 195 74.37 -4.25 -38.99
CA VAL D 195 73.94 -3.58 -40.22
C VAL D 195 73.48 -2.17 -39.86
N HIS D 196 74.17 -1.17 -40.40
CA HIS D 196 73.83 0.23 -40.17
C HIS D 196 73.96 1.07 -41.45
N THR D 197 72.84 1.54 -41.97
CA THR D 197 72.83 2.36 -43.17
C THR D 197 72.92 3.82 -42.74
N PHE D 198 73.87 4.52 -43.29
CA PHE D 198 74.07 5.89 -42.85
C PHE D 198 73.23 6.84 -43.67
N PRO D 199 72.87 8.00 -43.11
CA PRO D 199 72.03 8.94 -43.85
C PRO D 199 72.68 9.31 -45.17
N ALA D 200 71.84 9.37 -46.22
CA ALA D 200 72.34 9.74 -47.52
C ALA D 200 72.87 11.16 -47.49
N VAL D 201 73.87 11.41 -48.33
CA VAL D 201 74.47 12.73 -48.42
C VAL D 201 74.15 13.32 -49.77
N LEU D 202 73.89 14.63 -49.77
CA LEU D 202 73.55 15.36 -50.99
C LEU D 202 74.78 16.11 -51.47
N GLN D 203 75.29 15.74 -52.62
CA GLN D 203 76.51 16.32 -53.15
C GLN D 203 76.23 17.65 -53.85
N SER D 204 77.30 18.32 -54.27
CA SER D 204 77.14 19.52 -55.06
C SER D 204 76.58 19.21 -56.44
N SER D 205 76.85 18.00 -56.95
CA SER D 205 76.30 17.61 -58.24
C SER D 205 74.77 17.56 -58.21
N GLY D 206 74.17 17.55 -57.03
CA GLY D 206 72.73 17.45 -56.91
C GLY D 206 72.21 16.05 -56.68
N LEU D 207 73.07 15.05 -56.68
CA LEU D 207 72.64 13.67 -56.50
C LEU D 207 73.02 13.17 -55.12
N TYR D 208 72.25 12.22 -54.63
CA TYR D 208 72.47 11.68 -53.30
C TYR D 208 73.51 10.57 -53.35
N SER D 209 73.98 10.17 -52.17
CA SER D 209 74.90 9.06 -52.02
C SER D 209 74.88 8.60 -50.57
N LEU D 210 75.10 7.31 -50.38
CA LEU D 210 75.16 6.74 -49.03
C LEU D 210 75.99 5.48 -49.05
N SER D 211 76.26 4.97 -47.86
CA SER D 211 77.03 3.74 -47.66
C SER D 211 76.51 3.01 -46.42
N SER D 212 76.24 1.72 -46.55
CA SER D 212 75.74 0.91 -45.44
C SER D 212 76.77 -0.13 -45.09
N VAL D 213 77.11 -0.23 -43.81
CA VAL D 213 78.19 -1.08 -43.36
C VAL D 213 77.71 -1.99 -42.23
N VAL D 214 78.31 -3.17 -42.15
CA VAL D 214 77.99 -4.15 -41.11
C VAL D 214 79.29 -4.83 -40.68
N THR D 215 79.41 -5.05 -39.38
CA THR D 215 80.55 -5.76 -38.81
C THR D 215 80.19 -7.23 -38.62
N VAL D 216 81.18 -8.09 -38.71
CA VAL D 216 81.00 -9.55 -38.70
C VAL D 216 82.31 -10.14 -38.18
N PRO D 217 82.28 -11.21 -37.39
CA PRO D 217 83.52 -11.74 -36.80
C PRO D 217 84.64 -11.91 -37.82
N SER D 218 85.85 -11.52 -37.41
CA SER D 218 86.98 -11.55 -38.32
C SER D 218 87.35 -12.97 -38.72
N SER D 219 86.91 -13.97 -37.96
CA SER D 219 87.07 -15.35 -38.41
C SER D 219 86.19 -15.64 -39.62
N SER D 220 85.20 -14.79 -39.86
CA SER D 220 84.21 -14.97 -40.91
C SER D 220 84.33 -13.94 -42.03
N LEU D 221 85.55 -13.63 -42.46
CA LEU D 221 85.73 -12.64 -43.53
C LEU D 221 84.99 -13.03 -44.79
N GLY D 222 85.39 -14.14 -45.42
CA GLY D 222 84.74 -14.56 -46.65
C GLY D 222 83.80 -15.74 -46.44
N THR D 223 83.77 -16.29 -45.23
CA THR D 223 83.18 -17.60 -44.99
C THR D 223 81.72 -17.68 -45.41
N GLN D 224 80.88 -16.77 -44.93
CA GLN D 224 79.46 -16.86 -45.19
C GLN D 224 79.07 -15.86 -46.28
N THR D 225 77.76 -15.76 -46.52
CA THR D 225 77.24 -14.88 -47.57
C THR D 225 76.99 -13.49 -47.02
N TYR D 226 77.51 -12.48 -47.71
CA TYR D 226 77.24 -11.09 -47.39
C TYR D 226 76.98 -10.36 -48.70
N ILE D 227 75.73 -10.37 -49.14
CA ILE D 227 75.33 -9.76 -50.40
C ILE D 227 74.36 -8.63 -50.09
N CYS D 228 74.71 -7.42 -50.49
CA CYS D 228 73.85 -6.26 -50.33
C CYS D 228 72.87 -6.20 -51.48
N ASN D 229 71.59 -6.09 -51.13
CA ASN D 229 70.47 -6.05 -52.06
C ASN D 229 70.06 -4.59 -52.18
N VAL D 230 70.34 -4.00 -53.33
CA VAL D 230 70.06 -2.59 -53.59
C VAL D 230 68.77 -2.51 -54.39
N ASN D 231 67.78 -1.79 -53.84
CA ASN D 231 66.52 -1.56 -54.52
C ASN D 231 66.20 -0.08 -54.55
N HIS D 232 65.87 0.41 -55.74
CA HIS D 232 65.53 1.81 -56.02
C HIS D 232 64.08 1.82 -56.48
N LYS D 233 63.18 2.29 -55.61
CA LYS D 233 61.74 2.17 -55.82
C LYS D 233 61.16 3.17 -56.82
N PRO D 234 61.59 4.44 -56.86
CA PRO D 234 61.10 5.31 -57.93
C PRO D 234 61.48 4.80 -59.31
N SER D 235 62.73 4.36 -59.49
CA SER D 235 63.08 3.56 -60.65
C SER D 235 62.74 2.11 -60.34
N ASN D 236 63.27 1.17 -61.11
CA ASN D 236 63.08 -0.25 -60.86
C ASN D 236 64.40 -0.99 -60.81
N THR D 237 65.36 -0.44 -60.08
CA THR D 237 66.69 -1.03 -59.98
C THR D 237 66.76 -2.00 -58.81
N LYS D 238 67.28 -3.20 -59.10
CA LYS D 238 67.46 -4.25 -58.11
C LYS D 238 68.74 -4.99 -58.45
N VAL D 239 69.77 -4.85 -57.61
CA VAL D 239 71.08 -5.46 -57.86
C VAL D 239 71.63 -6.01 -56.55
N ASP D 240 72.19 -7.22 -56.60
CA ASP D 240 72.83 -7.84 -55.44
C ASP D 240 74.34 -7.84 -55.65
N LYS D 241 75.07 -7.28 -54.70
CA LYS D 241 76.53 -7.18 -54.78
C LYS D 241 77.17 -7.89 -53.60
N LYS D 242 78.12 -8.77 -53.89
CA LYS D 242 78.83 -9.52 -52.84
C LYS D 242 80.08 -8.75 -52.42
N VAL D 243 80.34 -8.74 -51.12
CA VAL D 243 81.51 -8.06 -50.56
C VAL D 243 82.46 -9.13 -50.02
N GLU D 244 83.70 -9.11 -50.49
CA GLU D 244 84.70 -10.10 -50.12
C GLU D 244 85.97 -9.37 -49.73
N PRO D 245 86.82 -9.99 -48.90
CA PRO D 245 88.08 -9.33 -48.50
C PRO D 245 88.91 -8.93 -49.72
N LYS D 246 89.77 -7.95 -49.51
CA LYS D 246 90.58 -7.41 -50.59
C LYS D 246 91.53 -8.47 -51.11
N SER D 247 91.77 -8.41 -52.42
CA SER D 247 92.59 -9.40 -53.13
C SER D 247 94.00 -9.50 -52.54
N ASP E 20 59.19 41.17 -35.24
CA ASP E 20 58.29 40.23 -34.58
C ASP E 20 58.76 39.94 -33.17
N ILE E 21 58.36 38.79 -32.65
CA ILE E 21 58.69 38.38 -31.29
C ILE E 21 59.59 37.15 -31.40
N VAL E 22 60.83 37.27 -30.95
CA VAL E 22 61.78 36.18 -31.06
C VAL E 22 61.80 35.41 -29.74
N MET E 23 62.08 34.11 -29.84
CA MET E 23 62.15 33.22 -28.70
C MET E 23 63.51 32.55 -28.67
N THR E 24 64.03 32.31 -27.46
CA THR E 24 65.32 31.63 -27.29
C THR E 24 65.18 30.52 -26.27
N GLN E 25 65.55 29.31 -26.65
CA GLN E 25 65.61 28.16 -25.75
C GLN E 25 67.05 27.93 -25.34
N THR E 26 67.29 27.86 -24.04
CA THR E 26 68.67 27.81 -23.55
C THR E 26 69.40 26.47 -23.56
N PRO E 27 68.79 25.27 -23.22
CA PRO E 27 69.62 24.05 -23.12
C PRO E 27 70.25 23.57 -24.43
N PHE E 28 69.45 23.27 -25.46
CA PHE E 28 69.92 23.04 -26.82
C PHE E 28 70.94 21.90 -26.96
N THR E 29 70.47 20.65 -27.07
CA THR E 29 71.17 19.37 -26.94
C THR E 29 71.55 19.08 -25.48
N LEU E 30 70.52 18.87 -24.68
CA LEU E 30 70.67 18.36 -23.31
C LEU E 30 70.75 16.83 -23.31
N SER E 31 71.55 16.30 -22.40
CA SER E 31 71.74 14.86 -22.25
C SER E 31 71.47 14.46 -20.82
N ALA E 32 70.79 13.32 -20.63
CA ALA E 32 70.38 12.90 -19.31
C ALA E 32 70.33 11.39 -19.26
N SER E 33 70.17 10.86 -18.05
CA SER E 33 69.92 9.45 -17.84
C SER E 33 68.43 9.20 -17.89
N VAL E 34 67.98 8.03 -17.46
CA VAL E 34 66.55 7.71 -17.38
C VAL E 34 66.12 7.78 -15.92
N GLY E 35 65.06 8.55 -15.66
CA GLY E 35 64.56 8.71 -14.31
C GLY E 35 65.26 9.80 -13.53
N ASP E 36 65.40 10.99 -14.11
CA ASP E 36 65.95 12.14 -13.38
C ASP E 36 65.32 13.41 -13.91
N ARG E 37 65.65 14.53 -13.26
CA ARG E 37 65.01 15.81 -13.53
C ARG E 37 65.66 16.50 -14.72
N VAL E 38 64.84 17.20 -15.49
CA VAL E 38 65.25 17.88 -16.72
C VAL E 38 64.52 19.21 -16.79
N THR E 39 65.25 20.29 -17.00
CA THR E 39 64.70 21.63 -17.12
C THR E 39 65.02 22.21 -18.48
N ILE E 40 64.05 22.90 -19.07
CA ILE E 40 64.23 23.63 -20.32
C ILE E 40 63.66 25.03 -20.12
N THR E 41 64.45 26.05 -20.44
CA THR E 41 64.04 27.44 -20.26
C THR E 41 63.87 28.08 -21.62
N CYS E 42 62.84 28.91 -21.75
CA CYS E 42 62.51 29.60 -22.99
C CYS E 42 62.14 31.03 -22.67
N ARG E 43 62.84 31.99 -23.27
CA ARG E 43 62.65 33.41 -23.01
C ARG E 43 61.95 34.07 -24.18
N ALA E 44 61.64 35.36 -24.04
CA ALA E 44 60.90 36.07 -25.07
C ALA E 44 61.38 37.51 -25.14
N SER E 45 61.06 38.17 -26.26
CA SER E 45 61.55 39.51 -26.55
C SER E 45 60.50 40.60 -26.36
N GLN E 46 59.33 40.25 -25.83
CA GLN E 46 58.31 41.22 -25.45
C GLN E 46 57.67 40.73 -24.16
N GLY E 47 56.50 41.27 -23.86
CA GLY E 47 55.73 40.76 -22.76
C GLY E 47 54.58 39.92 -23.27
N ILE E 48 54.71 38.60 -23.17
CA ILE E 48 53.60 37.70 -23.41
C ILE E 48 53.09 37.24 -22.06
N ARG E 49 51.77 37.14 -21.91
CA ARG E 49 51.21 37.01 -20.57
C ARG E 49 51.30 35.58 -20.07
N ASN E 50 50.58 34.68 -20.72
CA ASN E 50 50.70 33.25 -20.46
C ASN E 50 50.60 32.46 -21.75
N ASP E 51 50.54 33.13 -22.89
CA ASP E 51 50.32 32.49 -24.19
C ASP E 51 51.61 31.82 -24.62
N LEU E 52 51.81 30.60 -24.17
CA LEU E 52 52.97 29.81 -24.55
C LEU E 52 52.55 28.35 -24.61
N GLY E 53 53.02 27.65 -25.63
CA GLY E 53 52.81 26.24 -25.76
C GLY E 53 54.13 25.50 -25.87
N TRP E 54 54.16 24.28 -25.34
CA TRP E 54 55.31 23.41 -25.44
C TRP E 54 54.98 22.23 -26.31
N TYR E 55 55.83 21.97 -27.30
CA TYR E 55 55.56 20.99 -28.34
C TYR E 55 56.68 19.96 -28.37
N GLN E 56 56.33 18.74 -28.76
CA GLN E 56 57.27 17.64 -28.76
C GLN E 56 57.24 16.97 -30.11
N GLN E 57 58.41 16.77 -30.71
CA GLN E 57 58.53 16.10 -32.00
C GLN E 57 59.54 14.97 -31.86
N LYS E 58 59.06 13.75 -32.06
CA LYS E 58 59.89 12.58 -32.24
C LYS E 58 60.28 12.50 -33.72
N PRO E 59 61.47 11.94 -34.02
CA PRO E 59 62.00 12.03 -35.39
C PRO E 59 61.16 11.26 -36.41
N GLY E 60 60.63 11.99 -37.38
CA GLY E 60 59.85 11.42 -38.46
C GLY E 60 58.37 11.72 -38.39
N LYS E 61 57.89 12.32 -37.30
CA LYS E 61 56.47 12.54 -37.10
C LYS E 61 56.16 14.03 -37.12
N ALA E 62 54.92 14.35 -36.86
CA ALA E 62 54.39 15.69 -36.69
C ALA E 62 54.47 16.10 -35.22
N PRO E 63 54.63 17.38 -34.91
CA PRO E 63 54.70 17.79 -33.50
C PRO E 63 53.33 17.79 -32.86
N LYS E 64 53.32 17.61 -31.54
CA LYS E 64 52.09 17.58 -30.76
C LYS E 64 52.22 18.47 -29.54
N CYS E 65 51.10 19.06 -29.12
CA CYS E 65 51.09 19.98 -28.00
C CYS E 65 51.12 19.22 -26.70
N LEU E 66 51.81 19.78 -25.71
CA LEU E 66 51.90 19.21 -24.37
C LEU E 66 51.38 20.13 -23.29
N ILE E 67 51.66 21.42 -23.39
CA ILE E 67 51.20 22.45 -22.45
C ILE E 67 50.76 23.64 -23.28
N TYR E 68 49.56 24.17 -23.02
CA TYR E 68 48.94 25.12 -23.93
C TYR E 68 48.74 26.53 -23.39
N ALA E 69 48.84 26.74 -22.09
CA ALA E 69 48.78 28.10 -21.54
C ALA E 69 49.82 28.25 -20.45
N ALA E 70 51.01 27.72 -20.72
CA ALA E 70 52.26 27.81 -19.96
C ALA E 70 52.25 27.02 -18.65
N SER E 71 51.10 26.51 -18.21
CA SER E 71 51.08 25.66 -17.03
C SER E 71 50.07 24.54 -17.08
N SER E 72 49.31 24.39 -18.16
CA SER E 72 48.16 23.51 -18.21
C SER E 72 48.40 22.39 -19.20
N LEU E 73 48.38 21.15 -18.72
CA LEU E 73 48.57 20.01 -19.60
C LEU E 73 47.36 19.81 -20.50
N LEU E 74 47.55 19.07 -21.57
CA LEU E 74 46.42 18.69 -22.39
C LEU E 74 45.85 17.36 -21.92
N SER E 75 44.71 16.99 -22.48
CA SER E 75 44.07 15.72 -22.16
C SER E 75 44.86 14.58 -22.78
N GLY E 76 45.34 13.67 -21.94
CA GLY E 76 46.14 12.56 -22.40
C GLY E 76 47.63 12.74 -22.28
N VAL E 77 48.09 13.71 -21.49
CA VAL E 77 49.51 13.95 -21.24
C VAL E 77 49.81 13.49 -19.83
N PRO E 78 50.85 12.69 -19.61
CA PRO E 78 51.15 12.22 -18.25
C PRO E 78 51.59 13.34 -17.34
N SER E 79 51.37 13.14 -16.04
CA SER E 79 51.58 14.20 -15.05
C SER E 79 52.99 14.17 -14.48
N ARG E 80 53.99 14.15 -15.35
CA ARG E 80 55.37 14.40 -14.97
C ARG E 80 55.93 15.61 -15.69
N PHE E 81 55.26 16.11 -16.72
CA PHE E 81 55.59 17.38 -17.31
C PHE E 81 55.03 18.52 -16.48
N SER E 82 55.76 19.63 -16.44
CA SER E 82 55.41 20.76 -15.59
C SER E 82 55.76 22.04 -16.31
N GLY E 83 54.87 23.03 -16.23
CA GLY E 83 55.12 24.31 -16.84
C GLY E 83 55.05 25.45 -15.85
N SER E 84 56.02 26.36 -15.91
CA SER E 84 56.04 27.55 -15.07
C SER E 84 56.26 28.76 -15.95
N GLY E 85 55.60 29.87 -15.62
CA GLY E 85 55.59 31.00 -16.53
C GLY E 85 55.42 32.34 -15.86
N SER E 86 55.68 33.38 -16.64
CA SER E 86 55.65 34.76 -16.21
C SER E 86 55.47 35.61 -17.48
N GLY E 87 55.82 36.89 -17.39
CA GLY E 87 55.88 37.70 -18.59
C GLY E 87 56.94 37.22 -19.57
N THR E 88 58.14 36.91 -19.06
CA THR E 88 59.16 36.18 -19.81
C THR E 88 59.59 35.00 -18.96
N GLU E 89 60.63 34.29 -19.39
CA GLU E 89 61.32 33.26 -18.60
C GLU E 89 60.37 32.12 -18.23
N PHE E 90 59.98 31.38 -19.25
CA PHE E 90 59.14 30.20 -19.09
C PHE E 90 60.01 28.97 -18.91
N THR E 91 59.46 27.95 -18.27
CA THR E 91 60.21 26.76 -17.91
C THR E 91 59.34 25.52 -18.07
N LEU E 92 59.91 24.48 -18.69
CA LEU E 92 59.29 23.16 -18.77
C LEU E 92 60.19 22.18 -18.02
N THR E 93 59.58 21.35 -17.18
CA THR E 93 60.31 20.43 -16.32
C THR E 93 59.76 19.03 -16.48
N ILE E 94 60.65 18.08 -16.74
CA ILE E 94 60.31 16.65 -16.78
C ILE E 94 61.02 15.99 -15.62
N SER E 95 60.26 15.51 -14.65
CA SER E 95 60.80 14.74 -13.54
C SER E 95 60.50 13.27 -13.77
N SER E 96 61.45 12.42 -13.37
CA SER E 96 61.38 10.96 -13.51
C SER E 96 61.17 10.55 -14.98
N LEU E 97 62.23 10.80 -15.75
CA LEU E 97 62.25 10.54 -17.19
C LEU E 97 61.99 9.07 -17.51
N GLN E 98 61.27 8.86 -18.60
CA GLN E 98 60.93 7.56 -19.15
C GLN E 98 61.34 7.52 -20.61
N PRO E 99 61.65 6.32 -21.15
CA PRO E 99 62.20 6.25 -22.52
C PRO E 99 61.26 6.67 -23.65
N GLU E 100 60.01 7.00 -23.38
CA GLU E 100 59.17 7.58 -24.41
C GLU E 100 59.31 9.10 -24.49
N ASP E 101 60.10 9.71 -23.61
CA ASP E 101 60.18 11.16 -23.50
C ASP E 101 61.41 11.74 -24.18
N PHE E 102 62.16 10.94 -24.93
CA PHE E 102 63.36 11.41 -25.61
C PHE E 102 62.97 11.88 -27.00
N ALA E 103 62.91 13.20 -27.19
CA ALA E 103 62.51 13.80 -28.45
C ALA E 103 63.06 15.22 -28.49
N THR E 104 62.56 16.04 -29.41
CA THR E 104 62.97 17.43 -29.54
C THR E 104 61.82 18.34 -29.16
N TYR E 105 62.08 19.27 -28.23
CA TYR E 105 61.04 20.06 -27.60
C TYR E 105 61.15 21.52 -28.04
N TYR E 106 60.02 22.07 -28.52
CA TYR E 106 59.92 23.45 -28.97
C TYR E 106 59.04 24.26 -28.03
N CYS E 107 59.28 25.56 -27.98
CA CYS E 107 58.39 26.50 -27.31
C CYS E 107 57.85 27.46 -28.36
N LEU E 108 56.54 27.68 -28.33
CA LEU E 108 55.89 28.56 -29.28
C LEU E 108 55.10 29.61 -28.52
N GLN E 109 55.06 30.83 -29.02
CA GLN E 109 54.26 31.87 -28.41
C GLN E 109 52.94 32.05 -29.15
N HIS E 110 51.87 32.20 -28.38
CA HIS E 110 50.53 32.36 -28.92
C HIS E 110 50.00 33.78 -28.82
N ASN E 111 50.85 34.74 -28.47
CA ASN E 111 50.37 36.07 -28.11
C ASN E 111 49.97 36.89 -29.33
N SER E 112 50.90 37.10 -30.26
CA SER E 112 50.63 37.96 -31.40
C SER E 112 50.99 37.23 -32.69
N TYR E 113 50.19 37.46 -33.73
CA TYR E 113 50.48 36.88 -35.03
C TYR E 113 51.56 37.69 -35.73
N PRO E 114 52.51 37.04 -36.43
CA PRO E 114 52.68 35.61 -36.67
C PRO E 114 53.33 34.87 -35.51
N TRP E 115 52.91 33.63 -35.29
CA TRP E 115 53.36 32.87 -34.13
C TRP E 115 54.72 32.26 -34.42
N THR E 116 55.71 32.58 -33.59
CA THR E 116 57.10 32.24 -33.86
C THR E 116 57.58 31.14 -32.92
N PHE E 117 58.36 30.21 -33.46
CA PHE E 117 58.87 29.06 -32.73
C PHE E 117 60.17 29.39 -32.00
N GLY E 118 60.61 28.45 -31.17
CA GLY E 118 61.90 28.53 -30.56
C GLY E 118 62.98 27.96 -31.46
N GLN E 119 63.82 27.08 -30.93
CA GLN E 119 64.86 26.44 -31.74
C GLN E 119 64.97 24.95 -31.55
N GLY E 120 64.25 24.36 -30.60
CA GLY E 120 64.34 22.94 -30.33
C GLY E 120 65.35 22.61 -29.24
N THR E 121 65.19 21.42 -28.68
CA THR E 121 66.16 20.90 -27.71
C THR E 121 66.09 19.38 -27.80
N LYS E 122 67.07 18.78 -28.46
CA LYS E 122 67.16 17.33 -28.49
C LYS E 122 67.64 16.84 -27.13
N LEU E 123 67.14 15.68 -26.71
CA LEU E 123 67.42 15.15 -25.38
C LEU E 123 68.00 13.75 -25.57
N GLU E 124 69.25 13.57 -25.17
CA GLU E 124 69.95 12.32 -25.43
C GLU E 124 70.06 11.46 -24.16
N ILE E 125 70.40 10.20 -24.38
CA ILE E 125 70.46 9.20 -23.32
C ILE E 125 71.90 9.03 -22.89
N LYS E 126 72.13 9.10 -21.58
CA LYS E 126 73.48 8.95 -21.04
C LYS E 126 74.10 7.62 -21.45
N ARG E 127 75.41 7.52 -21.33
CA ARG E 127 76.13 6.29 -21.68
C ARG E 127 77.61 6.41 -21.36
N THR E 128 78.11 5.48 -20.56
CA THR E 128 79.52 5.47 -20.17
C THR E 128 80.42 5.72 -21.38
N VAL E 129 81.36 6.66 -21.21
CA VAL E 129 82.29 7.00 -22.29
C VAL E 129 82.78 5.74 -23.02
N ALA E 130 82.52 5.69 -24.32
CA ALA E 130 82.93 4.55 -25.14
C ALA E 130 83.72 5.08 -26.31
N ALA E 131 84.92 4.56 -26.52
CA ALA E 131 85.69 5.02 -27.64
C ALA E 131 85.25 4.31 -28.92
N PRO E 132 85.44 4.94 -30.07
CA PRO E 132 85.01 4.31 -31.32
C PRO E 132 86.00 3.28 -31.81
N SER E 133 85.48 2.23 -32.42
CA SER E 133 86.30 1.45 -33.34
C SER E 133 86.46 2.27 -34.62
N VAL E 134 87.69 2.45 -35.09
CA VAL E 134 87.93 3.20 -36.32
C VAL E 134 88.35 2.24 -37.42
N PHE E 135 87.98 2.57 -38.66
CA PHE E 135 88.32 1.75 -39.82
C PHE E 135 88.35 2.60 -41.08
N ILE E 136 89.40 2.46 -41.89
CA ILE E 136 89.52 3.23 -43.12
C ILE E 136 89.43 2.26 -44.28
N PHE E 137 88.68 2.67 -45.31
CA PHE E 137 88.46 1.84 -46.49
C PHE E 137 89.01 2.57 -47.72
N PRO E 138 89.93 1.99 -48.46
CA PRO E 138 90.40 2.61 -49.71
C PRO E 138 89.35 2.49 -50.80
N PRO E 139 89.48 3.23 -51.90
CA PRO E 139 88.48 3.12 -52.97
C PRO E 139 88.58 1.80 -53.72
N SER E 140 87.43 1.27 -54.09
CA SER E 140 87.39 0.01 -54.81
C SER E 140 87.92 0.18 -56.23
N ASP E 141 88.53 -0.88 -56.76
CA ASP E 141 89.10 -0.83 -58.10
C ASP E 141 88.05 -0.49 -59.14
N GLU E 142 86.79 -0.86 -58.90
CA GLU E 142 85.73 -0.56 -59.86
C GLU E 142 85.53 0.95 -60.00
N GLN E 143 85.63 1.67 -58.90
CA GLN E 143 85.38 3.10 -58.91
C GLN E 143 86.52 3.85 -59.60
N LEU E 144 87.75 3.41 -59.42
CA LEU E 144 88.87 4.07 -60.08
C LEU E 144 88.78 3.93 -61.60
N LYS E 145 88.11 2.90 -62.10
CA LYS E 145 87.81 2.86 -63.52
C LYS E 145 86.92 4.04 -63.90
N SER E 146 85.84 4.24 -63.13
CA SER E 146 84.87 5.30 -63.40
C SER E 146 85.53 6.68 -63.42
N GLY E 147 86.60 6.87 -62.66
CA GLY E 147 87.33 8.12 -62.64
C GLY E 147 87.20 8.95 -61.39
N THR E 148 86.79 8.36 -60.27
CA THR E 148 86.62 9.06 -59.01
C THR E 148 86.98 8.10 -57.87
N ALA E 149 87.45 8.66 -56.75
CA ALA E 149 87.88 7.87 -55.60
C ALA E 149 87.16 8.32 -54.33
N SER E 150 86.32 7.46 -53.76
CA SER E 150 85.78 7.71 -52.42
C SER E 150 86.62 6.97 -51.39
N VAL E 151 87.00 7.67 -50.34
CA VAL E 151 87.81 7.11 -49.27
C VAL E 151 86.97 7.19 -48.00
N VAL E 152 86.49 6.07 -47.52
CA VAL E 152 85.56 6.06 -46.40
C VAL E 152 86.33 5.79 -45.13
N CYS E 153 85.92 6.44 -44.04
CA CYS E 153 86.46 6.20 -42.72
C CYS E 153 85.29 6.04 -41.79
N LEU E 154 85.28 4.94 -41.05
CA LEU E 154 84.15 4.58 -40.20
C LEU E 154 84.54 4.70 -38.72
N LEU E 155 83.64 5.24 -37.89
CA LEU E 155 83.80 5.30 -36.44
C LEU E 155 82.64 4.55 -35.83
N ASN E 156 82.91 3.43 -35.18
CA ASN E 156 81.86 2.51 -34.79
C ASN E 156 81.55 2.65 -33.30
N ASN E 157 80.27 2.63 -32.95
CA ASN E 157 79.84 2.74 -31.57
C ASN E 157 80.65 3.80 -30.80
N PHE E 158 79.93 4.70 -30.13
CA PHE E 158 80.58 5.76 -29.37
C PHE E 158 79.54 6.72 -28.77
N TYR E 159 79.66 6.97 -27.48
CA TYR E 159 78.73 7.86 -26.78
C TYR E 159 78.92 9.30 -27.23
N PRO E 160 79.98 9.98 -26.64
CA PRO E 160 80.13 11.38 -27.11
C PRO E 160 80.22 11.47 -28.62
N ARG E 161 79.22 12.09 -29.25
CA ARG E 161 79.20 12.24 -30.69
C ARG E 161 80.11 13.38 -31.15
N GLU E 162 80.55 14.19 -30.19
CA GLU E 162 81.42 15.32 -30.48
C GLU E 162 82.79 14.84 -30.95
N ALA E 163 82.80 13.89 -31.86
CA ALA E 163 84.05 13.35 -32.39
C ALA E 163 84.53 14.20 -33.55
N LYS E 164 85.85 14.25 -33.74
CA LYS E 164 86.47 14.95 -34.86
C LYS E 164 87.12 13.95 -35.81
N VAL E 165 86.86 14.10 -37.11
CA VAL E 165 87.48 13.30 -38.16
C VAL E 165 88.35 14.22 -38.99
N GLN E 166 89.67 14.08 -38.86
CA GLN E 166 90.62 14.82 -39.67
C GLN E 166 91.18 13.88 -40.73
N TRP E 167 90.89 14.16 -41.99
CA TRP E 167 91.57 13.49 -43.09
C TRP E 167 92.93 14.12 -43.32
N LYS E 168 93.89 13.31 -43.68
CA LYS E 168 95.20 13.79 -44.05
C LYS E 168 95.62 13.04 -45.30
N VAL E 169 96.16 13.74 -46.27
CA VAL E 169 96.68 13.12 -47.47
C VAL E 169 98.16 13.48 -47.57
N ASP E 170 99.03 12.47 -47.44
CA ASP E 170 100.46 12.70 -47.35
C ASP E 170 100.79 13.69 -46.24
N ASN E 171 100.04 13.62 -45.14
CA ASN E 171 100.23 14.46 -43.95
C ASN E 171 99.76 15.89 -44.15
N ALA E 172 98.92 16.15 -45.14
CA ALA E 172 98.34 17.47 -45.34
C ALA E 172 96.89 17.41 -44.89
N LEU E 173 96.52 18.24 -43.92
CA LEU E 173 95.15 18.19 -43.46
C LEU E 173 94.23 18.65 -44.58
N GLN E 174 93.22 17.82 -44.90
CA GLN E 174 92.32 18.00 -46.03
C GLN E 174 91.06 18.74 -45.59
N SER E 175 90.79 19.86 -46.23
CA SER E 175 89.62 20.66 -45.87
C SER E 175 88.72 20.86 -47.07
N GLY E 176 87.45 20.49 -46.92
CA GLY E 176 86.44 20.85 -47.90
C GLY E 176 86.19 19.85 -48.99
N ASN E 177 86.60 18.60 -48.83
CA ASN E 177 86.24 17.54 -49.76
C ASN E 177 85.73 16.32 -49.02
N SER E 178 85.19 16.48 -47.82
CA SER E 178 84.66 15.38 -47.06
C SER E 178 83.21 15.66 -46.70
N GLN E 179 82.49 14.58 -46.37
CA GLN E 179 81.13 14.65 -45.83
C GLN E 179 80.98 13.57 -44.77
N GLU E 180 80.26 13.90 -43.69
CA GLU E 180 79.97 12.98 -42.61
C GLU E 180 78.48 12.75 -42.52
N SER E 181 78.10 11.60 -41.97
CA SER E 181 76.78 11.47 -41.36
C SER E 181 76.87 10.52 -40.18
N VAL E 182 75.87 10.61 -39.31
CA VAL E 182 75.88 10.00 -37.99
C VAL E 182 74.55 9.31 -37.79
N THR E 183 74.54 8.23 -37.03
CA THR E 183 73.32 7.46 -36.86
C THR E 183 72.57 7.96 -35.65
N GLU E 184 71.30 7.59 -35.57
CA GLU E 184 70.54 7.87 -34.36
C GLU E 184 71.11 7.06 -33.21
N GLN E 185 71.04 7.64 -32.01
CA GLN E 185 71.50 6.94 -30.81
C GLN E 185 70.90 5.55 -30.75
N ASP E 186 71.75 4.53 -30.61
CA ASP E 186 71.34 3.15 -30.70
C ASP E 186 70.42 2.73 -29.56
N SER E 187 69.29 2.09 -29.90
CA SER E 187 68.31 1.70 -28.89
C SER E 187 68.82 0.62 -27.94
N LYS E 188 69.84 -0.14 -28.32
CA LYS E 188 70.40 -1.15 -27.42
C LYS E 188 71.47 -0.58 -26.50
N ASP E 189 72.59 -0.10 -27.07
CA ASP E 189 73.73 0.32 -26.27
C ASP E 189 73.94 1.83 -26.23
N SER E 190 72.98 2.60 -26.75
CA SER E 190 72.96 4.07 -26.61
C SER E 190 74.23 4.73 -27.17
N THR E 191 74.81 4.17 -28.24
CA THR E 191 76.01 4.70 -28.86
C THR E 191 75.68 5.36 -30.19
N TYR E 192 76.68 6.03 -30.76
CA TYR E 192 76.55 6.62 -32.08
C TYR E 192 77.55 5.96 -33.01
N SER E 193 77.32 6.09 -34.32
CA SER E 193 78.29 5.64 -35.31
C SER E 193 78.36 6.67 -36.41
N LEU E 194 79.56 6.87 -36.96
CA LEU E 194 79.81 7.99 -37.87
C LEU E 194 80.60 7.51 -39.07
N SER E 195 80.24 8.03 -40.24
CA SER E 195 80.89 7.68 -41.49
C SER E 195 81.31 8.96 -42.19
N SER E 196 82.60 9.13 -42.44
CA SER E 196 83.11 10.28 -43.18
C SER E 196 83.64 9.82 -44.52
N THR E 197 83.23 10.48 -45.60
CA THR E 197 83.65 10.12 -46.95
C THR E 197 84.47 11.25 -47.57
N LEU E 198 85.67 10.92 -48.02
CA LEU E 198 86.55 11.85 -48.72
C LEU E 198 86.46 11.57 -50.20
N THR E 199 86.18 12.60 -51.01
CA THR E 199 85.96 12.37 -52.44
C THR E 199 87.01 13.11 -53.28
N LEU E 200 87.70 12.35 -54.13
CA LEU E 200 88.77 12.82 -54.98
C LEU E 200 88.56 12.36 -56.41
N SER E 201 89.26 12.98 -57.35
CA SER E 201 89.27 12.45 -58.69
C SER E 201 90.27 11.32 -58.78
N LYS E 202 90.11 10.45 -59.79
CA LYS E 202 91.13 9.43 -60.01
C LYS E 202 92.49 10.08 -60.20
N ALA E 203 92.55 11.10 -61.06
CA ALA E 203 93.79 11.81 -61.32
C ALA E 203 94.44 12.32 -60.03
N ASP E 204 93.69 13.06 -59.22
CA ASP E 204 94.25 13.62 -57.98
C ASP E 204 94.55 12.51 -56.96
N TYR E 205 93.76 11.44 -56.98
CA TYR E 205 94.03 10.33 -56.08
C TYR E 205 95.42 9.76 -56.32
N GLU E 206 95.72 9.43 -57.58
CA GLU E 206 96.99 8.91 -58.07
C GLU E 206 98.17 9.86 -57.90
N LYS E 207 98.01 11.04 -57.30
CA LYS E 207 99.11 11.98 -57.08
C LYS E 207 99.71 11.90 -55.68
N HIS E 208 99.11 11.13 -54.77
CA HIS E 208 99.56 11.05 -53.38
C HIS E 208 99.62 9.58 -52.95
N LYS E 209 100.25 9.33 -51.78
CA LYS E 209 100.49 7.96 -51.33
C LYS E 209 99.69 7.61 -50.08
N VAL E 210 99.99 8.23 -48.94
CA VAL E 210 99.37 7.85 -47.67
C VAL E 210 98.02 8.54 -47.54
N TYR E 211 96.97 7.76 -47.33
CA TYR E 211 95.68 8.30 -46.93
C TYR E 211 95.40 7.90 -45.50
N ALA E 212 95.13 8.88 -44.66
CA ALA E 212 95.01 8.71 -43.24
C ALA E 212 93.72 9.36 -42.75
N CYS E 213 93.20 8.84 -41.65
CA CYS E 213 91.97 9.31 -41.04
C CYS E 213 92.25 9.37 -39.55
N GLU E 214 92.29 10.57 -38.97
CA GLU E 214 92.68 10.72 -37.57
C GLU E 214 91.47 11.12 -36.75
N VAL E 215 91.06 10.26 -35.83
CA VAL E 215 89.86 10.46 -35.04
C VAL E 215 90.21 10.93 -33.62
N THR E 216 89.57 12.01 -33.20
CA THR E 216 89.71 12.56 -31.85
C THR E 216 88.43 12.31 -31.08
N HIS E 217 88.54 11.92 -29.81
CA HIS E 217 87.34 11.56 -29.04
C HIS E 217 87.71 11.43 -27.57
N GLN E 218 86.72 11.65 -26.73
CA GLN E 218 86.95 11.73 -25.29
C GLN E 218 87.39 10.38 -24.72
N GLY E 219 86.94 9.28 -25.30
CA GLY E 219 87.38 7.97 -24.86
C GLY E 219 88.76 7.57 -25.35
N LEU E 220 89.39 8.39 -26.19
CA LEU E 220 90.77 8.19 -26.63
C LEU E 220 91.69 9.15 -25.87
N SER E 221 92.76 8.60 -25.30
CA SER E 221 93.73 9.45 -24.61
C SER E 221 94.51 10.31 -25.58
N SER E 222 94.83 9.79 -26.75
CA SER E 222 95.36 10.58 -27.85
C SER E 222 94.78 10.05 -29.14
N PRO E 223 94.71 10.88 -30.19
CA PRO E 223 93.89 10.52 -31.35
C PRO E 223 94.40 9.26 -32.03
N VAL E 224 93.47 8.58 -32.67
CA VAL E 224 93.75 7.34 -33.36
C VAL E 224 93.77 7.67 -34.84
N THR E 225 94.79 7.17 -35.54
CA THR E 225 94.88 7.30 -36.99
C THR E 225 94.85 5.91 -37.61
N LYS E 226 93.90 5.69 -38.51
CA LYS E 226 93.93 4.53 -39.39
C LYS E 226 94.30 4.99 -40.78
N SER E 227 95.22 4.27 -41.43
CA SER E 227 95.75 4.76 -42.69
C SER E 227 96.14 3.59 -43.58
N PHE E 228 96.15 3.85 -44.89
CA PHE E 228 96.64 2.91 -45.87
C PHE E 228 97.54 3.63 -46.85
N ASN E 229 98.20 2.86 -47.69
CA ASN E 229 99.14 3.38 -48.67
C ASN E 229 98.63 2.98 -50.05
N ARG E 230 98.17 3.96 -50.83
CA ARG E 230 97.61 3.68 -52.15
C ARG E 230 98.50 2.75 -52.94
N GLY E 231 97.93 1.61 -53.33
CA GLY E 231 98.62 0.71 -54.22
C GLY E 231 99.45 -0.35 -53.54
N GLU E 232 99.17 -0.65 -52.27
CA GLU E 232 99.90 -1.69 -51.53
C GLU E 232 98.91 -2.77 -51.09
N CYS E 233 98.88 -3.89 -51.82
CA CYS E 233 98.06 -5.05 -51.45
C CYS E 233 98.33 -5.43 -50.00
N GLU F 20 38.16 -36.43 7.22
CA GLU F 20 37.44 -36.62 8.47
C GLU F 20 38.40 -36.86 9.63
N VAL F 21 38.05 -37.81 10.49
CA VAL F 21 38.88 -38.24 11.60
C VAL F 21 39.70 -39.44 11.14
N GLN F 22 40.97 -39.48 11.54
CA GLN F 22 41.85 -40.49 10.98
C GLN F 22 42.99 -40.82 11.93
N LEU F 23 43.48 -42.05 11.81
CA LEU F 23 44.62 -42.56 12.57
C LEU F 23 45.53 -43.29 11.59
N VAL F 24 46.81 -42.92 11.55
CA VAL F 24 47.77 -43.60 10.71
C VAL F 24 48.89 -44.15 11.58
N GLU F 25 49.53 -45.23 11.11
CA GLU F 25 50.64 -45.81 11.85
C GLU F 25 51.87 -45.91 10.96
N SER F 26 53.00 -46.17 11.61
CA SER F 26 54.24 -46.45 10.92
C SER F 26 55.19 -47.16 11.87
N GLY F 27 56.23 -47.77 11.32
CA GLY F 27 57.32 -48.32 12.10
C GLY F 27 57.55 -49.81 11.94
N GLY F 28 56.63 -50.57 11.35
CA GLY F 28 56.74 -52.01 11.32
C GLY F 28 57.75 -52.53 10.30
N GLY F 29 57.66 -53.82 10.02
CA GLY F 29 58.62 -54.44 9.12
C GLY F 29 59.02 -55.84 9.53
N LEU F 30 60.33 -56.07 9.53
CA LEU F 30 60.88 -57.37 9.88
C LEU F 30 62.00 -57.17 10.89
N VAL F 31 61.97 -57.96 11.96
CA VAL F 31 62.97 -57.85 13.01
C VAL F 31 63.39 -59.26 13.43
N LYS F 32 64.69 -59.51 13.48
CA LYS F 32 65.21 -60.75 14.02
C LYS F 32 64.97 -60.79 15.54
N PRO F 33 64.67 -61.96 16.12
CA PRO F 33 64.25 -61.99 17.52
C PRO F 33 65.38 -61.70 18.49
N GLY F 34 65.01 -61.13 19.62
CA GLY F 34 65.97 -60.59 20.57
C GLY F 34 66.28 -59.13 20.36
N ARG F 35 65.63 -58.46 19.41
CA ARG F 35 65.86 -57.06 19.11
C ARG F 35 64.57 -56.26 19.33
N SER F 36 64.65 -54.97 19.06
CA SER F 36 63.59 -54.03 19.42
C SER F 36 63.02 -53.33 18.20
N LEU F 37 61.87 -52.71 18.39
CA LEU F 37 61.18 -51.95 17.37
C LEU F 37 60.38 -50.85 18.05
N ARG F 38 59.89 -49.91 17.26
CA ARG F 38 59.10 -48.79 17.78
C ARG F 38 58.00 -48.47 16.79
N LEU F 39 56.76 -48.65 17.22
CA LEU F 39 55.59 -48.31 16.42
C LEU F 39 55.07 -46.94 16.81
N SER F 40 54.77 -46.12 15.81
CA SER F 40 54.21 -44.80 16.04
C SER F 40 52.85 -44.68 15.37
N CYS F 41 51.99 -43.86 15.96
CA CYS F 41 50.63 -43.64 15.49
C CYS F 41 50.27 -42.17 15.64
N ALA F 42 49.77 -41.58 14.55
CA ALA F 42 49.46 -40.16 14.49
C ALA F 42 47.99 -39.98 14.17
N ALA F 43 47.32 -39.11 14.93
CA ALA F 43 45.90 -38.87 14.82
C ALA F 43 45.63 -37.55 14.11
N SER F 44 44.39 -37.39 13.63
CA SER F 44 43.98 -36.16 12.98
C SER F 44 42.48 -35.99 13.08
N GLY F 45 42.04 -34.88 13.65
CA GLY F 45 40.63 -34.54 13.71
C GLY F 45 39.96 -34.74 15.05
N PHE F 46 40.68 -35.14 16.09
CA PHE F 46 40.12 -35.32 17.42
C PHE F 46 40.47 -34.14 18.30
N THR F 47 40.06 -34.27 19.55
CA THR F 47 40.71 -33.60 20.67
C THR F 47 41.41 -34.72 21.43
N PHE F 48 42.72 -34.86 21.19
CA PHE F 48 43.47 -36.04 21.59
C PHE F 48 43.56 -36.22 23.10
N SER F 49 43.41 -35.16 23.88
CA SER F 49 43.49 -35.29 25.32
C SER F 49 42.19 -35.77 25.95
N ASP F 50 41.17 -36.09 25.16
CA ASP F 50 39.88 -36.50 25.70
C ASP F 50 39.59 -37.97 25.47
N TYR F 51 40.59 -38.78 25.15
CA TYR F 51 40.34 -40.17 24.77
C TYR F 51 41.47 -41.07 25.26
N TYR F 52 41.10 -42.24 25.77
CA TYR F 52 42.03 -43.35 25.88
C TYR F 52 42.46 -43.79 24.49
N MET F 53 43.68 -44.31 24.40
CA MET F 53 44.15 -44.90 23.16
C MET F 53 44.56 -46.35 23.41
N SER F 54 44.60 -47.13 22.34
CA SER F 54 44.86 -48.55 22.49
C SER F 54 45.64 -49.09 21.30
N TRP F 55 46.46 -50.10 21.57
CA TRP F 55 47.15 -50.88 20.56
C TRP F 55 46.55 -52.28 20.57
N ILE F 56 46.22 -52.81 19.39
CA ILE F 56 45.53 -54.09 19.27
C ILE F 56 46.19 -54.91 18.18
N ARG F 57 46.60 -56.13 18.50
CA ARG F 57 47.24 -56.99 17.51
C ARG F 57 46.24 -57.95 16.88
N GLN F 58 46.65 -58.55 15.77
CA GLN F 58 45.93 -59.67 15.17
C GLN F 58 46.96 -60.59 14.54
N ALA F 59 47.11 -61.79 15.11
CA ALA F 59 47.96 -62.81 14.52
C ALA F 59 47.32 -63.34 13.24
N PRO F 60 48.11 -63.83 12.29
CA PRO F 60 47.52 -64.35 11.05
C PRO F 60 46.74 -65.63 11.28
N GLY F 61 45.55 -65.69 10.69
CA GLY F 61 44.68 -66.84 10.87
C GLY F 61 44.09 -66.96 12.26
N LYS F 62 43.92 -65.86 12.95
CA LYS F 62 43.40 -65.87 14.32
C LYS F 62 42.46 -64.69 14.50
N GLY F 63 42.11 -64.40 15.75
CA GLY F 63 41.18 -63.34 16.07
C GLY F 63 41.84 -62.10 16.65
N LEU F 64 40.99 -61.16 17.04
CA LEU F 64 41.44 -59.90 17.60
C LEU F 64 41.81 -60.09 19.07
N GLU F 65 42.78 -59.29 19.52
CA GLU F 65 43.29 -59.40 20.88
C GLU F 65 43.94 -58.07 21.25
N TRP F 66 43.48 -57.47 22.35
CA TRP F 66 44.04 -56.21 22.78
C TRP F 66 45.45 -56.40 23.32
N VAL F 67 46.30 -55.42 23.08
CA VAL F 67 47.68 -55.43 23.55
C VAL F 67 47.89 -54.41 24.65
N SER F 68 47.37 -53.19 24.47
CA SER F 68 47.68 -52.15 25.42
C SER F 68 46.61 -51.07 25.42
N TYR F 69 46.37 -50.48 26.61
CA TYR F 69 45.48 -49.34 26.80
C TYR F 69 46.19 -48.26 27.60
N ILE F 70 45.95 -47.01 27.26
CA ILE F 70 46.50 -45.89 28.02
C ILE F 70 45.47 -44.76 28.10
N SER F 71 45.36 -44.15 29.28
CA SER F 71 44.49 -43.02 29.52
C SER F 71 45.21 -41.73 29.17
N SER F 72 44.51 -40.61 29.28
CA SER F 72 45.13 -39.30 29.13
C SER F 72 46.12 -39.06 30.26
N SER F 73 47.21 -38.37 29.92
CA SER F 73 48.37 -38.07 30.76
C SER F 73 49.13 -39.32 31.23
N GLY F 74 48.81 -40.51 30.70
CA GLY F 74 49.60 -41.69 30.91
C GLY F 74 49.64 -42.25 32.31
N SER F 75 48.67 -41.91 33.16
CA SER F 75 48.71 -42.37 34.54
C SER F 75 48.23 -43.81 34.66
N THR F 76 47.19 -44.17 33.92
CA THR F 76 46.58 -45.50 33.98
C THR F 76 46.95 -46.26 32.73
N ILE F 77 47.69 -47.36 32.90
CA ILE F 77 48.31 -48.09 31.80
C ILE F 77 48.00 -49.57 31.97
N TYR F 78 47.41 -50.19 30.94
CA TYR F 78 47.10 -51.62 30.97
C TYR F 78 47.88 -52.31 29.87
N TYR F 79 48.65 -53.33 30.24
CA TYR F 79 49.28 -54.24 29.31
C TYR F 79 48.57 -55.57 29.34
N ALA F 80 48.89 -56.41 28.37
CA ALA F 80 48.39 -57.78 28.38
C ALA F 80 49.34 -58.67 29.16
N ASP F 81 48.82 -59.81 29.62
CA ASP F 81 49.64 -60.74 30.40
C ASP F 81 50.71 -61.41 29.56
N SER F 82 50.50 -61.49 28.25
CA SER F 82 51.47 -62.09 27.37
C SER F 82 52.62 -61.17 27.01
N VAL F 83 52.53 -59.89 27.37
CA VAL F 83 53.43 -58.90 26.78
C VAL F 83 54.00 -57.97 27.86
N ARG F 84 53.57 -58.14 29.10
CA ARG F 84 53.95 -57.23 30.18
C ARG F 84 55.43 -57.37 30.52
N GLY F 85 56.09 -56.23 30.75
CA GLY F 85 57.50 -56.21 31.04
C GLY F 85 58.38 -56.10 29.82
N ARG F 86 57.80 -56.15 28.62
CA ARG F 86 58.54 -56.05 27.38
C ARG F 86 58.14 -54.87 26.52
N PHE F 87 56.88 -54.44 26.56
CA PHE F 87 56.39 -53.37 25.70
C PHE F 87 56.12 -52.14 26.56
N THR F 88 56.24 -50.96 25.96
CA THR F 88 56.03 -49.71 26.69
C THR F 88 55.22 -48.74 25.85
N ILE F 89 54.08 -48.27 26.39
CA ILE F 89 53.24 -47.29 25.71
C ILE F 89 53.77 -45.91 26.07
N SER F 90 53.50 -44.94 25.20
CA SER F 90 53.71 -43.54 25.53
C SER F 90 52.74 -42.71 24.71
N ARG F 91 52.38 -41.55 25.25
CA ARG F 91 51.55 -40.58 24.56
C ARG F 91 52.30 -39.26 24.42
N ASP F 92 51.84 -38.46 23.47
CA ASP F 92 52.21 -37.06 23.41
C ASP F 92 50.95 -36.31 22.93
N ASN F 93 50.29 -35.64 23.86
CA ASN F 93 49.06 -34.93 23.53
C ASN F 93 49.31 -33.67 22.72
N ALA F 94 50.50 -33.09 22.85
CA ALA F 94 50.83 -31.92 22.04
C ALA F 94 51.10 -32.31 20.59
N LYS F 95 51.86 -33.37 20.38
CA LYS F 95 52.15 -33.86 19.03
C LYS F 95 51.08 -34.80 18.50
N ASN F 96 50.10 -35.16 19.33
CA ASN F 96 48.98 -36.06 18.99
C ASN F 96 49.50 -37.41 18.51
N SER F 97 50.25 -38.09 19.38
CA SER F 97 50.99 -39.28 18.96
C SER F 97 50.96 -40.36 20.03
N LEU F 98 50.99 -41.60 19.57
CA LEU F 98 50.96 -42.80 20.40
C LEU F 98 52.12 -43.71 20.01
N TYR F 99 52.70 -44.40 21.00
CA TYR F 99 53.87 -45.23 20.73
C TYR F 99 53.73 -46.63 21.30
N LEU F 100 54.52 -47.53 20.73
CA LEU F 100 54.96 -48.77 21.37
C LEU F 100 56.46 -48.87 21.22
N GLN F 101 57.15 -49.04 22.34
CA GLN F 101 58.53 -49.50 22.35
C GLN F 101 58.48 -51.00 22.62
N MET F 102 58.82 -51.80 21.62
CA MET F 102 58.73 -53.25 21.69
C MET F 102 60.13 -53.81 21.87
N ASN F 103 60.41 -54.36 23.04
CA ASN F 103 61.76 -54.82 23.39
C ASN F 103 61.79 -56.33 23.49
N THR F 104 62.90 -56.91 23.02
CA THR F 104 63.21 -58.34 23.05
C THR F 104 62.09 -59.16 22.40
N LEU F 105 61.95 -58.96 21.10
CA LEU F 105 60.86 -59.54 20.33
C LEU F 105 60.97 -61.05 20.24
N ARG F 106 59.82 -61.69 20.01
CA ARG F 106 59.71 -63.14 19.96
C ARG F 106 58.96 -63.53 18.69
N ALA F 107 58.95 -64.82 18.40
CA ALA F 107 58.34 -65.30 17.16
C ALA F 107 56.83 -65.34 17.21
N GLU F 108 56.20 -65.09 18.36
CA GLU F 108 54.76 -65.01 18.44
C GLU F 108 54.24 -63.59 18.32
N ASP F 109 55.11 -62.63 18.03
CA ASP F 109 54.71 -61.24 17.84
C ASP F 109 54.53 -60.89 16.37
N THR F 110 54.56 -61.87 15.48
CA THR F 110 54.31 -61.65 14.05
C THR F 110 52.82 -61.41 13.87
N ALA F 111 52.44 -60.16 13.63
CA ALA F 111 51.02 -59.80 13.65
C ALA F 111 50.80 -58.50 12.91
N VAL F 112 49.53 -58.24 12.59
CA VAL F 112 49.08 -56.95 12.08
C VAL F 112 48.59 -56.13 13.25
N TYR F 113 49.15 -54.95 13.44
CA TYR F 113 48.85 -54.11 14.60
C TYR F 113 47.96 -52.95 14.19
N TYR F 114 47.11 -52.52 15.13
CA TYR F 114 46.11 -51.50 14.90
C TYR F 114 46.17 -50.47 16.02
N CYS F 115 46.20 -49.21 15.62
CA CYS F 115 45.92 -48.10 16.52
C CYS F 115 44.42 -47.93 16.62
N ALA F 116 43.89 -47.81 17.84
CA ALA F 116 42.45 -47.66 17.98
C ALA F 116 42.14 -46.64 19.07
N ARG F 117 41.07 -45.89 18.85
CA ARG F 117 40.54 -44.96 19.83
C ARG F 117 39.20 -45.48 20.31
N GLY F 118 39.05 -45.60 21.62
CA GLY F 118 37.75 -45.97 22.16
C GLY F 118 37.47 -45.29 23.48
N GLY F 119 38.19 -44.21 23.77
CA GLY F 119 38.22 -43.73 25.13
C GLY F 119 37.03 -42.98 25.67
N TRP F 120 36.82 -41.75 25.17
CA TRP F 120 35.68 -40.85 25.40
C TRP F 120 35.67 -40.25 26.81
N GLU F 121 36.53 -40.78 27.70
CA GLU F 121 37.02 -40.20 28.95
C GLU F 121 35.98 -39.55 29.84
N LEU F 122 35.25 -40.33 30.63
CA LEU F 122 34.10 -39.83 31.38
C LEU F 122 34.47 -38.84 32.47
N ARG F 123 34.97 -37.67 32.06
CA ARG F 123 34.95 -36.46 32.88
C ARG F 123 34.71 -35.23 32.03
N SER F 124 34.60 -35.38 30.71
CA SER F 124 34.46 -34.25 29.81
C SER F 124 33.34 -34.47 28.81
N LEU F 125 33.09 -33.49 27.95
CA LEU F 125 31.99 -33.52 26.99
C LEU F 125 32.60 -33.76 25.62
N ALA F 126 32.77 -35.03 25.26
CA ALA F 126 33.42 -35.42 24.03
C ALA F 126 32.37 -35.73 22.97
N GLY F 127 32.84 -36.14 21.79
CA GLY F 127 31.95 -36.43 20.69
C GLY F 127 32.29 -37.75 20.03
N GLY F 128 31.33 -38.26 19.26
CA GLY F 128 31.47 -39.51 18.55
C GLY F 128 30.46 -40.54 19.05
N TYR F 129 30.95 -41.76 19.26
CA TYR F 129 30.19 -42.80 19.92
C TYR F 129 30.99 -43.31 21.10
N TYR F 130 30.32 -44.05 21.99
CA TYR F 130 31.01 -44.74 23.07
C TYR F 130 31.37 -46.13 22.58
N GLY F 131 32.63 -46.34 22.30
CA GLY F 131 33.08 -47.58 21.70
C GLY F 131 34.30 -47.32 20.85
N MET F 132 34.80 -48.40 20.25
CA MET F 132 36.01 -48.34 19.43
C MET F 132 35.61 -48.06 17.98
N ASP F 133 35.19 -46.82 17.75
CA ASP F 133 34.55 -46.49 16.48
C ASP F 133 35.54 -46.24 15.35
N VAL F 134 36.64 -45.55 15.63
CA VAL F 134 37.62 -45.27 14.59
C VAL F 134 38.83 -46.17 14.79
N TRP F 135 39.46 -46.53 13.67
CA TRP F 135 40.53 -47.51 13.66
C TRP F 135 41.63 -47.02 12.72
N GLY F 136 42.80 -47.61 12.86
CA GLY F 136 43.88 -47.41 11.93
C GLY F 136 43.74 -48.32 10.73
N GLN F 137 44.85 -48.51 10.02
CA GLN F 137 44.86 -49.37 8.85
C GLN F 137 45.66 -50.64 9.03
N GLY F 138 46.48 -50.73 10.07
CA GLY F 138 47.27 -51.91 10.30
C GLY F 138 48.71 -51.79 9.86
N THR F 139 49.62 -52.37 10.63
CA THR F 139 51.05 -52.37 10.33
C THR F 139 51.58 -53.77 10.61
N THR F 140 52.33 -54.33 9.68
CA THR F 140 52.73 -55.73 9.78
C THR F 140 54.11 -55.84 10.43
N VAL F 141 54.19 -56.65 11.49
CA VAL F 141 55.46 -56.95 12.15
C VAL F 141 55.74 -58.43 11.93
N THR F 142 56.91 -58.73 11.38
CA THR F 142 57.32 -60.09 11.08
C THR F 142 58.61 -60.38 11.84
N VAL F 143 58.60 -61.42 12.66
CA VAL F 143 59.77 -61.82 13.43
C VAL F 143 60.23 -63.18 12.92
N SER F 144 61.41 -63.20 12.30
CA SER F 144 61.98 -64.43 11.76
C SER F 144 63.48 -64.29 11.57
N SER F 145 64.24 -65.18 12.17
CA SER F 145 65.69 -65.13 12.06
C SER F 145 66.10 -65.40 10.62
N ALA F 146 65.13 -65.36 9.72
CA ALA F 146 65.36 -65.59 8.31
C ALA F 146 66.28 -64.52 7.70
N SER F 147 65.78 -63.77 6.73
CA SER F 147 66.57 -62.71 6.10
C SER F 147 65.89 -62.18 4.84
N THR F 148 65.83 -63.03 3.82
CA THR F 148 65.23 -62.68 2.55
C THR F 148 65.77 -63.68 1.53
N LYS F 149 65.04 -64.77 1.33
CA LYS F 149 65.48 -65.80 0.41
C LYS F 149 64.51 -65.93 -0.75
N GLY F 150 65.03 -66.37 -1.89
CA GLY F 150 64.26 -66.51 -3.09
C GLY F 150 63.56 -67.85 -3.18
N PRO F 151 62.51 -67.93 -3.98
CA PRO F 151 61.72 -69.16 -4.04
C PRO F 151 62.36 -70.20 -4.95
N SER F 152 62.13 -71.46 -4.63
CA SER F 152 62.48 -72.58 -5.49
C SER F 152 61.21 -73.12 -6.11
N VAL F 153 61.22 -73.29 -7.44
CA VAL F 153 60.00 -73.60 -8.19
C VAL F 153 60.14 -74.99 -8.80
N PHE F 154 59.06 -75.77 -8.74
CA PHE F 154 58.89 -77.02 -9.47
C PHE F 154 57.54 -77.01 -10.18
N PRO F 155 57.43 -77.64 -11.33
CA PRO F 155 56.11 -77.82 -11.96
C PRO F 155 55.50 -79.16 -11.55
N LEU F 156 54.26 -79.10 -11.04
CA LEU F 156 53.50 -80.32 -10.74
C LEU F 156 52.67 -80.65 -11.98
N ALA F 157 53.11 -81.68 -12.68
CA ALA F 157 52.63 -82.11 -13.98
C ALA F 157 51.19 -82.59 -13.90
N PRO F 158 50.41 -82.40 -14.97
CA PRO F 158 49.11 -83.05 -15.04
C PRO F 158 49.28 -84.54 -15.22
N SER F 159 48.49 -85.32 -14.48
CA SER F 159 48.64 -86.77 -14.52
C SER F 159 47.25 -87.40 -14.48
N SER F 160 47.21 -88.69 -14.86
CA SER F 160 45.96 -89.43 -14.81
C SER F 160 45.46 -89.58 -13.38
N LYS F 161 46.36 -89.59 -12.39
CA LYS F 161 45.93 -89.57 -11.00
C LYS F 161 45.29 -88.24 -10.63
N SER F 162 45.60 -87.18 -11.36
CA SER F 162 44.88 -85.92 -11.25
C SER F 162 43.77 -85.81 -12.28
N THR F 163 43.83 -86.60 -13.36
CA THR F 163 42.81 -86.53 -14.39
C THR F 163 41.56 -87.29 -13.97
N SER F 164 40.39 -86.74 -14.32
CA SER F 164 39.10 -87.39 -14.05
C SER F 164 38.12 -86.92 -15.12
N GLY F 165 37.86 -87.78 -16.09
CA GLY F 165 36.85 -87.49 -17.09
C GLY F 165 37.27 -86.36 -18.02
N GLY F 166 36.57 -85.24 -17.92
CA GLY F 166 36.74 -84.16 -18.88
C GLY F 166 37.88 -83.20 -18.56
N THR F 167 38.38 -83.21 -17.32
CA THR F 167 39.37 -82.22 -16.90
C THR F 167 40.53 -82.89 -16.19
N ALA F 168 41.66 -82.18 -16.15
CA ALA F 168 42.87 -82.60 -15.45
C ALA F 168 43.57 -81.37 -14.92
N ALA F 169 44.23 -81.50 -13.78
CA ALA F 169 44.80 -80.38 -13.05
C ALA F 169 46.32 -80.40 -13.14
N LEU F 170 46.92 -79.21 -13.25
CA LEU F 170 48.36 -79.03 -13.24
C LEU F 170 48.70 -77.74 -12.50
N GLY F 171 49.93 -77.64 -12.00
CA GLY F 171 50.24 -76.47 -11.21
C GLY F 171 51.73 -76.25 -11.03
N CYS F 172 52.04 -75.33 -10.12
CA CYS F 172 53.43 -74.95 -9.83
C CYS F 172 53.61 -74.83 -8.34
N LEU F 173 54.68 -75.44 -7.83
CA LEU F 173 55.01 -75.43 -6.42
C LEU F 173 56.17 -74.47 -6.21
N VAL F 174 55.93 -73.40 -5.46
CA VAL F 174 56.94 -72.39 -5.19
C VAL F 174 57.18 -72.40 -3.69
N LYS F 175 58.39 -72.79 -3.27
CA LYS F 175 58.65 -73.10 -1.87
C LYS F 175 59.89 -72.38 -1.36
N ASP F 176 60.10 -72.49 -0.05
CA ASP F 176 61.28 -71.99 0.65
C ASP F 176 61.62 -70.55 0.33
N TYR F 177 60.79 -69.62 0.77
CA TYR F 177 61.10 -68.20 0.70
C TYR F 177 60.66 -67.51 1.99
N PHE F 178 61.45 -66.56 2.47
CA PHE F 178 61.02 -65.77 3.61
C PHE F 178 60.12 -64.58 3.26
N PRO F 179 60.46 -63.76 2.27
CA PRO F 179 59.76 -62.48 2.12
C PRO F 179 58.34 -62.65 1.62
N GLU F 180 57.41 -62.77 2.58
CA GLU F 180 56.03 -63.21 2.47
C GLU F 180 55.33 -62.87 1.16
N PRO F 181 55.31 -61.61 0.71
CA PRO F 181 54.57 -61.32 -0.52
C PRO F 181 55.26 -61.89 -1.75
N VAL F 182 54.65 -62.92 -2.33
CA VAL F 182 55.14 -63.57 -3.53
C VAL F 182 53.94 -63.86 -4.42
N THR F 183 54.13 -63.86 -5.74
CA THR F 183 52.97 -64.08 -6.59
C THR F 183 53.35 -65.06 -7.70
N VAL F 184 52.38 -65.88 -8.08
CA VAL F 184 52.49 -66.79 -9.21
C VAL F 184 51.24 -66.59 -10.07
N SER F 185 51.46 -66.26 -11.34
CA SER F 185 50.37 -66.13 -12.29
C SER F 185 50.45 -67.28 -13.29
N TRP F 186 49.38 -67.44 -14.06
CA TRP F 186 49.35 -68.46 -15.10
C TRP F 186 49.29 -67.78 -16.47
N ASN F 187 50.32 -68.04 -17.27
CA ASN F 187 50.41 -67.54 -18.63
C ASN F 187 50.29 -66.02 -18.65
N SER F 188 51.16 -65.37 -17.87
CA SER F 188 51.25 -63.91 -17.82
C SER F 188 49.92 -63.25 -17.45
N GLY F 189 49.07 -63.98 -16.73
CA GLY F 189 47.77 -63.47 -16.33
C GLY F 189 46.63 -63.86 -17.26
N ALA F 190 46.84 -64.81 -18.16
CA ALA F 190 45.81 -65.17 -19.13
C ALA F 190 44.70 -66.03 -18.54
N LEU F 191 45.03 -67.15 -17.92
CA LEU F 191 44.02 -68.11 -17.43
C LEU F 191 43.51 -67.64 -16.08
N THR F 192 42.20 -67.45 -15.99
CA THR F 192 41.55 -67.08 -14.73
C THR F 192 40.57 -68.16 -14.32
N SER F 193 40.38 -69.16 -15.18
CA SER F 193 39.50 -70.28 -14.91
C SER F 193 40.27 -71.42 -14.26
N GLY F 194 39.83 -71.82 -13.07
CA GLY F 194 40.44 -72.91 -12.34
C GLY F 194 41.73 -72.56 -11.64
N VAL F 195 42.32 -71.41 -11.94
CA VAL F 195 43.56 -70.98 -11.28
C VAL F 195 43.24 -70.65 -9.84
N HIS F 196 43.86 -71.39 -8.91
CA HIS F 196 43.67 -71.18 -7.49
C HIS F 196 44.99 -71.32 -6.71
N THR F 197 45.48 -70.21 -6.16
CA THR F 197 46.71 -70.21 -5.40
C THR F 197 46.34 -70.44 -3.93
N PHE F 198 46.96 -71.42 -3.33
CA PHE F 198 46.60 -71.75 -1.98
C PHE F 198 47.42 -70.95 -0.98
N PRO F 199 46.89 -70.71 0.22
CA PRO F 199 47.64 -69.92 1.20
C PRO F 199 49.01 -70.53 1.46
N ALA F 200 50.00 -69.65 1.54
CA ALA F 200 51.35 -70.10 1.82
C ALA F 200 51.41 -70.75 3.20
N VAL F 201 52.30 -71.72 3.33
CA VAL F 201 52.47 -72.42 4.58
C VAL F 201 53.84 -72.09 5.14
N LEU F 202 53.89 -71.93 6.47
CA LEU F 202 55.11 -71.59 7.18
C LEU F 202 55.68 -72.85 7.81
N GLN F 203 56.84 -73.27 7.34
CA GLN F 203 57.46 -74.51 7.80
C GLN F 203 58.19 -74.29 9.12
N SER F 204 58.69 -75.40 9.68
CA SER F 204 59.53 -75.29 10.87
C SER F 204 60.86 -74.64 10.55
N SER F 205 61.33 -74.78 9.31
CA SER F 205 62.57 -74.14 8.90
C SER F 205 62.48 -72.62 8.98
N GLY F 206 61.27 -72.08 9.07
CA GLY F 206 61.07 -70.65 9.10
C GLY F 206 60.75 -70.02 7.77
N LEU F 207 60.75 -70.79 6.69
CA LEU F 207 60.49 -70.28 5.36
C LEU F 207 59.11 -70.68 4.88
N TYR F 208 58.53 -69.84 4.03
CA TYR F 208 57.21 -70.10 3.51
C TYR F 208 57.25 -71.04 2.31
N SER F 209 56.08 -71.54 1.93
CA SER F 209 55.93 -72.37 0.76
C SER F 209 54.46 -72.38 0.36
N LEU F 210 54.22 -72.51 -0.95
CA LEU F 210 52.86 -72.58 -1.45
C LEU F 210 52.87 -73.31 -2.79
N SER F 211 51.66 -73.59 -3.27
CA SER F 211 51.46 -74.26 -4.56
C SER F 211 50.16 -73.76 -5.19
N SER F 212 50.22 -73.37 -6.46
CA SER F 212 49.05 -72.87 -7.17
C SER F 212 48.71 -73.82 -8.28
N VAL F 213 47.44 -74.22 -8.36
CA VAL F 213 47.00 -75.25 -9.29
C VAL F 213 45.82 -74.76 -10.10
N VAL F 214 45.71 -75.26 -11.32
CA VAL F 214 44.62 -74.91 -12.24
C VAL F 214 44.23 -76.17 -13.00
N THR F 215 42.92 -76.34 -13.19
CA THR F 215 42.38 -77.44 -13.96
C THR F 215 42.10 -76.97 -15.39
N VAL F 216 42.20 -77.89 -16.34
CA VAL F 216 42.12 -77.58 -17.76
C VAL F 216 41.64 -78.87 -18.44
N PRO F 217 40.81 -78.79 -19.48
CA PRO F 217 40.25 -80.01 -20.09
C PRO F 217 41.31 -81.06 -20.38
N SER F 218 40.98 -82.32 -20.09
CA SER F 218 41.94 -83.39 -20.25
C SER F 218 42.30 -83.62 -21.71
N SER F 219 41.47 -83.14 -22.64
CA SER F 219 41.86 -83.16 -24.04
C SER F 219 43.01 -82.21 -24.30
N SER F 220 43.25 -81.27 -23.38
CA SER F 220 44.24 -80.22 -23.53
C SER F 220 45.42 -80.36 -22.56
N LEU F 221 45.92 -81.59 -22.35
CA LEU F 221 47.03 -81.79 -21.44
C LEU F 221 48.25 -80.95 -21.81
N GLY F 222 48.85 -81.23 -22.97
CA GLY F 222 50.01 -80.48 -23.38
C GLY F 222 49.71 -79.47 -24.46
N THR F 223 48.48 -79.45 -24.97
CA THR F 223 48.15 -78.78 -26.22
C THR F 223 48.50 -77.29 -26.19
N GLN F 224 48.01 -76.56 -25.19
CA GLN F 224 48.21 -75.12 -25.17
C GLN F 224 49.32 -74.75 -24.18
N THR F 225 49.51 -73.45 -23.99
CA THR F 225 50.57 -72.96 -23.10
C THR F 225 50.06 -72.84 -21.67
N TYR F 226 50.81 -73.41 -20.75
CA TYR F 226 50.55 -73.27 -19.32
C TYR F 226 51.87 -73.01 -18.63
N ILE F 227 52.25 -71.74 -18.55
CA ILE F 227 53.52 -71.33 -17.95
C ILE F 227 53.21 -70.46 -16.75
N CYS F 228 53.68 -70.90 -15.58
CA CYS F 228 53.52 -70.14 -14.35
C CYS F 228 54.63 -69.11 -14.25
N ASN F 229 54.23 -67.87 -14.01
CA ASN F 229 55.11 -66.71 -13.92
C ASN F 229 55.27 -66.42 -12.43
N VAL F 230 56.45 -66.68 -11.91
CA VAL F 230 56.76 -66.51 -10.50
C VAL F 230 57.50 -65.19 -10.34
N ASN F 231 56.93 -64.29 -9.53
CA ASN F 231 57.56 -63.02 -9.21
C ASN F 231 57.65 -62.82 -7.71
N HIS F 232 58.84 -62.47 -7.24
CA HIS F 232 59.15 -62.24 -5.83
C HIS F 232 59.55 -60.77 -5.72
N LYS F 233 58.66 -59.96 -5.14
CA LYS F 233 58.79 -58.51 -5.14
C LYS F 233 59.81 -57.96 -4.14
N PRO F 234 59.91 -58.49 -2.91
CA PRO F 234 61.01 -58.02 -2.04
C PRO F 234 62.37 -58.28 -2.65
N SER F 235 62.59 -59.47 -3.20
CA SER F 235 63.74 -59.70 -4.07
C SER F 235 63.35 -59.26 -5.47
N ASN F 236 64.11 -59.67 -6.48
CA ASN F 236 63.78 -59.37 -7.87
C ASN F 236 63.76 -60.64 -8.72
N THR F 237 63.10 -61.68 -8.22
CA THR F 237 63.04 -62.95 -8.92
C THR F 237 61.84 -63.00 -9.84
N LYS F 238 62.10 -63.40 -11.09
CA LYS F 238 61.06 -63.56 -12.11
C LYS F 238 61.43 -64.75 -12.98
N VAL F 239 60.66 -65.82 -12.88
CA VAL F 239 60.94 -67.06 -13.61
C VAL F 239 59.64 -67.64 -14.15
N ASP F 240 59.66 -68.09 -15.40
CA ASP F 240 58.51 -68.74 -16.03
C ASP F 240 58.80 -70.23 -16.16
N LYS F 241 57.90 -71.06 -15.64
CA LYS F 241 58.06 -72.51 -15.66
C LYS F 241 56.88 -73.15 -16.38
N LYS F 242 57.17 -74.00 -17.35
CA LYS F 242 56.14 -74.71 -18.11
C LYS F 242 55.80 -76.03 -17.42
N VAL F 243 54.52 -76.37 -17.39
CA VAL F 243 54.04 -77.61 -16.80
C VAL F 243 53.50 -78.49 -17.92
N GLU F 244 54.04 -79.70 -18.03
CA GLU F 244 53.67 -80.64 -19.07
C GLU F 244 53.37 -81.99 -18.44
N PRO F 245 52.56 -82.82 -19.10
CA PRO F 245 52.27 -84.15 -18.54
C PRO F 245 53.53 -84.94 -18.24
N LYS F 246 53.40 -85.89 -17.34
CA LYS F 246 54.54 -86.68 -16.91
C LYS F 246 55.07 -87.52 -18.07
N SER F 247 56.39 -87.69 -18.09
CA SER F 247 57.09 -88.39 -19.16
C SER F 247 56.57 -89.82 -19.36
N ASP G 20 39.83 -60.23 34.72
CA ASP G 20 39.09 -59.30 33.87
C ASP G 20 37.69 -59.81 33.61
N ILE G 21 37.09 -59.35 32.51
CA ILE G 21 35.74 -59.72 32.12
C ILE G 21 35.83 -60.50 30.82
N VAL G 22 35.46 -61.77 30.86
CA VAL G 22 35.57 -62.62 29.68
C VAL G 22 34.22 -62.65 28.97
N MET G 23 34.28 -62.82 27.65
CA MET G 23 33.09 -62.86 26.80
C MET G 23 33.10 -64.17 26.03
N THR G 24 31.91 -64.73 25.77
CA THR G 24 31.77 -65.96 25.01
C THR G 24 30.70 -65.79 23.96
N GLN G 25 31.05 -66.03 22.69
CA GLN G 25 30.10 -66.05 21.59
C GLN G 25 29.75 -67.48 21.24
N THR G 26 28.46 -67.79 21.20
CA THR G 26 28.04 -69.18 21.07
C THR G 26 28.02 -69.80 19.66
N PRO G 27 27.60 -69.10 18.53
CA PRO G 27 27.49 -69.84 17.26
C PRO G 27 28.80 -70.35 16.68
N PHE G 28 29.77 -69.48 16.41
CA PHE G 28 31.16 -69.86 16.08
C PHE G 28 31.29 -70.77 14.87
N THR G 29 31.32 -70.19 13.66
CA THR G 29 31.16 -70.78 12.31
C THR G 29 29.73 -71.22 12.06
N LEU G 30 28.86 -70.22 11.96
CA LEU G 30 27.49 -70.39 11.51
C LEU G 30 27.42 -70.36 9.98
N SER G 31 26.52 -71.15 9.41
CA SER G 31 26.32 -71.23 7.97
C SER G 31 24.86 -71.01 7.65
N ALA G 32 24.60 -70.25 6.59
CA ALA G 32 23.24 -69.86 6.25
C ALA G 32 23.12 -69.70 4.74
N SER G 33 21.88 -69.55 4.28
CA SER G 33 21.59 -69.21 2.90
C SER G 33 21.57 -67.69 2.79
N VAL G 34 21.06 -67.17 1.67
CA VAL G 34 20.91 -65.73 1.47
C VAL G 34 19.43 -65.37 1.63
N GLY G 35 19.15 -64.40 2.50
CA GLY G 35 17.79 -63.99 2.76
C GLY G 35 17.09 -64.82 3.82
N ASP G 36 17.73 -65.01 4.98
CA ASP G 36 17.08 -65.69 6.09
C ASP G 36 17.63 -65.14 7.40
N ARG G 37 17.04 -65.60 8.50
CA ARG G 37 17.34 -65.06 9.81
C ARG G 37 18.58 -65.70 10.41
N VAL G 38 19.36 -64.90 11.14
CA VAL G 38 20.62 -65.31 11.73
C VAL G 38 20.72 -64.68 13.12
N THR G 39 21.02 -65.50 14.13
CA THR G 39 21.15 -65.05 15.50
C THR G 39 22.56 -65.34 16.00
N ILE G 40 23.13 -64.40 16.75
CA ILE G 40 24.42 -64.57 17.41
C ILE G 40 24.25 -64.13 18.85
N THR G 41 24.65 -64.98 19.79
CA THR G 41 24.51 -64.71 21.21
C THR G 41 25.89 -64.52 21.82
N CYS G 42 26.01 -63.55 22.72
CA CYS G 42 27.27 -63.23 23.39
C CYS G 42 26.99 -62.99 24.87
N ARG G 43 27.67 -63.74 25.73
CA ARG G 43 27.45 -63.67 27.17
C ARG G 43 28.62 -62.97 27.85
N ALA G 44 28.51 -62.78 29.15
CA ALA G 44 29.53 -62.04 29.88
C ALA G 44 29.70 -62.63 31.28
N SER G 45 30.83 -62.32 31.91
CA SER G 45 31.20 -62.89 33.20
C SER G 45 30.99 -61.96 34.38
N GLN G 46 30.41 -60.79 34.16
CA GLN G 46 30.02 -59.87 35.22
C GLN G 46 28.68 -59.26 34.83
N GLY G 47 28.34 -58.16 35.49
CA GLY G 47 27.19 -57.40 35.08
C GLY G 47 27.60 -56.16 34.33
N ILE G 48 27.46 -56.19 33.01
CA ILE G 48 27.61 -55.00 32.19
C ILE G 48 26.21 -54.52 31.83
N ARG G 49 26.00 -53.21 31.84
CA ARG G 49 24.63 -52.71 31.82
C ARG G 49 24.06 -52.71 30.41
N ASN G 50 24.64 -51.88 29.55
CA ASN G 50 24.33 -51.89 28.13
C ASN G 50 25.57 -51.67 27.29
N ASP G 51 26.74 -51.61 27.92
CA ASP G 51 27.99 -51.26 27.25
C ASP G 51 28.46 -52.48 26.47
N LEU G 52 27.96 -52.59 25.24
CA LEU G 52 28.37 -53.66 24.34
C LEU G 52 28.34 -53.13 22.92
N GLY G 53 29.36 -53.48 22.15
CA GLY G 53 29.41 -53.15 20.75
C GLY G 53 29.57 -54.40 19.90
N TRP G 54 28.98 -54.34 18.71
CA TRP G 54 29.09 -55.43 17.75
C TRP G 54 29.90 -54.95 16.56
N TYR G 55 30.91 -55.72 16.19
CA TYR G 55 31.90 -55.32 15.20
C TYR G 55 31.94 -56.35 14.08
N GLN G 56 32.24 -55.88 12.88
CA GLN G 56 32.24 -56.72 11.69
C GLN G 56 33.57 -56.57 10.97
N GLN G 57 34.21 -57.69 10.66
CA GLN G 57 35.47 -57.68 9.93
C GLN G 57 35.34 -58.59 8.73
N LYS G 58 35.45 -58.01 7.55
CA LYS G 58 35.63 -58.73 6.31
C LYS G 58 37.11 -59.04 6.12
N PRO G 59 37.46 -60.15 5.46
CA PRO G 59 38.85 -60.62 5.46
C PRO G 59 39.79 -59.67 4.73
N GLY G 60 40.76 -59.16 5.45
CA GLY G 60 41.78 -58.27 4.92
C GLY G 60 41.64 -56.83 5.33
N LYS G 61 40.57 -56.46 6.02
CA LYS G 61 40.30 -55.08 6.36
C LYS G 61 40.39 -54.89 7.87
N ALA G 62 40.07 -53.69 8.30
CA ALA G 62 39.93 -53.28 9.69
C ALA G 62 38.48 -53.47 10.14
N PRO G 63 38.25 -53.76 11.43
CA PRO G 63 36.86 -53.93 11.88
C PRO G 63 36.14 -52.60 12.02
N LYS G 64 34.83 -52.65 11.89
CA LYS G 64 33.99 -51.46 11.99
C LYS G 64 32.83 -51.73 12.92
N CYS G 65 32.38 -50.68 13.61
CA CYS G 65 31.30 -50.81 14.59
C CYS G 65 29.95 -50.84 13.88
N LEU G 66 29.04 -51.62 14.41
CA LEU G 66 27.68 -51.74 13.89
C LEU G 66 26.61 -51.36 14.89
N ILE G 67 26.79 -51.73 16.16
CA ILE G 67 25.87 -51.41 17.25
C ILE G 67 26.73 -51.03 18.44
N TYR G 68 26.43 -49.88 19.08
CA TYR G 68 27.36 -49.30 20.05
C TYR G 68 26.87 -49.25 21.48
N ALA G 69 25.58 -49.43 21.73
CA ALA G 69 25.09 -49.51 23.11
C ALA G 69 24.06 -50.61 23.22
N ALA G 70 24.35 -51.74 22.59
CA ALA G 70 23.66 -53.03 22.59
C ALA G 70 22.32 -53.02 21.86
N SER G 71 21.81 -51.86 21.47
CA SER G 71 20.59 -51.83 20.68
C SER G 71 20.54 -50.72 19.64
N SER G 72 21.59 -49.90 19.50
CA SER G 72 21.54 -48.68 18.72
C SER G 72 22.48 -48.78 17.55
N LEU G 73 21.96 -48.68 16.34
CA LEU G 73 22.79 -48.73 15.15
C LEU G 73 23.61 -47.46 15.02
N LEU G 74 24.67 -47.54 14.23
CA LEU G 74 25.42 -46.34 13.90
C LEU G 74 24.85 -45.69 12.64
N SER G 75 25.35 -44.49 12.37
CA SER G 75 24.95 -43.77 11.16
C SER G 75 25.56 -44.43 9.94
N GLY G 76 24.69 -44.87 9.03
CA GLY G 76 25.14 -45.55 7.83
C GLY G 76 25.11 -47.06 7.89
N VAL G 77 24.39 -47.63 8.84
CA VAL G 77 24.22 -49.08 8.97
C VAL G 77 22.80 -49.40 8.54
N PRO G 78 22.59 -50.40 7.67
CA PRO G 78 21.23 -50.73 7.23
C PRO G 78 20.39 -51.30 8.36
N SER G 79 19.08 -51.08 8.24
CA SER G 79 18.08 -51.47 9.24
C SER G 79 17.68 -52.94 9.39
N ARG G 80 18.55 -53.86 9.02
CA ARG G 80 18.26 -55.27 9.18
C ARG G 80 19.05 -55.89 10.30
N PHE G 81 20.06 -55.21 10.81
CA PHE G 81 20.73 -55.62 12.04
C PHE G 81 19.91 -55.20 13.25
N SER G 82 19.97 -56.01 14.29
CA SER G 82 19.15 -55.80 15.47
C SER G 82 19.94 -56.22 16.70
N GLY G 83 19.86 -55.41 17.75
CA GLY G 83 20.54 -55.75 18.99
C GLY G 83 19.60 -55.82 20.17
N SER G 84 19.75 -56.85 20.99
CA SER G 84 18.95 -57.02 22.20
C SER G 84 19.90 -57.29 23.37
N GLY G 85 19.58 -56.75 24.53
CA GLY G 85 20.53 -56.78 25.62
C GLY G 85 19.91 -56.76 26.99
N SER G 86 20.75 -57.06 27.98
CA SER G 86 20.39 -57.17 29.38
C SER G 86 21.67 -57.00 30.19
N GLY G 87 21.66 -57.46 31.44
CA GLY G 87 22.91 -57.52 32.20
C GLY G 87 23.91 -58.48 31.58
N THR G 88 23.44 -59.67 31.19
CA THR G 88 24.21 -60.59 30.36
C THR G 88 23.34 -60.96 29.17
N GLU G 89 23.78 -61.93 28.36
CA GLU G 89 22.98 -62.57 27.31
C GLU G 89 22.51 -61.55 26.26
N PHE G 90 23.50 -61.04 25.52
CA PHE G 90 23.24 -60.11 24.43
C PHE G 90 23.05 -60.90 23.14
N THR G 91 22.33 -60.29 22.19
CA THR G 91 21.96 -60.96 20.96
C THR G 91 22.03 -59.98 19.79
N LEU G 92 22.62 -60.43 18.69
CA LEU G 92 22.62 -59.71 17.42
C LEU G 92 21.87 -60.55 16.39
N THR G 93 20.97 -59.92 15.65
CA THR G 93 20.11 -60.62 14.71
C THR G 93 20.18 -59.95 13.35
N ILE G 94 20.43 -60.75 12.32
CA ILE G 94 20.40 -60.29 10.93
C ILE G 94 19.24 -61.00 10.25
N SER G 95 18.22 -60.25 9.88
CA SER G 95 17.10 -60.78 9.12
C SER G 95 17.25 -60.36 7.66
N SER G 96 16.86 -61.25 6.74
CA SER G 96 16.94 -61.04 5.29
C SER G 96 18.37 -60.74 4.85
N LEU G 97 19.21 -61.77 4.99
CA LEU G 97 20.63 -61.69 4.66
C LEU G 97 20.87 -61.30 3.21
N GLN G 98 21.93 -60.51 3.02
CA GLN G 98 22.38 -60.03 1.72
C GLN G 98 23.87 -60.35 1.60
N PRO G 99 24.37 -60.53 0.36
CA PRO G 99 25.76 -61.01 0.19
C PRO G 99 26.85 -60.06 0.64
N GLU G 100 26.54 -58.85 1.09
CA GLU G 100 27.57 -58.01 1.69
C GLU G 100 27.72 -58.26 3.18
N ASP G 101 26.90 -59.14 3.77
CA ASP G 101 26.86 -59.35 5.20
C ASP G 101 27.61 -60.59 5.65
N PHE G 102 28.37 -61.23 4.76
CA PHE G 102 29.13 -62.43 5.10
C PHE G 102 30.52 -62.01 5.55
N ALA G 103 30.75 -62.05 6.87
CA ALA G 103 32.02 -61.64 7.44
C ALA G 103 32.15 -62.31 8.81
N THR G 104 33.08 -61.82 9.63
CA THR G 104 33.29 -62.34 10.98
C THR G 104 32.89 -61.29 12.00
N TYR G 105 32.03 -61.67 12.93
CA TYR G 105 31.37 -60.74 13.85
C TYR G 105 31.88 -60.93 15.27
N TYR G 106 32.33 -59.84 15.89
CA TYR G 106 32.84 -59.84 17.24
C TYR G 106 31.89 -59.07 18.16
N CYS G 107 31.90 -59.42 19.45
CA CYS G 107 31.23 -58.64 20.48
C CYS G 107 32.30 -58.13 21.44
N LEU G 108 32.22 -56.84 21.78
CA LEU G 108 33.18 -56.21 22.67
C LEU G 108 32.41 -55.55 23.81
N GLN G 109 32.98 -55.59 25.01
CA GLN G 109 32.37 -54.92 26.14
C GLN G 109 33.06 -53.58 26.40
N HIS G 110 32.24 -52.57 26.68
CA HIS G 110 32.73 -51.22 26.92
C HIS G 110 32.65 -50.82 28.38
N ASN G 111 32.39 -51.77 29.28
CA ASN G 111 32.06 -51.40 30.65
C ASN G 111 33.30 -51.01 31.45
N SER G 112 34.28 -51.90 31.56
CA SER G 112 35.45 -51.65 32.38
C SER G 112 36.72 -51.89 31.58
N TYR G 113 37.72 -51.06 31.83
CA TYR G 113 39.01 -51.23 31.18
C TYR G 113 39.80 -52.34 31.87
N PRO G 114 40.51 -53.19 31.12
CA PRO G 114 40.70 -53.22 29.66
C PRO G 114 39.54 -53.87 28.92
N TRP G 115 39.25 -53.37 27.73
CA TRP G 115 38.08 -53.81 26.98
C TRP G 115 38.41 -55.10 26.26
N THR G 116 37.65 -56.16 26.52
CA THR G 116 37.95 -57.50 26.05
C THR G 116 37.00 -57.92 24.95
N PHE G 117 37.53 -58.60 23.94
CA PHE G 117 36.78 -59.05 22.77
C PHE G 117 36.13 -60.41 23.02
N GLY G 118 35.29 -60.81 22.08
CA GLY G 118 34.74 -62.14 22.09
C GLY G 118 35.66 -63.11 21.39
N GLN G 119 35.15 -63.90 20.45
CA GLN G 119 35.97 -64.84 19.70
C GLN G 119 35.72 -64.84 18.21
N GLY G 120 34.71 -64.13 17.73
CA GLY G 120 34.39 -64.12 16.32
C GLY G 120 33.33 -65.14 15.95
N THR G 121 32.71 -64.92 14.80
CA THR G 121 31.77 -65.89 14.24
C THR G 121 31.79 -65.70 12.72
N LYS G 122 32.48 -66.59 12.02
CA LYS G 122 32.44 -66.56 10.57
C LYS G 122 31.08 -67.06 10.09
N LEU G 123 30.59 -66.49 9.01
CA LEU G 123 29.26 -66.80 8.49
C LEU G 123 29.41 -67.24 7.04
N GLU G 124 29.06 -68.49 6.77
CA GLU G 124 29.30 -69.08 5.46
C GLU G 124 28.01 -69.19 4.65
N ILE G 125 28.19 -69.40 3.35
CA ILE G 125 27.09 -69.43 2.40
C ILE G 125 26.71 -70.87 2.12
N LYS G 126 25.43 -71.18 2.22
CA LYS G 126 24.94 -72.53 1.98
C LYS G 126 25.32 -73.01 0.58
N ARG G 127 25.26 -74.33 0.38
CA ARG G 127 25.60 -74.92 -0.91
C ARG G 127 25.35 -76.42 -0.90
N THR G 128 24.53 -76.89 -1.85
CA THR G 128 24.22 -78.30 -1.96
C THR G 128 25.47 -79.16 -1.83
N VAL G 129 25.41 -80.18 -0.98
CA VAL G 129 26.52 -81.08 -0.76
C VAL G 129 27.22 -81.42 -2.08
N ALA G 130 28.51 -81.09 -2.16
CA ALA G 130 29.29 -81.37 -3.35
C ALA G 130 30.53 -82.14 -2.94
N ALA G 131 30.77 -83.27 -3.57
CA ALA G 131 31.95 -84.04 -3.22
C ALA G 131 33.17 -83.47 -3.93
N PRO G 132 34.35 -83.65 -3.38
CA PRO G 132 35.56 -83.10 -4.02
C PRO G 132 36.04 -83.98 -5.14
N SER G 133 36.59 -83.34 -6.16
CA SER G 133 37.50 -84.05 -7.05
C SER G 133 38.82 -84.20 -6.30
N VAL G 134 39.36 -85.42 -6.25
CA VAL G 134 40.63 -85.66 -5.57
C VAL G 134 41.71 -85.93 -6.60
N PHE G 135 42.94 -85.54 -6.29
CA PHE G 135 44.08 -85.75 -7.17
C PHE G 135 45.39 -85.77 -6.38
N ILE G 136 46.23 -86.78 -6.65
CA ILE G 136 47.50 -86.89 -5.94
C ILE G 136 48.62 -86.67 -6.94
N PHE G 137 49.62 -85.90 -6.52
CA PHE G 137 50.77 -85.55 -7.36
C PHE G 137 52.04 -86.10 -6.73
N PRO G 138 52.80 -86.92 -7.42
CA PRO G 138 54.08 -87.37 -6.88
C PRO G 138 55.13 -86.27 -6.96
N PRO G 139 56.26 -86.40 -6.28
CA PRO G 139 57.28 -85.34 -6.34
C PRO G 139 57.96 -85.30 -7.69
N SER G 140 58.26 -84.08 -8.14
CA SER G 140 58.93 -83.90 -9.42
C SER G 140 60.37 -84.37 -9.35
N ASP G 141 60.88 -84.86 -10.48
CA ASP G 141 62.25 -85.36 -10.52
C ASP G 141 63.26 -84.30 -10.15
N GLU G 142 62.94 -83.03 -10.40
CA GLU G 142 63.86 -81.94 -10.04
C GLU G 142 64.06 -81.87 -8.54
N GLN G 143 62.98 -82.09 -7.79
CA GLN G 143 63.06 -81.95 -6.33
C GLN G 143 63.82 -83.10 -5.71
N LEU G 144 63.69 -84.31 -6.25
CA LEU G 144 64.43 -85.44 -5.71
C LEU G 144 65.93 -85.27 -5.89
N LYS G 145 66.35 -84.49 -6.89
CA LYS G 145 67.76 -84.11 -6.96
C LYS G 145 68.14 -83.30 -5.73
N SER G 146 67.34 -82.28 -5.40
CA SER G 146 67.61 -81.40 -4.28
C SER G 146 67.72 -82.16 -2.96
N GLY G 147 67.01 -83.28 -2.83
CA GLY G 147 67.08 -84.12 -1.65
C GLY G 147 65.88 -84.11 -0.76
N THR G 148 64.71 -83.71 -1.27
CA THR G 148 63.47 -83.67 -0.51
C THR G 148 62.31 -84.01 -1.45
N ALA G 149 61.24 -84.58 -0.90
CA ALA G 149 60.07 -85.01 -1.66
C ALA G 149 58.79 -84.39 -1.10
N SER G 150 58.15 -83.50 -1.88
CA SER G 150 56.79 -83.06 -1.53
C SER G 150 55.78 -83.90 -2.29
N VAL G 151 54.77 -84.38 -1.58
CA VAL G 151 53.71 -85.19 -2.16
C VAL G 151 52.42 -84.43 -1.96
N VAL G 152 51.87 -83.88 -3.03
CA VAL G 152 50.71 -83.02 -2.91
C VAL G 152 49.46 -83.82 -3.20
N CYS G 153 48.39 -83.53 -2.47
CA CYS G 153 47.09 -84.11 -2.70
C CYS G 153 46.09 -82.98 -2.73
N LEU G 154 45.29 -82.92 -3.79
CA LEU G 154 44.39 -81.81 -4.02
C LEU G 154 42.94 -82.28 -3.88
N LEU G 155 42.09 -81.47 -3.23
CA LEU G 155 40.65 -81.71 -3.12
C LEU G 155 39.95 -80.53 -3.75
N ASN G 156 39.26 -80.75 -4.86
CA ASN G 156 38.78 -79.64 -5.67
C ASN G 156 37.29 -79.42 -5.46
N ASN G 157 36.88 -78.16 -5.36
CA ASN G 157 35.48 -77.82 -5.15
C ASN G 157 34.80 -78.74 -4.14
N PHE G 158 34.14 -78.14 -3.16
CA PHE G 158 33.46 -78.91 -2.12
C PHE G 158 32.86 -77.99 -1.06
N TYR G 159 31.57 -78.19 -0.77
CA TYR G 159 30.88 -77.38 0.22
C TYR G 159 31.40 -77.67 1.63
N PRO G 160 30.90 -78.81 2.24
CA PRO G 160 31.42 -79.05 3.60
C PRO G 160 32.94 -79.06 3.62
N ARG G 161 33.54 -78.10 4.30
CA ARG G 161 34.99 -78.01 4.40
C ARG G 161 35.54 -78.98 5.43
N GLU G 162 34.64 -79.53 6.25
CA GLU G 162 35.03 -80.48 7.28
C GLU G 162 35.54 -81.79 6.67
N ALA G 163 36.41 -81.68 5.68
CA ALA G 163 36.97 -82.83 5.02
C ALA G 163 38.19 -83.32 5.79
N LYS G 164 38.44 -84.63 5.72
CA LYS G 164 39.61 -85.25 6.32
C LYS G 164 40.56 -85.76 5.22
N VAL G 165 41.85 -85.44 5.36
CA VAL G 165 42.88 -85.95 4.46
C VAL G 165 43.80 -86.86 5.27
N GLN G 166 43.73 -88.15 5.02
CA GLN G 166 44.61 -89.12 5.64
C GLN G 166 45.66 -89.55 4.61
N TRP G 167 46.92 -89.22 4.87
CA TRP G 167 48.02 -89.78 4.11
C TRP G 167 48.33 -91.17 4.62
N LYS G 168 48.71 -92.04 3.71
CA LYS G 168 49.16 -93.37 4.07
C LYS G 168 50.39 -93.65 3.22
N VAL G 169 51.42 -94.20 3.85
CA VAL G 169 52.61 -94.61 3.13
C VAL G 169 52.80 -96.11 3.37
N ASP G 170 52.67 -96.89 2.30
CA ASP G 170 52.64 -98.35 2.40
C ASP G 170 51.61 -98.81 3.41
N ASN G 171 50.47 -98.11 3.45
CA ASN G 171 49.33 -98.44 4.30
C ASN G 171 49.57 -98.07 5.76
N ALA G 172 50.53 -97.21 6.06
CA ALA G 172 50.76 -96.73 7.41
C ALA G 172 50.23 -95.30 7.49
N LEU G 173 49.29 -95.05 8.38
CA LEU G 173 48.75 -93.71 8.47
C LEU G 173 49.85 -92.77 8.95
N GLN G 174 50.08 -91.69 8.21
CA GLN G 174 51.18 -90.75 8.42
C GLN G 174 50.72 -89.58 9.27
N SER G 175 51.38 -89.36 10.40
CA SER G 175 51.00 -88.29 11.30
C SER G 175 52.17 -87.34 11.53
N GLY G 176 51.95 -86.06 11.27
CA GLY G 176 52.88 -85.03 11.67
C GLY G 176 53.93 -84.64 10.66
N ASN G 177 53.72 -84.97 9.39
CA ASN G 177 54.59 -84.47 8.33
C ASN G 177 53.78 -83.89 7.18
N SER G 178 52.56 -83.44 7.45
CA SER G 178 51.72 -82.85 6.42
C SER G 178 51.31 -81.45 6.83
N GLN G 179 50.90 -80.66 5.84
CA GLN G 179 50.30 -79.34 6.04
C GLN G 179 49.18 -79.15 5.01
N GLU G 180 48.09 -78.53 5.45
CA GLU G 180 46.95 -78.23 4.60
C GLU G 180 46.79 -76.72 4.49
N SER G 181 46.16 -76.28 3.40
CA SER G 181 45.48 -74.98 3.42
C SER G 181 44.27 -75.06 2.50
N VAL G 182 43.36 -74.11 2.72
CA VAL G 182 42.02 -74.14 2.16
C VAL G 182 41.73 -72.77 1.59
N THR G 183 40.92 -72.72 0.55
CA THR G 183 40.66 -71.45 -0.10
C THR G 183 39.44 -70.79 0.50
N GLU G 184 39.28 -69.51 0.24
CA GLU G 184 38.05 -68.84 0.63
C GLU G 184 36.89 -69.39 -0.18
N GLN G 185 35.71 -69.43 0.45
CA GLN G 185 34.52 -69.90 -0.23
C GLN G 185 34.36 -69.19 -1.57
N ASP G 186 34.22 -69.96 -2.63
CA ASP G 186 34.24 -69.43 -4.00
C ASP G 186 33.03 -68.54 -4.29
N SER G 187 33.29 -67.35 -4.85
CA SER G 187 32.21 -66.40 -5.10
C SER G 187 31.24 -66.86 -6.19
N LYS G 188 31.64 -67.80 -7.05
CA LYS G 188 30.72 -68.31 -8.06
C LYS G 188 29.88 -69.48 -7.54
N ASP G 189 30.52 -70.60 -7.19
CA ASP G 189 29.79 -71.80 -6.84
C ASP G 189 29.83 -72.14 -5.35
N SER G 190 30.34 -71.22 -4.51
CA SER G 190 30.27 -71.33 -3.05
C SER G 190 30.91 -72.62 -2.53
N THR G 191 31.98 -73.09 -3.18
CA THR G 191 32.68 -74.30 -2.77
C THR G 191 34.02 -73.96 -2.13
N TYR G 192 34.67 -74.98 -1.58
CA TYR G 192 36.00 -74.84 -1.04
C TYR G 192 36.96 -75.73 -1.81
N SER G 193 38.25 -75.44 -1.71
CA SER G 193 39.27 -76.30 -2.28
C SER G 193 40.42 -76.42 -1.32
N LEU G 194 41.03 -77.60 -1.23
CA LEU G 194 42.00 -77.89 -0.18
C LEU G 194 43.21 -78.58 -0.76
N SER G 195 44.39 -78.20 -0.26
CA SER G 195 45.66 -78.75 -0.71
C SER G 195 46.43 -79.23 0.50
N SER G 196 46.74 -80.53 0.54
CA SER G 196 47.55 -81.09 1.62
C SER G 196 48.90 -81.51 1.06
N THR G 197 49.98 -81.10 1.71
CA THR G 197 51.34 -81.42 1.27
C THR G 197 52.05 -82.30 2.30
N LEU G 198 52.53 -83.45 1.86
CA LEU G 198 53.31 -84.37 2.68
C LEU G 198 54.78 -84.17 2.35
N THR G 199 55.62 -83.94 3.36
CA THR G 199 57.03 -83.63 3.09
C THR G 199 57.94 -84.69 3.71
N LEU G 200 58.80 -85.26 2.86
CA LEU G 200 59.71 -86.33 3.21
C LEU G 200 61.11 -86.00 2.70
N SER G 201 62.10 -86.70 3.23
CA SER G 201 63.42 -86.60 2.66
C SER G 201 63.52 -87.50 1.43
N LYS G 202 64.48 -87.22 0.55
CA LYS G 202 64.70 -88.14 -0.57
C LYS G 202 64.98 -89.53 -0.04
N ALA G 203 65.89 -89.64 0.94
CA ALA G 203 66.23 -90.92 1.53
C ALA G 203 65.00 -91.67 2.04
N ASP G 204 64.20 -91.02 2.88
CA ASP G 204 63.00 -91.69 3.42
C ASP G 204 61.96 -91.95 2.33
N TYR G 205 61.89 -91.08 1.33
CA TYR G 205 60.95 -91.29 0.24
C TYR G 205 61.24 -92.62 -0.46
N GLU G 206 62.50 -92.83 -0.85
CA GLU G 206 63.02 -94.02 -1.50
C GLU G 206 62.95 -95.29 -0.65
N LYS G 207 62.39 -95.25 0.57
CA LYS G 207 62.27 -96.43 1.42
C LYS G 207 60.91 -97.09 1.34
N HIS G 208 59.93 -96.49 0.66
CA HIS G 208 58.57 -97.01 0.59
C HIS G 208 58.07 -96.97 -0.86
N LYS G 209 56.93 -97.63 -1.11
CA LYS G 209 56.42 -97.78 -2.47
C LYS G 209 55.12 -97.02 -2.72
N VAL G 210 54.02 -97.42 -2.07
CA VAL G 210 52.71 -96.84 -2.35
C VAL G 210 52.54 -95.57 -1.54
N TYR G 211 52.25 -94.45 -2.22
CA TYR G 211 51.82 -93.24 -1.56
C TYR G 211 50.36 -93.01 -1.88
N ALA G 212 49.55 -92.86 -0.84
CA ALA G 212 48.11 -92.80 -0.94
C ALA G 212 47.60 -91.59 -0.17
N CYS G 213 46.46 -91.10 -0.60
CA CYS G 213 45.81 -89.94 -0.01
C CYS G 213 44.34 -90.29 0.09
N GLU G 214 43.81 -90.47 1.29
CA GLU G 214 42.44 -90.95 1.48
C GLU G 214 41.58 -89.82 2.00
N VAL G 215 40.60 -89.38 1.21
CA VAL G 215 39.76 -88.23 1.55
C VAL G 215 38.39 -88.70 2.04
N THR G 216 37.98 -88.18 3.19
CA THR G 216 36.66 -88.44 3.78
C THR G 216 35.83 -87.17 3.67
N HIS G 217 34.55 -87.31 3.32
CA HIS G 217 33.71 -86.14 3.10
C HIS G 217 32.26 -86.57 2.99
N GLN G 218 31.37 -85.64 3.34
CA GLN G 218 29.95 -85.95 3.44
C GLN G 218 29.34 -86.32 2.09
N GLY G 219 29.85 -85.74 1.00
CA GLY G 219 29.38 -86.09 -0.32
C GLY G 219 29.92 -87.41 -0.85
N LEU G 220 30.82 -88.06 -0.12
CA LEU G 220 31.32 -89.40 -0.45
C LEU G 220 30.65 -90.43 0.45
N SER G 221 30.11 -91.48 -0.17
CA SER G 221 29.49 -92.54 0.63
C SER G 221 30.55 -93.34 1.39
N SER G 222 31.71 -93.56 0.79
CA SER G 222 32.86 -94.10 1.49
C SER G 222 34.10 -93.41 0.96
N PRO G 223 35.18 -93.35 1.75
CA PRO G 223 36.28 -92.44 1.42
C PRO G 223 36.93 -92.82 0.10
N VAL G 224 37.49 -91.81 -0.53
CA VAL G 224 38.14 -91.95 -1.82
C VAL G 224 39.62 -91.92 -1.56
N THR G 225 40.35 -92.85 -2.16
CA THR G 225 41.80 -92.88 -2.10
C THR G 225 42.36 -92.70 -3.49
N LYS G 226 43.21 -91.70 -3.67
CA LYS G 226 44.05 -91.57 -4.87
C LYS G 226 45.47 -91.92 -4.49
N SER G 227 46.13 -92.74 -5.30
CA SER G 227 47.44 -93.24 -4.92
C SER G 227 48.30 -93.49 -6.15
N PHE G 228 49.60 -93.45 -5.95
CA PHE G 228 50.57 -93.80 -6.97
C PHE G 228 51.62 -94.72 -6.36
N ASN G 229 52.46 -95.26 -7.22
CA ASN G 229 53.51 -96.19 -6.82
C ASN G 229 54.84 -95.57 -7.23
N ARG G 230 55.64 -95.16 -6.25
CA ARG G 230 56.92 -94.51 -6.52
C ARG G 230 57.70 -95.28 -7.56
N GLY G 231 58.02 -94.60 -8.65
CA GLY G 231 58.90 -95.17 -9.65
C GLY G 231 58.22 -95.94 -10.75
N GLU G 232 56.92 -95.72 -10.98
CA GLU G 232 56.18 -96.39 -12.05
C GLU G 232 55.64 -95.34 -13.01
N CYS G 233 56.32 -95.17 -14.16
CA CYS G 233 55.86 -94.28 -15.23
C CYS G 233 54.40 -94.59 -15.57
N GLU H 20 -7.51 -35.25 -39.12
CA GLU H 20 -8.79 -34.57 -39.20
C GLU H 20 -9.92 -35.57 -39.48
N VAL H 21 -10.82 -35.16 -40.36
CA VAL H 21 -11.92 -36.00 -40.83
C VAL H 21 -11.49 -36.69 -42.11
N GLN H 22 -11.82 -37.97 -42.25
CA GLN H 22 -11.27 -38.73 -43.36
C GLN H 22 -12.19 -39.88 -43.76
N LEU H 23 -12.09 -40.25 -45.02
CA LEU H 23 -12.82 -41.38 -45.60
C LEU H 23 -11.85 -42.18 -46.45
N VAL H 24 -11.74 -43.48 -46.19
CA VAL H 24 -10.88 -44.34 -47.00
C VAL H 24 -11.73 -45.45 -47.61
N GLU H 25 -11.28 -45.97 -48.75
CA GLU H 25 -11.99 -47.05 -49.41
C GLU H 25 -11.06 -48.22 -49.65
N SER H 26 -11.67 -49.35 -49.99
CA SER H 26 -10.95 -50.54 -50.41
C SER H 26 -11.90 -51.46 -51.16
N GLY H 27 -11.32 -52.42 -51.88
CA GLY H 27 -12.07 -53.49 -52.50
C GLY H 27 -11.97 -53.58 -54.01
N GLY H 28 -11.45 -52.57 -54.70
CA GLY H 28 -11.46 -52.55 -56.15
C GLY H 28 -10.44 -53.47 -56.79
N GLY H 29 -10.21 -53.25 -58.07
CA GLY H 29 -9.30 -54.11 -58.82
C GLY H 29 -9.74 -54.41 -60.23
N LEU H 30 -9.71 -55.69 -60.58
CA LEU H 30 -10.08 -56.14 -61.91
C LEU H 30 -11.04 -57.31 -61.77
N VAL H 31 -12.13 -57.26 -62.51
CA VAL H 31 -13.13 -58.31 -62.46
C VAL H 31 -13.60 -58.63 -63.88
N LYS H 32 -13.60 -59.91 -64.23
CA LYS H 32 -14.18 -60.33 -65.51
C LYS H 32 -15.70 -60.16 -65.47
N PRO H 33 -16.33 -59.78 -66.58
CA PRO H 33 -17.75 -59.41 -66.52
C PRO H 33 -18.66 -60.61 -66.30
N GLY H 34 -19.79 -60.34 -65.66
CA GLY H 34 -20.67 -61.38 -65.17
C GLY H 34 -20.40 -61.82 -63.75
N ARG H 35 -19.45 -61.19 -63.07
CA ARG H 35 -19.08 -61.54 -61.70
C ARG H 35 -19.31 -60.34 -60.78
N SER H 36 -18.99 -60.51 -59.51
CA SER H 36 -19.36 -59.56 -58.47
C SER H 36 -18.13 -59.00 -57.77
N LEU H 37 -18.35 -57.91 -57.04
CA LEU H 37 -17.32 -57.24 -56.26
C LEU H 37 -17.99 -56.57 -55.07
N ARG H 38 -17.19 -56.13 -54.12
CA ARG H 38 -17.69 -55.47 -52.92
C ARG H 38 -16.74 -54.36 -52.54
N LEU H 39 -17.23 -53.13 -52.59
CA LEU H 39 -16.45 -51.96 -52.17
C LEU H 39 -16.82 -51.59 -50.75
N SER H 40 -15.79 -51.31 -49.94
CA SER H 40 -15.99 -50.88 -48.57
C SER H 40 -15.38 -49.49 -48.36
N CYS H 41 -15.98 -48.75 -47.43
CA CYS H 41 -15.54 -47.39 -47.12
C CYS H 41 -15.64 -47.17 -45.62
N ALA H 42 -14.56 -46.68 -45.02
CA ALA H 42 -14.45 -46.49 -43.58
C ALA H 42 -14.18 -45.02 -43.28
N ALA H 43 -14.94 -44.48 -42.33
CA ALA H 43 -14.88 -43.07 -41.97
C ALA H 43 -14.12 -42.89 -40.66
N SER H 44 -13.69 -41.65 -40.40
CA SER H 44 -13.00 -41.32 -39.16
C SER H 44 -13.16 -39.84 -38.86
N GLY H 45 -13.70 -39.53 -37.69
CA GLY H 45 -13.81 -38.16 -37.23
C GLY H 45 -15.19 -37.54 -37.31
N PHE H 46 -16.20 -38.27 -37.74
CA PHE H 46 -17.56 -37.75 -37.83
C PHE H 46 -18.38 -38.25 -36.65
N THR H 47 -19.65 -37.88 -36.69
CA THR H 47 -20.72 -38.64 -36.04
C THR H 47 -21.49 -39.26 -37.19
N PHE H 48 -21.20 -40.54 -37.45
CA PHE H 48 -21.61 -41.21 -38.68
C PHE H 48 -23.13 -41.35 -38.82
N SER H 49 -23.87 -41.33 -37.72
CA SER H 49 -25.31 -41.45 -37.80
C SER H 49 -26.01 -40.15 -38.14
N ASP H 50 -25.28 -39.07 -38.40
CA ASP H 50 -25.88 -37.78 -38.66
C ASP H 50 -25.73 -37.34 -40.12
N TYR H 51 -25.40 -38.26 -41.02
CA TYR H 51 -25.08 -37.87 -42.39
C TYR H 51 -25.56 -38.93 -43.37
N TYR H 52 -26.14 -38.48 -44.49
CA TYR H 52 -26.26 -39.32 -45.67
C TYR H 52 -24.87 -39.65 -46.20
N MET H 53 -24.74 -40.82 -46.82
CA MET H 53 -23.52 -41.17 -47.50
C MET H 53 -23.80 -41.46 -48.97
N SER H 54 -22.76 -41.39 -49.80
CA SER H 54 -22.96 -41.53 -51.23
C SER H 54 -21.76 -42.20 -51.87
N TRP H 55 -22.05 -42.94 -52.95
CA TRP H 55 -21.04 -43.51 -53.82
C TRP H 55 -21.14 -42.80 -55.16
N ILE H 56 -19.99 -42.38 -55.70
CA ILE H 56 -19.95 -41.56 -56.91
C ILE H 56 -18.87 -42.11 -57.84
N ARG H 57 -19.22 -42.42 -59.08
CA ARG H 57 -18.25 -42.93 -60.03
C ARG H 57 -17.69 -41.82 -60.90
N GLN H 58 -16.59 -42.13 -61.59
CA GLN H 58 -16.07 -41.29 -62.66
C GLN H 58 -15.43 -42.21 -63.70
N ALA H 59 -16.04 -42.27 -64.87
CA ALA H 59 -15.46 -43.01 -65.98
C ALA H 59 -14.24 -42.26 -66.50
N PRO H 60 -13.27 -42.96 -67.10
CA PRO H 60 -12.08 -42.28 -67.61
C PRO H 60 -12.39 -41.40 -68.81
N GLY H 61 -11.86 -40.18 -68.78
CA GLY H 61 -12.11 -39.22 -69.84
C GLY H 61 -13.53 -38.70 -69.87
N LYS H 62 -14.20 -38.64 -68.72
CA LYS H 62 -15.58 -38.18 -68.64
C LYS H 62 -15.74 -37.37 -67.36
N GLY H 63 -17.00 -37.10 -67.00
CA GLY H 63 -17.32 -36.28 -65.86
C GLY H 63 -17.81 -37.08 -64.66
N LEU H 64 -18.19 -36.33 -63.63
CA LEU H 64 -18.70 -36.91 -62.40
C LEU H 64 -20.15 -37.33 -62.56
N GLU H 65 -20.53 -38.37 -61.83
CA GLU H 65 -21.86 -38.94 -61.94
C GLU H 65 -22.17 -39.72 -60.67
N TRP H 66 -23.25 -39.37 -59.99
CA TRP H 66 -23.60 -40.06 -58.76
C TRP H 66 -24.09 -41.46 -59.07
N VAL H 67 -23.77 -42.39 -58.17
CA VAL H 67 -24.18 -43.78 -58.29
C VAL H 67 -25.24 -44.12 -57.25
N SER H 68 -25.03 -43.72 -56.00
CA SER H 68 -25.93 -44.15 -54.94
C SER H 68 -25.93 -43.18 -53.77
N TYR H 69 -27.09 -43.04 -53.13
CA TYR H 69 -27.27 -42.27 -51.91
C TYR H 69 -28.00 -43.11 -50.88
N ILE H 70 -27.62 -42.96 -49.61
CA ILE H 70 -28.32 -43.65 -48.52
C ILE H 70 -28.38 -42.73 -47.30
N SER H 71 -29.54 -42.71 -46.65
CA SER H 71 -29.77 -41.96 -45.43
C SER H 71 -29.34 -42.78 -44.23
N SER H 72 -29.44 -42.17 -43.04
CA SER H 72 -29.21 -42.90 -41.80
C SER H 72 -30.28 -43.96 -41.61
N SER H 73 -29.87 -45.09 -41.03
CA SER H 73 -30.66 -46.31 -40.82
C SER H 73 -31.14 -46.97 -42.10
N GLY H 74 -30.68 -46.53 -43.27
CA GLY H 74 -30.90 -47.23 -44.52
C GLY H 74 -32.31 -47.28 -45.02
N SER H 75 -33.19 -46.38 -44.56
CA SER H 75 -34.59 -46.44 -44.97
C SER H 75 -34.78 -45.83 -46.36
N THR H 76 -34.10 -44.74 -46.66
CA THR H 76 -34.25 -44.02 -47.91
C THR H 76 -33.01 -44.26 -48.76
N ILE H 77 -33.19 -44.91 -49.91
CA ILE H 77 -32.10 -45.41 -50.74
C ILE H 77 -32.34 -44.98 -52.18
N TYR H 78 -31.38 -44.29 -52.77
CA TYR H 78 -31.46 -43.87 -54.16
C TYR H 78 -30.36 -44.53 -54.97
N TYR H 79 -30.75 -45.23 -56.03
CA TYR H 79 -29.83 -45.74 -57.03
C TYR H 79 -29.94 -44.91 -58.29
N ALA H 80 -28.99 -45.11 -59.21
CA ALA H 80 -29.07 -44.49 -60.50
C ALA H 80 -29.86 -45.39 -61.45
N ASP H 81 -30.38 -44.79 -62.53
CA ASP H 81 -31.17 -45.56 -63.49
C ASP H 81 -30.31 -46.52 -64.29
N SER H 82 -29.01 -46.26 -64.39
CA SER H 82 -28.12 -47.13 -65.12
C SER H 82 -27.68 -48.34 -64.31
N VAL H 83 -27.99 -48.38 -63.01
CA VAL H 83 -27.33 -49.34 -62.15
C VAL H 83 -28.34 -50.04 -61.23
N ARG H 84 -29.61 -49.65 -61.31
CA ARG H 84 -30.63 -50.15 -60.40
C ARG H 84 -30.92 -51.63 -60.66
N GLY H 85 -31.07 -52.39 -59.57
CA GLY H 85 -31.29 -53.81 -59.66
C GLY H 85 -30.03 -54.64 -59.69
N ARG H 86 -28.86 -54.01 -59.73
CA ARG H 86 -27.60 -54.71 -59.73
C ARG H 86 -26.70 -54.37 -58.55
N PHE H 87 -26.78 -53.16 -58.02
CA PHE H 87 -25.91 -52.72 -56.93
C PHE H 87 -26.71 -52.60 -55.65
N THR H 88 -26.06 -52.80 -54.52
CA THR H 88 -26.75 -52.73 -53.22
C THR H 88 -25.90 -51.98 -52.21
N ILE H 89 -26.47 -50.92 -51.63
CA ILE H 89 -25.80 -50.13 -50.60
C ILE H 89 -26.06 -50.79 -49.27
N SER H 90 -25.17 -50.57 -48.31
CA SER H 90 -25.44 -50.91 -46.92
C SER H 90 -24.62 -49.98 -46.04
N ARG H 91 -25.12 -49.75 -44.83
CA ARG H 91 -24.43 -48.98 -43.82
C ARG H 91 -24.21 -49.83 -42.58
N ASP H 92 -23.25 -49.41 -41.77
CA ASP H 92 -23.12 -49.90 -40.41
C ASP H 92 -22.66 -48.69 -39.58
N ASN H 93 -23.59 -48.13 -38.80
CA ASN H 93 -23.28 -46.95 -38.02
C ASN H 93 -22.41 -47.28 -36.81
N ALA H 94 -22.47 -48.52 -36.32
CA ALA H 94 -21.59 -48.92 -35.22
C ALA H 94 -20.16 -49.07 -35.69
N LYS H 95 -19.96 -49.74 -36.83
CA LYS H 95 -18.63 -49.92 -37.38
C LYS H 95 -18.17 -48.75 -38.24
N ASN H 96 -19.06 -47.78 -38.48
CA ASN H 96 -18.80 -46.58 -39.29
C ASN H 96 -18.35 -46.95 -40.70
N SER H 97 -19.22 -47.67 -41.41
CA SER H 97 -18.82 -48.29 -42.67
C SER H 97 -19.94 -48.21 -43.71
N LEU H 98 -19.52 -48.12 -44.97
CA LEU H 98 -20.40 -48.01 -46.12
C LEU H 98 -20.00 -49.07 -47.15
N TYR H 99 -20.98 -49.63 -47.85
CA TYR H 99 -20.71 -50.71 -48.79
C TYR H 99 -21.34 -50.47 -50.15
N LEU H 100 -20.77 -51.15 -51.15
CA LEU H 100 -21.44 -51.51 -52.40
C LEU H 100 -21.24 -53.00 -52.63
N GLN H 101 -22.33 -53.71 -52.83
CA GLN H 101 -22.30 -55.04 -53.41
C GLN H 101 -22.64 -54.88 -54.88
N MET H 102 -21.66 -55.10 -55.75
CA MET H 102 -21.79 -54.88 -57.18
C MET H 102 -21.93 -56.24 -57.85
N ASN H 103 -23.12 -56.53 -58.38
CA ASN H 103 -23.43 -57.83 -58.94
C ASN H 103 -23.59 -57.74 -60.45
N THR H 104 -23.09 -58.77 -61.15
CA THR H 104 -23.17 -58.95 -62.60
C THR H 104 -22.61 -57.73 -63.35
N LEU H 105 -21.31 -57.56 -63.17
CA LEU H 105 -20.61 -56.39 -63.67
C LEU H 105 -20.57 -56.36 -65.19
N ARG H 106 -20.42 -55.15 -65.74
CA ARG H 106 -20.42 -54.91 -67.17
C ARG H 106 -19.20 -54.08 -67.53
N ALA H 107 -18.96 -53.94 -68.84
CA ALA H 107 -17.78 -53.24 -69.30
C ALA H 107 -17.88 -51.72 -69.20
N GLU H 108 -19.05 -51.18 -68.85
CA GLU H 108 -19.18 -49.75 -68.65
C GLU H 108 -19.04 -49.35 -67.19
N ASP H 109 -18.67 -50.29 -66.31
CA ASP H 109 -18.44 -50.01 -64.91
C ASP H 109 -16.96 -49.80 -64.60
N THR H 110 -16.11 -49.69 -65.61
CA THR H 110 -14.69 -49.40 -65.42
C THR H 110 -14.55 -47.95 -65.05
N ALA H 111 -14.29 -47.66 -63.78
CA ALA H 111 -14.34 -46.28 -63.31
C ALA H 111 -13.56 -46.15 -62.01
N VAL H 112 -13.28 -44.89 -61.66
CA VAL H 112 -12.74 -44.54 -60.35
C VAL H 112 -13.90 -44.16 -59.45
N TYR H 113 -14.02 -44.83 -58.31
CA TYR H 113 -15.15 -44.67 -57.41
C TYR H 113 -14.74 -43.86 -56.18
N TYR H 114 -15.69 -43.09 -55.65
CA TYR H 114 -15.46 -42.18 -54.55
C TYR H 114 -16.52 -42.38 -53.49
N CYS H 115 -16.09 -42.50 -52.25
CA CYS H 115 -16.95 -42.36 -51.09
C CYS H 115 -17.10 -40.87 -50.78
N ALA H 116 -18.33 -40.42 -50.57
CA ALA H 116 -18.53 -39.01 -50.29
C ALA H 116 -19.59 -38.84 -49.21
N ARG H 117 -19.38 -37.84 -48.37
CA ARG H 117 -20.34 -37.43 -47.36
C ARG H 117 -20.89 -36.08 -47.74
N GLY H 118 -22.22 -35.96 -47.80
CA GLY H 118 -22.83 -34.67 -48.03
C GLY H 118 -24.12 -34.51 -47.27
N GLY H 119 -24.34 -35.33 -46.26
CA GLY H 119 -25.68 -35.46 -45.74
C GLY H 119 -26.24 -34.36 -44.86
N TRP H 120 -25.70 -34.24 -43.64
CA TRP H 120 -25.93 -33.19 -42.63
C TRP H 120 -27.31 -33.30 -41.99
N GLU H 121 -28.20 -34.15 -42.55
CA GLU H 121 -29.40 -34.76 -41.98
C GLU H 121 -30.31 -33.81 -41.19
N LEU H 122 -31.15 -33.05 -41.88
CA LEU H 122 -31.92 -31.98 -41.26
C LEU H 122 -32.97 -32.49 -40.25
N ARG H 123 -32.49 -33.07 -39.16
CA ARG H 123 -33.25 -33.21 -37.93
C ARG H 123 -32.37 -33.03 -36.71
N SER H 124 -31.06 -32.84 -36.90
CA SER H 124 -30.12 -32.76 -35.79
C SER H 124 -29.18 -31.58 -35.96
N LEU H 125 -28.29 -31.39 -34.99
CA LEU H 125 -27.38 -30.24 -34.94
C LEU H 125 -25.99 -30.77 -35.29
N ALA H 126 -25.69 -30.81 -36.58
CA ALA H 126 -24.43 -31.37 -37.07
C ALA H 126 -23.44 -30.25 -37.33
N GLY H 127 -22.26 -30.63 -37.82
CA GLY H 127 -21.20 -29.68 -38.07
C GLY H 127 -20.59 -29.86 -39.44
N GLY H 128 -19.87 -28.83 -39.89
CA GLY H 128 -19.22 -28.83 -41.17
C GLY H 128 -19.80 -27.75 -42.09
N TYR H 129 -20.04 -28.14 -43.34
CA TYR H 129 -20.77 -27.32 -44.29
C TYR H 129 -21.95 -28.13 -44.82
N TYR H 130 -22.88 -27.44 -45.46
CA TYR H 130 -23.96 -28.11 -46.18
C TYR H 130 -23.51 -28.32 -47.61
N GLY H 131 -23.18 -29.55 -47.94
CA GLY H 131 -22.62 -29.86 -49.24
C GLY H 131 -21.71 -31.06 -49.12
N MET H 132 -21.14 -31.44 -50.26
CA MET H 132 -20.27 -32.60 -50.33
C MET H 132 -18.83 -32.17 -50.07
N ASP H 133 -18.56 -31.85 -48.81
CA ASP H 133 -17.31 -31.17 -48.48
C ASP H 133 -16.14 -32.14 -48.36
N VAL H 134 -16.33 -33.30 -47.75
CA VAL H 134 -15.25 -34.26 -47.61
C VAL H 134 -15.43 -35.40 -48.61
N TRP H 135 -14.30 -35.93 -49.07
CA TRP H 135 -14.28 -36.93 -50.12
C TRP H 135 -13.28 -38.01 -49.78
N GLY H 136 -13.41 -39.14 -50.45
CA GLY H 136 -12.41 -40.19 -50.39
C GLY H 136 -11.26 -39.91 -51.33
N GLN H 137 -10.52 -40.97 -51.64
CA GLN H 137 -9.39 -40.85 -52.54
C GLN H 137 -9.58 -41.55 -53.88
N GLY H 138 -10.59 -42.40 -54.00
CA GLY H 138 -10.84 -43.10 -55.24
C GLY H 138 -10.33 -44.52 -55.26
N THR H 139 -11.10 -45.41 -55.89
CA THR H 139 -10.74 -46.81 -56.03
C THR H 139 -11.05 -47.22 -57.46
N THR H 140 -10.11 -47.88 -58.13
CA THR H 140 -10.25 -48.17 -59.55
C THR H 140 -10.84 -49.55 -59.75
N VAL H 141 -11.93 -49.62 -60.52
CA VAL H 141 -12.55 -50.88 -60.92
C VAL H 141 -12.39 -51.01 -62.42
N THR H 142 -11.80 -52.13 -62.85
CA THR H 142 -11.54 -52.42 -64.25
C THR H 142 -12.26 -53.70 -64.63
N VAL H 143 -13.12 -53.64 -65.63
CA VAL H 143 -13.86 -54.79 -66.11
C VAL H 143 -13.38 -55.11 -67.51
N SER H 144 -12.72 -56.26 -67.67
CA SER H 144 -12.20 -56.68 -68.96
C SER H 144 -11.94 -58.19 -68.95
N SER H 145 -12.55 -58.90 -69.89
CA SER H 145 -12.38 -60.35 -69.98
C SER H 145 -10.93 -60.66 -70.34
N ALA H 146 -10.07 -59.65 -70.23
CA ALA H 146 -8.66 -59.81 -70.55
C ALA H 146 -7.98 -60.79 -69.59
N SER H 147 -7.00 -60.31 -68.82
CA SER H 147 -6.29 -61.17 -67.87
C SER H 147 -5.05 -60.48 -67.33
N THR H 148 -4.06 -60.30 -68.20
CA THR H 148 -2.80 -59.67 -67.86
C THR H 148 -1.81 -60.08 -68.92
N LYS H 149 -1.68 -59.25 -69.96
CA LYS H 149 -0.78 -59.55 -71.05
C LYS H 149 0.33 -58.52 -71.14
N GLY H 150 1.47 -58.96 -71.67
CA GLY H 150 2.63 -58.12 -71.78
C GLY H 150 2.63 -57.30 -73.06
N PRO H 151 3.39 -56.22 -73.07
CA PRO H 151 3.37 -55.32 -74.23
C PRO H 151 4.27 -55.83 -75.35
N SER H 152 3.88 -55.50 -76.58
CA SER H 152 4.71 -55.72 -77.75
C SER H 152 5.26 -54.37 -78.21
N VAL H 153 6.57 -54.29 -78.42
CA VAL H 153 7.25 -53.03 -78.65
C VAL H 153 7.82 -53.02 -80.06
N PHE H 154 7.68 -51.88 -80.74
CA PHE H 154 8.35 -51.57 -81.99
C PHE H 154 9.00 -50.20 -81.90
N PRO H 155 10.13 -49.97 -82.57
CA PRO H 155 10.69 -48.62 -82.64
C PRO H 155 10.20 -47.91 -83.89
N LEU H 156 9.65 -46.71 -83.72
CA LEU H 156 9.27 -45.86 -84.84
C LEU H 156 10.45 -44.95 -85.15
N ALA H 157 11.14 -45.26 -86.23
CA ALA H 157 12.39 -44.70 -86.67
C ALA H 157 12.24 -43.21 -87.01
N PRO H 158 13.28 -42.42 -86.80
CA PRO H 158 13.27 -41.05 -87.33
C PRO H 158 13.40 -41.08 -88.83
N SER H 159 12.60 -40.27 -89.52
CA SER H 159 12.57 -40.27 -90.97
C SER H 159 12.46 -38.85 -91.48
N SER H 160 12.79 -38.68 -92.77
CA SER H 160 12.64 -37.38 -93.40
C SER H 160 11.20 -36.92 -93.44
N LYS H 161 10.24 -37.86 -93.49
CA LYS H 161 8.84 -37.50 -93.38
C LYS H 161 8.50 -36.99 -91.99
N SER H 162 9.28 -37.38 -90.99
CA SER H 162 9.20 -36.76 -89.67
C SER H 162 10.18 -35.62 -89.49
N THR H 163 11.23 -35.56 -90.33
CA THR H 163 12.23 -34.51 -90.21
C THR H 163 11.71 -33.22 -90.84
N SER H 164 12.04 -32.09 -90.19
CA SER H 164 11.69 -30.76 -90.71
C SER H 164 12.75 -29.77 -90.19
N GLY H 165 13.67 -29.40 -91.07
CA GLY H 165 14.64 -28.38 -90.73
C GLY H 165 15.63 -28.85 -89.67
N GLY H 166 15.54 -28.25 -88.49
CA GLY H 166 16.55 -28.48 -87.47
C GLY H 166 16.31 -29.71 -86.60
N THR H 167 15.11 -30.26 -86.61
CA THR H 167 14.75 -31.34 -85.70
C THR H 167 14.07 -32.49 -86.45
N ALA H 168 14.11 -33.67 -85.83
CA ALA H 168 13.44 -34.87 -86.34
C ALA H 168 12.99 -35.70 -85.15
N ALA H 169 11.87 -36.39 -85.31
CA ALA H 169 11.22 -37.09 -84.21
C ALA H 169 11.36 -38.60 -84.37
N LEU H 170 11.56 -39.30 -83.25
CA LEU H 170 11.61 -40.75 -83.19
C LEU H 170 10.93 -41.23 -81.92
N GLY H 171 10.48 -42.47 -81.91
CA GLY H 171 9.76 -42.93 -80.75
C GLY H 171 9.65 -44.44 -80.65
N CYS H 172 8.80 -44.87 -79.73
CA CYS H 172 8.59 -46.29 -79.46
C CYS H 172 7.09 -46.55 -79.30
N LEU H 173 6.61 -47.58 -79.99
CA LEU H 173 5.21 -47.98 -79.96
C LEU H 173 5.09 -49.24 -79.10
N VAL H 174 4.38 -49.13 -77.98
CA VAL H 174 4.19 -50.23 -77.06
C VAL H 174 2.70 -50.53 -77.04
N LYS H 175 2.31 -51.71 -77.51
CA LYS H 175 0.92 -52.01 -77.79
C LYS H 175 0.49 -53.33 -77.18
N ASP H 176 -0.82 -53.59 -77.25
CA ASP H 176 -1.45 -54.84 -76.83
C ASP H 176 -1.05 -55.30 -75.44
N TYR H 177 -1.50 -54.55 -74.42
CA TYR H 177 -1.35 -54.99 -73.05
C TYR H 177 -2.62 -54.67 -72.27
N PHE H 178 -3.04 -55.56 -71.38
CA PHE H 178 -4.17 -55.26 -70.51
C PHE H 178 -3.80 -54.45 -69.26
N PRO H 179 -2.76 -54.83 -68.51
CA PRO H 179 -2.59 -54.23 -67.18
C PRO H 179 -2.16 -52.78 -67.23
N GLU H 180 -3.15 -51.89 -67.24
CA GLU H 180 -3.13 -50.46 -67.57
C GLU H 180 -1.82 -49.75 -67.20
N PRO H 181 -1.34 -49.82 -65.96
CA PRO H 181 -0.12 -49.05 -65.65
C PRO H 181 1.11 -49.62 -66.33
N VAL H 182 1.63 -48.89 -67.32
CA VAL H 182 2.82 -49.29 -68.06
C VAL H 182 3.64 -48.02 -68.28
N THR H 183 4.96 -48.15 -68.34
CA THR H 183 5.77 -46.95 -68.48
C THR H 183 6.85 -47.19 -69.53
N VAL H 184 7.15 -46.13 -70.28
CA VAL H 184 8.25 -46.11 -71.23
C VAL H 184 9.07 -44.86 -70.96
N SER H 185 10.35 -45.04 -70.70
CA SER H 185 11.26 -43.93 -70.51
C SER H 185 12.22 -43.85 -71.68
N TRP H 186 12.93 -42.74 -71.79
CA TRP H 186 13.93 -42.57 -72.82
C TRP H 186 15.32 -42.51 -72.21
N ASN H 187 16.15 -43.48 -72.58
CA ASN H 187 17.54 -43.56 -72.14
C ASN H 187 17.62 -43.57 -70.61
N SER H 188 16.90 -44.52 -70.02
CA SER H 188 16.91 -44.75 -68.56
C SER H 188 16.51 -43.50 -67.79
N GLY H 189 15.72 -42.62 -68.41
CA GLY H 189 15.30 -41.39 -67.78
C GLY H 189 16.16 -40.19 -68.08
N ALA H 190 17.04 -40.27 -69.08
CA ALA H 190 17.94 -39.17 -69.39
C ALA H 190 17.27 -38.01 -70.12
N LEU H 191 16.62 -38.27 -71.25
CA LEU H 191 16.06 -37.20 -72.09
C LEU H 191 14.70 -36.80 -71.53
N THR H 192 14.56 -35.51 -71.22
CA THR H 192 13.31 -34.96 -70.75
C THR H 192 12.81 -33.91 -71.72
N SER H 193 13.62 -33.60 -72.73
CA SER H 193 13.26 -32.61 -73.75
C SER H 193 12.60 -33.31 -74.94
N GLY H 194 11.38 -32.89 -75.25
CA GLY H 194 10.63 -33.44 -76.36
C GLY H 194 9.99 -34.79 -76.10
N VAL H 195 10.36 -35.47 -75.02
CA VAL H 195 9.78 -36.76 -74.68
C VAL H 195 8.34 -36.55 -74.27
N HIS H 196 7.41 -37.12 -75.04
CA HIS H 196 5.98 -37.02 -74.74
C HIS H 196 5.26 -38.35 -74.97
N THR H 197 4.78 -38.96 -73.90
CA THR H 197 4.06 -40.23 -73.97
C THR H 197 2.58 -39.91 -74.12
N PHE H 198 1.96 -40.47 -75.13
CA PHE H 198 0.58 -40.13 -75.38
C PHE H 198 -0.34 -41.07 -74.62
N PRO H 199 -1.55 -40.61 -74.29
CA PRO H 199 -2.47 -41.46 -73.53
C PRO H 199 -2.70 -42.79 -74.24
N ALA H 200 -2.71 -43.86 -73.45
CA ALA H 200 -2.94 -45.17 -74.02
C ALA H 200 -4.34 -45.24 -74.62
N VAL H 201 -4.47 -46.04 -75.66
CA VAL H 201 -5.75 -46.20 -76.32
C VAL H 201 -6.24 -47.63 -76.09
N LEU H 202 -7.55 -47.75 -75.90
CA LEU H 202 -8.19 -49.02 -75.64
C LEU H 202 -8.86 -49.50 -76.93
N GLN H 203 -8.37 -50.60 -77.47
CA GLN H 203 -8.85 -51.12 -78.74
C GLN H 203 -10.13 -51.94 -78.54
N SER H 204 -10.70 -52.36 -79.66
CA SER H 204 -11.85 -53.26 -79.59
C SER H 204 -11.45 -54.63 -79.07
N SER H 205 -10.20 -55.03 -79.31
CA SER H 205 -9.72 -56.30 -78.78
C SER H 205 -9.74 -56.34 -77.26
N GLY H 206 -9.85 -55.20 -76.60
CA GLY H 206 -9.84 -55.12 -75.16
C GLY H 206 -8.49 -54.81 -74.56
N LEU H 207 -7.44 -54.68 -75.38
CA LEU H 207 -6.11 -54.41 -74.88
C LEU H 207 -5.70 -52.98 -75.17
N TYR H 208 -4.84 -52.45 -74.33
CA TYR H 208 -4.39 -51.07 -74.49
C TYR H 208 -3.24 -50.99 -75.46
N SER H 209 -2.92 -49.76 -75.87
CA SER H 209 -1.79 -49.48 -76.72
C SER H 209 -1.44 -48.01 -76.62
N LEU H 210 -0.16 -47.70 -76.77
CA LEU H 210 0.28 -46.31 -76.74
C LEU H 210 1.59 -46.19 -77.52
N SER H 211 2.01 -44.95 -77.71
CA SER H 211 3.26 -44.63 -78.41
C SER H 211 3.85 -43.35 -77.81
N SER H 212 5.14 -43.39 -77.48
CA SER H 212 5.82 -42.24 -76.90
C SER H 212 6.88 -41.77 -77.87
N VAL H 213 6.89 -40.46 -78.14
CA VAL H 213 7.75 -39.90 -79.17
C VAL H 213 8.54 -38.73 -78.60
N VAL H 214 9.74 -38.53 -79.13
CA VAL H 214 10.61 -37.44 -78.73
C VAL H 214 11.31 -36.89 -79.96
N THR H 215 11.43 -35.57 -80.04
CA THR H 215 12.15 -34.90 -81.11
C THR H 215 13.58 -34.61 -80.66
N VAL H 216 14.49 -34.58 -81.63
CA VAL H 216 15.92 -34.46 -81.37
C VAL H 216 16.53 -33.84 -82.62
N PRO H 217 17.53 -32.97 -82.51
CA PRO H 217 18.07 -32.28 -83.70
C PRO H 217 18.36 -33.24 -84.84
N SER H 218 18.01 -32.80 -86.05
CA SER H 218 18.15 -33.66 -87.22
C SER H 218 19.62 -33.93 -87.54
N SER H 219 20.53 -33.11 -87.02
CA SER H 219 21.95 -33.44 -87.12
C SER H 219 22.29 -34.65 -86.29
N SER H 220 21.43 -35.00 -85.33
CA SER H 220 21.66 -36.08 -84.39
C SER H 220 20.74 -37.28 -84.61
N LEU H 221 20.50 -37.69 -85.85
CA LEU H 221 19.62 -38.81 -86.13
C LEU H 221 20.07 -40.08 -85.42
N GLY H 222 21.25 -40.60 -85.79
CA GLY H 222 21.74 -41.82 -85.16
C GLY H 222 22.86 -41.55 -84.16
N THR H 223 23.30 -40.30 -84.07
CA THR H 223 24.56 -39.98 -83.39
C THR H 223 24.60 -40.47 -81.95
N GLN H 224 23.63 -40.09 -81.14
CA GLN H 224 23.67 -40.41 -79.72
C GLN H 224 22.75 -41.59 -79.42
N THR H 225 22.60 -41.90 -78.14
CA THR H 225 21.79 -43.04 -77.71
C THR H 225 20.35 -42.61 -77.50
N TYR H 226 19.43 -43.35 -78.10
CA TYR H 226 18.00 -43.16 -77.88
C TYR H 226 17.37 -44.53 -77.71
N ILE H 227 17.36 -45.03 -76.47
CA ILE H 227 16.83 -46.34 -76.16
C ILE H 227 15.65 -46.18 -75.24
N CYS H 228 14.49 -46.65 -75.66
CA CYS H 228 13.28 -46.61 -74.86
C CYS H 228 13.27 -47.81 -73.92
N ASN H 229 13.07 -47.53 -72.65
CA ASN H 229 13.06 -48.51 -71.56
C ASN H 229 11.60 -48.76 -71.23
N VAL H 230 11.11 -49.94 -71.58
CA VAL H 230 9.73 -50.33 -71.38
C VAL H 230 9.64 -51.18 -70.13
N ASN H 231 8.85 -50.74 -69.15
CA ASN H 231 8.61 -51.49 -67.93
C ASN H 231 7.12 -51.65 -67.69
N HIS H 232 6.72 -52.89 -67.43
CA HIS H 232 5.34 -53.29 -67.17
C HIS H 232 5.30 -53.82 -65.75
N LYS H 233 4.72 -53.03 -64.85
CA LYS H 233 4.78 -53.29 -63.41
C LYS H 233 3.84 -54.39 -62.91
N PRO H 234 2.60 -54.51 -63.41
CA PRO H 234 1.81 -55.68 -63.00
C PRO H 234 2.44 -56.99 -63.41
N SER H 235 2.96 -57.07 -64.63
CA SER H 235 3.86 -58.16 -65.00
C SER H 235 5.27 -57.74 -64.58
N ASN H 236 6.28 -58.42 -65.08
CA ASN H 236 7.68 -58.05 -64.81
C ASN H 236 8.47 -57.89 -66.10
N THR H 237 7.90 -57.16 -67.06
CA THR H 237 8.54 -56.96 -68.34
C THR H 237 9.42 -55.72 -68.33
N LYS H 238 10.65 -55.88 -68.79
CA LYS H 238 11.62 -54.80 -68.89
C LYS H 238 12.46 -55.02 -70.14
N VAL H 239 12.29 -54.16 -71.14
CA VAL H 239 12.97 -54.30 -72.42
C VAL H 239 13.44 -52.93 -72.90
N ASP H 240 14.67 -52.86 -73.40
CA ASP H 240 15.22 -51.63 -73.96
C ASP H 240 15.32 -51.78 -75.48
N LYS H 241 14.71 -50.84 -76.20
CA LYS H 241 14.69 -50.86 -77.66
C LYS H 241 15.32 -49.60 -78.22
N LYS H 242 16.27 -49.77 -79.13
CA LYS H 242 16.96 -48.65 -79.77
C LYS H 242 16.22 -48.23 -81.03
N VAL H 243 16.11 -46.93 -81.25
CA VAL H 243 15.44 -46.36 -82.43
C VAL H 243 16.51 -45.70 -83.29
N GLU H 244 16.59 -46.13 -84.54
CA GLU H 244 17.57 -45.63 -85.48
C GLU H 244 16.88 -45.24 -86.78
N PRO H 245 17.46 -44.33 -87.56
CA PRO H 245 16.84 -43.95 -88.83
C PRO H 245 16.57 -45.14 -89.73
N LYS H 246 15.62 -44.97 -90.62
CA LYS H 246 15.22 -46.06 -91.51
C LYS H 246 16.36 -46.46 -92.43
N SER H 247 16.42 -47.75 -92.72
CA SER H 247 17.49 -48.34 -93.52
C SER H 247 17.62 -47.70 -94.89
N ASP I 20 -35.85 -36.03 -61.96
CA ASP I 20 -35.01 -35.35 -60.98
C ASP I 20 -34.81 -33.89 -61.39
N ILE I 21 -33.73 -33.30 -60.92
CA ILE I 21 -33.41 -31.89 -61.17
C ILE I 21 -32.15 -31.86 -62.00
N VAL I 22 -32.25 -31.38 -63.23
CA VAL I 22 -31.10 -31.36 -64.14
C VAL I 22 -30.44 -29.99 -64.07
N MET I 23 -29.13 -29.96 -64.29
CA MET I 23 -28.33 -28.75 -64.26
C MET I 23 -27.62 -28.61 -65.59
N THR I 24 -27.44 -27.37 -66.04
CA THR I 24 -26.73 -27.09 -67.28
C THR I 24 -25.72 -25.99 -67.05
N GLN I 25 -24.45 -26.26 -67.38
CA GLN I 25 -23.39 -25.26 -67.35
C GLN I 25 -23.12 -24.78 -68.76
N THR I 26 -23.15 -23.47 -68.94
CA THR I 26 -23.09 -22.92 -70.30
C THR I 26 -21.71 -22.78 -70.97
N PRO I 27 -20.56 -22.37 -70.28
CA PRO I 27 -19.33 -22.14 -71.05
C PRO I 27 -18.71 -23.38 -71.70
N PHE I 28 -18.36 -24.41 -70.92
CA PHE I 28 -17.99 -25.73 -71.44
C PHE I 28 -16.81 -25.73 -72.41
N THR I 29 -15.58 -25.76 -71.88
CA THR I 29 -14.27 -25.49 -72.51
C THR I 29 -14.09 -24.01 -72.81
N LEU I 30 -13.99 -23.23 -71.75
CA LEU I 30 -13.60 -21.84 -71.82
C LEU I 30 -12.08 -21.71 -71.83
N SER I 31 -11.58 -20.71 -72.57
CA SER I 31 -10.16 -20.45 -72.67
C SER I 31 -9.88 -19.00 -72.33
N ALA I 32 -8.80 -18.75 -71.60
CA ALA I 32 -8.51 -17.42 -71.11
C ALA I 32 -7.00 -17.25 -70.98
N SER I 33 -6.59 -16.01 -70.75
CA SER I 33 -5.21 -15.69 -70.42
C SER I 33 -5.03 -15.80 -68.91
N VAL I 34 -3.91 -15.29 -68.39
CA VAL I 34 -3.67 -15.24 -66.96
C VAL I 34 -3.88 -13.82 -66.45
N GLY I 35 -4.71 -13.67 -65.43
CA GLY I 35 -5.01 -12.36 -64.90
C GLY I 35 -6.13 -11.63 -65.62
N ASP I 36 -7.26 -12.30 -65.82
CA ASP I 36 -8.43 -11.65 -66.41
C ASP I 36 -9.70 -12.31 -65.86
N ARG I 37 -10.84 -11.73 -66.21
CA ARG I 37 -12.11 -12.13 -65.66
C ARG I 37 -12.68 -13.34 -66.38
N VAL I 38 -13.35 -14.21 -65.64
CA VAL I 38 -13.91 -15.46 -66.13
C VAL I 38 -15.26 -15.68 -65.46
N THR I 39 -16.29 -15.94 -66.27
CA THR I 39 -17.63 -16.18 -65.77
C THR I 39 -18.09 -17.57 -66.18
N ILE I 40 -18.77 -18.26 -65.26
CA ILE I 40 -19.39 -19.56 -65.53
C ILE I 40 -20.82 -19.50 -65.02
N THR I 41 -21.77 -19.86 -65.88
CA THR I 41 -23.18 -19.81 -65.53
C THR I 41 -23.72 -21.22 -65.44
N CYS I 42 -24.59 -21.46 -64.45
CA CYS I 42 -25.19 -22.77 -64.23
C CYS I 42 -26.66 -22.58 -63.91
N ARG I 43 -27.52 -23.22 -64.68
CA ARG I 43 -28.98 -23.08 -64.54
C ARG I 43 -29.56 -24.34 -63.93
N ALA I 44 -30.87 -24.31 -63.67
CA ALA I 44 -31.53 -25.43 -63.01
C ALA I 44 -32.94 -25.60 -63.55
N SER I 45 -33.51 -26.77 -63.32
CA SER I 45 -34.81 -27.15 -63.88
C SER I 45 -35.94 -27.08 -62.89
N GLN I 46 -35.71 -26.59 -61.68
CA GLN I 46 -36.75 -26.33 -60.68
C GLN I 46 -36.39 -25.04 -59.98
N GLY I 47 -37.01 -24.83 -58.83
CA GLY I 47 -36.62 -23.73 -57.99
C GLY I 47 -35.79 -24.21 -56.81
N ILE I 48 -34.50 -24.01 -56.88
CA ILE I 48 -33.62 -24.23 -55.74
C ILE I 48 -33.30 -22.86 -55.16
N ARG I 49 -33.27 -22.77 -53.83
CA ARG I 49 -33.28 -21.45 -53.21
C ARG I 49 -31.89 -20.83 -53.21
N ASN I 50 -30.98 -21.43 -52.47
CA ASN I 50 -29.57 -21.05 -52.50
C ASN I 50 -28.69 -22.28 -52.42
N ASP I 51 -29.25 -23.47 -52.44
CA ASP I 51 -28.53 -24.72 -52.24
C ASP I 51 -27.77 -25.04 -53.52
N LEU I 52 -26.58 -24.48 -53.64
CA LEU I 52 -25.71 -24.76 -54.76
C LEU I 52 -24.26 -24.72 -54.29
N GLY I 53 -23.47 -25.66 -54.75
CA GLY I 53 -22.04 -25.68 -54.48
C GLY I 53 -21.25 -25.68 -55.76
N TRP I 54 -20.08 -25.05 -55.71
CA TRP I 54 -19.15 -25.02 -56.83
C TRP I 54 -17.92 -25.81 -56.47
N TYR I 55 -17.54 -26.74 -57.35
CA TYR I 55 -16.50 -27.71 -57.07
C TYR I 55 -15.42 -27.60 -58.13
N GLN I 56 -14.19 -27.90 -57.75
CA GLN I 56 -13.04 -27.77 -58.63
C GLN I 56 -12.26 -29.08 -58.62
N GLN I 57 -11.97 -29.61 -59.81
CA GLN I 57 -11.19 -30.82 -59.94
C GLN I 57 -10.03 -30.57 -60.88
N LYS I 58 -8.83 -30.68 -60.35
CA LYS I 58 -7.60 -30.73 -61.13
C LYS I 58 -7.38 -32.17 -61.58
N PRO I 59 -6.75 -32.38 -62.73
CA PRO I 59 -6.70 -33.73 -63.33
C PRO I 59 -5.89 -34.71 -62.49
N GLY I 60 -6.56 -35.76 -62.05
CA GLY I 60 -5.94 -36.83 -61.28
C GLY I 60 -6.31 -36.85 -59.82
N LYS I 61 -7.02 -35.83 -59.33
CA LYS I 61 -7.32 -35.70 -57.91
C LYS I 61 -8.82 -35.87 -57.67
N ALA I 62 -9.21 -35.68 -56.43
CA ALA I 62 -10.59 -35.64 -55.97
C ALA I 62 -11.11 -34.21 -56.02
N PRO I 63 -12.40 -33.99 -56.22
CA PRO I 63 -12.92 -32.62 -56.26
C PRO I 63 -13.04 -32.03 -54.86
N LYS I 64 -12.97 -30.71 -54.80
CA LYS I 64 -13.06 -29.99 -53.53
C LYS I 64 -14.04 -28.84 -53.67
N CYS I 65 -14.71 -28.53 -52.55
CA CYS I 65 -15.73 -27.49 -52.55
C CYS I 65 -15.07 -26.11 -52.49
N LEU I 66 -15.68 -25.15 -53.16
CA LEU I 66 -15.21 -23.77 -53.17
C LEU I 66 -16.25 -22.79 -52.66
N ILE I 67 -17.52 -22.98 -53.00
CA ILE I 67 -18.63 -22.14 -52.56
C ILE I 67 -19.76 -23.10 -52.21
N TYR I 68 -20.37 -22.93 -51.03
CA TYR I 68 -21.28 -23.94 -50.49
C TYR I 68 -22.72 -23.52 -50.35
N ALA I 69 -23.04 -22.23 -50.40
CA ALA I 69 -24.43 -21.80 -50.38
C ALA I 69 -24.64 -20.69 -51.39
N ALA I 70 -24.03 -20.85 -52.56
CA ALA I 70 -24.12 -20.04 -53.78
C ALA I 70 -23.44 -18.69 -53.68
N SER I 71 -23.04 -18.26 -52.49
CA SER I 71 -22.29 -17.01 -52.38
C SER I 71 -21.21 -17.02 -51.31
N SER I 72 -21.00 -18.12 -50.60
CA SER I 72 -20.17 -18.14 -49.40
C SER I 72 -18.97 -19.03 -49.64
N LEU I 73 -17.77 -18.45 -49.52
CA LEU I 73 -16.55 -19.22 -49.70
C LEU I 73 -16.33 -20.16 -48.51
N LEU I 74 -15.50 -21.16 -48.71
CA LEU I 74 -15.10 -22.00 -47.60
C LEU I 74 -13.85 -21.44 -46.95
N SER I 75 -13.49 -22.03 -45.81
CA SER I 75 -12.28 -21.63 -45.10
C SER I 75 -11.05 -22.12 -45.86
N GLY I 76 -10.21 -21.19 -46.25
CA GLY I 76 -9.01 -21.52 -47.02
C GLY I 76 -9.15 -21.36 -48.51
N VAL I 77 -10.15 -20.63 -48.98
CA VAL I 77 -10.34 -20.34 -50.40
C VAL I 77 -9.98 -18.87 -50.61
N PRO I 78 -9.16 -18.55 -51.61
CA PRO I 78 -8.79 -17.14 -51.83
C PRO I 78 -9.97 -16.31 -52.29
N SER I 79 -9.88 -15.01 -52.02
CA SER I 79 -11.00 -14.10 -52.24
C SER I 79 -10.96 -13.46 -53.62
N ARG I 80 -10.82 -14.29 -54.65
CA ARG I 80 -11.04 -13.88 -56.02
C ARG I 80 -12.16 -14.66 -56.68
N PHE I 81 -12.60 -15.75 -56.07
CA PHE I 81 -13.81 -16.44 -56.49
C PHE I 81 -15.04 -15.71 -55.95
N SER I 82 -16.11 -15.74 -56.73
CA SER I 82 -17.31 -15.00 -56.41
C SER I 82 -18.53 -15.80 -56.84
N GLY I 83 -19.54 -15.84 -55.99
CA GLY I 83 -20.76 -16.53 -56.34
C GLY I 83 -21.98 -15.65 -56.28
N SER I 84 -22.84 -15.74 -57.30
CA SER I 84 -24.09 -14.99 -57.34
C SER I 84 -25.22 -15.96 -57.65
N GLY I 85 -26.38 -15.75 -57.04
CA GLY I 85 -27.43 -16.74 -57.12
C GLY I 85 -28.83 -16.18 -56.98
N SER I 86 -29.78 -17.04 -57.33
CA SER I 86 -31.21 -16.73 -57.35
C SER I 86 -31.94 -18.06 -57.27
N GLY I 87 -33.22 -18.06 -57.68
CA GLY I 87 -33.93 -19.32 -57.83
C GLY I 87 -33.30 -20.20 -58.89
N THR I 88 -32.99 -19.63 -60.05
CA THR I 88 -32.16 -20.28 -61.07
C THR I 88 -31.03 -19.31 -61.40
N GLU I 89 -30.24 -19.63 -62.43
CA GLU I 89 -29.24 -18.74 -63.04
C GLU I 89 -28.17 -18.32 -62.02
N PHE I 90 -27.38 -19.30 -61.63
CA PHE I 90 -26.26 -19.08 -60.73
C PHE I 90 -25.01 -18.77 -61.53
N THR I 91 -24.07 -18.07 -60.90
CA THR I 91 -22.88 -17.58 -61.58
C THR I 91 -21.68 -17.68 -60.65
N LEU I 92 -20.56 -18.19 -61.19
CA LEU I 92 -19.27 -18.19 -60.53
C LEU I 92 -18.31 -17.33 -61.34
N THR I 93 -17.59 -16.45 -60.65
CA THR I 93 -16.71 -15.49 -61.31
C THR I 93 -15.32 -15.56 -60.70
N ILE I 94 -14.30 -15.70 -61.55
CA ILE I 94 -12.91 -15.65 -61.15
C ILE I 94 -12.31 -14.40 -61.77
N SER I 95 -11.95 -13.43 -60.95
CA SER I 95 -11.25 -12.24 -61.41
C SER I 95 -9.78 -12.36 -61.04
N SER I 96 -8.92 -11.86 -61.93
CA SER I 96 -7.46 -11.88 -61.79
C SER I 96 -6.95 -13.32 -61.63
N LEU I 97 -7.08 -14.07 -62.73
CA LEU I 97 -6.69 -15.47 -62.79
C LEU I 97 -5.22 -15.68 -62.47
N GLN I 98 -4.96 -16.79 -61.79
CA GLN I 98 -3.62 -17.23 -61.40
C GLN I 98 -3.44 -18.68 -61.86
N PRO I 99 -2.21 -19.11 -62.14
CA PRO I 99 -1.99 -20.43 -62.74
C PRO I 99 -2.36 -21.63 -61.87
N GLU I 100 -2.76 -21.45 -60.62
CA GLU I 100 -3.30 -22.57 -59.86
C GLU I 100 -4.80 -22.76 -60.07
N ASP I 101 -5.44 -21.89 -60.85
CA ASP I 101 -6.89 -21.90 -61.00
C ASP I 101 -7.36 -22.56 -62.29
N PHE I 102 -6.46 -23.21 -63.02
CA PHE I 102 -6.81 -23.87 -64.27
C PHE I 102 -7.19 -25.32 -63.96
N ALA I 103 -8.49 -25.61 -63.97
CA ALA I 103 -9.01 -26.94 -63.66
C ALA I 103 -10.39 -27.07 -64.28
N THR I 104 -11.15 -28.06 -63.85
CA THR I 104 -12.51 -28.29 -64.34
C THR I 104 -13.51 -28.03 -63.22
N TYR I 105 -14.48 -27.17 -63.48
CA TYR I 105 -15.38 -26.65 -62.46
C TYR I 105 -16.79 -27.21 -62.65
N TYR I 106 -17.35 -27.77 -61.59
CA TYR I 106 -18.69 -28.34 -61.57
C TYR I 106 -19.61 -27.51 -60.68
N CYS I 107 -20.90 -27.54 -60.99
CA CYS I 107 -21.94 -27.00 -60.12
C CYS I 107 -22.82 -28.14 -59.67
N LEU I 108 -23.12 -28.18 -58.38
CA LEU I 108 -23.94 -29.24 -57.80
C LEU I 108 -25.08 -28.59 -57.04
N GLN I 109 -26.26 -29.20 -57.08
CA GLN I 109 -27.39 -28.71 -56.31
C GLN I 109 -27.55 -29.51 -55.03
N HIS I 110 -27.83 -28.80 -53.94
CA HIS I 110 -27.99 -29.42 -52.63
C HIS I 110 -29.44 -29.44 -52.18
N ASN I 111 -30.38 -29.14 -53.05
CA ASN I 111 -31.76 -28.91 -52.62
C ASN I 111 -32.49 -30.21 -52.31
N SER I 112 -32.58 -31.11 -53.28
CA SER I 112 -33.35 -32.33 -53.11
C SER I 112 -32.51 -33.53 -53.48
N TYR I 113 -32.69 -34.62 -52.74
CA TYR I 113 -31.99 -35.87 -53.05
C TYR I 113 -32.69 -36.58 -54.19
N PRO I 114 -31.95 -37.18 -55.13
CA PRO I 114 -30.49 -37.29 -55.23
C PRO I 114 -29.83 -36.06 -55.81
N TRP I 115 -28.63 -35.76 -55.33
CA TRP I 115 -27.94 -34.52 -55.69
C TRP I 115 -27.25 -34.70 -57.03
N THR I 116 -27.59 -33.86 -57.99
CA THR I 116 -27.17 -34.03 -59.38
C THR I 116 -26.13 -32.99 -59.76
N PHE I 117 -25.13 -33.42 -60.52
CA PHE I 117 -24.02 -32.58 -60.94
C PHE I 117 -24.34 -31.83 -62.23
N GLY I 118 -23.46 -30.91 -62.58
CA GLY I 118 -23.53 -30.24 -63.85
C GLY I 118 -22.85 -31.05 -64.94
N GLN I 119 -21.96 -30.42 -65.71
CA GLN I 119 -21.22 -31.12 -66.75
C GLN I 119 -19.74 -30.81 -66.78
N GLY I 120 -19.27 -29.84 -66.00
CA GLY I 120 -17.87 -29.47 -66.01
C GLY I 120 -17.59 -28.31 -66.95
N THR I 121 -16.45 -27.66 -66.72
CA THR I 121 -15.96 -26.61 -67.61
C THR I 121 -14.45 -26.58 -67.48
N LYS I 122 -13.76 -27.15 -68.46
CA LYS I 122 -12.30 -27.05 -68.47
C LYS I 122 -11.91 -25.64 -68.87
N LEU I 123 -10.82 -25.15 -68.30
CA LEU I 123 -10.38 -23.78 -68.51
C LEU I 123 -8.94 -23.82 -69.02
N GLU I 124 -8.74 -23.36 -70.24
CA GLU I 124 -7.44 -23.47 -70.89
C GLU I 124 -6.68 -22.15 -70.91
N ILE I 125 -5.39 -22.25 -71.19
CA ILE I 125 -4.49 -21.11 -71.16
C ILE I 125 -4.29 -20.61 -72.58
N LYS I 126 -4.45 -19.29 -72.76
CA LYS I 126 -4.28 -18.68 -74.07
C LYS I 126 -2.89 -18.95 -74.64
N ARG I 127 -2.75 -18.77 -75.94
CA ARG I 127 -1.47 -19.00 -76.61
C ARG I 127 -1.54 -18.62 -78.09
N THR I 128 -0.65 -17.73 -78.50
CA THR I 128 -0.62 -17.28 -79.90
C THR I 128 -0.74 -18.46 -80.86
N VAL I 129 -1.63 -18.34 -81.83
CA VAL I 129 -1.83 -19.39 -82.82
C VAL I 129 -0.51 -20.00 -83.27
N ALA I 130 -0.36 -21.30 -83.07
CA ALA I 130 0.86 -22.00 -83.45
C ALA I 130 0.46 -23.18 -84.31
N ALA I 131 1.05 -23.29 -85.48
CA ALA I 131 0.72 -24.42 -86.33
C ALA I 131 1.52 -25.66 -85.90
N PRO I 132 0.99 -26.84 -86.17
CA PRO I 132 1.70 -28.05 -85.76
C PRO I 132 2.82 -28.41 -86.72
N SER I 133 3.88 -28.96 -86.17
CA SER I 133 4.78 -29.77 -86.99
C SER I 133 4.08 -31.10 -87.23
N VAL I 134 3.99 -31.54 -88.49
CA VAL I 134 3.36 -32.81 -88.82
C VAL I 134 4.42 -33.81 -89.22
N PHE I 135 4.17 -35.09 -88.93
CA PHE I 135 5.10 -36.17 -89.27
C PHE I 135 4.36 -37.50 -89.39
N ILE I 136 4.62 -38.24 -90.47
CA ILE I 136 3.96 -39.52 -90.67
C ILE I 136 5.01 -40.61 -90.59
N PHE I 137 4.66 -41.69 -89.90
CA PHE I 137 5.56 -42.82 -89.68
C PHE I 137 4.96 -44.07 -90.32
N PRO I 138 5.65 -44.73 -91.23
CA PRO I 138 5.15 -46.00 -91.78
C PRO I 138 5.32 -47.11 -90.78
N PRO I 139 4.68 -48.27 -90.98
CA PRO I 139 4.82 -49.37 -90.02
C PRO I 139 6.20 -50.00 -90.09
N SER I 140 6.72 -50.38 -88.92
CA SER I 140 8.03 -51.00 -88.85
C SER I 140 8.00 -52.40 -89.44
N ASP I 141 9.13 -52.82 -90.02
CA ASP I 141 9.21 -54.13 -90.65
C ASP I 141 8.91 -55.25 -89.66
N GLU I 142 9.21 -55.03 -88.38
CA GLU I 142 8.94 -56.05 -87.37
C GLU I 142 7.43 -56.32 -87.25
N GLN I 143 6.63 -55.28 -87.34
CA GLN I 143 5.20 -55.42 -87.16
C GLN I 143 4.55 -56.11 -88.36
N LEU I 144 5.05 -55.85 -89.57
CA LEU I 144 4.48 -56.50 -90.74
C LEU I 144 4.74 -58.01 -90.70
N LYS I 145 5.78 -58.45 -90.00
CA LYS I 145 5.93 -59.88 -89.76
C LYS I 145 4.75 -60.39 -88.94
N SER I 146 4.42 -59.69 -87.85
CA SER I 146 3.35 -60.09 -86.95
C SER I 146 2.01 -60.18 -87.67
N GLY I 147 1.80 -59.39 -88.71
CA GLY I 147 0.60 -59.45 -89.51
C GLY I 147 -0.35 -58.28 -89.36
N THR I 148 0.13 -57.13 -88.88
CA THR I 148 -0.67 -55.94 -88.69
C THR I 148 0.20 -54.71 -88.97
N ALA I 149 -0.42 -53.62 -89.42
CA ALA I 149 0.29 -52.38 -89.76
C ALA I 149 -0.30 -51.19 -89.02
N SER I 150 0.47 -50.60 -88.10
CA SER I 150 0.09 -49.31 -87.52
C SER I 150 0.78 -48.18 -88.29
N VAL I 151 0.01 -47.17 -88.66
CA VAL I 151 0.52 -46.03 -89.39
C VAL I 151 0.29 -44.81 -88.52
N VAL I 152 1.36 -44.27 -87.96
CA VAL I 152 1.23 -43.19 -86.99
C VAL I 152 1.43 -41.87 -87.69
N CYS I 153 0.67 -40.86 -87.28
CA CYS I 153 0.82 -39.51 -87.75
C CYS I 153 0.86 -38.60 -86.54
N LEU I 154 1.88 -37.77 -86.44
CA LEU I 154 2.12 -36.95 -85.26
C LEU I 154 1.91 -35.47 -85.60
N LEU I 155 1.26 -34.74 -84.69
CA LEU I 155 1.07 -33.28 -84.80
C LEU I 155 1.72 -32.67 -83.58
N ASN I 156 2.80 -31.92 -83.77
CA ASN I 156 3.63 -31.50 -82.66
C ASN I 156 3.37 -30.04 -82.30
N ASN I 157 3.31 -29.75 -81.01
CA ASN I 157 3.05 -28.39 -80.54
C ASN I 157 1.98 -27.69 -81.35
N PHE I 158 0.99 -27.12 -80.66
CA PHE I 158 -0.10 -26.42 -81.33
C PHE I 158 -1.15 -25.95 -80.32
N TYR I 159 -1.50 -24.67 -80.39
CA TYR I 159 -2.48 -24.09 -79.49
C TYR I 159 -3.88 -24.64 -79.76
N PRO I 160 -4.56 -24.08 -80.83
CA PRO I 160 -5.90 -24.63 -81.08
C PRO I 160 -5.87 -26.14 -81.23
N ARG I 161 -6.48 -26.86 -80.29
CA ARG I 161 -6.51 -28.32 -80.33
C ARG I 161 -7.56 -28.82 -81.30
N GLU I 162 -8.43 -27.92 -81.74
CA GLU I 162 -9.49 -28.26 -82.69
C GLU I 162 -8.91 -28.63 -84.05
N ALA I 163 -7.88 -29.47 -84.05
CA ALA I 163 -7.25 -29.88 -85.29
C ALA I 163 -7.99 -31.09 -85.85
N LYS I 164 -7.95 -31.23 -87.18
CA LYS I 164 -8.53 -32.37 -87.89
C LYS I 164 -7.42 -33.21 -88.51
N VAL I 165 -7.49 -34.52 -88.31
CA VAL I 165 -6.57 -35.48 -88.94
C VAL I 165 -7.38 -36.34 -89.89
N GLN I 166 -7.19 -36.15 -91.18
CA GLN I 166 -7.81 -36.97 -92.20
C GLN I 166 -6.76 -37.92 -92.77
N TRP I 167 -6.95 -39.22 -92.53
CA TRP I 167 -6.17 -40.23 -93.22
C TRP I 167 -6.72 -40.45 -94.61
N LYS I 168 -5.82 -40.69 -95.55
CA LYS I 168 -6.22 -41.05 -96.91
C LYS I 168 -5.35 -42.21 -97.32
N VAL I 169 -5.94 -43.21 -97.94
CA VAL I 169 -5.20 -44.34 -98.48
C VAL I 169 -5.49 -44.39 -99.97
N ASP I 170 -4.46 -44.15 -100.79
CA ASP I 170 -4.62 -44.01 -102.22
C ASP I 170 -5.69 -42.97 -102.55
N ASN I 171 -5.74 -41.91 -101.77
CA ASN I 171 -6.66 -40.79 -101.94
C ASN I 171 -8.10 -41.11 -101.56
N ALA I 172 -8.31 -42.16 -100.77
CA ALA I 172 -9.63 -42.49 -100.26
C ALA I 172 -9.67 -42.10 -98.80
N LEU I 173 -10.60 -41.23 -98.43
CA LEU I 173 -10.65 -40.81 -97.04
C LEU I 173 -11.05 -42.02 -96.19
N GLN I 174 -10.26 -42.29 -95.16
CA GLN I 174 -10.38 -43.48 -94.32
C GLN I 174 -11.21 -43.17 -93.07
N SER I 175 -12.29 -43.89 -92.88
CA SER I 175 -13.17 -43.65 -91.74
C SER I 175 -13.30 -44.90 -90.90
N GLY I 176 -13.01 -44.78 -89.60
CA GLY I 176 -13.33 -45.82 -88.66
C GLY I 176 -12.25 -46.85 -88.39
N ASN I 177 -11.01 -46.56 -88.75
CA ASN I 177 -9.90 -47.42 -88.36
C ASN I 177 -8.76 -46.62 -87.77
N SER I 178 -9.06 -45.45 -87.19
CA SER I 178 -8.03 -44.62 -86.57
C SER I 178 -8.41 -44.35 -85.13
N GLN I 179 -7.40 -43.97 -84.34
CA GLN I 179 -7.57 -43.50 -82.97
C GLN I 179 -6.59 -42.36 -82.71
N GLU I 180 -7.04 -41.35 -81.99
CA GLU I 180 -6.23 -40.22 -81.61
C GLU I 180 -6.07 -40.17 -80.10
N SER I 181 -4.99 -39.54 -79.64
CA SER I 181 -4.97 -38.98 -78.29
C SER I 181 -4.12 -37.72 -78.29
N VAL I 182 -4.33 -36.90 -77.26
CA VAL I 182 -3.83 -35.55 -77.19
C VAL I 182 -3.23 -35.36 -75.81
N THR I 183 -2.21 -34.51 -75.74
CA THR I 183 -1.52 -34.34 -74.47
C THR I 183 -2.15 -33.20 -73.69
N GLU I 184 -1.84 -33.14 -72.40
CA GLU I 184 -2.24 -32.00 -71.61
C GLU I 184 -1.51 -30.75 -72.09
N GLN I 185 -2.19 -29.61 -72.00
CA GLN I 185 -1.57 -28.35 -72.39
C GLN I 185 -0.22 -28.20 -71.71
N ASP I 186 0.81 -27.95 -72.51
CA ASP I 186 2.19 -27.94 -72.03
C ASP I 186 2.46 -26.81 -71.04
N SER I 187 3.08 -27.15 -69.90
CA SER I 187 3.34 -26.15 -68.87
C SER I 187 4.36 -25.09 -69.29
N LYS I 188 5.20 -25.37 -70.28
CA LYS I 188 6.15 -24.36 -70.75
C LYS I 188 5.55 -23.45 -71.82
N ASP I 189 5.17 -24.00 -72.97
CA ASP I 189 4.75 -23.19 -74.10
C ASP I 189 3.25 -23.26 -74.38
N SER I 190 2.47 -23.89 -73.48
CA SER I 190 1.01 -23.87 -73.54
C SER I 190 0.45 -24.42 -74.85
N THR I 191 1.13 -25.42 -75.44
CA THR I 191 0.70 -26.03 -76.70
C THR I 191 0.14 -27.41 -76.46
N TYR I 192 -0.43 -27.99 -77.51
CA TYR I 192 -0.91 -29.36 -77.46
C TYR I 192 -0.14 -30.19 -78.46
N SER I 193 -0.18 -31.51 -78.30
CA SER I 193 0.41 -32.42 -79.26
C SER I 193 -0.52 -33.61 -79.45
N LEU I 194 -0.63 -34.11 -80.67
CA LEU I 194 -1.65 -35.09 -81.01
C LEU I 194 -1.05 -36.23 -81.83
N SER I 195 -1.49 -37.44 -81.53
CA SER I 195 -1.00 -38.63 -82.21
C SER I 195 -2.20 -39.42 -82.72
N SER I 196 -2.30 -39.61 -84.03
CA SER I 196 -3.35 -40.43 -84.62
C SER I 196 -2.75 -41.69 -85.19
N THR I 197 -3.35 -42.84 -84.85
CA THR I 197 -2.85 -44.15 -85.30
C THR I 197 -3.89 -44.81 -86.21
N LEU I 198 -3.47 -45.18 -87.41
CA LEU I 198 -4.31 -45.91 -88.36
C LEU I 198 -3.90 -47.37 -88.32
N THR I 199 -4.86 -48.28 -88.11
CA THR I 199 -4.53 -49.69 -87.94
C THR I 199 -5.15 -50.53 -89.06
N LEU I 200 -4.30 -51.30 -89.74
CA LEU I 200 -4.65 -52.14 -90.87
C LEU I 200 -4.08 -53.53 -90.69
N SER I 201 -4.58 -54.48 -91.45
CA SER I 201 -3.96 -55.78 -91.49
C SER I 201 -2.78 -55.73 -92.44
N LYS I 202 -1.84 -56.68 -92.28
CA LYS I 202 -0.75 -56.77 -93.26
C LYS I 202 -1.32 -56.96 -94.65
N ALA I 203 -2.26 -57.88 -94.79
CA ALA I 203 -2.90 -58.15 -96.08
C ALA I 203 -3.49 -56.87 -96.70
N ASP I 204 -4.32 -56.16 -95.95
CA ASP I 204 -4.94 -54.95 -96.50
C ASP I 204 -3.92 -53.84 -96.70
N TYR I 205 -2.88 -53.79 -95.86
CA TYR I 205 -1.84 -52.80 -96.03
C TYR I 205 -1.18 -52.93 -97.40
N GLU I 206 -0.74 -54.15 -97.74
CA GLU I 206 -0.12 -54.53 -98.99
C GLU I 206 -1.04 -54.40 -100.22
N LYS I 207 -2.26 -53.90 -100.09
CA LYS I 207 -3.17 -53.71 -101.22
C LYS I 207 -3.18 -52.28 -101.76
N HIS I 208 -2.51 -51.33 -101.10
CA HIS I 208 -2.52 -49.93 -101.49
C HIS I 208 -1.09 -49.38 -101.46
N LYS I 209 -0.91 -48.17 -102.03
CA LYS I 209 0.42 -47.59 -102.19
C LYS I 209 0.64 -46.36 -101.32
N VAL I 210 -0.06 -45.26 -101.59
CA VAL I 210 0.18 -43.99 -100.90
C VAL I 210 -0.58 -43.97 -99.59
N TYR I 211 0.13 -43.75 -98.49
CA TYR I 211 -0.49 -43.46 -97.22
C TYR I 211 -0.22 -42.01 -96.87
N ALA I 212 -1.29 -41.27 -96.60
CA ALA I 212 -1.24 -39.83 -96.43
C ALA I 212 -1.98 -39.46 -95.15
N CYS I 213 -1.58 -38.35 -94.56
CA CYS I 213 -2.16 -37.84 -93.33
C CYS I 213 -2.33 -36.35 -93.56
N GLU I 214 -3.56 -35.86 -93.64
CA GLU I 214 -3.81 -34.45 -93.98
C GLU I 214 -4.33 -33.73 -92.76
N VAL I 215 -3.57 -32.76 -92.27
CA VAL I 215 -3.89 -32.04 -91.04
C VAL I 215 -4.46 -30.66 -91.36
N THR I 216 -5.60 -30.34 -90.77
CA THR I 216 -6.24 -29.04 -90.88
C THR I 216 -6.12 -28.31 -89.55
N HIS I 217 -5.82 -27.00 -89.59
CA HIS I 217 -5.59 -26.26 -88.36
C HIS I 217 -5.57 -24.78 -88.66
N GLN I 218 -5.90 -23.99 -87.64
CA GLN I 218 -6.09 -22.56 -87.82
C GLN I 218 -4.78 -21.86 -88.17
N GLY I 219 -3.65 -22.37 -87.69
CA GLY I 219 -2.35 -21.81 -88.05
C GLY I 219 -1.85 -22.21 -89.43
N LEU I 220 -2.58 -23.08 -90.13
CA LEU I 220 -2.28 -23.44 -91.51
C LEU I 220 -3.25 -22.73 -92.45
N SER I 221 -2.71 -22.06 -93.47
CA SER I 221 -3.56 -21.40 -94.45
C SER I 221 -4.31 -22.41 -95.31
N SER I 222 -3.68 -23.52 -95.65
CA SER I 222 -4.35 -24.65 -96.26
C SER I 222 -3.74 -25.92 -95.70
N PRO I 223 -4.49 -27.04 -95.71
CA PRO I 223 -4.07 -28.18 -94.92
C PRO I 223 -2.74 -28.76 -95.40
N VAL I 224 -2.04 -29.36 -94.47
CA VAL I 224 -0.74 -29.95 -94.72
C VAL I 224 -0.94 -31.44 -94.81
N THR I 225 -0.35 -32.06 -95.83
CA THR I 225 -0.36 -33.49 -95.98
C THR I 225 1.07 -34.00 -95.90
N LYS I 226 1.33 -34.93 -94.99
CA LYS I 226 2.56 -35.71 -94.98
C LYS I 226 2.23 -37.13 -95.45
N SER I 227 3.04 -37.67 -96.35
CA SER I 227 2.68 -38.95 -96.95
C SER I 227 3.93 -39.72 -97.32
N PHE I 228 3.79 -41.04 -97.39
CA PHE I 228 4.83 -41.92 -97.87
C PHE I 228 4.23 -42.92 -98.84
N ASN I 229 5.10 -43.66 -99.50
CA ASN I 229 4.70 -44.65 -100.50
C ASN I 229 5.20 -46.00 -100.02
N ARG I 230 4.26 -46.88 -99.65
CA ARG I 230 4.62 -48.20 -99.12
C ARG I 230 5.66 -48.86 -99.99
N GLY I 231 6.79 -49.19 -99.39
CA GLY I 231 7.80 -49.97 -100.07
C GLY I 231 8.83 -49.18 -100.82
N GLU I 232 9.01 -47.90 -100.49
CA GLU I 232 10.03 -47.05 -101.12
C GLU I 232 11.02 -46.56 -100.08
N CYS I 233 12.19 -47.21 -100.00
CA CYS I 233 13.28 -46.77 -99.11
C CYS I 233 13.54 -45.28 -99.31
C1 NAG J . 46.48 36.01 -13.21
C2 NAG J . 47.62 35.59 -14.11
C3 NAG J . 48.18 34.25 -13.65
C4 NAG J . 48.35 34.15 -12.14
C5 NAG J . 47.28 34.91 -11.33
C6 NAG J . 47.70 35.18 -9.90
C7 NAG J . 47.82 36.05 -16.52
C8 NAG J . 47.20 35.86 -17.87
N2 NAG J . 47.16 35.50 -15.49
O3 NAG J . 49.43 34.03 -14.27
O4 NAG J . 48.14 32.78 -11.83
O5 NAG J . 46.96 36.17 -11.91
O6 NAG J . 48.34 36.44 -9.78
O7 NAG J . 48.87 36.67 -16.36
C1 NAG J . 49.08 31.87 -11.19
C2 NAG J . 50.39 32.39 -10.57
C3 NAG J . 51.05 31.31 -9.71
C4 NAG J . 50.07 30.72 -8.71
C5 NAG J . 48.82 30.22 -9.43
C6 NAG J . 47.76 29.70 -8.50
C7 NAG J . 52.20 33.84 -11.40
C8 NAG J . 53.09 34.17 -12.57
N2 NAG J . 51.33 32.85 -11.60
O3 NAG J . 52.18 31.83 -9.03
O4 NAG J . 50.69 29.63 -8.03
O5 NAG J . 48.24 31.31 -10.15
O6 NAG J . 46.47 29.78 -9.11
O7 NAG J . 52.29 34.44 -10.34
C1 NAG K . 26.76 34.41 -31.47
C2 NAG K . 27.12 34.93 -32.85
C3 NAG K . 26.32 34.14 -33.90
C4 NAG K . 26.49 32.64 -33.71
C5 NAG K . 26.33 32.22 -32.25
C6 NAG K . 26.80 30.80 -31.99
C7 NAG K . 27.71 37.17 -33.63
C8 NAG K . 27.32 38.62 -33.68
N2 NAG K . 26.87 36.36 -32.98
O3 NAG K . 26.73 34.56 -35.20
O4 NAG K . 25.47 31.96 -34.45
O5 NAG K . 27.11 33.05 -31.37
O6 NAG K . 28.08 30.78 -31.39
O7 NAG K . 28.73 36.75 -34.16
C1 NAG K . 25.96 31.37 -35.67
C2 NAG K . 25.46 29.93 -35.80
C3 NAG K . 25.90 29.34 -37.15
C4 NAG K . 25.50 30.24 -38.30
C5 NAG K . 25.98 31.67 -38.05
C6 NAG K . 25.47 32.66 -39.09
C7 NAG K . 25.23 28.09 -34.19
C8 NAG K . 25.88 27.34 -33.07
N2 NAG K . 25.94 29.10 -34.70
O3 NAG K . 25.32 28.05 -37.30
O4 NAG K . 26.12 29.77 -39.50
O5 NAG K . 25.50 32.14 -36.78
O6 NAG K . 24.45 33.48 -38.55
O7 NAG K . 24.11 27.80 -34.61
C1 NAG K . 25.16 29.17 -40.39
C2 NAG K . 25.76 29.16 -41.78
C3 NAG K . 24.81 28.50 -42.76
C4 NAG K . 24.46 27.09 -42.28
C5 NAG K . 23.90 27.14 -40.87
C6 NAG K . 23.67 25.76 -40.28
C7 NAG K . 27.33 31.02 -42.11
C8 NAG K . 27.50 32.42 -42.63
N2 NAG K . 26.10 30.50 -42.22
O3 NAG K . 25.41 28.44 -44.05
O4 NAG K . 23.50 26.50 -43.15
O5 NAG K . 24.82 27.82 -40.00
O6 NAG K . 22.38 25.65 -39.68
O7 NAG K . 28.26 30.39 -41.64
C1 NAG L . 36.55 13.75 -22.80
C2 NAG L . 38.00 13.83 -23.28
C3 NAG L . 38.52 12.42 -23.58
C4 NAG L . 38.31 11.49 -22.40
C5 NAG L . 36.86 11.55 -21.90
C6 NAG L . 36.65 10.81 -20.59
C7 NAG L . 38.87 15.78 -24.48
C8 NAG L . 38.91 16.51 -25.79
N2 NAG L . 38.13 14.67 -24.45
O3 NAG L . 39.90 12.53 -23.90
O4 NAG L . 38.58 10.15 -22.79
O5 NAG L . 36.47 12.91 -21.66
O6 NAG L . 35.29 10.80 -20.20
O7 NAG L . 39.47 16.18 -23.50
C1 NAG L . 39.83 9.72 -22.24
C2 NAG L . 39.78 8.22 -21.97
C3 NAG L . 41.12 7.76 -21.40
C4 NAG L . 42.26 8.15 -22.32
C5 NAG L . 42.23 9.64 -22.65
C6 NAG L . 43.21 10.02 -23.72
C7 NAG L . 37.50 7.44 -21.57
C8 NAG L . 36.47 7.11 -20.54
N2 NAG L . 38.68 7.86 -21.10
O3 NAG L . 41.09 6.35 -21.21
O4 NAG L . 43.51 7.82 -21.73
O5 NAG L . 40.93 10.03 -23.13
O6 NAG L . 43.17 9.10 -24.81
O7 NAG L . 37.28 7.33 -22.77
C1 NAG M . 29.77 19.43 -5.45
C2 NAG M . 29.66 18.13 -4.69
C3 NAG M . 30.00 18.36 -3.23
C4 NAG M . 31.36 19.03 -3.05
C5 NAG M . 31.49 20.25 -3.97
C6 NAG M . 32.90 20.79 -4.08
C7 NAG M . 28.11 16.25 -4.88
C8 NAG M . 26.68 15.83 -5.03
N2 NAG M . 28.34 17.56 -4.83
O3 NAG M . 29.97 17.13 -2.54
O4 NAG M . 31.43 19.47 -1.70
O5 NAG M . 31.08 19.95 -5.32
O6 NAG M . 33.24 21.59 -2.97
O7 NAG M . 29.02 15.42 -4.78
C1 NAG M . 32.52 19.06 -0.79
C2 NAG M . 32.86 17.55 -0.80
C3 NAG M . 34.10 17.28 0.07
C4 NAG M . 35.26 18.21 -0.29
C5 NAG M . 34.80 19.66 -0.22
C6 NAG M . 35.87 20.63 -0.62
C7 NAG M . 31.55 15.47 -0.53
C8 NAG M . 30.32 14.85 0.07
N2 NAG M . 31.72 16.78 -0.30
O3 NAG M . 34.54 15.93 -0.11
O4 NAG M . 36.33 18.01 0.61
O5 NAG M . 33.70 19.85 -1.12
O6 NAG M . 36.26 21.46 0.48
O7 NAG M . 32.33 14.82 -1.22
C1 NAG N . -6.26 43.49 -15.65
C2 NAG N . -7.15 43.91 -16.86
C3 NAG N . -6.65 45.22 -17.52
C4 NAG N . -6.45 46.30 -16.46
C5 NAG N . -5.55 45.78 -15.34
C6 NAG N . -5.34 46.77 -14.22
C7 NAG N . -6.74 42.09 -18.69
C8 NAG N . -5.23 42.27 -18.76
N2 NAG N . -7.48 42.85 -17.84
O3 NAG N . -7.60 45.64 -18.49
O4 NAG N . -5.86 47.45 -17.06
O5 NAG N . -6.13 44.60 -14.75
O6 NAG N . -5.35 46.13 -12.96
O7 NAG N . -7.29 41.25 -19.40
C1 NAG N . -6.79 48.56 -17.08
C2 NAG N . -6.13 49.74 -17.81
C3 NAG N . -7.10 50.91 -17.91
C4 NAG N . -8.42 50.48 -18.53
C5 NAG N . -8.99 49.29 -17.78
C6 NAG N . -10.24 48.73 -18.43
C7 NAG N . -3.68 49.83 -17.61
C8 NAG N . -2.53 50.33 -16.80
N2 NAG N . -4.90 50.14 -17.15
O3 NAG N . -6.52 51.95 -18.69
O4 NAG N . -9.35 51.56 -18.51
O5 NAG N . -8.04 48.22 -17.74
O6 NAG N . -10.13 47.32 -18.63
O7 NAG N . -3.53 49.17 -18.63
C1 NAG O . 37.43 4.86 22.33
C2 NAG O . 37.81 4.17 23.62
C3 NAG O . 38.19 5.24 24.65
C4 NAG O . 39.22 6.20 24.06
C5 NAG O . 38.86 6.66 22.64
C6 NAG O . 40.00 7.33 21.92
C7 NAG O . 36.94 2.37 25.05
C8 NAG O . 35.72 1.59 25.46
N2 NAG O . 36.74 3.33 24.13
O3 NAG O . 38.68 4.64 25.85
O4 NAG O . 39.33 7.37 24.86
O5 NAG O . 38.52 5.52 21.84
O6 NAG O . 39.77 7.37 20.51
O7 NAG O . 38.05 2.14 25.51
C1 NAG O . 40.41 7.25 25.91
C2 NAG O . 41.08 8.53 25.82
C3 NAG O . 42.20 8.62 26.87
C4 NAG O . 41.65 8.28 28.25
C5 NAG O . 40.89 6.95 28.18
C6 NAG O . 40.14 6.61 29.46
C7 NAG O . 41.24 9.95 23.81
C8 NAG O . 41.91 10.14 22.47
N2 NAG O . 41.60 8.86 24.50
O3 NAG O . 42.79 9.91 26.89
O4 NAG O . 42.70 8.17 29.19
O5 NAG O . 39.92 7.01 27.11
O6 NAG O . 40.61 5.40 30.03
O7 NAG O . 40.44 10.77 24.24
C1 NAG P . 37.34 -12.94 -3.71
C2 NAG P . 38.17 -11.93 -2.97
C3 NAG P . 38.52 -10.77 -3.90
C4 NAG P . 39.14 -11.28 -5.21
C5 NAG P . 38.34 -12.46 -5.76
C6 NAG P . 39.07 -13.16 -6.87
C7 NAG P . 37.99 -11.35 -0.60
C8 NAG P . 37.09 -10.88 0.46
N2 NAG P . 37.44 -11.44 -1.82
O3 NAG P . 39.37 -9.82 -3.27
O4 NAG P . 39.10 -10.26 -6.18
O5 NAG P . 38.08 -13.46 -4.78
O6 NAG P . 40.10 -13.97 -6.33
O7 NAG P . 39.18 -11.59 -0.41
C1 NAG P . 40.30 -9.48 -6.78
C2 NAG P . 40.40 -9.42 -8.19
C3 NAG P . 41.57 -8.47 -8.60
C4 NAG P . 41.58 -7.18 -7.81
C5 NAG P . 41.42 -7.48 -6.34
C6 NAG P . 41.20 -6.22 -5.54
C7 NAG P . 40.24 -10.87 -10.19
C8 NAG P . 40.35 -12.28 -10.66
N2 NAG P . 40.50 -10.67 -8.87
O3 NAG P . 41.47 -8.20 -10.00
O4 NAG P . 42.81 -6.47 -8.05
O5 NAG P . 40.28 -8.36 -6.14
O6 NAG P . 39.92 -5.66 -5.85
O7 NAG P . 39.95 -9.94 -10.94
C1 NAG Q . -38.07 66.46 38.80
C2 NAG Q . -38.26 67.91 39.17
C3 NAG Q . -38.75 68.71 37.96
C4 NAG Q . -37.82 68.51 36.77
C5 NAG Q . -37.63 67.02 36.50
C6 NAG Q . -36.60 66.73 35.45
C7 NAG Q . -38.80 68.44 41.50
C8 NAG Q . -39.87 68.54 42.53
N2 NAG Q . -39.19 68.07 40.28
O3 NAG Q . -38.82 70.09 38.29
O4 NAG Q . -38.40 69.11 35.61
O5 NAG Q . -37.19 66.36 37.69
O6 NAG Q . -36.64 65.37 35.05
O7 NAG Q . -37.63 68.66 41.76
C1 NAG Q . -37.46 69.93 34.87
C2 NAG Q . -37.91 70.04 33.41
C3 NAG Q . -37.00 70.98 32.63
C4 NAG Q . -36.80 72.30 33.37
C5 NAG Q . -36.42 72.06 34.82
C6 NAG Q . -36.38 73.32 35.63
C7 NAG Q . -39.02 68.25 32.15
C8 NAG Q . -38.86 66.89 31.53
N2 NAG Q . -37.94 68.74 32.77
O3 NAG Q . -37.60 71.23 31.37
O4 NAG Q . -35.77 73.05 32.73
O5 NAG Q . -37.40 71.22 35.45
O6 NAG Q . -37.70 73.72 36.00
O7 NAG Q . -40.07 68.87 32.09
C1 NAG R . -26.08 62.65 53.84
C2 NAG R . -25.68 63.40 52.60
C3 NAG R . -24.19 63.17 52.31
C4 NAG R . -23.32 63.33 53.57
C5 NAG R . -23.96 62.73 54.82
C6 NAG R . -23.28 63.14 56.10
C7 NAG R . -27.33 63.75 50.81
C8 NAG R . -28.06 63.10 49.68
N2 NAG R . -26.47 62.96 51.46
O3 NAG R . -23.77 64.08 51.31
O4 NAG R . -22.10 62.62 53.35
O5 NAG R . -25.33 63.11 54.92
O6 NAG R . -22.65 64.41 55.98
O7 NAG R . -27.51 64.92 51.12
C1 NAG R . -20.60 62.87 53.53
C2 NAG R . -19.62 61.69 53.53
C3 NAG R . -18.17 62.16 53.60
C4 NAG R . -17.90 63.17 52.49
C5 NAG R . -18.91 64.31 52.56
C6 NAG R . -18.78 65.26 51.39
C7 NAG R . -19.89 60.74 55.87
C8 NAG R . -19.54 62.07 56.48
N2 NAG R . -19.91 60.65 54.53
O3 NAG R . -17.30 61.04 53.44
O4 NAG R . -16.57 63.69 52.63
O5 NAG R . -20.25 63.78 52.49
O6 NAG R . -19.35 64.72 50.21
O7 NAG R . -20.17 59.77 56.57
C1 NAG S . -40.39 70.74 59.55
C2 NAG S . -39.74 72.11 59.58
C3 NAG S . -40.64 73.09 60.32
C4 NAG S . -42.06 73.08 59.76
C5 NAG S . -42.58 71.65 59.59
C6 NAG S . -43.85 71.58 58.76
C7 NAG S . -37.29 72.18 59.50
C8 NAG S . -36.03 72.08 60.28
N2 NAG S . -38.42 72.06 60.19
O3 NAG S . -40.09 74.40 60.23
O4 NAG S . -42.89 73.75 60.70
O5 NAG S . -41.62 70.83 58.91
O6 NAG S . -44.92 71.02 59.49
O7 NAG S . -37.29 72.34 58.28
C1 NAG S . -43.82 74.68 60.12
C2 NAG S . -44.48 75.45 61.25
C3 NAG S . -45.46 76.48 60.70
C4 NAG S . -44.76 77.38 59.68
C5 NAG S . -44.04 76.55 58.62
C6 NAG S . -43.17 77.39 57.71
C7 NAG S . -46.17 73.77 61.91
C8 NAG S . -46.69 72.95 63.05
N2 NAG S . -45.14 74.57 62.20
O3 NAG S . -45.97 77.26 61.77
O4 NAG S . -45.71 78.21 59.05
O5 NAG S . -43.16 75.59 59.25
O6 NAG S . -41.88 77.58 58.26
O7 NAG S . -46.65 73.70 60.79
C1 NAG T . 17.00 -48.30 31.51
C2 NAG T . 17.94 -49.35 30.97
C3 NAG T . 17.45 -49.82 29.59
C4 NAG T . 15.94 -50.06 29.55
C5 NAG T . 15.12 -49.10 30.42
C6 NAG T . 13.73 -49.62 30.71
C7 NAG T . 20.37 -49.47 31.31
C8 NAG T . 21.68 -48.76 31.12
N2 NAG T . 19.29 -48.83 30.86
O3 NAG T . 18.13 -51.02 29.25
O4 NAG T . 15.57 -49.76 28.20
O5 NAG T . 15.74 -48.86 31.68
O6 NAG T . 13.69 -50.36 31.92
O7 NAG T . 20.30 -50.57 31.85
C1 NAG T . 14.94 -50.65 27.24
C2 NAG T . 14.41 -52.03 27.69
C3 NAG T . 13.53 -52.64 26.58
C4 NAG T . 12.46 -51.66 26.12
C5 NAG T . 13.10 -50.35 25.70
C6 NAG T . 12.09 -49.29 25.30
C7 NAG T . 15.39 -53.91 28.94
C8 NAG T . 16.61 -54.76 29.14
N2 NAG T . 15.50 -52.94 28.02
O3 NAG T . 12.93 -53.85 27.03
O4 NAG T . 11.76 -52.22 25.01
O5 NAG T . 13.84 -49.82 26.80
O6 NAG T . 12.65 -47.99 25.47
O7 NAG T . 14.35 -54.09 29.56
C1 NAG U . 34.21 -27.60 30.87
C2 NAG U . 35.63 -27.92 31.30
C3 NAG U . 36.60 -27.01 30.55
C4 NAG U . 36.37 -27.07 29.04
C5 NAG U . 34.88 -26.96 28.69
C6 NAG U . 34.58 -27.31 27.25
C7 NAG U . 36.53 -28.66 33.45
C8 NAG U . 36.62 -28.38 34.92
N2 NAG U . 35.81 -27.79 32.73
O3 NAG U . 37.94 -27.39 30.87
O4 NAG U . 37.01 -25.97 28.42
O5 NAG U . 34.08 -27.85 29.49
O6 NAG U . 34.04 -28.61 27.15
O7 NAG U . 37.09 -29.61 32.93
C1 NAG U . 38.24 -26.33 27.75
C2 NAG U . 38.28 -25.72 26.35
C3 NAG U . 39.61 -26.03 25.67
C4 NAG U . 40.79 -25.65 26.56
C5 NAG U . 40.63 -26.25 27.95
C6 NAG U . 41.67 -25.78 28.93
C7 NAG U . 36.58 -25.42 24.60
C8 NAG U . 35.47 -26.06 23.84
N2 NAG U . 37.18 -26.18 25.53
O3 NAG U . 39.68 -25.33 24.44
O4 NAG U . 41.99 -26.16 25.99
O5 NAG U . 39.36 -25.88 28.50
O6 NAG U . 41.13 -24.86 29.86
O7 NAG U . 36.93 -24.26 24.38
C1 NAG U . 42.80 -25.12 25.43
C2 NAG U . 44.22 -25.65 25.32
C3 NAG U . 45.13 -24.59 24.69
C4 NAG U . 44.58 -24.16 23.35
C5 NAG U . 43.13 -23.68 23.49
C6 NAG U . 42.47 -23.36 22.17
C7 NAG U . 44.72 -27.34 27.02
C8 NAG U . 45.29 -27.59 28.38
N2 NAG U . 44.74 -26.06 26.61
O3 NAG U . 46.45 -25.12 24.54
O4 NAG U . 45.37 -23.10 22.80
O5 NAG U . 42.34 -24.69 24.13
O6 NAG U . 41.82 -22.10 22.20
O7 NAG U . 44.25 -28.23 26.33
C1 NAG V . 25.13 -36.09 9.81
C2 NAG V . 25.68 -37.51 9.75
C3 NAG V . 25.94 -37.90 8.29
C4 NAG V . 24.71 -37.66 7.42
C5 NAG V . 24.15 -36.26 7.63
C6 NAG V . 22.80 -36.07 6.97
C7 NAG V . 27.01 -38.48 11.57
C8 NAG V . 28.36 -38.51 12.24
N2 NAG V . 26.90 -37.64 10.52
O3 NAG V . 26.33 -39.27 8.27
O4 NAG V . 25.07 -37.81 6.06
O5 NAG V . 23.95 -35.99 9.02
O6 NAG V . 22.35 -34.72 7.09
O7 NAG V . 26.07 -39.16 11.95
C1 NAG V . 24.54 -39.05 5.54
C2 NAG V . 24.23 -38.89 4.07
C3 NAG V . 23.69 -40.21 3.51
C4 NAG V . 24.69 -41.33 3.76
C5 NAG V . 25.07 -41.40 5.24
C6 NAG V . 26.21 -42.36 5.50
C7 NAG V . 23.68 -36.58 3.50
C8 NAG V . 22.58 -35.58 3.30
N2 NAG V . 23.29 -37.81 3.83
O3 NAG V . 23.44 -40.08 2.12
O4 NAG V . 24.14 -42.58 3.36
O5 NAG V . 25.51 -40.12 5.72
O6 NAG V . 27.25 -42.19 4.55
O7 NAG V . 24.86 -36.29 3.37
C1 NAG W . 7.74 -30.70 16.73
C2 NAG W . 6.93 -30.53 15.47
C3 NAG W . 5.49 -30.95 15.73
C4 NAG W . 5.40 -32.38 16.28
C5 NAG W . 6.39 -32.56 17.45
C6 NAG W . 6.59 -34.00 17.85
C7 NAG W . 6.95 -28.82 13.71
C8 NAG W . 7.02 -27.35 13.42
N2 NAG W . 6.98 -29.16 15.01
O3 NAG W . 4.74 -30.85 14.52
O4 NAG W . 4.08 -32.55 16.76
O5 NAG W . 7.70 -32.06 17.14
O6 NAG W . 5.52 -34.46 18.67
O7 NAG W . 6.86 -29.66 12.82
C1 NAG W . 3.21 -33.65 16.31
C2 NAG W . 3.17 -33.85 14.77
C3 NAG W . 2.36 -35.12 14.43
C4 NAG W . 2.81 -36.32 15.24
C5 NAG W . 2.77 -35.99 16.73
C6 NAG W . 3.27 -37.13 17.60
C7 NAG W . 2.75 -32.40 12.82
C8 NAG W . 2.06 -31.16 12.34
N2 NAG W . 2.58 -32.69 14.12
O3 NAG W . 2.49 -35.44 13.04
O4 NAG W . 1.94 -37.43 14.99
O5 NAG W . 3.64 -34.87 16.96
O6 NAG W . 2.23 -37.63 18.42
O7 NAG W . 3.44 -33.09 12.08
C1 NAG X . 17.24 3.71 43.32
C2 NAG X . 18.42 4.62 43.76
C3 NAG X . 19.15 4.05 45.00
C4 NAG X . 18.16 3.70 46.10
C5 NAG X . 17.06 2.79 45.55
C6 NAG X . 16.00 2.44 46.56
C7 NAG X . 20.19 4.45 41.84
C8 NAG X . 20.33 2.94 41.89
N2 NAG X . 19.33 5.08 42.70
O3 NAG X . 20.10 5.00 45.46
O4 NAG X . 18.83 3.05 47.17
O5 NAG X . 16.39 3.43 44.45
O6 NAG X . 14.70 2.44 45.97
O7 NAG X . 20.83 5.10 41.02
C1 NAG X . 18.86 3.88 48.36
C2 NAG X . 19.67 3.17 49.44
C3 NAG X . 19.77 4.04 50.69
C4 NAG X . 20.32 5.42 50.34
C5 NAG X . 19.48 6.05 49.23
C6 NAG X . 20.04 7.38 48.76
C7 NAG X . 19.59 0.72 49.33
C8 NAG X . 18.86 -0.51 49.76
N2 NAG X . 19.08 1.88 49.77
O3 NAG X . 20.62 3.41 51.65
O4 NAG X . 20.29 6.26 51.50
O5 NAG X . 19.44 5.19 48.10
O6 NAG X . 20.19 7.39 47.35
O7 NAG X . 20.59 0.67 48.62
C1 NAG Y . -20.36 -38.72 2.53
C2 NAG Y . -21.66 -39.10 1.85
C3 NAG Y . -22.63 -39.61 2.93
C4 NAG Y . -21.96 -40.69 3.78
C5 NAG Y . -20.53 -40.30 4.20
C6 NAG Y . -19.74 -41.46 4.75
C7 NAG Y . -23.19 -38.15 0.18
C8 NAG Y . -23.69 -36.90 -0.47
N2 NAG Y . -22.25 -37.99 1.12
O3 NAG Y . -23.82 -40.11 2.33
O4 NAG Y . -22.71 -40.94 4.96
O5 NAG Y . -19.80 -39.83 3.08
O6 NAG Y . -18.35 -41.17 4.77
O7 NAG Y . -23.62 -39.26 -0.12
C1 NAG Y . -23.83 -41.90 4.77
C2 NAG Y . -23.66 -42.67 5.99
C3 NAG Y . -24.65 -43.84 6.03
C4 NAG Y . -26.07 -43.32 5.78
C5 NAG Y . -26.08 -42.47 4.52
C6 NAG Y . -27.40 -41.76 4.29
C7 NAG Y . -21.59 -42.86 7.33
C8 NAG Y . -20.22 -43.47 7.40
N2 NAG Y . -22.30 -43.15 6.22
O3 NAG Y . -24.60 -44.54 7.27
O4 NAG Y . -26.96 -44.42 5.61
O5 NAG Y . -25.06 -41.45 4.62
O6 NAG Y . -28.00 -42.15 3.07
O7 NAG Y . -22.03 -42.13 8.21
C1 NAG Z . -37.76 30.60 70.77
C2 NAG Z . -38.08 30.65 72.26
C3 NAG Z . -36.86 31.14 73.04
C4 NAG Z . -35.65 30.29 72.72
C5 NAG Z . -35.43 30.24 71.21
C6 NAG Z . -34.34 29.28 70.80
C7 NAG Z . -40.41 31.04 72.90
C8 NAG Z . -41.49 32.05 73.12
N2 NAG Z . -39.22 31.51 72.52
O3 NAG Z . -37.15 31.07 74.43
O4 NAG Z . -34.49 30.86 73.32
O5 NAG Z . -36.62 29.79 70.56
O6 NAG Z . -34.00 29.45 69.43
O7 NAG Z . -40.61 29.84 73.04
C1 NAG Z . -33.67 29.90 74.04
C2 NAG Z . -32.23 30.42 74.13
C3 NAG Z . -31.38 29.47 74.97
C4 NAG Z . -32.06 29.13 76.29
C5 NAG Z . -33.50 28.70 76.07
C6 NAG Z . -34.26 28.52 77.37
C7 NAG Z . -31.09 31.72 72.40
C8 NAG Z . -30.52 31.71 71.01
N2 NAG Z . -31.65 30.59 72.81
O3 NAG Z . -30.13 30.11 75.22
O4 NAG Z . -31.34 28.07 76.93
O5 NAG Z . -34.19 29.70 75.34
O6 NAG Z . -34.67 29.77 77.87
O7 NAG Z . -31.06 32.72 73.11
C1 NAG AA . -58.41 31.57 75.97
C2 NAG AA . -58.36 30.81 77.28
C3 NAG AA . -59.10 31.59 78.35
C4 NAG AA . -58.60 33.03 78.45
C5 NAG AA . -58.51 33.67 77.06
C6 NAG AA . -57.74 34.97 77.07
C7 NAG AA . -58.16 28.36 77.14
C8 NAG AA . -58.89 27.07 76.97
N2 NAG AA . -58.91 29.47 77.15
O3 NAG AA . -58.93 30.93 79.61
O4 NAG AA . -59.55 33.76 79.22
O5 NAG AA . -57.83 32.82 76.14
O6 NAG AA . -58.55 36.06 76.63
O7 NAG AA . -56.94 28.41 77.26
C1 NAG AA . -58.97 34.63 80.20
C2 NAG AA . -60.11 35.16 81.06
C3 NAG AA . -59.56 36.09 82.15
C4 NAG AA . -58.48 35.37 82.95
C5 NAG AA . -57.43 34.77 82.02
C6 NAG AA . -56.44 33.89 82.75
C7 NAG AA . -60.91 36.96 79.56
C8 NAG AA . -62.09 37.50 78.81
N2 NAG AA . -61.12 35.85 80.27
O3 NAG AA . -60.62 36.47 83.01
O4 NAG AA . -57.85 36.28 83.84
O5 NAG AA . -58.04 33.95 81.02
O6 NAG AA . -56.93 32.55 82.86
O7 NAG AA . -59.81 37.50 79.49
C1 NAG BA . -33.10 -14.23 -48.15
C2 NAG BA . -32.57 -15.05 -49.30
C3 NAG BA . -31.24 -14.46 -49.77
C4 NAG BA . -31.26 -12.93 -49.88
C5 NAG BA . -32.12 -12.24 -48.82
C6 NAG BA . -32.49 -10.82 -49.19
C7 NAG BA . -32.81 -17.48 -49.62
C8 NAG BA . -32.54 -18.83 -49.04
N2 NAG BA . -32.38 -16.44 -48.89
O3 NAG BA . -30.91 -15.01 -51.04
O4 NAG BA . -29.93 -12.53 -49.58
O5 NAG BA . -33.36 -12.94 -48.59
O6 NAG BA . -33.73 -10.77 -49.89
O7 NAG BA . -33.40 -17.32 -50.69
C1 NAG BA . -29.03 -11.78 -50.46
C2 NAG BA . -29.55 -11.15 -51.77
C3 NAG BA . -28.51 -10.18 -52.34
C4 NAG BA . -28.05 -9.17 -51.29
C5 NAG BA . -27.55 -9.91 -50.05
C6 NAG BA . -27.15 -8.98 -48.93
C7 NAG BA . -30.83 -12.01 -53.68
C8 NAG BA . -31.02 -13.17 -54.63
N2 NAG BA . -29.87 -12.17 -52.75
O3 NAG BA . -29.03 -9.49 -53.46
O4 NAG BA . -26.98 -8.38 -51.82
O5 NAG BA . -28.60 -10.73 -49.55
O6 NAG BA . -27.24 -9.65 -47.67
O7 NAG BA . -31.51 -11.01 -53.75
C1 NAG CA . -30.91 -33.15 -29.10
C2 NAG CA . -31.30 -34.55 -29.54
C3 NAG CA . -30.47 -35.57 -28.75
C4 NAG CA . -28.98 -35.26 -28.84
C5 NAG CA . -28.68 -33.77 -28.61
C6 NAG CA . -27.28 -33.37 -28.99
C7 NAG CA . -33.44 -35.48 -30.27
C8 NAG CA . -34.89 -35.66 -29.96
N2 NAG CA . -32.72 -34.80 -29.37
O3 NAG CA . -30.75 -36.88 -29.23
O4 NAG CA . -28.29 -35.97 -27.82
O5 NAG CA . -29.55 -32.93 -29.39
O6 NAG CA . -27.24 -32.72 -30.24
O7 NAG CA . -32.94 -35.93 -31.30
C1 NAG CA . -27.58 -37.13 -28.32
C2 NAG CA . -26.16 -37.16 -27.76
C3 NAG CA . -25.44 -38.43 -28.22
C4 NAG CA . -26.26 -39.68 -27.92
C5 NAG CA . -27.68 -39.53 -28.45
C6 NAG CA . -28.60 -40.65 -28.04
C7 NAG CA . -24.47 -35.42 -27.38
C8 NAG CA . -23.79 -34.22 -27.95
N2 NAG CA . -25.40 -35.98 -28.16
O3 NAG CA . -24.17 -38.51 -27.58
O4 NAG CA . -25.66 -40.80 -28.56
O5 NAG CA . -28.27 -38.32 -27.95
O6 NAG CA . -29.52 -40.23 -27.04
O7 NAG CA . -24.19 -35.86 -26.27
C1 NAG CA . -25.04 -41.67 -27.61
C2 NAG CA . -24.88 -43.04 -28.27
C3 NAG CA . -24.18 -44.01 -27.32
C4 NAG CA . -22.84 -43.43 -26.88
C5 NAG CA . -23.03 -42.04 -26.27
C6 NAG CA . -21.73 -41.36 -25.95
C7 NAG CA . -26.63 -43.46 -29.93
C8 NAG CA . -27.99 -44.06 -30.19
N2 NAG CA . -26.17 -43.57 -28.69
O3 NAG CA . -24.00 -45.26 -27.97
O4 NAG CA . -22.22 -44.29 -25.94
O5 NAG CA . -23.73 -41.19 -27.19
O6 NAG CA . -21.72 -40.81 -24.63
O7 NAG CA . -26.00 -42.89 -30.81
C1 NAG DA . -10.62 -22.43 -37.52
C2 NAG DA . -10.58 -22.85 -38.99
C3 NAG DA . -9.15 -23.01 -39.45
C4 NAG DA . -8.31 -21.77 -39.14
C5 NAG DA . -8.48 -21.34 -37.68
C6 NAG DA . -7.87 -20.00 -37.40
C7 NAG DA . -12.38 -24.17 -40.00
C8 NAG DA . -13.00 -25.53 -40.13
N2 NAG DA . -11.31 -24.09 -39.20
O3 NAG DA . -9.16 -23.28 -40.85
O4 NAG DA . -6.93 -22.04 -39.37
O5 NAG DA . -9.88 -21.23 -37.36
O6 NAG DA . -7.95 -19.66 -36.02
O7 NAG DA . -12.83 -23.19 -40.58
C1 NAG DA . -6.50 -21.40 -40.58
C2 NAG DA . -5.03 -21.03 -40.45
C3 NAG DA . -4.55 -20.36 -41.73
C4 NAG DA . -4.80 -21.26 -42.93
C5 NAG DA . -6.27 -21.70 -42.98
C6 NAG DA . -6.52 -22.76 -44.03
C7 NAG DA . -4.39 -20.66 -38.11
C8 NAG DA . -4.19 -19.65 -37.02
N2 NAG DA . -4.79 -20.18 -39.29
O3 NAG DA . -3.16 -20.06 -41.62
O4 NAG DA . -4.47 -20.58 -44.13
O5 NAG DA . -6.68 -22.26 -41.72
O6 NAG DA . -5.52 -23.76 -43.98
O7 NAG DA . -4.19 -21.85 -37.93
C1 NAG EA . -18.01 -5.91 -30.34
C2 NAG EA . -16.78 -5.05 -30.15
C3 NAG EA . -17.12 -3.60 -30.43
C4 NAG EA . -17.73 -3.42 -31.82
C5 NAG EA . -18.87 -4.43 -32.04
C6 NAG EA . -19.32 -4.52 -33.48
C7 NAG EA . -14.96 -5.15 -28.51
C8 NAG EA . -14.59 -5.33 -27.07
N2 NAG EA . -16.26 -5.21 -28.81
O3 NAG EA . -15.93 -2.81 -30.31
O4 NAG EA . -18.27 -2.10 -31.86
O5 NAG EA . -18.47 -5.76 -31.68
O6 NAG EA . -20.20 -3.45 -33.82
O7 NAG EA . -14.11 -4.95 -29.38
C1 NAG EA . -17.90 -1.11 -32.88
C2 NAG EA . -16.37 -0.99 -33.15
C3 NAG EA . -16.11 -0.05 -34.35
C4 NAG EA . -16.96 -0.43 -35.55
C5 NAG EA . -18.43 -0.49 -35.16
C6 NAG EA . -19.32 -0.92 -36.30
C7 NAG EA . -14.39 -0.62 -31.74
C8 NAG EA . -13.88 -0.02 -30.45
N2 NAG EA . -15.70 -0.48 -31.97
O3 NAG EA . -14.74 -0.09 -34.72
O4 NAG EA . -16.79 0.53 -36.59
O5 NAG EA . -18.58 -1.46 -34.12
O6 NAG EA . -20.21 0.11 -36.68
O7 NAG EA . -13.65 -1.21 -32.50
C1 NAG FA . -42.77 -19.56 4.03
C2 NAG FA . -43.12 -20.84 4.84
C3 NAG FA . -44.35 -21.58 4.26
C4 NAG FA . -45.50 -20.60 4.04
C5 NAG FA . -45.04 -19.41 3.21
C6 NAG FA . -46.10 -18.37 3.00
C7 NAG FA . -41.14 -22.49 4.45
C8 NAG FA . -41.25 -22.52 2.94
N2 NAG FA . -42.01 -21.74 5.19
O3 NAG FA . -44.74 -22.62 5.14
O4 NAG FA . -46.57 -21.27 3.37
O5 NAG FA . -43.94 -18.75 3.87
O6 NAG FA . -45.57 -17.05 3.11
O7 NAG FA . -40.28 -23.16 5.02
C1 NAG FA . -47.72 -21.42 4.25
C2 NAG FA . -48.81 -22.22 3.51
C3 NAG FA . -50.02 -22.44 4.41
C4 NAG FA . -49.58 -23.10 5.72
C5 NAG FA . -48.49 -22.27 6.39
C6 NAG FA . -47.93 -22.92 7.63
C7 NAG FA . -48.80 -21.91 1.07
C8 NAG FA . -49.31 -21.09 -0.08
N2 NAG FA . -49.21 -21.53 2.28
O3 NAG FA . -50.95 -23.27 3.74
O4 NAG FA . -50.70 -23.19 6.60
O5 NAG FA . -47.39 -22.10 5.48
O6 NAG FA . -46.51 -23.00 7.58
O7 NAG FA . -48.04 -22.87 0.90
C1 NAG GA . -5.04 23.36 -36.82
C2 NAG GA . -4.44 24.72 -37.12
C3 NAG GA . -5.58 25.67 -37.51
C4 NAG GA . -6.45 25.05 -38.61
C5 NAG GA . -6.79 23.58 -38.33
C6 NAG GA . -7.35 22.86 -39.52
C7 NAG GA . -2.81 26.23 -36.10
C8 NAG GA . -2.12 26.66 -34.84
N2 NAG GA . -3.70 25.25 -35.99
O3 NAG GA . -5.06 26.92 -37.93
O4 NAG GA . -7.67 25.75 -38.74
O5 NAG GA . -5.61 22.86 -37.96
O6 NAG GA . -7.29 21.44 -39.35
O7 NAG GA . -2.57 26.76 -37.18
C1 NAG GA . -7.57 26.84 -39.74
C2 NAG GA . -8.81 26.68 -40.49
C3 NAG GA . -8.94 27.77 -41.56
C4 NAG GA . -8.74 29.14 -40.94
C5 NAG GA . -7.44 29.15 -40.12
C6 NAG GA . -7.25 30.41 -39.31
C7 NAG GA . -10.05 24.57 -40.80
C8 NAG GA . -10.09 23.25 -41.52
N2 NAG GA . -9.01 25.36 -41.06
O3 NAG GA . -10.20 27.70 -42.21
O4 NAG GA . -8.66 30.13 -41.96
O5 NAG GA . -7.46 28.03 -39.19
O6 NAG GA . -6.06 31.10 -39.69
O7 NAG GA . -10.94 24.90 -40.00
C1 NAG HA . -71.22 31.65 36.09
C2 NAG HA . -72.72 31.89 36.23
C3 NAG HA . -73.43 30.61 36.63
C4 NAG HA . -73.09 29.48 35.67
C5 NAG HA . -71.58 29.34 35.54
C6 NAG HA . -71.16 28.35 34.49
C7 NAG HA . -73.46 34.16 36.82
C8 NAG HA . -73.69 35.13 37.93
N2 NAG HA . -73.01 32.95 37.19
O3 NAG HA . -74.83 30.82 36.64
O4 NAG HA . -73.62 28.25 36.17
O5 NAG HA . -71.00 30.59 35.17
O6 NAG HA . -69.77 28.07 34.57
O7 NAG HA . -73.65 34.45 35.66
C1 NAG HA . -74.34 27.49 35.16
C2 NAG HA . -74.35 26.00 35.56
C3 NAG HA . -75.18 25.20 34.57
C4 NAG HA . -76.54 25.83 34.33
C5 NAG HA . -76.40 27.31 34.02
C6 NAG HA . -77.73 28.02 33.95
C7 NAG HA . -72.51 24.84 36.70
C8 NAG HA . -71.10 24.34 36.59
N2 NAG HA . -73.00 25.47 35.62
O3 NAG HA . -75.35 23.89 35.11
O4 NAG HA . -77.18 25.18 33.25
O5 NAG HA . -75.66 27.95 35.06
O6 NAG HA . -78.21 28.30 35.26
O7 NAG HA . -73.18 24.69 37.72
C1 NAG IA . -77.30 51.88 38.99
C2 NAG IA . -78.64 51.82 38.28
C3 NAG IA . -79.71 52.45 39.15
C4 NAG IA . -79.73 51.83 40.54
C5 NAG IA . -78.32 51.75 41.14
C6 NAG IA . -78.24 50.88 42.36
C7 NAG IA . -78.58 51.84 35.82
C8 NAG IA . -78.50 52.68 34.59
N2 NAG IA . -78.58 52.49 36.99
O3 NAG IA . -80.99 52.27 38.53
O4 NAG IA . -80.51 52.67 41.38
O5 NAG IA . -77.40 51.18 40.20
O6 NAG IA . -77.79 51.60 43.49
O7 NAG IA . -78.65 50.61 35.77
C1 NAG IA . -81.43 51.98 42.24
C2 NAG IA . -82.32 53.02 42.90
C3 NAG IA . -83.34 52.34 43.80
C4 NAG IA . -84.12 51.30 43.02
C5 NAG IA . -83.18 50.33 42.30
C6 NAG IA . -83.89 49.40 41.36
C7 NAG IA . -80.78 53.74 44.70
C8 NAG IA . -80.08 54.92 45.30
N2 NAG IA . -81.55 54.01 43.64
O3 NAG IA . -84.23 53.34 44.30
O4 NAG IA . -84.95 50.55 43.91
O5 NAG IA . -82.24 51.07 41.51
O6 NAG IA . -84.07 49.99 40.08
O7 NAG IA . -80.65 52.61 45.14
C1 NAG JA . 23.77 43.54 6.82
C2 NAG JA . 22.91 44.08 7.97
C3 NAG JA . 23.75 44.96 8.91
C4 NAG JA . 24.98 44.20 9.39
C5 NAG JA . 25.78 43.71 8.18
C6 NAG JA . 26.98 42.87 8.57
C7 NAG JA . 20.51 44.59 7.76
C8 NAG JA . 19.48 45.47 7.14
N2 NAG JA . 21.78 44.85 7.44
O3 NAG JA . 22.95 45.34 10.03
O4 NAG JA . 25.79 45.04 10.19
O5 NAG JA . 24.94 42.88 7.36
O6 NAG JA . 27.07 41.70 7.76
O7 NAG JA . 20.21 43.68 8.53
C1 NAG KA . -9.74 50.22 6.71
C2 NAG KA . -10.74 51.36 7.04
C3 NAG KA . -12.00 51.19 6.19
C4 NAG KA . -11.65 51.14 4.71
C5 NAG KA . -10.63 50.03 4.48
C6 NAG KA . -10.10 49.99 3.05
C7 NAG KA . -11.52 52.49 9.07
C8 NAG KA . -11.86 52.32 10.52
N2 NAG KA . -11.10 51.39 8.44
O3 NAG KA . -12.90 52.26 6.46
O4 NAG KA . -12.79 50.91 3.92
O5 NAG KA . -9.48 50.20 5.31
O6 NAG KA . -8.92 50.77 2.91
O7 NAG KA . -11.60 53.59 8.51
C1 NAG LA . 10.05 36.69 38.09
C2 NAG LA . 8.72 36.10 38.55
C3 NAG LA . 8.38 36.54 39.97
C4 NAG LA . 9.57 36.33 40.90
C5 NAG LA . 10.85 36.91 40.30
C6 NAG LA . 12.05 36.62 41.20
C7 NAG LA . 6.39 36.20 37.88
C8 NAG LA . 5.39 37.25 37.50
N2 NAG LA . 7.67 36.50 37.64
O3 NAG LA . 7.27 35.79 40.44
O4 NAG LA . 9.32 36.95 42.16
O5 NAG LA . 11.08 36.33 39.01
O6 NAG LA . 12.98 35.78 40.50
O7 NAG LA . 6.06 35.14 38.39
C1 NAG MA . 10.17 37.07 43.81
C2 NAG MA . 10.68 38.46 44.20
C3 NAG MA . 10.82 38.52 45.73
C4 NAG MA . 9.48 38.18 46.38
C5 NAG MA . 9.02 36.80 45.89
C6 NAG MA . 7.65 36.49 46.49
C7 NAG MA . 12.03 39.18 42.32
C8 NAG MA . 13.37 39.44 41.67
N2 NAG MA . 11.97 38.70 43.57
O3 NAG MA . 11.22 39.83 46.12
O4 NAG MA . 9.63 38.17 47.80
O5 NAG MA . 8.93 36.81 44.47
O6 NAG MA . 7.27 35.16 46.13
O7 NAG MA . 11.01 39.42 41.71
C1 NAG NA . 4.46 55.20 38.59
C2 NAG NA . 5.03 56.54 39.03
C3 NAG NA . 6.32 56.36 39.80
C4 NAG NA . 6.18 55.30 40.89
C5 NAG NA . 5.55 54.03 40.33
C6 NAG NA . 5.33 53.00 41.42
C7 NAG NA . 5.88 56.96 36.80
C8 NAG NA . 7.16 56.21 37.06
N2 NAG NA . 5.25 57.40 37.89
O3 NAG NA . 6.71 57.60 40.40
O4 NAG NA . 7.47 54.99 41.43
O5 NAG NA . 4.30 54.35 39.72
O6 NAG NA . 6.46 52.99 42.30
O7 NAG NA . 5.46 57.15 35.68
C1 NAG OA . -27.02 54.48 67.89
C2 NAG OA . -27.72 53.97 69.15
C3 NAG OA . -27.51 54.95 70.31
C4 NAG OA . -26.03 55.28 70.46
C5 NAG OA . -25.46 55.73 69.13
C6 NAG OA . -23.98 56.03 69.17
C7 NAG OA . -29.65 52.69 68.32
C8 NAG OA . -31.13 52.67 68.10
N2 NAG OA . -29.15 53.78 68.89
O3 NAG OA . -27.98 54.37 71.51
O4 NAG OA . -25.85 56.33 71.41
O5 NAG OA . -25.66 54.69 68.16
O6 NAG OA . -23.66 57.21 68.46
O7 NAG OA . -28.94 51.75 67.98
C1 NAG PA . -45.31 61.88 18.29
C2 NAG PA . -46.19 63.05 17.86
C3 NAG PA . -45.99 63.32 16.38
C4 NAG PA . -44.53 63.52 16.04
C5 NAG PA . -43.68 62.39 16.61
C6 NAG PA . -42.19 62.67 16.52
C7 NAG PA . -48.38 63.66 18.76
C8 NAG PA . -49.79 63.25 18.99
N2 NAG PA . -47.59 62.78 18.16
O3 NAG PA . -46.74 64.47 16.01
O4 NAG PA . -44.43 63.48 14.62
O5 NAG PA . -43.96 62.19 18.01
O6 NAG PA . -41.46 61.50 16.22
O7 NAG PA . -47.96 64.76 19.13
C1 NAG QA . -43.67 64.58 13.69
C2 NAG QA . -43.08 64.27 12.31
C3 NAG QA . -42.70 65.58 11.59
C4 NAG QA . -43.91 66.50 11.53
C5 NAG QA . -44.51 66.70 12.92
C6 NAG QA . -45.80 67.48 12.89
C7 NAG QA . -40.78 63.39 12.92
C8 NAG QA . -40.46 64.65 13.70
N2 NAG QA . -41.98 63.31 12.32
O3 NAG QA . -42.24 65.28 10.28
O4 NAG QA . -43.51 67.77 11.02
O5 NAG QA . -44.81 65.44 13.54
O6 NAG QA . -46.67 66.97 11.89
O7 NAG QA . -39.97 62.48 12.84
C1 NAG RA . -40.10 59.43 76.68
C2 NAG RA . -38.83 59.75 77.45
C3 NAG RA . -38.79 59.00 78.76
C4 NAG RA . -40.03 59.34 79.57
C5 NAG RA . -41.27 58.99 78.77
C6 NAG RA . -42.55 59.37 79.46
C7 NAG RA . -36.72 60.38 76.37
C8 NAG RA . -35.56 59.91 75.57
N2 NAG RA . -37.64 59.45 76.66
O3 NAG RA . -37.62 59.35 79.48
O4 NAG RA . -40.02 58.58 80.78
O5 NAG RA . -41.24 59.70 77.51
O6 NAG RA . -42.90 60.74 79.23
O7 NAG RA . -36.85 61.55 76.73
C1 NAG SA . -39.16 58.57 82.24
C2 NAG SA . -40.07 58.58 83.46
C3 NAG SA . -39.22 58.60 84.73
C4 NAG SA . -38.24 57.42 84.72
C5 NAG SA . -37.43 57.42 83.44
C6 NAG SA . -36.54 56.20 83.30
C7 NAG SA . -42.20 59.65 82.94
C8 NAG SA . -43.01 60.91 82.97
N2 NAG SA . -40.96 59.72 83.42
O3 NAG SA . -40.09 58.50 85.85
O4 NAG SA . -37.36 57.52 85.83
O5 NAG SA . -38.29 57.42 82.29
O6 NAG SA . -37.31 55.01 83.06
O7 NAG SA . -42.64 58.59 82.49
C1 EIC TA . 24.61 -4.01 -3.95
C2 EIC TA . 24.26 -3.88 -2.47
C3 EIC TA . 25.31 -4.60 -1.62
C4 EIC TA . 24.63 -5.34 -0.48
C5 EIC TA . 25.68 -5.86 0.49
C6 EIC TA . 25.04 -6.17 1.84
C7 EIC TA . 24.24 -4.96 2.32
C8 EIC TA . 24.64 -4.61 3.75
C9 EIC TA . 23.40 -4.35 4.58
C10 EIC TA . 23.43 -4.45 5.89
C11 EIC TA . 24.72 -4.84 6.59
C12 EIC TA . 24.39 -5.52 7.91
C13 EIC TA . 25.27 -6.27 8.53
C14 EIC TA . 26.66 -6.47 7.95
C15 EIC TA . 26.62 -7.52 6.84
C16 EIC TA . 27.36 -8.76 7.29
C17 EIC TA . 28.80 -8.72 6.79
C18 EIC TA . 29.06 -9.92 5.90
O1 EIC TA . 25.80 -4.18 -4.30
O2 EIC TA . 23.71 -3.95 -4.82
C1 NAG UA . -3.74 -27.35 41.72
C2 NAG UA . -4.90 -26.59 42.38
C3 NAG UA . -5.77 -27.55 43.20
C4 NAG UA . -6.22 -28.74 42.37
C5 NAG UA . -5.00 -29.43 41.77
C6 NAG UA . -5.36 -30.58 40.85
C7 NAG UA . -4.80 -24.24 43.07
C8 NAG UA . -4.19 -23.25 44.01
N2 NAG UA . -4.40 -25.51 43.20
O3 NAG UA . -6.90 -26.84 43.70
O4 NAG UA . -6.94 -29.66 43.17
O5 NAG UA . -4.26 -28.48 40.99
O6 NAG UA . -4.60 -30.52 39.65
O7 NAG UA . -5.61 -23.90 42.21
C1 NAG VA . 4.92 -35.92 -16.12
C2 NAG VA . 4.27 -36.87 -15.15
C3 NAG VA . 5.26 -37.26 -14.07
C4 NAG VA . 6.57 -37.78 -14.67
C5 NAG VA . 7.04 -36.86 -15.80
C6 NAG VA . 8.15 -37.48 -16.59
C7 NAG VA . 1.92 -36.85 -14.47
C8 NAG VA . 0.82 -36.04 -13.89
N2 NAG VA . 3.10 -36.24 -14.57
O3 NAG VA . 4.70 -38.21 -13.16
O4 NAG VA . 7.58 -37.77 -13.68
O5 NAG VA . 5.99 -36.56 -16.73
O6 NAG VA . 7.62 -38.45 -17.47
O7 NAG VA . 1.76 -38.02 -14.82
C1 NAG WA . 8.24 -39.04 -13.00
C2 NAG WA . 9.66 -39.08 -12.99
C3 NAG WA . 10.15 -40.29 -12.16
C4 NAG WA . 9.42 -40.45 -10.83
C5 NAG WA . 7.93 -40.33 -11.07
C6 NAG WA . 7.17 -40.25 -9.77
C7 NAG WA . 11.58 -38.70 -14.48
C8 NAG WA . 12.00 -38.68 -15.92
N2 NAG WA . 10.30 -39.03 -14.26
O3 NAG WA . 11.55 -40.15 -11.92
O4 NAG WA . 9.74 -41.72 -10.24
O5 NAG WA . 7.64 -39.13 -11.84
O6 NAG WA . 7.45 -39.02 -9.12
O7 NAG WA . 12.35 -38.44 -13.57
C1 NAG XA . -5.10 5.27 51.09
C2 NAG XA . -5.43 6.15 52.32
C3 NAG XA . -4.64 7.47 52.23
C4 NAG XA . -3.15 7.19 52.09
C5 NAG XA . -2.92 6.28 50.89
C6 NAG XA . -1.48 5.83 50.76
C7 NAG XA . -7.44 6.74 53.59
C8 NAG XA . -8.91 7.03 53.49
N2 NAG XA . -6.84 6.45 52.43
O3 NAG XA . -4.91 8.27 53.38
O4 NAG XA . -2.42 8.40 51.93
O5 NAG XA . -3.69 5.08 51.00
O6 NAG XA . -1.25 4.59 51.44
O7 NAG XA . -6.84 6.76 54.67
C1 NAG YA . -36.07 -14.82 37.08
C2 NAG YA . -36.60 -13.48 36.61
C3 NAG YA . -38.02 -13.25 37.14
C4 NAG YA . -38.91 -14.46 36.85
C5 NAG YA . -38.23 -15.74 37.30
C6 NAG YA . -39.08 -16.96 36.95
C7 NAG YA . -36.05 -11.14 36.89
C8 NAG YA . -35.67 -10.21 38.00
N2 NAG YA . -35.73 -12.42 37.07
O3 NAG YA . -38.58 -12.10 36.50
O4 NAG YA . -40.15 -14.31 37.55
O5 NAG YA . -36.96 -15.86 36.66
O6 NAG YA . -38.37 -17.78 36.02
O7 NAG YA . -36.60 -10.73 35.88
C1 NAG ZA . -41.75 -15.25 37.64
C2 NAG ZA . -42.08 -15.88 39.01
C3 NAG ZA . -43.59 -16.11 39.11
C4 NAG ZA . -44.31 -14.78 38.90
C5 NAG ZA . -43.90 -14.18 37.55
C6 NAG ZA . -44.57 -12.82 37.37
C7 NAG ZA . -40.10 -17.21 39.55
C8 NAG ZA . -39.39 -18.53 39.67
N2 NAG ZA . -41.38 -17.17 39.12
O3 NAG ZA . -43.90 -16.64 40.39
O4 NAG ZA . -45.72 -14.99 38.93
O5 NAG ZA . -42.48 -14.02 37.52
O6 NAG ZA . -44.29 -12.32 36.06
O7 NAG ZA . -39.53 -16.17 39.84
C1 NAG AB . -36.08 -10.80 56.00
C2 NAG AB . -36.45 -11.49 57.31
C3 NAG AB . -37.16 -12.82 57.04
C4 NAG AB . -38.30 -12.63 56.03
C5 NAG AB . -37.82 -11.87 54.81
C6 NAG AB . -38.97 -11.62 53.84
C7 NAG AB . -34.17 -12.27 57.57
C8 NAG AB . -34.40 -13.49 56.72
N2 NAG AB . -35.26 -11.73 58.09
O3 NAG AB . -37.70 -13.33 58.26
O4 NAG AB . -38.80 -13.92 55.63
O5 NAG AB . -37.25 -10.62 55.20
O6 NAG AB . -39.79 -12.79 53.76
O7 NAG AB . -33.05 -11.82 57.76
C1 NAG BB . -66.78 19.19 58.96
C2 NAG BB . -68.09 19.87 58.55
C3 NAG BB . -69.19 19.52 59.54
C4 NAG BB . -69.26 18.01 59.77
C5 NAG BB . -67.89 17.48 60.12
C6 NAG BB . -67.86 15.97 60.28
C7 NAG BB . -67.39 21.94 57.40
C8 NAG BB . -67.24 23.42 57.51
N2 NAG BB . -67.90 21.31 58.48
O3 NAG BB . -70.44 19.99 59.05
O4 NAG BB . -70.17 17.71 60.83
O5 NAG BB . -66.98 17.81 59.07
O6 NAG BB . -67.09 15.60 61.41
O7 NAG BB . -67.07 21.32 56.40
C1 NAG CB . -17.80 39.17 66.09
C2 NAG CB . -17.37 39.97 67.30
C3 NAG CB . -15.86 39.83 67.51
C4 NAG CB . -15.45 38.37 67.58
C5 NAG CB . -16.02 37.59 66.40
C6 NAG CB . -15.86 36.09 66.56
C7 NAG CB . -18.34 42.05 68.14
C8 NAG CB . -18.64 43.49 67.85
N2 NAG CB . -17.73 41.38 67.17
O3 NAG CB . -15.48 40.50 68.71
O4 NAG CB . -14.03 38.34 67.48
O5 NAG CB . -17.44 37.82 66.28
O6 NAG CB . -15.57 35.47 65.31
O7 NAG CB . -18.63 41.53 69.21
C1 NAG DB . -13.02 37.55 68.48
C2 NAG DB . -11.63 37.05 68.08
C3 NAG DB . -10.85 36.60 69.31
C4 NAG DB . -10.81 37.71 70.34
C5 NAG DB . -12.22 38.23 70.63
C6 NAG DB . -12.21 39.46 71.52
C7 NAG DB . -12.17 34.79 67.03
C8 NAG DB . -12.88 34.34 68.28
N2 NAG DB . -11.63 36.03 67.02
O3 NAG DB . -9.53 36.21 68.94
O4 NAG DB . -10.22 37.25 71.55
O5 NAG DB . -12.89 38.61 69.42
O6 NAG DB . -11.27 40.42 71.05
O7 NAG DB . -12.09 34.07 66.04
C1 NAG EB . -52.39 18.26 66.51
C2 NAG EB . -51.10 17.85 67.18
C3 NAG EB . -50.76 16.41 66.82
C4 NAG EB . -51.96 15.46 66.95
C5 NAG EB . -53.27 16.10 66.44
C6 NAG EB . -54.50 15.33 66.84
C7 NAG EB . -49.38 19.55 67.61
C8 NAG EB . -48.30 20.40 66.98
N2 NAG EB . -50.03 18.73 66.77
O3 NAG EB . -49.70 15.96 67.65
O4 NAG EB . -51.72 14.32 66.13
O5 NAG EB . -53.42 17.42 66.94
O6 NAG EB . -54.31 14.60 68.05
O7 NAG EB . -49.65 19.63 68.79
C1 NAG FB . -51.76 12.72 66.14
C2 NAG FB . -51.76 11.84 64.88
C3 NAG FB . -51.75 10.35 65.23
C4 NAG FB . -50.59 10.05 66.18
C5 NAG FB . -50.65 10.97 67.40
C6 NAG FB . -49.45 10.81 68.30
C7 NAG FB . -54.15 12.08 64.05
C8 NAG FB . -54.70 11.59 65.36
N2 NAG FB . -52.81 12.17 63.91
O3 NAG FB . -51.60 9.58 64.05
O4 NAG FB . -50.64 8.69 66.59
O5 NAG FB . -50.66 12.34 66.98
O6 NAG FB . -48.32 11.47 67.76
O7 NAG FB . -54.90 12.39 63.13
C1 NAG GB . -75.95 31.38 65.29
C2 NAG GB . -76.64 30.05 65.53
C3 NAG GB . -77.98 30.01 64.83
C4 NAG GB . -78.84 31.18 65.30
C5 NAG GB . -78.09 32.48 65.03
C6 NAG GB . -78.83 33.70 65.53
C7 NAG GB . -75.44 27.96 65.95
C8 NAG GB . -74.60 26.88 65.35
N2 NAG GB . -75.81 28.93 65.11
O3 NAG GB . -78.64 28.78 65.10
O4 NAG GB . -80.07 31.18 64.59
O5 NAG GB . -76.81 32.45 65.69
O6 NAG GB . -78.57 33.94 66.92
O7 NAG GB . -75.76 27.97 67.13
C1 NAG HB . -81.48 30.26 64.55
C2 NAG HB . -82.74 31.09 64.68
C3 NAG HB . -83.97 30.19 64.67
C4 NAG HB . -83.96 29.32 63.42
C5 NAG HB . -82.65 28.56 63.30
C6 NAG HB . -82.51 27.79 62.01
C7 NAG HB . -82.28 33.16 65.90
C8 NAG HB . -82.30 33.85 67.23
N2 NAG HB . -82.71 31.89 65.90
O3 NAG HB . -85.13 31.01 64.68
O4 NAG HB . -85.04 28.38 63.49
O5 NAG HB . -81.55 29.48 63.35
O6 NAG HB . -82.36 28.65 60.89
O7 NAG HB . -81.90 33.71 64.88
C1 EIC IB . 5.12 -23.65 -5.79
C2 EIC IB . 3.82 -24.45 -5.79
C3 EIC IB . 3.13 -24.33 -7.13
C4 EIC IB . 1.69 -24.84 -7.01
C5 EIC IB . 0.86 -24.34 -8.17
C6 EIC IB . -0.59 -24.79 -8.01
C7 EIC IB . -1.37 -23.76 -7.20
C8 EIC IB . -2.78 -24.27 -6.93
C9 EIC IB . -3.54 -23.20 -6.14
C10 EIC IB . -4.81 -23.35 -5.84
C11 EIC IB . -5.58 -24.59 -6.26
C12 EIC IB . -6.81 -24.16 -7.08
C13 EIC IB . -7.24 -24.93 -8.07
C14 EIC IB . -6.52 -26.23 -8.41
C15 EIC IB . -6.62 -26.53 -9.90
C16 EIC IB . -5.70 -27.70 -10.24
C17 EIC IB . -5.29 -27.64 -11.70
C18 EIC IB . -6.35 -28.32 -12.56
O1 EIC IB . 6.19 -24.18 -6.19
O2 EIC IB . 5.13 -22.46 -5.36
C1 NAG JB . -43.29 4.12 -25.06
C2 NAG JB . -43.96 5.18 -24.17
C3 NAG JB . -44.87 6.09 -25.02
C4 NAG JB . -44.10 6.67 -26.20
C5 NAG JB . -43.48 5.55 -27.02
C6 NAG JB . -42.63 6.05 -28.15
C7 NAG JB . -44.55 4.83 -21.82
C8 NAG JB . -45.43 4.09 -20.86
N2 NAG JB . -44.73 4.55 -23.11
O3 NAG JB . -45.38 7.13 -24.20
O4 NAG JB . -44.97 7.44 -27.01
O5 NAG JB . -42.62 4.77 -26.17
O6 NAG JB . -41.39 5.34 -28.22
O7 NAG JB . -43.73 5.66 -21.44
C1 NAG KB . 14.81 -1.16 -36.84
C2 NAG KB . 13.78 -0.46 -37.69
C3 NAG KB . 12.72 -1.47 -38.13
C4 NAG KB . 13.36 -2.70 -38.77
C5 NAG KB . 14.55 -3.20 -37.94
C6 NAG KB . 15.37 -4.21 -38.68
C7 NAG KB . 12.99 1.84 -37.45
C8 NAG KB . 12.39 2.84 -36.54
N2 NAG KB . 13.16 0.62 -36.95
O3 NAG KB . 11.76 -0.88 -39.00
O4 NAG KB . 12.42 -3.75 -38.81
O5 NAG KB . 15.44 -2.13 -37.59
O6 NAG KB . 16.17 -3.56 -39.64
O7 NAG KB . 13.28 2.11 -38.61
C1 NAG LB . 11.79 -4.20 -40.16
C2 NAG LB . 11.84 -5.61 -40.32
C3 NAG LB . 10.99 -6.05 -41.54
C4 NAG LB . 9.63 -5.36 -41.60
C5 NAG LB . 9.79 -3.88 -41.36
C6 NAG LB . 8.47 -3.19 -41.16
C7 NAG LB . 13.44 -7.48 -40.16
C8 NAG LB . 14.89 -7.83 -40.22
N2 NAG LB . 13.14 -6.19 -40.37
O3 NAG LB . 10.82 -7.45 -41.51
O4 NAG LB . 9.00 -5.60 -42.86
O5 NAG LB . 10.60 -3.65 -40.17
O6 NAG LB . 7.89 -3.60 -39.94
O7 NAG LB . 12.57 -8.31 -39.94
C1 NAG MB . -51.11 2.18 7.41
C2 NAG MB . -52.32 2.38 8.36
C3 NAG MB . -52.15 1.49 9.60
C4 NAG MB . -51.95 0.04 9.18
C5 NAG MB . -50.78 -0.06 8.22
C6 NAG MB . -50.60 -1.45 7.64
C7 NAG MB . -53.65 4.28 9.15
C8 NAG MB . -53.62 5.71 9.57
N2 NAG MB . -52.48 3.76 8.77
O3 NAG MB . -53.27 1.64 10.45
O4 NAG MB . -51.72 -0.78 10.32
O5 NAG MB . -50.97 0.80 7.09
O6 NAG MB . -51.31 -1.61 6.42
O7 NAG MB . -54.70 3.62 9.16
C1 NAG NB . -39.31 35.35 -10.48
C2 NAG NB . -38.81 35.80 -9.11
C3 NAG NB . -39.38 37.17 -8.75
C4 NAG NB . -39.19 38.16 -9.88
C5 NAG NB . -39.66 37.57 -11.21
C6 NAG NB . -39.40 38.54 -12.35
C7 NAG NB . -38.97 35.03 -6.81
C8 NAG NB . -40.03 34.53 -5.88
N2 NAG NB . -39.19 34.81 -8.10
O3 NAG NB . -38.73 37.66 -7.56
O4 NAG NB . -39.93 39.35 -9.60
O5 NAG NB . -38.97 36.34 -11.45
O6 NAG NB . -38.46 37.94 -13.27
O7 NAG NB . -37.96 35.60 -6.40
C1 NAG OB . -40.15 41.01 -10.40
C2 NAG OB . -41.54 41.33 -10.95
C3 NAG OB . -41.72 42.84 -11.05
C4 NAG OB . -41.49 43.46 -9.66
C5 NAG OB . -40.11 43.07 -9.16
C6 NAG OB . -39.90 43.63 -7.74
C7 NAG OB . -42.04 39.44 -12.42
C8 NAG OB . -42.18 38.83 -13.79
N2 NAG OB . -41.67 40.73 -12.29
O3 NAG OB . -43.04 43.14 -11.50
O4 NAG OB . -41.59 44.88 -9.76
O5 NAG OB . -39.99 41.64 -9.13
O6 NAG OB . -38.56 43.37 -7.32
O7 NAG OB . -42.27 38.78 -11.44
C1 NAG PB . -58.03 34.12 -5.81
C2 NAG PB . -59.38 34.49 -6.41
C3 NAG PB . -59.20 35.32 -7.68
C4 NAG PB . -58.24 36.48 -7.44
C5 NAG PB . -56.96 36.00 -6.76
C6 NAG PB . -56.03 37.17 -6.45
C7 NAG PB . -59.57 32.27 -7.37
C8 NAG PB . -58.78 32.63 -8.60
N2 NAG PB . -60.13 33.28 -6.72
O3 NAG PB . -60.47 35.83 -8.10
O4 NAG PB . -57.91 37.11 -8.68
O5 NAG PB . -57.29 35.31 -5.55
O6 NAG PB . -56.04 38.09 -7.54
O7 NAG PB . -59.69 31.11 -7.00
C1 NAG QB . -61.18 62.05 26.77
C2 NAG QB . -60.81 63.31 27.54
C3 NAG QB . -61.86 64.40 27.33
C4 NAG QB . -62.15 64.58 25.84
C5 NAG QB . -62.46 63.25 25.20
C6 NAG QB . -62.69 63.33 23.71
C7 NAG QB . -59.55 62.50 29.50
C8 NAG QB . -59.60 62.23 30.96
N2 NAG QB . -60.67 63.02 28.96
O3 NAG QB . -61.41 65.62 27.87
O4 NAG QB . -63.26 65.46 25.65
O5 NAG QB . -61.36 62.36 25.41
O6 NAG QB . -63.79 62.54 23.31
O7 NAG QB . -58.55 62.28 28.83
C1 NAG RB . -65.33 11.29 42.77
C2 NAG RB . -66.49 10.74 43.57
C3 NAG RB . -66.63 9.24 43.32
C4 NAG RB . -66.74 8.95 41.83
C5 NAG RB . -65.62 9.65 41.05
C6 NAG RB . -65.82 9.60 39.56
C7 NAG RB . -67.29 11.49 45.76
C8 NAG RB . -66.94 11.69 47.20
N2 NAG RB . -66.31 10.99 44.99
O3 NAG RB . -67.78 8.75 43.98
O4 NAG RB . -66.58 7.54 41.68
O5 NAG RB . -65.55 11.03 41.39
O6 NAG RB . -64.59 9.42 38.87
O7 NAG RB . -68.38 11.78 45.30
C1 NAG SB . -67.56 6.56 40.83
C2 NAG SB . -67.11 5.23 40.20
C3 NAG SB . -68.33 4.43 39.73
C4 NAG SB . -69.30 4.25 40.88
C5 NAG SB . -69.64 5.59 41.53
C6 NAG SB . -70.48 5.45 42.77
C7 NAG SB . -66.18 6.01 37.96
C8 NAG SB . -67.47 6.70 37.63
N2 NAG SB . -66.10 5.37 39.15
O3 NAG SB . -67.91 3.16 39.23
O4 NAG SB . -70.51 3.65 40.40
O5 NAG SB . -68.45 6.29 41.92
O6 NAG SB . -69.93 4.46 43.63
O7 NAG SB . -65.23 6.04 37.20
C1 NAG TB . -68.12 47.43 24.89
C2 NAG TB . -68.75 46.16 24.40
C3 NAG TB . -68.42 45.96 22.91
C4 NAG TB . -68.64 47.23 22.08
C5 NAG TB . -68.17 48.49 22.81
C6 NAG TB . -68.66 49.77 22.16
C7 NAG TB . -69.03 44.28 25.97
C8 NAG TB . -68.32 43.18 26.70
N2 NAG TB . -68.25 45.03 25.18
O3 NAG TB . -69.22 44.90 22.41
O4 NAG TB . -67.86 47.13 20.91
O5 NAG TB . -68.63 48.52 24.16
O6 NAG TB . -69.88 49.59 21.46
O7 NAG TB . -70.22 44.49 26.11
C1 NAG UB . -67.98 47.26 19.35
C2 NAG UB . -66.75 47.40 18.43
C3 NAG UB . -67.16 47.48 16.96
C4 NAG UB . -68.06 46.32 16.59
C5 NAG UB . -69.24 46.24 17.55
C6 NAG UB . -70.10 45.02 17.33
C7 NAG UB . -66.02 49.80 18.84
C8 NAG UB . -67.37 50.32 18.45
N2 NAG UB . -65.83 48.46 18.81
O3 NAG UB . -66.00 47.46 16.14
O4 NAG UB . -68.53 46.47 15.25
O5 NAG UB . -68.79 46.16 18.91
O6 NAG UB . -69.49 43.86 17.88
O7 NAG UB . -65.12 50.56 19.19
C1 NAG VB . -67.44 69.86 39.90
C2 NAG VB . -67.76 70.65 38.65
C3 NAG VB . -67.12 72.02 38.70
C4 NAG VB . -67.58 72.75 39.96
C5 NAG VB . -67.23 71.92 41.18
C6 NAG VB . -67.72 72.53 42.48
C7 NAG VB . -68.20 69.61 36.48
C8 NAG VB . -67.62 68.90 35.31
N2 NAG VB . -67.34 69.94 37.45
O3 NAG VB . -67.47 72.75 37.53
O4 NAG VB . -66.93 74.01 40.04
O5 NAG VB . -67.83 70.62 41.07
O6 NAG VB . -69.08 72.18 42.73
O7 NAG VB . -69.40 69.88 36.56
C1 NAG WB . -66.98 75.50 39.23
C2 NAG WB . -67.15 76.68 40.17
C3 NAG WB . -67.22 77.98 39.38
C4 NAG WB . -66.02 78.11 38.47
C5 NAG WB . -65.86 76.85 37.60
C6 NAG WB . -64.60 76.86 36.77
C7 NAG WB . -68.26 75.98 42.23
C8 NAG WB . -69.56 75.88 42.97
N2 NAG WB . -68.33 76.52 41.02
O3 NAG WB . -67.26 79.07 40.30
O4 NAG WB . -66.16 79.24 37.63
O5 NAG WB . -65.82 75.69 38.42
O6 NAG WB . -63.43 76.68 37.58
O7 NAG WB . -67.21 75.61 42.72
C1 EIC XB . 5.79 -4.25 -25.72
C2 EIC XB . 5.33 -3.07 -24.88
C3 EIC XB . 5.45 -1.77 -25.68
C4 EIC XB . 5.52 -0.57 -24.75
C5 EIC XB . 6.50 0.47 -25.28
C6 EIC XB . 6.73 1.55 -24.23
C7 EIC XB . 6.44 2.93 -24.82
C8 EIC XB . 5.83 3.83 -23.74
C9 EIC XB . 5.37 5.14 -24.36
C10 EIC XB . 5.18 6.19 -23.59
C11 EIC XB . 4.72 7.52 -24.19
C12 EIC XB . 5.39 8.68 -23.47
C13 EIC XB . 6.26 9.45 -24.10
C14 EIC XB . 6.60 9.21 -25.57
C15 EIC XB . 8.06 8.79 -25.69
C16 EIC XB . 8.50 8.86 -27.16
C17 EIC XB . 9.97 8.48 -27.26
C18 EIC XB . 10.26 7.97 -28.66
O1 EIC XB . 5.00 -5.20 -25.97
O2 EIC XB . 6.96 -4.27 -26.17
#